data_8I05
#
_entry.id   8I05
#
_cell.length_a   189.172
_cell.length_b   189.172
_cell.length_c   246.506
_cell.angle_alpha   90.000
_cell.angle_beta   90.000
_cell.angle_gamma   90.000
#
_symmetry.space_group_name_H-M   'P 41 21 2'
#
loop_
_entity.id
_entity.type
_entity.pdbx_description
1 polymer 'Glyoxylate carboligase'
2 non-polymer 'FLAVIN-ADENINE DINUCLEOTIDE'
3 non-polymer 'THIAMINE DIPHOSPHATE'
4 non-polymer 'MAGNESIUM ION'
5 non-polymer 2,3-DIMETHOXY-5-METHYL-1,4-BENZOQUINONE
6 water water
#
_entity_poly.entity_id   1
_entity_poly.type   'polypeptide(L)'
_entity_poly.pdbx_seq_one_letter_code
;GMAKMRAVDAAMYVLEKEGITTAFGVPGAAINPFYSAMRKHGGIRHILARHVEGASHMAEGYTRATAGNIGVCLGTSGPA
GTDMITALYSASADSIPILCITGQAPRARLHKEDFQAVDIEAIAKPVSKMAVTVREAALVPRVLQQAFHLMRSGRPGPVL
VDLPFDVQVAEIEFDPDMYEPLPVYKPAASRMQIEKAVEMLIQAERPVIVAGGGVINADAAALLQQFAELTSVPVIPTLM
GWGCIPDDHELMAGMVGLQTAHRYGNATLLASDMVFGIGNRFAQRHTGSVEKYTEGRKIVHIDIEPTQIGRVLCPDLGIV
SDAKAALTLLVEVAQEMQKAGRLPCRKEWVADCQQRKRTLLRKTHFDNVPVKPQRVYEEMNKAFGRDVCYVTTIGLSQIA
AAQMLHVFKDRHWINCGQAGPLGWTIPAALGVCAADPKRNVVAISGDFDFQFLIEELAVGAQFNIPYIHVLVNNAYLGLI
RQSQMAFDMDYCVQLAFENINSSEVNGYGVDHVKVAEGLGCKAIRVFKPEDIAPAFEQAKALMAQYRVPVVVEVILERVT
NISMGSELDNVMEFEDIADNAADAPTETCFMHYE
;
_entity_poly.pdbx_strand_id   A,B,C,D,E,F
#
loop_
_chem_comp.id
_chem_comp.type
_chem_comp.name
_chem_comp.formula
FAD non-polymer 'FLAVIN-ADENINE DINUCLEOTIDE' 'C27 H33 N9 O15 P2'
MG non-polymer 'MAGNESIUM ION' 'Mg 2'
TPP non-polymer 'THIAMINE DIPHOSPHATE' 'C12 H19 N4 O7 P2 S 1'
UQ0 non-polymer 2,3-DIMETHOXY-5-METHYL-1,4-BENZOQUINONE 'C9 H10 O4'
#
# COMPACT_ATOMS: atom_id res chain seq x y z
N GLY A 1 30.53 -6.00 -24.62
CA GLY A 1 30.59 -4.56 -24.45
C GLY A 1 29.92 -4.01 -23.20
N MET A 2 29.10 -2.97 -23.37
CA MET A 2 28.38 -2.34 -22.29
C MET A 2 27.51 -3.35 -21.55
N ALA A 3 27.55 -3.31 -20.21
CA ALA A 3 26.78 -4.24 -19.40
C ALA A 3 26.66 -3.72 -17.98
N LYS A 4 25.62 -4.17 -17.28
CA LYS A 4 25.47 -3.85 -15.86
C LYS A 4 26.33 -4.79 -15.04
N MET A 5 27.03 -4.22 -14.06
CA MET A 5 27.92 -4.99 -13.18
C MET A 5 28.12 -4.20 -11.90
N ARG A 6 28.68 -4.85 -10.89
CA ARG A 6 29.03 -4.13 -9.67
C ARG A 6 30.21 -3.21 -9.93
N ALA A 7 30.30 -2.14 -9.15
CA ALA A 7 31.43 -1.23 -9.28
C ALA A 7 32.76 -1.96 -9.10
N VAL A 8 32.81 -2.96 -8.20
CA VAL A 8 34.05 -3.70 -8.05
C VAL A 8 34.34 -4.50 -9.31
N ASP A 9 33.32 -4.95 -10.03
CA ASP A 9 33.56 -5.68 -11.27
C ASP A 9 34.18 -4.77 -12.31
N ALA A 10 33.67 -3.53 -12.43
CA ALA A 10 34.33 -2.58 -13.32
C ALA A 10 35.77 -2.34 -12.87
N ALA A 11 35.99 -2.34 -11.54
CA ALA A 11 37.34 -2.10 -11.04
C ALA A 11 38.33 -3.19 -11.49
N MET A 12 37.85 -4.45 -11.58
CA MET A 12 38.71 -5.53 -12.06
C MET A 12 39.09 -5.35 -13.52
N TYR A 13 38.14 -4.94 -14.36
CA TYR A 13 38.48 -4.70 -15.77
C TYR A 13 39.49 -3.57 -15.90
N VAL A 14 39.34 -2.53 -15.08
CA VAL A 14 40.28 -1.41 -15.09
C VAL A 14 41.68 -1.87 -14.66
N LEU A 15 41.75 -2.63 -13.57
CA LEU A 15 43.08 -3.08 -13.13
C LEU A 15 43.72 -3.96 -14.21
N GLU A 16 42.91 -4.81 -14.84
CA GLU A 16 43.41 -5.62 -15.95
C GLU A 16 43.94 -4.75 -17.07
N LYS A 17 43.16 -3.74 -17.49
CA LYS A 17 43.60 -2.87 -18.59
C LYS A 17 44.85 -2.06 -18.21
N GLU A 18 45.07 -1.81 -16.93
CA GLU A 18 46.25 -1.08 -16.49
C GLU A 18 47.44 -1.99 -16.26
N GLY A 19 47.31 -3.27 -16.61
CA GLY A 19 48.41 -4.21 -16.51
C GLY A 19 48.60 -4.88 -15.16
N ILE A 20 47.66 -4.74 -14.23
CA ILE A 20 47.81 -5.44 -12.95
C ILE A 20 47.63 -6.94 -13.15
N THR A 21 48.52 -7.73 -12.55
CA THR A 21 48.44 -9.18 -12.58
C THR A 21 48.59 -9.81 -11.21
N THR A 22 48.92 -9.01 -10.18
CA THR A 22 49.25 -9.51 -8.86
C THR A 22 48.73 -8.55 -7.78
N ALA A 23 48.33 -9.12 -6.66
CA ALA A 23 47.95 -8.33 -5.51
C ALA A 23 48.41 -9.03 -4.25
N PHE A 24 48.77 -8.24 -3.24
CA PHE A 24 49.09 -8.71 -1.91
C PHE A 24 48.07 -8.14 -0.93
N GLY A 25 47.59 -8.94 0.01
CA GLY A 25 46.50 -8.41 0.81
C GLY A 25 46.08 -9.31 1.95
N VAL A 26 45.12 -8.78 2.72
CA VAL A 26 44.47 -9.48 3.83
C VAL A 26 42.99 -9.13 3.73
N PRO A 27 42.11 -10.09 3.43
CA PRO A 27 40.69 -9.78 3.29
C PRO A 27 40.05 -9.48 4.64
N GLY A 28 38.88 -8.84 4.58
CA GLY A 28 38.02 -8.62 5.74
C GLY A 28 36.63 -8.31 5.24
N ALA A 29 35.69 -8.22 6.19
CA ALA A 29 34.28 -8.08 5.82
C ALA A 29 34.06 -6.89 4.88
N ALA A 30 34.70 -5.76 5.17
CA ALA A 30 34.37 -4.53 4.45
C ALA A 30 34.91 -4.52 3.03
N ILE A 31 35.87 -5.38 2.71
CA ILE A 31 36.45 -5.45 1.39
C ILE A 31 36.11 -6.78 0.70
N ASN A 32 35.24 -7.59 1.30
CA ASN A 32 34.83 -8.84 0.63
C ASN A 32 34.27 -8.63 -0.78
N PRO A 33 33.42 -7.63 -1.06
CA PRO A 33 32.92 -7.48 -2.45
C PRO A 33 34.01 -7.33 -3.49
N PHE A 34 35.10 -6.63 -3.15
CA PHE A 34 36.23 -6.53 -4.07
C PHE A 34 36.88 -7.89 -4.27
N TYR A 35 37.08 -8.66 -3.19
CA TYR A 35 37.64 -10.00 -3.34
C TYR A 35 36.72 -10.89 -4.16
N SER A 36 35.41 -10.72 -4.00
CA SER A 36 34.46 -11.50 -4.78
C SER A 36 34.60 -11.17 -6.27
N ALA A 37 34.74 -9.90 -6.60
CA ALA A 37 34.96 -9.50 -7.99
C ALA A 37 36.31 -9.98 -8.51
N MET A 38 37.32 -10.06 -7.65
CA MET A 38 38.62 -10.51 -8.08
C MET A 38 38.62 -12.01 -8.35
N ARG A 39 37.90 -12.78 -7.53
CA ARG A 39 37.73 -14.20 -7.77
C ARG A 39 36.96 -14.45 -9.08
N LYS A 40 35.88 -13.71 -9.29
CA LYS A 40 35.08 -13.89 -10.49
C LYS A 40 35.87 -13.51 -11.74
N HIS A 41 36.76 -12.52 -11.64
CA HIS A 41 37.46 -12.07 -12.82
C HIS A 41 38.61 -13.00 -13.24
N GLY A 42 39.40 -13.47 -12.29
CA GLY A 42 40.53 -14.34 -12.59
C GLY A 42 41.70 -13.55 -13.17
N GLY A 43 42.87 -14.13 -13.11
CA GLY A 43 43.93 -13.35 -13.74
C GLY A 43 44.53 -12.21 -12.92
N ILE A 44 44.10 -12.00 -11.69
CA ILE A 44 44.96 -11.39 -10.67
C ILE A 44 45.32 -12.49 -9.67
N ARG A 45 46.61 -12.78 -9.54
CA ARG A 45 47.07 -13.72 -8.51
C ARG A 45 47.18 -12.99 -7.17
N HIS A 46 46.47 -13.47 -6.15
CA HIS A 46 46.48 -12.87 -4.83
C HIS A 46 47.43 -13.65 -3.93
N ILE A 47 48.28 -12.92 -3.22
CA ILE A 47 49.15 -13.52 -2.21
C ILE A 47 48.70 -13.01 -0.84
N LEU A 48 48.28 -13.94 0.01
CA LEU A 48 47.80 -13.62 1.34
C LEU A 48 48.99 -13.40 2.26
N ALA A 49 49.06 -12.22 2.87
CA ALA A 49 50.09 -11.85 3.84
C ALA A 49 49.67 -12.25 5.24
N ARG A 50 50.64 -12.26 6.16
CA ARG A 50 50.37 -12.55 7.56
C ARG A 50 50.56 -11.31 8.45
N HIS A 51 50.56 -10.13 7.84
CA HIS A 51 50.40 -8.85 8.51
C HIS A 51 50.04 -7.89 7.39
N VAL A 52 49.15 -6.94 7.67
CA VAL A 52 48.83 -5.99 6.61
C VAL A 52 50.06 -5.19 6.24
N GLU A 53 50.94 -4.90 7.21
CA GLU A 53 52.19 -4.22 6.86
C GLU A 53 53.04 -5.09 5.93
N GLY A 54 52.97 -6.41 6.08
CA GLY A 54 53.68 -7.29 5.15
C GLY A 54 53.15 -7.19 3.73
N ALA A 55 51.82 -7.11 3.57
CA ALA A 55 51.27 -6.97 2.22
C ALA A 55 51.73 -5.68 1.58
N SER A 56 51.83 -4.62 2.37
CA SER A 56 52.13 -3.31 1.80
C SER A 56 53.59 -3.23 1.38
N HIS A 57 54.49 -3.84 2.14
CA HIS A 57 55.88 -3.87 1.72
C HIS A 57 56.14 -4.86 0.59
N MET A 58 55.34 -5.93 0.49
CA MET A 58 55.43 -6.80 -0.69
C MET A 58 55.10 -6.00 -1.94
N ALA A 59 54.09 -5.15 -1.86
CA ALA A 59 53.71 -4.33 -3.01
C ALA A 59 54.85 -3.41 -3.41
N GLU A 60 55.53 -2.82 -2.41
CA GLU A 60 56.71 -1.99 -2.69
C GLU A 60 57.80 -2.79 -3.42
N GLY A 61 58.13 -3.99 -2.93
CA GLY A 61 59.15 -4.79 -3.59
C GLY A 61 58.75 -5.18 -5.00
N TYR A 62 57.46 -5.46 -5.22
CA TYR A 62 56.95 -5.75 -6.56
C TYR A 62 57.11 -4.54 -7.48
N THR A 63 56.77 -3.33 -7.01
CA THR A 63 56.98 -2.13 -7.81
C THR A 63 58.46 -1.96 -8.17
N ARG A 64 59.33 -2.08 -7.16
CA ARG A 64 60.73 -1.75 -7.36
C ARG A 64 61.44 -2.74 -8.28
N ALA A 65 60.95 -3.97 -8.38
CA ALA A 65 61.69 -5.05 -9.05
C ALA A 65 61.85 -4.83 -10.55
N THR A 66 60.86 -4.21 -11.21
CA THR A 66 60.80 -4.17 -12.67
C THR A 66 60.12 -2.90 -13.13
N ALA A 67 60.68 -2.21 -14.13
CA ALA A 67 60.15 -0.92 -14.55
C ALA A 67 58.72 -1.06 -15.08
N GLY A 68 57.85 -0.15 -14.65
CA GLY A 68 56.44 -0.20 -15.02
C GLY A 68 55.56 -1.05 -14.12
N ASN A 69 56.14 -1.85 -13.22
CA ASN A 69 55.35 -2.59 -12.25
C ASN A 69 54.68 -1.63 -11.26
N ILE A 70 53.48 -1.99 -10.81
CA ILE A 70 52.84 -1.30 -9.70
C ILE A 70 52.27 -2.36 -8.77
N GLY A 71 52.90 -2.52 -7.61
CA GLY A 71 52.38 -3.41 -6.59
C GLY A 71 51.05 -2.90 -6.02
N VAL A 72 50.14 -3.84 -5.77
CA VAL A 72 48.82 -3.56 -5.21
C VAL A 72 48.71 -4.22 -3.84
N CYS A 73 48.30 -3.44 -2.85
CA CYS A 73 48.06 -3.88 -1.47
C CYS A 73 46.58 -3.73 -1.16
N LEU A 74 45.94 -4.80 -0.65
CA LEU A 74 44.50 -4.83 -0.37
C LEU A 74 44.24 -5.04 1.11
N GLY A 75 43.24 -4.34 1.65
CA GLY A 75 42.93 -4.51 3.06
C GLY A 75 41.51 -4.10 3.37
N THR A 76 41.07 -4.44 4.58
CA THR A 76 39.71 -4.11 5.01
C THR A 76 39.70 -2.70 5.61
N SER A 77 38.61 -2.34 6.27
CA SER A 77 38.48 -1.01 6.86
C SER A 77 39.29 -0.92 8.15
N GLY A 78 39.24 0.24 8.79
CA GLY A 78 39.79 0.38 10.11
C GLY A 78 41.29 0.19 10.19
N PRO A 79 41.74 -0.75 11.02
CA PRO A 79 43.19 -0.89 11.26
C PRO A 79 43.99 -1.38 10.06
N ALA A 80 43.37 -1.98 9.05
CA ALA A 80 44.13 -2.34 7.86
C ALA A 80 44.71 -1.09 7.19
N GLY A 81 43.90 -0.05 7.02
CA GLY A 81 44.43 1.17 6.43
C GLY A 81 45.52 1.82 7.27
N THR A 82 45.35 1.84 8.60
CA THR A 82 46.38 2.47 9.41
C THR A 82 47.67 1.64 9.40
N ASP A 83 47.57 0.33 9.17
CA ASP A 83 48.74 -0.52 9.02
C ASP A 83 49.45 -0.30 7.68
N MET A 84 48.85 0.42 6.72
CA MET A 84 49.48 0.69 5.43
C MET A 84 50.28 2.00 5.40
N ILE A 85 50.20 2.83 6.44
CA ILE A 85 50.77 4.17 6.39
C ILE A 85 52.28 4.11 6.26
N THR A 86 52.93 3.19 6.98
CA THR A 86 54.38 3.10 6.89
C THR A 86 54.85 2.80 5.46
N ALA A 87 54.09 1.98 4.74
CA ALA A 87 54.46 1.67 3.37
C ALA A 87 54.18 2.84 2.44
N LEU A 88 53.05 3.55 2.65
CA LEU A 88 52.78 4.74 1.84
C LEU A 88 53.87 5.78 2.04
N TYR A 89 54.37 5.91 3.27
CA TYR A 89 55.46 6.82 3.53
C TYR A 89 56.75 6.36 2.84
N SER A 90 57.07 5.07 2.99
CA SER A 90 58.27 4.52 2.36
C SER A 90 58.26 4.68 0.84
N ALA A 91 57.12 4.36 0.21
CA ALA A 91 57.05 4.53 -1.23
C ALA A 91 57.09 6.01 -1.64
N SER A 92 56.37 6.88 -0.93
CA SER A 92 56.43 8.31 -1.22
C SER A 92 57.86 8.81 -1.11
N ALA A 93 58.55 8.42 -0.06
CA ALA A 93 59.85 9.03 0.20
C ALA A 93 60.88 8.67 -0.87
N ASP A 94 60.74 7.52 -1.51
CA ASP A 94 61.63 7.08 -2.57
C ASP A 94 61.08 7.36 -3.97
N SER A 95 59.96 8.07 -4.10
CA SER A 95 59.36 8.42 -5.40
C SER A 95 58.91 7.20 -6.20
N ILE A 96 58.33 6.21 -5.52
CA ILE A 96 57.85 5.04 -6.26
C ILE A 96 56.38 4.80 -5.89
N PRO A 97 55.59 4.20 -6.77
CA PRO A 97 54.18 3.99 -6.47
C PRO A 97 53.85 2.62 -5.90
N ILE A 98 52.84 2.57 -5.04
CA ILE A 98 52.05 1.36 -4.81
C ILE A 98 50.60 1.83 -4.80
N LEU A 99 49.69 0.91 -5.11
CA LEU A 99 48.26 1.20 -5.05
C LEU A 99 47.68 0.45 -3.86
N CYS A 100 47.22 1.20 -2.87
CA CYS A 100 46.56 0.64 -1.69
C CYS A 100 45.05 0.77 -1.87
N ILE A 101 44.33 -0.30 -1.62
CA ILE A 101 42.87 -0.30 -1.72
C ILE A 101 42.32 -0.84 -0.40
N THR A 102 41.47 -0.06 0.25
CA THR A 102 40.88 -0.46 1.53
C THR A 102 39.36 -0.49 1.41
N GLY A 103 38.73 -1.40 2.17
CA GLY A 103 37.30 -1.33 2.38
C GLY A 103 36.94 -0.21 3.35
N GLN A 104 35.65 0.15 3.36
CA GLN A 104 35.20 1.22 4.23
C GLN A 104 33.74 0.97 4.63
N ALA A 105 33.31 1.65 5.68
CA ALA A 105 31.92 1.62 6.11
C ALA A 105 31.05 2.26 5.04
N PRO A 106 29.76 1.90 5.01
CA PRO A 106 28.86 2.45 3.99
C PRO A 106 28.77 3.97 4.11
N ARG A 107 28.57 4.62 2.97
CA ARG A 107 28.60 6.08 2.92
C ARG A 107 27.76 6.71 4.00
N ALA A 108 26.55 6.19 4.23
CA ALA A 108 25.64 6.85 5.14
C ALA A 108 26.06 6.70 6.58
N ARG A 109 27.08 5.89 6.85
CA ARG A 109 27.55 5.67 8.21
C ARG A 109 28.94 6.24 8.44
N LEU A 110 29.45 7.05 7.52
CA LEU A 110 30.84 7.51 7.57
C LEU A 110 31.11 8.43 8.76
N HIS A 111 30.12 9.16 9.25
CA HIS A 111 30.39 10.06 10.35
C HIS A 111 29.69 9.64 11.63
N LYS A 112 29.06 8.49 11.62
CA LYS A 112 28.72 7.81 12.86
C LYS A 112 29.99 7.13 13.37
N GLU A 113 29.88 6.31 14.40
CA GLU A 113 31.09 5.63 14.83
C GLU A 113 31.05 4.16 14.47
N ASP A 114 30.86 3.84 13.19
CA ASP A 114 30.67 2.44 12.83
C ASP A 114 31.89 1.61 13.19
N PHE A 115 31.64 0.33 13.43
CA PHE A 115 32.70 -0.59 13.83
C PHE A 115 33.85 -0.57 12.83
N GLN A 116 35.09 -0.45 13.34
CA GLN A 116 36.29 -0.48 12.49
C GLN A 116 36.22 0.49 11.31
N ALA A 117 35.74 1.70 11.52
CA ALA A 117 35.71 2.73 10.48
C ALA A 117 36.58 3.91 10.93
N VAL A 118 37.45 4.39 10.04
CA VAL A 118 38.42 5.42 10.41
C VAL A 118 38.59 6.36 9.23
N ASP A 119 39.02 7.61 9.51
CA ASP A 119 39.19 8.63 8.47
C ASP A 119 40.54 8.47 7.78
N ILE A 120 40.66 7.41 6.99
CA ILE A 120 41.92 7.02 6.39
C ILE A 120 42.33 8.04 5.34
N GLU A 121 41.36 8.73 4.75
CA GLU A 121 41.64 9.79 3.80
C GLU A 121 42.53 10.86 4.43
N ALA A 122 42.15 11.34 5.61
CA ALA A 122 42.93 12.35 6.31
C ALA A 122 44.27 11.80 6.79
N ILE A 123 44.31 10.54 7.23
CA ILE A 123 45.55 10.02 7.79
C ILE A 123 46.60 9.83 6.70
N ALA A 124 46.17 9.37 5.53
CA ALA A 124 47.08 9.01 4.46
C ALA A 124 47.45 10.16 3.54
N LYS A 125 46.75 11.30 3.62
CA LYS A 125 47.05 12.43 2.74
C LYS A 125 48.50 12.87 2.78
N PRO A 126 49.14 13.01 3.94
CA PRO A 126 50.54 13.48 3.94
C PRO A 126 51.52 12.53 3.26
N VAL A 127 51.17 11.25 3.05
CA VAL A 127 52.12 10.29 2.47
C VAL A 127 51.59 9.64 1.19
N SER A 128 50.79 10.37 0.42
CA SER A 128 50.32 9.83 -0.85
C SER A 128 50.16 10.97 -1.85
N LYS A 129 50.21 10.63 -3.15
CA LYS A 129 49.84 11.60 -4.17
C LYS A 129 48.33 11.78 -4.24
N MET A 130 47.57 10.77 -3.84
CA MET A 130 46.13 10.88 -3.75
C MET A 130 45.63 9.87 -2.73
N ALA A 131 44.69 10.30 -1.90
CA ALA A 131 44.04 9.43 -0.93
C ALA A 131 42.60 9.87 -0.90
N VAL A 132 41.70 9.01 -1.38
CA VAL A 132 40.33 9.45 -1.63
C VAL A 132 39.36 8.34 -1.23
N THR A 133 38.34 8.69 -0.46
CA THR A 133 37.19 7.83 -0.25
C THR A 133 36.24 8.01 -1.41
N VAL A 134 35.94 6.94 -2.15
CA VAL A 134 35.11 7.06 -3.34
C VAL A 134 33.64 7.11 -2.93
N ARG A 135 32.94 8.17 -3.37
CA ARG A 135 31.60 8.43 -2.87
C ARG A 135 30.49 8.03 -3.83
N GLU A 136 30.81 7.56 -5.04
CA GLU A 136 29.81 7.12 -6.00
C GLU A 136 30.34 5.91 -6.74
N ALA A 137 29.47 4.93 -6.99
CA ALA A 137 29.90 3.70 -7.65
C ALA A 137 30.45 3.97 -9.05
N ALA A 138 29.83 4.88 -9.79
CA ALA A 138 30.31 5.16 -11.15
C ALA A 138 31.68 5.83 -11.14
N LEU A 139 32.09 6.42 -10.02
CA LEU A 139 33.41 7.02 -9.92
C LEU A 139 34.51 6.00 -9.65
N VAL A 140 34.18 4.77 -9.28
CA VAL A 140 35.22 3.79 -8.94
C VAL A 140 36.19 3.60 -10.10
N PRO A 141 35.76 3.30 -11.32
CA PRO A 141 36.73 3.22 -12.43
C PRO A 141 37.44 4.54 -12.75
N ARG A 142 36.79 5.69 -12.55
CA ARG A 142 37.46 6.96 -12.86
C ARG A 142 38.55 7.27 -11.83
N VAL A 143 38.29 6.99 -10.56
CA VAL A 143 39.33 7.23 -9.56
C VAL A 143 40.55 6.33 -9.84
N LEU A 144 40.30 5.07 -10.23
CA LEU A 144 41.41 4.18 -10.55
C LEU A 144 42.15 4.68 -11.78
N GLN A 145 41.41 5.19 -12.76
CA GLN A 145 42.03 5.77 -13.94
C GLN A 145 42.93 6.96 -13.57
N GLN A 146 42.43 7.88 -12.74
CA GLN A 146 43.28 8.99 -12.29
C GLN A 146 44.43 8.50 -11.39
N ALA A 147 44.20 7.47 -10.58
CA ALA A 147 45.27 6.94 -9.74
C ALA A 147 46.46 6.48 -10.59
N PHE A 148 46.19 5.79 -11.70
CA PHE A 148 47.31 5.24 -12.46
C PHE A 148 48.07 6.33 -13.16
N HIS A 149 47.37 7.37 -13.64
CA HIS A 149 48.06 8.52 -14.21
C HIS A 149 49.02 9.14 -13.20
N LEU A 150 48.57 9.29 -11.95
CA LEU A 150 49.40 9.92 -10.92
C LEU A 150 50.54 9.04 -10.46
N MET A 151 50.32 7.73 -10.40
CA MET A 151 51.41 6.85 -10.01
C MET A 151 52.54 6.84 -11.05
N ARG A 152 52.22 7.11 -12.32
CA ARG A 152 53.21 7.07 -13.38
C ARG A 152 53.81 8.41 -13.74
N SER A 153 53.11 9.53 -13.47
CA SER A 153 53.45 10.86 -13.96
C SER A 153 54.35 11.63 -12.99
N GLY A 154 55.07 12.61 -13.53
CA GLY A 154 55.82 13.55 -12.71
C GLY A 154 56.79 12.82 -11.80
N ARG A 155 56.90 13.29 -10.56
CA ARG A 155 57.54 12.50 -9.53
C ARG A 155 56.58 11.41 -9.09
N PRO A 156 56.89 10.14 -9.28
CA PRO A 156 55.94 9.08 -8.92
C PRO A 156 55.73 9.00 -7.42
N GLY A 157 54.56 8.52 -7.03
CA GLY A 157 54.25 8.26 -5.63
C GLY A 157 53.00 7.42 -5.53
N PRO A 158 52.66 6.99 -4.31
CA PRO A 158 51.57 6.02 -4.14
C PRO A 158 50.20 6.68 -4.01
N VAL A 159 49.17 5.86 -4.20
CA VAL A 159 47.78 6.27 -4.11
C VAL A 159 47.06 5.28 -3.22
N LEU A 160 46.15 5.79 -2.37
CA LEU A 160 45.25 4.95 -1.59
C LEU A 160 43.82 5.23 -2.05
N VAL A 161 43.08 4.17 -2.38
CA VAL A 161 41.68 4.29 -2.76
C VAL A 161 40.84 3.58 -1.70
N ASP A 162 39.92 4.32 -1.10
CA ASP A 162 39.12 3.81 0.02
C ASP A 162 37.68 3.60 -0.47
N LEU A 163 37.16 2.39 -0.32
CA LEU A 163 35.90 1.99 -0.97
C LEU A 163 34.81 1.64 0.03
N PRO A 164 33.82 2.52 0.22
CA PRO A 164 32.69 2.17 1.10
C PRO A 164 31.95 0.94 0.59
N PHE A 165 31.50 0.12 1.54
CA PHE A 165 30.91 -1.17 1.18
C PHE A 165 29.77 -1.01 0.19
N ASP A 166 28.89 -0.04 0.41
CA ASP A 166 27.74 0.10 -0.50
C ASP A 166 28.17 0.60 -1.87
N VAL A 167 29.25 1.38 -1.94
CA VAL A 167 29.78 1.81 -3.23
C VAL A 167 30.30 0.62 -4.02
N GLN A 168 30.89 -0.36 -3.35
CA GLN A 168 31.49 -1.52 -4.02
C GLN A 168 30.44 -2.38 -4.71
N VAL A 169 29.35 -2.70 -3.99
CA VAL A 169 28.33 -3.59 -4.50
C VAL A 169 27.34 -2.89 -5.45
N ALA A 170 27.29 -1.56 -5.48
CA ALA A 170 26.27 -0.87 -6.28
C ALA A 170 26.44 -1.17 -7.77
N GLU A 171 25.32 -1.39 -8.45
CA GLU A 171 25.33 -1.66 -9.86
C GLU A 171 25.65 -0.40 -10.67
N ILE A 172 26.47 -0.55 -11.71
CA ILE A 172 26.72 0.52 -12.69
C ILE A 172 26.73 -0.13 -14.06
N GLU A 173 26.68 0.71 -15.10
CA GLU A 173 26.89 0.27 -16.47
C GLU A 173 28.30 0.65 -16.91
N PHE A 174 29.02 -0.31 -17.48
CA PHE A 174 30.42 -0.11 -17.79
C PHE A 174 30.76 -0.95 -19.01
N ASP A 175 31.61 -0.39 -19.88
CA ASP A 175 32.05 -1.07 -21.10
C ASP A 175 33.56 -1.20 -21.06
N PRO A 176 34.09 -2.35 -20.67
CA PRO A 176 35.56 -2.49 -20.63
C PRO A 176 36.22 -2.23 -21.97
N ASP A 177 35.53 -2.55 -23.07
CA ASP A 177 36.13 -2.36 -24.39
C ASP A 177 36.42 -0.89 -24.67
N MET A 178 35.71 0.03 -24.02
CA MET A 178 35.94 1.46 -24.24
C MET A 178 36.94 2.08 -23.27
N TYR A 179 37.39 1.34 -22.26
CA TYR A 179 38.31 1.91 -21.27
C TYR A 179 39.70 2.09 -21.85
N GLU A 180 40.28 3.28 -21.65
CA GLU A 180 41.68 3.46 -21.99
C GLU A 180 42.45 4.18 -20.89
N PRO A 181 43.68 3.73 -20.61
CA PRO A 181 44.54 4.45 -19.65
C PRO A 181 44.81 5.88 -20.10
N LEU A 182 44.96 6.77 -19.13
CA LEU A 182 45.30 8.15 -19.40
C LEU A 182 46.75 8.29 -19.86
N PRO A 183 47.06 9.33 -20.64
CA PRO A 183 48.46 9.62 -20.98
C PRO A 183 49.25 9.94 -19.74
N VAL A 184 50.53 9.60 -19.78
CA VAL A 184 51.46 9.86 -18.69
C VAL A 184 52.11 11.22 -18.93
N TYR A 185 52.16 12.06 -17.90
CA TYR A 185 52.82 13.35 -18.00
C TYR A 185 54.28 13.21 -17.59
N LYS A 186 55.18 13.64 -18.45
CA LYS A 186 56.61 13.69 -18.16
C LYS A 186 57.23 14.85 -18.94
N PRO A 187 57.64 15.91 -18.27
CA PRO A 187 58.32 17.01 -18.97
C PRO A 187 59.66 16.54 -19.52
N ALA A 188 60.07 17.17 -20.61
CA ALA A 188 61.29 16.85 -21.32
C ALA A 188 62.16 18.09 -21.45
N ALA A 189 63.47 17.91 -21.28
CA ALA A 189 64.41 19.03 -21.44
C ALA A 189 64.49 19.46 -22.90
N SER A 190 64.64 20.76 -23.13
CA SER A 190 64.86 21.27 -24.48
C SER A 190 66.32 21.08 -24.90
N ARG A 191 66.55 21.10 -26.20
CA ARG A 191 67.93 21.08 -26.69
C ARG A 191 68.75 22.24 -26.13
N MET A 192 68.13 23.41 -25.93
CA MET A 192 68.88 24.55 -25.41
C MET A 192 69.40 24.25 -24.01
N GLN A 193 68.59 23.56 -23.18
CA GLN A 193 69.03 23.18 -21.84
C GLN A 193 70.18 22.19 -21.91
N ILE A 194 70.08 21.19 -22.79
CA ILE A 194 71.05 20.10 -22.81
C ILE A 194 72.38 20.56 -23.43
N GLU A 195 72.33 21.41 -24.46
CA GLU A 195 73.58 21.93 -25.02
C GLU A 195 74.32 22.78 -24.01
N LYS A 196 73.59 23.53 -23.18
CA LYS A 196 74.23 24.26 -22.11
C LYS A 196 74.85 23.31 -21.09
N ALA A 197 74.17 22.21 -20.80
CA ALA A 197 74.71 21.28 -19.82
C ALA A 197 75.99 20.66 -20.33
N VAL A 198 76.00 20.26 -21.61
CA VAL A 198 77.19 19.64 -22.19
C VAL A 198 78.32 20.66 -22.32
N GLU A 199 78.00 21.92 -22.57
CA GLU A 199 79.01 22.98 -22.60
C GLU A 199 79.75 23.08 -21.27
N MET A 200 79.00 23.11 -20.16
CA MET A 200 79.65 23.16 -18.85
C MET A 200 80.44 21.91 -18.54
N LEU A 201 79.97 20.75 -19.00
CA LEU A 201 80.68 19.50 -18.75
C LEU A 201 82.02 19.45 -19.49
N ILE A 202 82.04 19.95 -20.74
CA ILE A 202 83.26 20.03 -21.53
C ILE A 202 84.26 21.00 -20.89
N GLN A 203 83.78 22.05 -20.25
CA GLN A 203 84.66 23.01 -19.57
C GLN A 203 85.23 22.50 -18.25
N ALA A 204 84.58 21.56 -17.59
CA ALA A 204 85.12 21.01 -16.36
C ALA A 204 86.34 20.15 -16.65
N GLU A 205 87.34 20.22 -15.77
CA GLU A 205 88.54 19.41 -15.91
C GLU A 205 88.48 18.10 -15.16
N ARG A 206 87.68 18.02 -14.09
CA ARG A 206 87.57 16.80 -13.30
C ARG A 206 86.10 16.53 -12.94
N PRO A 207 85.25 16.27 -13.92
CA PRO A 207 83.83 16.09 -13.64
C PRO A 207 83.48 14.68 -13.17
N VAL A 208 82.38 14.60 -12.42
CA VAL A 208 81.74 13.32 -12.13
C VAL A 208 80.26 13.49 -12.42
N ILE A 209 79.63 12.42 -12.88
CA ILE A 209 78.18 12.30 -12.96
C ILE A 209 77.69 11.64 -11.68
N VAL A 210 76.72 12.23 -10.99
CA VAL A 210 76.06 11.55 -9.88
C VAL A 210 74.71 11.10 -10.38
N ALA A 211 74.54 9.77 -10.48
CA ALA A 211 73.39 9.13 -11.09
C ALA A 211 72.46 8.63 -9.99
N GLY A 212 71.26 9.20 -9.92
CA GLY A 212 70.33 8.92 -8.84
C GLY A 212 69.22 7.96 -9.23
N GLY A 213 68.34 7.74 -8.26
CA GLY A 213 67.23 6.82 -8.46
C GLY A 213 66.31 7.22 -9.59
N GLY A 214 66.27 8.51 -9.94
CA GLY A 214 65.47 8.93 -11.07
C GLY A 214 65.91 8.32 -12.39
N VAL A 215 67.19 8.00 -12.55
CA VAL A 215 67.65 7.31 -13.76
C VAL A 215 66.98 5.94 -13.86
N ILE A 216 66.90 5.22 -12.74
CA ILE A 216 66.28 3.90 -12.74
C ILE A 216 64.76 4.04 -12.84
N ASN A 217 64.21 5.05 -12.17
CA ASN A 217 62.78 5.31 -12.22
C ASN A 217 62.33 5.52 -13.67
N ALA A 218 63.17 6.17 -14.49
CA ALA A 218 62.88 6.42 -15.90
C ALA A 218 63.23 5.24 -16.80
N ASP A 219 63.80 4.16 -16.26
CA ASP A 219 64.26 3.04 -17.07
C ASP A 219 65.31 3.49 -18.09
N ALA A 220 66.24 4.34 -17.64
CA ALA A 220 67.22 5.00 -18.51
C ALA A 220 68.65 4.58 -18.24
N ALA A 221 68.85 3.41 -17.60
CA ALA A 221 70.17 3.02 -17.16
C ALA A 221 71.13 2.81 -18.34
N ALA A 222 70.67 2.16 -19.41
CA ALA A 222 71.54 1.94 -20.56
C ALA A 222 71.97 3.27 -21.18
N LEU A 223 71.05 4.25 -21.22
CA LEU A 223 71.42 5.57 -21.74
C LEU A 223 72.41 6.28 -20.84
N LEU A 224 72.27 6.10 -19.52
CA LEU A 224 73.19 6.72 -18.59
C LEU A 224 74.60 6.20 -18.81
N GLN A 225 74.74 4.88 -18.95
CA GLN A 225 76.05 4.31 -19.21
C GLN A 225 76.60 4.78 -20.56
N GLN A 226 75.75 4.81 -21.58
CA GLN A 226 76.20 5.27 -22.90
C GLN A 226 76.68 6.72 -22.85
N PHE A 227 75.98 7.58 -22.11
CA PHE A 227 76.41 8.97 -22.04
C PHE A 227 77.75 9.09 -21.32
N ALA A 228 77.94 8.31 -20.26
CA ALA A 228 79.21 8.37 -19.53
C ALA A 228 80.35 7.84 -20.36
N GLU A 229 80.10 6.81 -21.17
CA GLU A 229 81.12 6.25 -22.05
C GLU A 229 81.53 7.23 -23.14
N LEU A 230 80.55 7.88 -23.78
CA LEU A 230 80.87 8.86 -24.81
C LEU A 230 81.70 10.02 -24.25
N THR A 231 81.39 10.48 -23.05
CA THR A 231 82.09 11.62 -22.47
C THR A 231 83.28 11.21 -21.63
N SER A 232 83.45 9.92 -21.37
CA SER A 232 84.55 9.43 -20.54
C SER A 232 84.55 10.09 -19.16
N VAL A 233 83.37 10.24 -18.58
CA VAL A 233 83.17 10.88 -17.28
C VAL A 233 82.87 9.82 -16.23
N PRO A 234 83.60 9.77 -15.12
CA PRO A 234 83.30 8.80 -14.06
C PRO A 234 81.92 9.01 -13.44
N VAL A 235 81.30 7.89 -13.03
CA VAL A 235 79.93 7.85 -12.53
C VAL A 235 79.92 7.45 -11.06
N ILE A 236 79.24 8.26 -10.24
CA ILE A 236 79.02 7.99 -8.82
C ILE A 236 77.52 7.79 -8.64
N PRO A 237 77.04 6.56 -8.51
CA PRO A 237 75.62 6.37 -8.19
C PRO A 237 75.32 6.77 -6.75
N THR A 238 74.12 7.35 -6.55
CA THR A 238 73.61 7.39 -5.19
C THR A 238 73.20 5.98 -4.77
N LEU A 239 72.83 5.82 -3.49
CA LEU A 239 72.29 4.53 -3.07
C LEU A 239 71.08 4.14 -3.92
N MET A 240 70.26 5.12 -4.31
CA MET A 240 69.08 4.79 -5.11
C MET A 240 69.39 4.65 -6.59
N GLY A 241 70.54 5.14 -7.05
CA GLY A 241 71.00 4.91 -8.40
C GLY A 241 71.89 3.71 -8.58
N TRP A 242 72.22 3.05 -7.48
CA TRP A 242 73.19 1.98 -7.50
C TRP A 242 72.69 0.87 -8.41
N GLY A 243 73.57 0.42 -9.30
CA GLY A 243 73.18 -0.52 -10.32
C GLY A 243 72.92 0.05 -11.69
N CYS A 244 72.80 1.38 -11.84
CA CYS A 244 72.49 1.88 -13.17
C CYS A 244 73.72 1.87 -14.10
N ILE A 245 74.91 1.65 -13.57
CA ILE A 245 76.09 1.31 -14.36
C ILE A 245 76.75 0.16 -13.61
N PRO A 246 77.26 -0.86 -14.28
CA PRO A 246 77.77 -2.03 -13.54
C PRO A 246 78.94 -1.66 -12.64
N ASP A 247 79.02 -2.32 -11.49
CA ASP A 247 80.07 -2.02 -10.53
C ASP A 247 81.46 -2.33 -11.07
N ASP A 248 81.58 -3.21 -12.07
CA ASP A 248 82.89 -3.51 -12.63
C ASP A 248 83.18 -2.70 -13.89
N HIS A 249 82.36 -1.70 -14.19
CA HIS A 249 82.63 -0.80 -15.31
C HIS A 249 83.80 0.12 -14.98
N GLU A 250 84.64 0.43 -15.98
CA GLU A 250 85.83 1.22 -15.73
C GLU A 250 85.50 2.64 -15.26
N LEU A 251 84.32 3.16 -15.58
CA LEU A 251 83.94 4.50 -15.15
C LEU A 251 83.17 4.54 -13.84
N MET A 252 82.80 3.40 -13.26
CA MET A 252 82.05 3.40 -11.99
C MET A 252 83.01 3.74 -10.87
N ALA A 253 82.80 4.88 -10.22
CA ALA A 253 83.82 5.44 -9.35
C ALA A 253 83.53 5.26 -7.87
N GLY A 254 82.54 4.43 -7.51
CA GLY A 254 82.18 4.21 -6.11
C GLY A 254 81.00 5.09 -5.69
N MET A 255 80.58 4.90 -4.44
CA MET A 255 79.48 5.69 -3.88
C MET A 255 80.01 6.70 -2.87
N VAL A 256 79.22 7.75 -2.66
CA VAL A 256 79.57 8.91 -1.85
C VAL A 256 78.57 9.07 -0.72
N GLY A 257 79.03 9.51 0.45
CA GLY A 257 78.10 9.85 1.52
C GLY A 257 78.69 9.63 2.89
N LEU A 258 77.83 9.75 3.90
CA LEU A 258 78.24 9.64 5.30
C LEU A 258 78.26 8.22 5.83
N GLN A 259 77.62 7.26 5.13
CA GLN A 259 77.46 5.91 5.64
C GLN A 259 77.58 4.87 4.52
N THR A 260 76.58 4.77 3.64
CA THR A 260 76.64 3.80 2.55
C THR A 260 77.54 4.36 1.43
N ALA A 261 78.85 4.31 1.68
CA ALA A 261 79.80 4.97 0.79
C ALA A 261 81.16 4.32 0.90
N HIS A 262 81.99 4.52 -0.14
CA HIS A 262 83.37 4.05 -0.22
C HIS A 262 84.36 5.17 0.08
N ARG A 263 85.52 4.80 0.63
CA ARG A 263 86.56 5.80 0.85
C ARG A 263 86.98 6.43 -0.47
N TYR A 264 87.04 5.62 -1.54
CA TYR A 264 87.44 6.14 -2.83
C TYR A 264 86.35 6.98 -3.48
N GLY A 265 85.07 6.66 -3.24
CA GLY A 265 84.03 7.50 -3.77
C GLY A 265 84.09 8.89 -3.18
N ASN A 266 84.19 8.98 -1.86
CA ASN A 266 84.24 10.29 -1.21
C ASN A 266 85.47 11.06 -1.65
N ALA A 267 86.62 10.37 -1.78
CA ALA A 267 87.83 11.06 -2.16
C ALA A 267 87.75 11.57 -3.58
N THR A 268 87.11 10.79 -4.47
CA THR A 268 86.92 11.26 -5.83
C THR A 268 85.96 12.45 -5.88
N LEU A 269 84.89 12.45 -5.06
CA LEU A 269 83.99 13.60 -5.11
C LEU A 269 84.69 14.87 -4.63
N LEU A 270 85.45 14.78 -3.55
CA LEU A 270 86.11 15.98 -3.04
C LEU A 270 87.21 16.48 -3.97
N ALA A 271 87.75 15.62 -4.85
CA ALA A 271 88.75 16.03 -5.83
C ALA A 271 88.15 16.57 -7.12
N SER A 272 86.85 16.38 -7.35
CA SER A 272 86.20 16.79 -8.58
C SER A 272 85.95 18.29 -8.59
N ASP A 273 85.77 18.84 -9.80
CA ASP A 273 85.40 20.24 -9.97
C ASP A 273 84.01 20.43 -10.57
N MET A 274 83.26 19.36 -10.77
CA MET A 274 81.88 19.48 -11.21
C MET A 274 81.11 18.24 -10.80
N VAL A 275 79.86 18.43 -10.38
CA VAL A 275 78.96 17.32 -10.12
C VAL A 275 77.82 17.45 -11.12
N PHE A 276 77.69 16.46 -11.99
CA PHE A 276 76.65 16.43 -13.01
C PHE A 276 75.54 15.52 -12.50
N GLY A 277 74.51 16.11 -11.88
CA GLY A 277 73.50 15.31 -11.21
C GLY A 277 72.31 14.95 -12.08
N ILE A 278 72.07 13.66 -12.29
CA ILE A 278 70.98 13.22 -13.14
C ILE A 278 70.08 12.34 -12.31
N GLY A 279 68.85 12.81 -12.06
CA GLY A 279 67.87 11.99 -11.35
C GLY A 279 68.20 11.75 -9.89
N ASN A 280 69.09 12.54 -9.32
CA ASN A 280 69.35 12.54 -7.90
C ASN A 280 68.62 13.72 -7.27
N ARG A 281 68.56 13.70 -5.97
CA ARG A 281 68.29 14.88 -5.20
C ARG A 281 69.58 15.05 -4.45
N PHE A 282 69.68 15.90 -3.49
CA PHE A 282 71.04 15.91 -2.94
C PHE A 282 70.91 15.59 -1.47
N ALA A 283 70.68 14.31 -1.17
CA ALA A 283 70.19 13.92 0.15
C ALA A 283 71.25 14.19 1.21
N GLN A 284 70.78 14.48 2.42
CA GLN A 284 71.70 14.86 3.48
C GLN A 284 72.69 13.73 3.78
N ARG A 285 72.26 12.46 3.75
CA ARG A 285 73.20 11.37 3.99
C ARG A 285 74.20 11.22 2.85
N HIS A 286 73.89 11.77 1.66
CA HIS A 286 74.82 11.79 0.54
C HIS A 286 75.79 12.98 0.60
N THR A 287 75.32 14.17 1.01
CA THR A 287 76.16 15.37 0.93
C THR A 287 76.95 15.69 2.18
N GLY A 288 76.45 15.36 3.38
CA GLY A 288 76.97 16.09 4.52
C GLY A 288 76.50 17.54 4.46
N SER A 289 77.28 18.43 5.06
CA SER A 289 77.01 19.86 4.88
C SER A 289 77.15 20.25 3.42
N VAL A 290 76.17 20.99 2.90
CA VAL A 290 76.18 21.28 1.47
C VAL A 290 77.29 22.25 1.12
N GLU A 291 77.72 23.08 2.08
CA GLU A 291 78.82 24.00 1.79
C GLU A 291 80.10 23.25 1.46
N LYS A 292 80.33 22.10 2.11
CA LYS A 292 81.52 21.32 1.84
C LYS A 292 81.37 20.49 0.57
N TYR A 293 80.16 19.96 0.33
CA TYR A 293 79.93 19.14 -0.86
C TYR A 293 80.10 19.96 -2.14
N THR A 294 79.69 21.22 -2.13
CA THR A 294 79.74 22.03 -3.33
C THR A 294 80.99 22.88 -3.46
N GLU A 295 81.95 22.77 -2.53
CA GLU A 295 83.08 23.69 -2.51
C GLU A 295 83.93 23.53 -3.77
N GLY A 296 84.07 24.61 -4.52
CA GLY A 296 84.91 24.53 -5.70
C GLY A 296 84.32 23.76 -6.87
N ARG A 297 83.02 23.47 -6.87
CA ARG A 297 82.40 22.62 -7.88
C ARG A 297 81.23 23.33 -8.55
N LYS A 298 81.20 23.29 -9.88
CA LYS A 298 79.95 23.55 -10.59
C LYS A 298 78.95 22.43 -10.29
N ILE A 299 77.66 22.78 -10.21
CA ILE A 299 76.63 21.78 -9.91
C ILE A 299 75.57 21.86 -11.00
N VAL A 300 75.34 20.75 -11.71
CA VAL A 300 74.20 20.58 -12.59
C VAL A 300 73.23 19.63 -11.92
N HIS A 301 71.94 19.88 -12.08
CA HIS A 301 70.90 19.03 -11.48
C HIS A 301 69.74 18.87 -12.45
N ILE A 302 69.49 17.65 -12.89
CA ILE A 302 68.34 17.35 -13.73
C ILE A 302 67.37 16.51 -12.92
N ASP A 303 66.13 16.99 -12.80
CA ASP A 303 65.13 16.32 -11.97
C ASP A 303 63.77 16.49 -12.64
N ILE A 304 62.92 15.48 -12.52
CA ILE A 304 61.60 15.58 -13.12
C ILE A 304 60.69 16.57 -12.36
N GLU A 305 61.06 16.91 -11.11
CA GLU A 305 60.21 17.69 -10.20
C GLU A 305 60.77 19.08 -9.97
N PRO A 306 60.09 20.15 -10.42
CA PRO A 306 60.68 21.50 -10.29
C PRO A 306 61.05 21.89 -8.85
N THR A 307 60.25 21.50 -7.87
CA THR A 307 60.55 21.98 -6.52
C THR A 307 61.58 21.11 -5.82
N GLN A 308 62.14 20.10 -6.49
CA GLN A 308 63.34 19.44 -5.99
C GLN A 308 64.61 20.22 -6.32
N ILE A 309 64.53 21.15 -7.26
CA ILE A 309 65.72 21.84 -7.76
C ILE A 309 65.90 23.10 -6.93
N GLY A 310 67.01 23.19 -6.22
CA GLY A 310 67.22 24.27 -5.29
C GLY A 310 66.76 23.99 -3.88
N ARG A 311 66.31 22.77 -3.59
CA ARG A 311 65.73 22.51 -2.28
C ARG A 311 66.78 22.49 -1.18
N VAL A 312 67.97 21.96 -1.48
CA VAL A 312 69.02 21.83 -0.47
C VAL A 312 70.27 22.58 -0.84
N LEU A 313 70.43 23.00 -2.09
CA LEU A 313 71.58 23.77 -2.53
C LEU A 313 71.20 24.45 -3.84
N CYS A 314 71.94 25.48 -4.21
CA CYS A 314 71.56 26.18 -5.43
C CYS A 314 72.45 25.68 -6.57
N PRO A 315 71.90 24.93 -7.54
CA PRO A 315 72.72 24.47 -8.67
C PRO A 315 73.14 25.60 -9.59
N ASP A 316 74.27 25.42 -10.25
CA ASP A 316 74.64 26.34 -11.33
C ASP A 316 73.71 26.19 -12.54
N LEU A 317 73.16 25.00 -12.76
CA LEU A 317 72.23 24.77 -13.85
C LEU A 317 71.21 23.73 -13.40
N GLY A 318 69.95 24.13 -13.31
CA GLY A 318 68.86 23.25 -12.95
C GLY A 318 67.93 23.07 -14.14
N ILE A 319 67.57 21.82 -14.41
CA ILE A 319 66.77 21.46 -15.58
C ILE A 319 65.64 20.53 -15.16
N VAL A 320 64.41 20.88 -15.53
CA VAL A 320 63.26 20.02 -15.27
C VAL A 320 63.13 19.03 -16.42
N SER A 321 63.30 17.75 -16.13
CA SER A 321 63.14 16.77 -17.20
C SER A 321 63.04 15.36 -16.63
N ASP A 322 62.25 14.52 -17.30
CA ASP A 322 62.38 13.08 -17.14
C ASP A 322 63.80 12.65 -17.49
N ALA A 323 64.34 11.70 -16.73
CA ALA A 323 65.74 11.32 -16.91
C ALA A 323 65.98 10.63 -18.27
N LYS A 324 64.98 9.91 -18.80
CA LYS A 324 65.17 9.26 -20.10
C LYS A 324 65.14 10.27 -21.23
N ALA A 325 64.18 11.19 -21.19
CA ALA A 325 64.17 12.24 -22.21
C ALA A 325 65.46 13.04 -22.18
N ALA A 326 65.94 13.38 -20.99
CA ALA A 326 67.16 14.17 -20.89
C ALA A 326 68.38 13.39 -21.38
N LEU A 327 68.45 12.10 -21.07
CA LEU A 327 69.62 11.32 -21.46
C LEU A 327 69.64 10.98 -22.95
N THR A 328 68.46 10.80 -23.55
CA THR A 328 68.39 10.69 -25.01
C THR A 328 69.02 11.90 -25.69
N LEU A 329 68.64 13.10 -25.25
CA LEU A 329 69.22 14.31 -25.83
C LEU A 329 70.68 14.47 -25.48
N LEU A 330 71.08 14.06 -24.27
CA LEU A 330 72.48 14.20 -23.89
C LEU A 330 73.37 13.26 -24.73
N VAL A 331 72.90 12.06 -25.05
CA VAL A 331 73.66 11.18 -25.93
C VAL A 331 73.77 11.79 -27.31
N GLU A 332 72.66 12.34 -27.82
CA GLU A 332 72.65 12.92 -29.16
C GLU A 332 73.61 14.12 -29.25
N VAL A 333 73.56 15.00 -28.25
CA VAL A 333 74.46 16.16 -28.26
C VAL A 333 75.92 15.72 -28.07
N ALA A 334 76.17 14.71 -27.23
CA ALA A 334 77.56 14.29 -27.05
C ALA A 334 78.11 13.65 -28.33
N GLN A 335 77.26 12.89 -29.04
CA GLN A 335 77.70 12.33 -30.31
C GLN A 335 78.04 13.44 -31.32
N GLU A 336 77.26 14.53 -31.32
CA GLU A 336 77.58 15.66 -32.19
C GLU A 336 78.89 16.32 -31.77
N MET A 337 79.10 16.47 -30.47
CA MET A 337 80.35 17.05 -29.98
C MET A 337 81.54 16.14 -30.26
N GLN A 338 81.32 14.83 -30.30
CA GLN A 338 82.41 13.91 -30.60
C GLN A 338 82.79 13.98 -32.07
N LYS A 339 81.78 14.03 -32.96
CA LYS A 339 82.08 14.19 -34.38
C LYS A 339 82.80 15.49 -34.64
N ALA A 340 82.50 16.52 -33.85
CA ALA A 340 83.14 17.81 -34.05
C ALA A 340 84.51 17.90 -33.39
N GLY A 341 84.95 16.85 -32.72
CA GLY A 341 86.23 16.88 -32.06
C GLY A 341 86.28 17.77 -30.84
N ARG A 342 85.13 17.99 -30.19
CA ARG A 342 85.05 18.94 -29.08
C ARG A 342 84.98 18.30 -27.70
N LEU A 343 84.97 16.98 -27.59
CA LEU A 343 84.96 16.38 -26.27
C LEU A 343 86.40 16.24 -25.79
N PRO A 344 86.77 16.84 -24.67
CA PRO A 344 88.14 16.70 -24.17
C PRO A 344 88.45 15.26 -23.78
N CYS A 345 89.71 14.88 -23.99
CA CYS A 345 90.22 13.62 -23.48
C CYS A 345 90.36 13.68 -21.97
N ARG A 346 90.03 12.58 -21.30
CA ARG A 346 89.97 12.59 -19.85
C ARG A 346 90.80 11.47 -19.22
N LYS A 347 91.84 11.00 -19.92
CA LYS A 347 92.62 9.85 -19.45
C LYS A 347 93.24 10.09 -18.09
N GLU A 348 93.72 11.32 -17.83
CA GLU A 348 94.39 11.60 -16.57
C GLU A 348 93.42 11.58 -15.39
N TRP A 349 92.27 12.24 -15.54
CA TRP A 349 91.32 12.29 -14.43
C TRP A 349 90.76 10.91 -14.13
N VAL A 350 90.47 10.14 -15.17
CA VAL A 350 89.98 8.79 -15.00
C VAL A 350 91.02 7.91 -14.32
N ALA A 351 92.30 8.09 -14.68
CA ALA A 351 93.35 7.33 -14.03
C ALA A 351 93.49 7.69 -12.55
N ASP A 352 93.35 8.98 -12.19
CA ASP A 352 93.36 9.36 -10.78
C ASP A 352 92.22 8.70 -10.02
N CYS A 353 91.02 8.66 -10.62
CA CYS A 353 89.89 8.04 -9.93
C CYS A 353 90.11 6.54 -9.74
N GLN A 354 90.71 5.89 -10.74
CA GLN A 354 90.93 4.45 -10.65
C GLN A 354 92.03 4.12 -9.66
N GLN A 355 93.02 4.99 -9.52
CA GLN A 355 94.05 4.85 -8.49
C GLN A 355 93.45 4.98 -7.09
N ARG A 356 92.50 5.88 -6.90
CA ARG A 356 91.85 5.94 -5.60
C ARG A 356 91.05 4.66 -5.33
N LYS A 357 90.36 4.18 -6.35
CA LYS A 357 89.54 2.98 -6.19
C LYS A 357 90.40 1.76 -5.92
N ARG A 358 91.64 1.76 -6.39
CA ARG A 358 92.49 0.59 -6.18
C ARG A 358 93.08 0.56 -4.79
N THR A 359 93.24 1.72 -4.13
CA THR A 359 94.03 1.79 -2.92
C THR A 359 93.25 2.12 -1.64
N LEU A 360 92.10 2.81 -1.72
CA LEU A 360 91.39 3.28 -0.53
C LEU A 360 90.29 2.27 -0.13
N LEU A 361 90.70 1.16 0.44
CA LEU A 361 89.79 0.04 0.67
C LEU A 361 89.50 -0.13 2.17
N ARG A 362 88.60 -1.07 2.46
CA ARG A 362 88.34 -1.54 3.82
C ARG A 362 88.48 -3.04 3.88
N LYS A 363 89.08 -3.54 4.95
CA LYS A 363 89.31 -4.97 5.09
C LYS A 363 87.99 -5.73 5.20
N THR A 364 87.90 -6.84 4.46
CA THR A 364 86.82 -7.80 4.63
C THR A 364 87.26 -9.21 5.02
N HIS A 365 88.51 -9.60 4.76
CA HIS A 365 88.89 -11.01 4.88
C HIS A 365 89.36 -11.32 6.31
N PHE A 366 88.38 -11.38 7.23
CA PHE A 366 88.62 -11.67 8.63
C PHE A 366 88.38 -13.15 8.92
N ASP A 367 89.35 -13.79 9.57
CA ASP A 367 89.21 -15.16 10.06
C ASP A 367 88.66 -15.24 11.47
N ASN A 368 88.23 -14.13 12.06
CA ASN A 368 87.86 -14.12 13.48
C ASN A 368 86.66 -15.02 13.76
N VAL A 369 86.70 -15.62 14.95
CA VAL A 369 85.58 -16.31 15.59
C VAL A 369 85.39 -15.62 16.94
N PRO A 370 84.20 -15.06 17.22
CA PRO A 370 83.00 -14.96 16.40
C PRO A 370 83.18 -14.12 15.14
N VAL A 371 82.35 -14.40 14.14
CA VAL A 371 82.53 -13.85 12.80
C VAL A 371 82.39 -12.33 12.79
N LYS A 372 83.23 -11.67 11.95
CA LYS A 372 83.11 -10.26 11.68
C LYS A 372 82.20 -10.05 10.48
N PRO A 373 81.25 -9.13 10.54
CA PRO A 373 80.26 -9.03 9.47
C PRO A 373 80.86 -8.78 8.10
N GLN A 374 81.98 -8.06 8.03
CA GLN A 374 82.50 -7.71 6.71
C GLN A 374 82.92 -8.95 5.93
N ARG A 375 83.32 -10.03 6.63
CA ARG A 375 83.61 -11.30 6.00
C ARG A 375 82.38 -11.93 5.36
N VAL A 376 81.20 -11.73 5.94
CA VAL A 376 79.97 -12.27 5.37
C VAL A 376 79.74 -11.70 3.97
N TYR A 377 79.94 -10.39 3.80
CA TYR A 377 79.66 -9.80 2.50
C TYR A 377 80.71 -10.21 1.47
N GLU A 378 81.96 -10.40 1.91
CA GLU A 378 82.94 -10.95 0.99
C GLU A 378 82.52 -12.32 0.51
N GLU A 379 81.99 -13.16 1.40
CA GLU A 379 81.56 -14.50 0.97
C GLU A 379 80.33 -14.43 0.10
N MET A 380 79.43 -13.46 0.34
CA MET A 380 78.28 -13.31 -0.55
C MET A 380 78.71 -12.93 -1.96
N ASN A 381 79.71 -12.04 -2.08
CA ASN A 381 80.19 -11.68 -3.43
C ASN A 381 80.77 -12.89 -4.15
N LYS A 382 81.44 -13.78 -3.43
CA LYS A 382 81.98 -14.94 -4.09
C LYS A 382 80.91 -15.97 -4.41
N ALA A 383 79.91 -16.12 -3.53
CA ALA A 383 78.96 -17.23 -3.64
C ALA A 383 77.92 -17.02 -4.74
N PHE A 384 77.47 -15.78 -4.94
CA PHE A 384 76.35 -15.52 -5.83
C PHE A 384 76.82 -14.95 -7.17
N GLY A 385 75.99 -15.13 -8.18
CA GLY A 385 76.37 -14.68 -9.49
C GLY A 385 76.29 -13.17 -9.66
N ARG A 386 76.78 -12.73 -10.80
CA ARG A 386 76.70 -11.33 -11.15
C ARG A 386 75.25 -10.88 -11.35
N ASP A 387 74.33 -11.80 -11.56
CA ASP A 387 72.92 -11.48 -11.69
C ASP A 387 72.17 -11.44 -10.35
N VAL A 388 72.88 -11.50 -9.21
CA VAL A 388 72.23 -11.48 -7.90
C VAL A 388 71.45 -10.17 -7.73
N CYS A 389 70.32 -10.27 -7.05
CA CYS A 389 69.47 -9.12 -6.73
C CYS A 389 69.33 -9.05 -5.20
N TYR A 390 69.92 -8.04 -4.58
CA TYR A 390 69.92 -7.94 -3.13
C TYR A 390 68.73 -7.13 -2.64
N VAL A 391 68.18 -7.54 -1.49
CA VAL A 391 67.09 -6.82 -0.83
C VAL A 391 67.48 -6.53 0.61
N THR A 392 67.35 -5.27 1.03
CA THR A 392 67.76 -4.91 2.39
C THR A 392 67.07 -3.63 2.83
N THR A 393 67.22 -3.31 4.12
CA THR A 393 66.56 -2.17 4.74
C THR A 393 67.50 -1.20 5.44
N ILE A 394 67.93 -1.50 6.67
CA ILE A 394 68.67 -0.52 7.47
C ILE A 394 69.34 -1.25 8.62
N GLY A 395 70.33 -0.61 9.24
CA GLY A 395 71.15 -1.20 10.27
C GLY A 395 72.60 -1.32 9.83
N LEU A 396 73.44 -1.70 10.79
CA LEU A 396 74.83 -1.95 10.44
C LEU A 396 74.93 -3.06 9.39
N SER A 397 73.97 -3.99 9.41
CA SER A 397 73.87 -5.01 8.39
C SER A 397 73.83 -4.39 7.02
N GLN A 398 72.92 -3.43 6.83
CA GLN A 398 72.66 -2.82 5.52
C GLN A 398 73.75 -1.83 5.12
N ILE A 399 74.28 -1.09 6.09
CA ILE A 399 75.29 -0.07 5.76
C ILE A 399 76.58 -0.73 5.30
N ALA A 400 77.06 -1.71 6.08
CA ALA A 400 78.25 -2.43 5.64
C ALA A 400 77.97 -3.22 4.38
N ALA A 401 76.75 -3.73 4.21
CA ALA A 401 76.41 -4.41 2.97
C ALA A 401 76.58 -3.49 1.77
N ALA A 402 76.11 -2.24 1.89
CA ALA A 402 76.21 -1.31 0.78
C ALA A 402 77.65 -0.90 0.54
N GLN A 403 78.47 -0.90 1.61
CA GLN A 403 79.88 -0.60 1.51
C GLN A 403 80.69 -1.71 0.82
N MET A 404 80.20 -2.95 0.84
CA MET A 404 81.06 -4.09 0.54
C MET A 404 80.50 -5.05 -0.50
N LEU A 405 79.18 -5.12 -0.69
CA LEU A 405 78.59 -5.94 -1.75
C LEU A 405 78.72 -5.23 -3.08
N HIS A 406 78.52 -5.98 -4.18
CA HIS A 406 78.56 -5.39 -5.51
C HIS A 406 77.40 -5.86 -6.36
N VAL A 407 76.98 -4.96 -7.24
CA VAL A 407 75.75 -5.07 -7.99
C VAL A 407 76.09 -4.70 -9.44
N PHE A 408 75.35 -5.28 -10.40
CA PHE A 408 75.76 -5.19 -11.80
C PHE A 408 74.61 -4.89 -12.76
N LYS A 409 73.40 -4.66 -12.26
CA LYS A 409 72.30 -4.31 -13.16
C LYS A 409 71.31 -3.47 -12.36
N ASP A 410 70.59 -2.59 -13.06
CA ASP A 410 69.63 -1.73 -12.34
C ASP A 410 68.48 -2.57 -11.81
N ARG A 411 67.99 -2.16 -10.64
CA ARG A 411 66.98 -2.90 -9.87
C ARG A 411 67.50 -4.25 -9.37
N HIS A 412 68.81 -4.34 -9.13
CA HIS A 412 69.37 -5.44 -8.35
C HIS A 412 69.88 -4.99 -6.98
N TRP A 413 69.66 -3.73 -6.62
CA TRP A 413 69.74 -3.27 -5.23
C TRP A 413 68.36 -2.75 -4.84
N ILE A 414 67.60 -3.50 -4.03
CA ILE A 414 66.23 -3.14 -3.67
C ILE A 414 66.25 -2.69 -2.21
N ASN A 415 66.12 -1.38 -1.99
CA ASN A 415 66.40 -0.82 -0.67
C ASN A 415 65.52 0.40 -0.46
N CYS A 416 64.86 0.48 0.69
CA CYS A 416 64.01 1.63 1.03
C CYS A 416 64.92 2.69 1.64
N GLY A 417 65.56 3.47 0.77
CA GLY A 417 66.68 4.29 1.24
C GLY A 417 66.31 5.53 2.04
N GLN A 418 65.11 6.07 1.87
CA GLN A 418 64.82 7.28 2.62
C GLN A 418 64.07 6.99 3.93
N ALA A 419 63.16 6.03 3.96
CA ALA A 419 62.35 5.79 5.16
C ALA A 419 62.90 4.69 6.06
N GLY A 420 63.45 3.61 5.48
CA GLY A 420 64.08 2.58 6.25
C GLY A 420 63.27 1.92 7.36
N PRO A 421 62.03 1.49 7.09
CA PRO A 421 61.23 0.84 8.16
C PRO A 421 61.71 -0.57 8.44
N LEU A 422 62.00 -0.86 9.71
CA LEU A 422 62.36 -2.21 10.10
C LEU A 422 61.22 -3.16 9.77
N GLY A 423 61.57 -4.38 9.32
CA GLY A 423 60.61 -5.36 8.88
C GLY A 423 60.34 -5.37 7.39
N TRP A 424 60.89 -4.40 6.67
CA TRP A 424 60.67 -4.27 5.24
C TRP A 424 61.25 -5.44 4.46
N THR A 425 62.32 -6.07 4.95
CA THR A 425 63.16 -6.87 4.07
C THR A 425 62.46 -8.16 3.61
N ILE A 426 61.90 -8.92 4.54
CA ILE A 426 61.26 -10.17 4.13
C ILE A 426 60.10 -9.91 3.17
N PRO A 427 59.10 -9.10 3.51
CA PRO A 427 58.01 -8.89 2.54
C PRO A 427 58.48 -8.25 1.22
N ALA A 428 59.46 -7.33 1.25
CA ALA A 428 59.92 -6.75 -0.02
C ALA A 428 60.56 -7.80 -0.91
N ALA A 429 61.34 -8.70 -0.32
CA ALA A 429 61.97 -9.77 -1.06
C ALA A 429 60.94 -10.71 -1.68
N LEU A 430 59.88 -11.06 -0.92
CA LEU A 430 58.80 -11.87 -1.50
C LEU A 430 58.12 -11.14 -2.67
N GLY A 431 57.96 -9.82 -2.55
CA GLY A 431 57.36 -9.08 -3.65
C GLY A 431 58.24 -9.05 -4.89
N VAL A 432 59.57 -8.97 -4.71
CA VAL A 432 60.47 -9.06 -5.85
C VAL A 432 60.35 -10.43 -6.51
N CYS A 433 60.31 -11.49 -5.70
CA CYS A 433 60.21 -12.83 -6.26
C CYS A 433 58.89 -13.03 -6.97
N ALA A 434 57.81 -12.44 -6.45
CA ALA A 434 56.52 -12.50 -7.14
C ALA A 434 56.56 -11.74 -8.45
N ALA A 435 57.28 -10.61 -8.51
CA ALA A 435 57.40 -9.89 -9.76
C ALA A 435 58.18 -10.69 -10.79
N ASP A 436 59.17 -11.47 -10.35
CA ASP A 436 60.11 -12.10 -11.28
C ASP A 436 60.60 -13.40 -10.66
N PRO A 437 59.89 -14.50 -10.93
CA PRO A 437 60.33 -15.80 -10.40
C PRO A 437 61.71 -16.25 -10.87
N LYS A 438 62.25 -15.69 -11.95
CA LYS A 438 63.62 -16.05 -12.32
C LYS A 438 64.68 -15.19 -11.65
N ARG A 439 64.31 -14.16 -10.90
CA ARG A 439 65.29 -13.30 -10.24
C ARG A 439 66.02 -14.07 -9.13
N ASN A 440 67.35 -13.87 -9.04
CA ASN A 440 68.19 -14.52 -8.03
C ASN A 440 68.23 -13.62 -6.80
N VAL A 441 67.21 -13.74 -5.96
CA VAL A 441 67.00 -12.79 -4.87
C VAL A 441 67.73 -13.24 -3.61
N VAL A 442 68.55 -12.34 -3.06
CA VAL A 442 69.25 -12.57 -1.79
C VAL A 442 69.01 -11.38 -0.88
N ALA A 443 68.42 -11.61 0.29
CA ALA A 443 68.12 -10.55 1.22
C ALA A 443 69.17 -10.47 2.32
N ILE A 444 69.37 -9.29 2.89
CA ILE A 444 70.27 -9.10 4.05
C ILE A 444 69.52 -8.38 5.16
N SER A 445 69.47 -8.98 6.35
CA SER A 445 68.90 -8.35 7.54
C SER A 445 69.84 -8.52 8.71
N GLY A 446 69.77 -7.57 9.67
CA GLY A 446 70.15 -7.84 11.04
C GLY A 446 69.04 -8.58 11.79
N ASP A 447 69.35 -8.99 13.04
CA ASP A 447 68.37 -9.78 13.79
C ASP A 447 67.11 -8.98 14.14
N PHE A 448 67.24 -7.69 14.44
CA PHE A 448 66.08 -6.89 14.83
C PHE A 448 65.16 -6.68 13.64
N ASP A 449 65.71 -6.23 12.50
CA ASP A 449 64.94 -6.14 11.26
C ASP A 449 64.23 -7.46 10.98
N PHE A 450 64.97 -8.56 11.11
CA PHE A 450 64.40 -9.86 10.77
C PHE A 450 63.20 -10.22 11.67
N GLN A 451 63.22 -9.78 12.92
CA GLN A 451 62.16 -10.13 13.85
C GLN A 451 60.85 -9.36 13.65
N PHE A 452 60.91 -8.11 13.18
CA PHE A 452 59.70 -7.26 13.11
C PHE A 452 58.54 -7.97 12.41
N LEU A 453 58.79 -8.50 11.22
CA LEU A 453 57.78 -9.12 10.38
C LEU A 453 58.20 -10.54 10.03
N ILE A 454 58.79 -11.24 11.00
CA ILE A 454 59.35 -12.57 10.78
C ILE A 454 58.27 -13.52 10.28
N GLU A 455 57.00 -13.27 10.62
CA GLU A 455 55.93 -14.20 10.29
C GLU A 455 55.70 -14.30 8.80
N GLU A 456 56.19 -13.32 8.04
CA GLU A 456 56.02 -13.35 6.60
C GLU A 456 56.79 -14.50 5.93
N LEU A 457 57.76 -15.10 6.63
CA LEU A 457 58.42 -16.28 6.06
C LEU A 457 57.41 -17.36 5.73
N ALA A 458 56.33 -17.46 6.54
CA ALA A 458 55.31 -18.47 6.30
C ALA A 458 54.54 -18.19 5.04
N VAL A 459 54.51 -16.93 4.59
CA VAL A 459 53.97 -16.64 3.27
C VAL A 459 54.82 -17.30 2.20
N GLY A 460 56.14 -17.20 2.34
CA GLY A 460 57.00 -17.86 1.37
C GLY A 460 56.80 -19.36 1.40
N ALA A 461 56.55 -19.93 2.58
CA ALA A 461 56.30 -21.37 2.68
C ALA A 461 54.97 -21.74 2.04
N GLN A 462 53.89 -21.02 2.39
CA GLN A 462 52.58 -21.43 1.90
C GLN A 462 52.51 -21.34 0.38
N PHE A 463 53.17 -20.36 -0.21
CA PHE A 463 53.05 -20.16 -1.65
C PHE A 463 54.28 -20.63 -2.40
N ASN A 464 55.25 -21.25 -1.73
CA ASN A 464 56.48 -21.70 -2.40
C ASN A 464 57.15 -20.56 -3.17
N ILE A 465 57.57 -19.54 -2.42
CA ILE A 465 58.31 -18.44 -3.03
C ILE A 465 59.74 -18.53 -2.52
N PRO A 466 60.68 -19.01 -3.32
CA PRO A 466 62.03 -19.27 -2.81
C PRO A 466 62.98 -18.09 -3.01
N TYR A 467 63.81 -17.85 -2.01
CA TYR A 467 64.91 -16.88 -2.07
C TYR A 467 65.79 -17.22 -0.88
N ILE A 468 66.98 -16.62 -0.83
CA ILE A 468 67.90 -16.80 0.28
C ILE A 468 67.93 -15.54 1.13
N HIS A 469 67.77 -15.71 2.44
CA HIS A 469 67.85 -14.62 3.41
C HIS A 469 69.13 -14.79 4.23
N VAL A 470 70.04 -13.85 4.09
CA VAL A 470 71.23 -13.80 4.94
C VAL A 470 70.88 -12.98 6.20
N LEU A 471 71.07 -13.59 7.36
CA LEU A 471 70.71 -13.04 8.66
C LEU A 471 72.00 -12.90 9.45
N VAL A 472 72.39 -11.67 9.76
CA VAL A 472 73.63 -11.46 10.50
C VAL A 472 73.23 -11.04 11.91
N ASN A 473 73.54 -11.89 12.88
CA ASN A 473 72.93 -11.83 14.22
C ASN A 473 73.99 -11.40 15.23
N ASN A 474 73.87 -10.18 15.74
CA ASN A 474 74.72 -9.72 16.84
C ASN A 474 73.98 -9.60 18.18
N ALA A 475 72.72 -10.04 18.26
CA ALA A 475 71.86 -9.86 19.45
C ALA A 475 71.84 -8.40 19.93
N TYR A 476 71.86 -7.46 18.99
CA TYR A 476 71.92 -6.03 19.30
C TYR A 476 71.09 -5.27 18.29
N LEU A 477 70.56 -4.10 18.69
CA LEU A 477 70.24 -3.06 17.71
C LEU A 477 71.55 -2.34 17.41
N GLY A 478 72.32 -2.89 16.46
CA GLY A 478 73.71 -2.50 16.35
C GLY A 478 73.92 -1.05 15.92
N LEU A 479 73.13 -0.58 14.96
CA LEU A 479 73.26 0.81 14.54
C LEU A 479 72.95 1.76 15.70
N ILE A 480 72.04 1.39 16.60
CA ILE A 480 71.67 2.32 17.68
C ILE A 480 72.69 2.27 18.80
N ARG A 481 73.25 1.10 19.07
CA ARG A 481 74.41 1.02 19.94
C ARG A 481 75.51 1.96 19.46
N GLN A 482 75.86 1.90 18.18
CA GLN A 482 76.97 2.71 17.71
C GLN A 482 76.65 4.19 17.81
N SER A 483 75.40 4.58 17.49
CA SER A 483 75.04 5.99 17.65
C SER A 483 74.98 6.42 19.11
N GLN A 484 74.81 5.48 20.05
CA GLN A 484 74.78 5.84 21.45
C GLN A 484 76.15 6.11 22.04
N MET A 485 77.22 5.80 21.30
CA MET A 485 78.57 6.07 21.81
C MET A 485 78.79 7.56 22.07
N ALA A 486 78.15 8.42 21.29
CA ALA A 486 78.22 9.87 21.53
C ALA A 486 77.57 10.28 22.85
N PHE A 487 76.67 9.46 23.39
CA PHE A 487 76.07 9.69 24.69
C PHE A 487 76.70 8.83 25.78
N ASP A 488 77.85 8.22 25.48
CA ASP A 488 78.62 7.40 26.42
C ASP A 488 77.73 6.40 27.15
N MET A 489 76.94 5.65 26.38
CA MET A 489 75.99 4.72 26.97
C MET A 489 75.74 3.56 26.04
N ASP A 490 75.11 2.53 26.60
CA ASP A 490 74.72 1.32 25.89
C ASP A 490 73.44 0.89 26.60
N TYR A 491 72.28 1.28 26.06
CA TYR A 491 71.06 1.33 26.85
C TYR A 491 69.85 0.98 25.99
N CYS A 492 69.14 -0.07 26.38
CA CYS A 492 67.94 -0.54 25.68
C CYS A 492 68.22 -0.94 24.24
N VAL A 493 69.41 -1.47 23.94
CA VAL A 493 69.73 -1.89 22.59
C VAL A 493 70.12 -3.35 22.48
N GLN A 494 70.09 -4.10 23.57
CA GLN A 494 70.51 -5.51 23.55
C GLN A 494 69.30 -6.44 23.48
N LEU A 495 69.42 -7.49 22.69
CA LEU A 495 68.37 -8.49 22.50
C LEU A 495 68.72 -9.84 23.10
N ALA A 496 69.91 -9.99 23.67
CA ALA A 496 70.38 -11.26 24.21
C ALA A 496 69.56 -11.72 25.42
N PHE A 497 69.37 -13.03 25.53
CA PHE A 497 68.90 -13.69 26.74
C PHE A 497 69.24 -15.18 26.66
N GLU A 498 69.28 -15.84 27.82
CA GLU A 498 69.52 -17.29 27.85
C GLU A 498 68.26 -18.00 27.38
N ASN A 499 68.29 -18.54 26.18
CA ASN A 499 67.09 -19.17 25.62
C ASN A 499 66.85 -20.51 26.31
N ILE A 500 65.69 -20.65 26.96
CA ILE A 500 65.44 -21.83 27.79
C ILE A 500 65.22 -23.08 26.97
N ASN A 501 65.05 -22.95 25.65
CA ASN A 501 64.93 -24.10 24.75
C ASN A 501 66.17 -24.36 23.89
N SER A 502 67.22 -23.53 24.00
CA SER A 502 68.33 -23.61 23.06
C SER A 502 69.62 -23.10 23.68
N SER A 503 70.32 -23.94 24.44
CA SER A 503 71.61 -23.52 24.96
C SER A 503 72.64 -23.34 23.84
N GLU A 504 72.38 -23.89 22.65
CA GLU A 504 73.31 -23.75 21.53
C GLU A 504 73.35 -22.34 20.94
N VAL A 505 72.37 -21.47 21.20
CA VAL A 505 72.54 -20.08 20.76
C VAL A 505 73.40 -19.28 21.72
N ASN A 506 73.81 -19.87 22.84
CA ASN A 506 74.84 -19.29 23.72
C ASN A 506 74.48 -17.90 24.21
N GLY A 507 73.23 -17.72 24.62
CA GLY A 507 72.79 -16.46 25.19
C GLY A 507 72.45 -15.40 24.18
N TYR A 508 72.36 -15.75 22.89
CA TYR A 508 72.01 -14.75 21.89
C TYR A 508 70.52 -14.48 21.85
N GLY A 509 69.72 -15.22 22.62
CA GLY A 509 68.28 -14.95 22.69
C GLY A 509 67.51 -15.80 21.68
N VAL A 510 66.85 -15.14 20.73
CA VAL A 510 65.98 -15.86 19.80
C VAL A 510 66.76 -16.89 19.01
N ASP A 511 66.16 -18.08 18.84
CA ASP A 511 66.68 -19.16 18.00
C ASP A 511 66.01 -19.05 16.62
N HIS A 512 66.69 -18.36 15.70
CA HIS A 512 66.09 -18.07 14.39
C HIS A 512 65.95 -19.31 13.52
N VAL A 513 66.81 -20.33 13.73
CA VAL A 513 66.64 -21.59 13.02
C VAL A 513 65.33 -22.25 13.41
N LYS A 514 65.06 -22.37 14.72
CA LYS A 514 63.80 -22.97 15.17
C LYS A 514 62.59 -22.16 14.70
N VAL A 515 62.67 -20.82 14.77
CA VAL A 515 61.54 -20.00 14.35
C VAL A 515 61.31 -20.14 12.85
N ALA A 516 62.38 -20.11 12.06
CA ALA A 516 62.21 -20.19 10.62
C ALA A 516 61.62 -21.54 10.24
N GLU A 517 62.05 -22.61 10.93
CA GLU A 517 61.56 -23.94 10.63
C GLU A 517 60.10 -24.09 11.03
N GLY A 518 59.69 -23.52 12.16
CA GLY A 518 58.29 -23.58 12.55
C GLY A 518 57.40 -22.84 11.56
N LEU A 519 57.94 -21.82 10.91
CA LEU A 519 57.23 -21.09 9.88
C LEU A 519 57.23 -21.82 8.54
N GLY A 520 57.86 -22.98 8.44
CA GLY A 520 57.82 -23.77 7.21
C GLY A 520 58.95 -23.56 6.25
N CYS A 521 60.01 -22.87 6.66
CA CYS A 521 61.15 -22.57 5.80
C CYS A 521 62.35 -23.44 6.20
N LYS A 522 63.44 -23.33 5.44
CA LYS A 522 64.68 -23.99 5.84
C LYS A 522 65.65 -22.96 6.42
N ALA A 523 66.57 -23.43 7.28
CA ALA A 523 67.51 -22.54 7.94
C ALA A 523 68.80 -23.27 8.27
N ILE A 524 69.92 -22.55 8.15
CA ILE A 524 71.25 -23.02 8.54
C ILE A 524 71.88 -21.93 9.39
N ARG A 525 72.55 -22.33 10.47
CA ARG A 525 73.32 -21.42 11.33
C ARG A 525 74.82 -21.67 11.17
N VAL A 526 75.59 -20.57 11.13
CA VAL A 526 77.03 -20.61 10.89
C VAL A 526 77.74 -19.86 12.01
N PHE A 527 78.71 -20.54 12.66
CA PHE A 527 79.52 -19.92 13.71
C PHE A 527 80.91 -19.54 13.27
N LYS A 528 81.43 -20.14 12.21
CA LYS A 528 82.82 -19.95 11.84
C LYS A 528 82.91 -19.43 10.42
N PRO A 529 83.86 -18.53 10.14
CA PRO A 529 83.90 -17.89 8.81
C PRO A 529 84.08 -18.85 7.66
N GLU A 530 84.82 -19.95 7.85
CA GLU A 530 85.06 -20.90 6.78
C GLU A 530 83.83 -21.73 6.44
N ASP A 531 82.82 -21.74 7.32
CA ASP A 531 81.57 -22.44 7.08
C ASP A 531 80.53 -21.60 6.34
N ILE A 532 80.79 -20.31 6.11
CA ILE A 532 79.82 -19.49 5.41
C ILE A 532 79.64 -19.96 3.97
N ALA A 533 80.74 -20.11 3.25
CA ALA A 533 80.62 -20.50 1.84
C ALA A 533 79.90 -21.84 1.66
N PRO A 534 80.24 -22.93 2.36
CA PRO A 534 79.44 -24.15 2.19
C PRO A 534 77.98 -23.95 2.53
N ALA A 535 77.67 -23.09 3.52
CA ALA A 535 76.28 -22.86 3.91
C ALA A 535 75.50 -22.22 2.77
N PHE A 536 76.10 -21.26 2.07
CA PHE A 536 75.41 -20.69 0.92
C PHE A 536 75.18 -21.74 -0.14
N GLU A 537 76.09 -22.72 -0.28
CA GLU A 537 75.89 -23.78 -1.26
C GLU A 537 74.76 -24.72 -0.84
N GLN A 538 74.68 -25.09 0.44
CA GLN A 538 73.56 -25.94 0.84
C GLN A 538 72.25 -25.19 0.67
N ALA A 539 72.27 -23.89 0.98
CA ALA A 539 71.05 -23.09 0.87
C ALA A 539 70.54 -23.08 -0.57
N LYS A 540 71.42 -22.96 -1.55
CA LYS A 540 70.96 -23.02 -2.93
C LYS A 540 70.32 -24.36 -3.24
N ALA A 541 70.90 -25.43 -2.68
CA ALA A 541 70.39 -26.77 -2.92
C ALA A 541 69.06 -26.97 -2.20
N LEU A 542 68.99 -26.56 -0.93
CA LEU A 542 67.73 -26.66 -0.21
C LEU A 542 66.65 -25.83 -0.88
N MET A 543 67.03 -24.69 -1.47
CA MET A 543 66.04 -23.85 -2.12
C MET A 543 65.48 -24.53 -3.37
N ALA A 544 66.35 -25.14 -4.17
CA ALA A 544 65.89 -25.86 -5.34
C ALA A 544 65.03 -27.06 -4.97
N GLN A 545 65.33 -27.69 -3.83
CA GLN A 545 64.65 -28.92 -3.46
C GLN A 545 63.26 -28.64 -2.88
N TYR A 546 63.15 -27.72 -1.93
CA TYR A 546 61.88 -27.46 -1.27
C TYR A 546 61.14 -26.25 -1.82
N ARG A 547 61.80 -25.37 -2.58
CA ARG A 547 61.16 -24.16 -3.11
C ARG A 547 60.47 -23.34 -2.01
N VAL A 548 61.21 -23.03 -0.96
CA VAL A 548 60.74 -22.13 0.10
C VAL A 548 61.88 -21.19 0.44
N PRO A 549 61.65 -20.12 1.22
CA PRO A 549 62.79 -19.31 1.69
C PRO A 549 63.76 -20.16 2.50
N VAL A 550 65.05 -19.88 2.34
CA VAL A 550 66.11 -20.53 3.12
C VAL A 550 66.90 -19.44 3.83
N VAL A 551 66.94 -19.51 5.15
CA VAL A 551 67.63 -18.54 5.99
C VAL A 551 69.01 -19.07 6.33
N VAL A 552 70.05 -18.27 6.09
CA VAL A 552 71.40 -18.56 6.55
C VAL A 552 71.75 -17.54 7.62
N GLU A 553 71.84 -17.99 8.86
CA GLU A 553 72.11 -17.11 9.99
C GLU A 553 73.59 -17.19 10.32
N VAL A 554 74.27 -16.06 10.32
CA VAL A 554 75.66 -15.99 10.74
C VAL A 554 75.71 -15.37 12.13
N ILE A 555 76.35 -16.05 13.08
CA ILE A 555 76.50 -15.53 14.43
C ILE A 555 77.69 -14.59 14.43
N LEU A 556 77.42 -13.29 14.56
CA LEU A 556 78.45 -12.26 14.59
C LEU A 556 79.00 -12.07 15.99
N GLU A 557 80.19 -11.48 16.07
CA GLU A 557 80.61 -10.85 17.32
C GLU A 557 79.61 -9.76 17.73
N ARG A 558 79.48 -9.56 19.04
CA ARG A 558 78.41 -8.67 19.51
C ARG A 558 78.58 -7.24 19.02
N VAL A 559 79.82 -6.75 18.92
CA VAL A 559 80.08 -5.33 18.73
C VAL A 559 81.05 -5.12 17.57
N THR A 560 80.58 -4.48 16.50
CA THR A 560 81.45 -4.05 15.42
C THR A 560 81.03 -2.64 15.06
N ASN A 561 81.99 -1.72 15.01
CA ASN A 561 81.69 -0.34 14.63
C ASN A 561 81.95 -0.15 13.12
N ILE A 562 80.88 0.07 12.33
CA ILE A 562 80.97 0.31 10.90
C ILE A 562 81.47 1.73 10.63
N SER A 563 82.21 1.89 9.53
CA SER A 563 82.74 3.20 9.18
C SER A 563 81.60 4.17 8.84
N MET A 564 81.68 5.39 9.37
CA MET A 564 80.70 6.44 9.11
C MET A 564 81.20 7.74 9.73
N GLY A 565 80.62 8.86 9.30
CA GLY A 565 80.98 10.15 9.89
C GLY A 565 79.99 11.24 9.52
N SER A 566 80.31 12.46 9.92
CA SER A 566 79.41 13.59 9.73
C SER A 566 79.64 14.41 8.47
N GLU A 567 80.76 14.18 7.77
CA GLU A 567 81.08 14.88 6.53
C GLU A 567 81.83 13.92 5.61
N LEU A 568 81.90 14.25 4.32
CA LEU A 568 82.63 13.40 3.39
C LEU A 568 84.10 13.28 3.80
N ASP A 569 84.67 14.35 4.34
CA ASP A 569 86.07 14.30 4.72
C ASP A 569 86.28 13.92 6.18
N ASN A 570 85.24 13.42 6.86
CA ASN A 570 85.32 13.15 8.29
C ASN A 570 84.83 11.74 8.63
N VAL A 571 84.77 10.83 7.67
CA VAL A 571 84.29 9.47 7.94
C VAL A 571 85.35 8.73 8.76
N MET A 572 84.96 8.24 9.93
CA MET A 572 85.89 7.53 10.81
C MET A 572 85.94 6.06 10.43
N GLU A 573 87.16 5.54 10.29
CA GLU A 573 87.38 4.12 10.05
C GLU A 573 87.73 3.46 11.39
N PHE A 574 86.77 2.69 11.95
CA PHE A 574 87.01 2.02 13.21
C PHE A 574 87.74 0.70 13.01
N GLU A 575 87.24 -0.12 12.08
CA GLU A 575 87.87 -1.38 11.72
C GLU A 575 89.04 -1.14 10.78
N ASP A 576 89.78 -2.20 10.48
CA ASP A 576 90.99 -2.08 9.69
C ASP A 576 90.66 -1.59 8.28
N ILE A 577 91.47 -0.66 7.77
CA ILE A 577 91.41 -0.29 6.36
C ILE A 577 92.27 -1.28 5.59
N ALA A 578 92.30 -1.14 4.27
CA ALA A 578 93.13 -1.97 3.42
C ALA A 578 93.58 -1.17 2.22
N ASP A 579 94.78 -1.49 1.72
CA ASP A 579 95.24 -0.93 0.45
C ASP A 579 95.73 -2.02 -0.49
N ASN A 580 95.37 -3.27 -0.24
CA ASN A 580 95.85 -4.43 -0.97
C ASN A 580 94.70 -5.39 -1.14
N ALA A 581 94.73 -6.13 -2.24
CA ALA A 581 93.60 -7.01 -2.54
C ALA A 581 93.45 -8.15 -1.53
N ALA A 582 94.53 -8.59 -0.89
CA ALA A 582 94.41 -9.72 0.03
C ALA A 582 93.45 -9.39 1.18
N ASP A 583 93.44 -8.14 1.64
CA ASP A 583 92.54 -7.80 2.72
C ASP A 583 91.12 -7.57 2.21
N ALA A 584 90.97 -7.19 0.95
CA ALA A 584 89.66 -6.86 0.36
C ALA A 584 89.53 -7.52 -1.00
N PRO A 585 89.42 -8.85 -1.04
CA PRO A 585 89.58 -9.59 -2.31
C PRO A 585 88.40 -9.51 -3.28
N THR A 586 87.22 -9.00 -2.89
CA THR A 586 86.07 -8.99 -3.79
C THR A 586 85.81 -7.62 -4.43
N GLU A 587 86.68 -6.64 -4.24
CA GLU A 587 86.56 -5.44 -5.07
C GLU A 587 86.63 -5.85 -6.54
N THR A 588 85.85 -5.17 -7.39
CA THR A 588 85.80 -5.56 -8.79
C THR A 588 87.15 -5.39 -9.49
N CYS A 589 87.99 -4.51 -8.99
CA CYS A 589 89.31 -4.35 -9.55
C CYS A 589 90.11 -5.65 -9.48
N PHE A 590 89.79 -6.51 -8.52
CA PHE A 590 90.57 -7.70 -8.25
C PHE A 590 89.86 -8.99 -8.60
N MET A 591 88.56 -8.94 -8.82
CA MET A 591 87.76 -10.14 -8.94
C MET A 591 86.88 -10.04 -10.17
N HIS A 592 86.86 -11.10 -10.96
CA HIS A 592 85.97 -11.16 -12.09
C HIS A 592 84.62 -11.69 -11.62
N TYR A 593 83.56 -10.94 -11.88
CA TYR A 593 82.23 -11.32 -11.43
C TYR A 593 81.54 -12.09 -12.55
N GLU A 594 81.60 -13.41 -12.44
CA GLU A 594 80.67 -14.33 -13.08
C GLU A 594 80.80 -14.35 -14.59
N GLY B 1 72.02 36.88 -19.01
CA GLY B 1 72.77 35.75 -18.46
C GLY B 1 72.60 35.65 -16.96
N MET B 2 73.32 34.72 -16.34
CA MET B 2 73.16 34.47 -14.91
C MET B 2 73.70 35.61 -14.07
N ALA B 3 73.03 35.90 -12.96
CA ALA B 3 73.38 37.04 -12.14
C ALA B 3 72.86 36.82 -10.71
N LYS B 4 73.57 37.42 -9.76
CA LYS B 4 73.07 37.54 -8.40
C LYS B 4 71.88 38.49 -8.36
N MET B 5 70.82 38.08 -7.68
CA MET B 5 69.66 38.94 -7.49
C MET B 5 68.87 38.38 -6.32
N ARG B 6 67.95 39.18 -5.80
CA ARG B 6 67.05 38.69 -4.76
C ARG B 6 66.09 37.67 -5.34
N ALA B 7 65.57 36.80 -4.47
CA ALA B 7 64.59 35.83 -4.95
C ALA B 7 63.40 36.54 -5.63
N VAL B 8 62.99 37.70 -5.13
CA VAL B 8 61.87 38.39 -5.75
C VAL B 8 62.24 38.97 -7.11
N ASP B 9 63.51 39.32 -7.34
CA ASP B 9 63.90 39.74 -8.68
C ASP B 9 63.78 38.58 -9.68
N ALA B 10 64.20 37.37 -9.27
CA ALA B 10 64.00 36.20 -10.12
C ALA B 10 62.52 35.91 -10.33
N ALA B 11 61.69 36.13 -9.31
CA ALA B 11 60.26 35.96 -9.48
C ALA B 11 59.69 36.89 -10.55
N MET B 12 60.22 38.10 -10.67
CA MET B 12 59.74 39.01 -11.71
C MET B 12 60.08 38.50 -13.10
N TYR B 13 61.28 37.95 -13.29
CA TYR B 13 61.63 37.39 -14.57
C TYR B 13 60.74 36.21 -14.90
N VAL B 14 60.42 35.40 -13.88
CA VAL B 14 59.57 34.24 -14.13
C VAL B 14 58.18 34.70 -14.55
N LEU B 15 57.61 35.65 -13.81
CA LEU B 15 56.27 36.15 -14.16
C LEU B 15 56.27 36.76 -15.55
N GLU B 16 57.36 37.43 -15.92
CA GLU B 16 57.47 38.00 -17.26
C GLU B 16 57.46 36.92 -18.32
N LYS B 17 58.28 35.87 -18.15
CA LYS B 17 58.34 34.80 -19.14
C LYS B 17 57.03 34.03 -19.22
N GLU B 18 56.29 33.96 -18.12
CA GLU B 18 55.00 33.27 -18.10
C GLU B 18 53.87 34.15 -18.61
N GLY B 19 54.16 35.37 -19.06
CA GLY B 19 53.18 36.22 -19.72
C GLY B 19 52.41 37.19 -18.82
N ILE B 20 52.75 37.30 -17.54
CA ILE B 20 52.06 38.27 -16.67
C ILE B 20 52.41 39.70 -17.11
N THR B 21 51.39 40.55 -17.21
CA THR B 21 51.62 41.97 -17.45
C THR B 21 50.90 42.86 -16.46
N THR B 22 50.05 42.32 -15.60
CA THR B 22 49.15 43.06 -14.73
C THR B 22 49.07 42.37 -13.38
N ALA B 23 48.88 43.16 -12.33
CA ALA B 23 48.64 42.65 -10.99
C ALA B 23 47.69 43.58 -10.26
N PHE B 24 46.85 43.00 -9.41
CA PHE B 24 45.95 43.75 -8.55
C PHE B 24 46.33 43.45 -7.11
N GLY B 25 46.40 44.47 -6.27
CA GLY B 25 46.94 44.17 -4.96
C GLY B 25 46.78 45.31 -3.97
N VAL B 26 47.21 45.02 -2.74
CA VAL B 26 47.35 45.95 -1.63
C VAL B 26 48.69 45.66 -0.96
N PRO B 27 49.64 46.59 -0.96
CA PRO B 27 50.93 46.33 -0.33
C PRO B 27 50.87 46.34 1.18
N GLY B 28 51.91 45.78 1.78
CA GLY B 28 52.14 45.78 3.20
C GLY B 28 53.60 45.44 3.46
N ALA B 29 53.99 45.57 4.72
CA ALA B 29 55.40 45.50 5.06
C ALA B 29 55.98 44.15 4.68
N ALA B 30 55.21 43.07 4.87
CA ALA B 30 55.75 41.74 4.64
C ALA B 30 55.91 41.40 3.16
N ILE B 31 55.24 42.13 2.26
CA ILE B 31 55.32 41.90 0.82
C ILE B 31 56.04 43.05 0.11
N ASN B 32 56.58 44.03 0.87
CA ASN B 32 57.35 45.12 0.26
C ASN B 32 58.53 44.66 -0.61
N PRO B 33 59.33 43.65 -0.25
CA PRO B 33 60.41 43.26 -1.18
C PRO B 33 59.90 42.86 -2.56
N PHE B 34 58.76 42.18 -2.62
CA PHE B 34 58.17 41.85 -3.91
C PHE B 34 57.79 43.11 -4.67
N TYR B 35 57.16 44.07 -3.99
CA TYR B 35 56.79 45.32 -4.64
C TYR B 35 58.03 46.07 -5.10
N SER B 36 59.10 46.03 -4.32
CA SER B 36 60.34 46.67 -4.75
C SER B 36 60.86 46.04 -6.04
N ALA B 37 60.83 44.72 -6.12
CA ALA B 37 61.31 44.02 -7.31
C ALA B 37 60.40 44.27 -8.52
N MET B 38 59.08 44.33 -8.29
CA MET B 38 58.17 44.67 -9.37
C MET B 38 58.44 46.08 -9.91
N ARG B 39 58.70 47.03 -9.02
CA ARG B 39 58.98 48.40 -9.44
C ARG B 39 60.30 48.48 -10.20
N LYS B 40 61.30 47.73 -9.77
CA LYS B 40 62.59 47.80 -10.45
C LYS B 40 62.52 47.14 -11.82
N HIS B 41 61.80 46.02 -11.91
CA HIS B 41 61.66 45.31 -13.17
C HIS B 41 60.83 46.09 -14.19
N GLY B 42 59.75 46.71 -13.74
CA GLY B 42 58.90 47.47 -14.64
C GLY B 42 58.08 46.54 -15.51
N GLY B 43 57.07 47.10 -16.16
CA GLY B 43 56.35 46.22 -17.07
C GLY B 43 55.42 45.19 -16.44
N ILE B 44 55.17 45.27 -15.15
CA ILE B 44 53.91 44.78 -14.60
C ILE B 44 53.17 46.02 -14.11
N ARG B 45 52.04 46.32 -14.75
CA ARG B 45 51.14 47.38 -14.29
C ARG B 45 50.39 46.91 -13.04
N HIS B 46 50.57 47.61 -11.92
CA HIS B 46 49.87 47.31 -10.68
C HIS B 46 48.66 48.20 -10.56
N ILE B 47 47.52 47.63 -10.21
CA ILE B 47 46.30 48.37 -9.89
C ILE B 47 46.06 48.23 -8.39
N LEU B 48 46.04 49.34 -7.66
CA LEU B 48 45.85 49.32 -6.22
C LEU B 48 44.37 49.19 -5.89
N ALA B 49 43.99 48.13 -5.16
CA ALA B 49 42.59 47.95 -4.81
C ALA B 49 42.27 48.65 -3.49
N ARG B 50 40.98 48.78 -3.19
CA ARG B 50 40.57 49.38 -1.93
C ARG B 50 39.95 48.36 -0.96
N HIS B 51 40.24 47.08 -1.19
CA HIS B 51 39.95 45.97 -0.30
C HIS B 51 40.68 44.78 -0.89
N VAL B 52 41.34 43.98 -0.06
CA VAL B 52 42.05 42.84 -0.63
C VAL B 52 41.09 41.92 -1.37
N GLU B 53 39.86 41.76 -0.87
CA GLU B 53 38.90 40.92 -1.60
C GLU B 53 38.62 41.49 -2.98
N GLY B 54 38.68 42.82 -3.11
CA GLY B 54 38.50 43.43 -4.42
C GLY B 54 39.65 43.15 -5.37
N ALA B 55 40.89 43.15 -4.86
CA ALA B 55 41.99 42.77 -5.73
C ALA B 55 41.84 41.33 -6.20
N SER B 56 41.34 40.48 -5.31
CA SER B 56 41.26 39.06 -5.64
C SER B 56 40.19 38.77 -6.70
N HIS B 57 39.09 39.51 -6.69
CA HIS B 57 38.08 39.38 -7.74
C HIS B 57 38.44 40.14 -9.02
N MET B 58 39.24 41.21 -8.92
CA MET B 58 39.80 41.79 -10.13
C MET B 58 40.65 40.75 -10.87
N ALA B 59 41.41 39.97 -10.12
CA ALA B 59 42.23 38.93 -10.72
C ALA B 59 41.36 37.89 -11.41
N GLU B 60 40.21 37.54 -10.79
CA GLU B 60 39.30 36.59 -11.42
C GLU B 60 38.76 37.14 -12.74
N GLY B 61 38.30 38.39 -12.73
CA GLY B 61 37.76 38.96 -13.94
C GLY B 61 38.80 39.04 -15.03
N TYR B 62 40.05 39.33 -14.65
CA TYR B 62 41.15 39.40 -15.62
C TYR B 62 41.40 38.04 -16.26
N THR B 63 41.40 36.97 -15.47
CA THR B 63 41.50 35.63 -16.02
C THR B 63 40.36 35.34 -16.98
N ARG B 64 39.13 35.63 -16.56
CA ARG B 64 37.97 35.19 -17.34
C ARG B 64 37.82 35.94 -18.64
N ALA B 65 38.40 37.14 -18.77
CA ALA B 65 38.18 37.98 -19.94
C ALA B 65 38.75 37.35 -21.23
N THR B 66 39.89 36.69 -21.16
CA THR B 66 40.65 36.37 -22.35
C THR B 66 41.36 35.05 -22.13
N ALA B 67 41.23 34.12 -23.08
CA ALA B 67 41.86 32.82 -22.94
C ALA B 67 43.37 32.99 -22.79
N GLY B 68 43.94 32.23 -21.85
CA GLY B 68 45.36 32.33 -21.57
C GLY B 68 45.74 33.33 -20.49
N ASN B 69 44.87 34.29 -20.16
CA ASN B 69 45.13 35.24 -19.09
C ASN B 69 45.17 34.55 -17.72
N ILE B 70 46.03 35.05 -16.84
CA ILE B 70 46.05 34.62 -15.45
C ILE B 70 46.13 35.86 -14.57
N GLY B 71 45.02 36.23 -13.93
CA GLY B 71 45.05 37.37 -13.02
C GLY B 71 45.92 37.08 -11.81
N VAL B 72 46.63 38.13 -11.36
CA VAL B 72 47.55 38.03 -10.23
C VAL B 72 47.07 38.96 -9.10
N CYS B 73 47.01 38.44 -7.88
CA CYS B 73 46.52 39.15 -6.72
C CYS B 73 47.60 39.16 -5.63
N LEU B 74 48.03 40.35 -5.22
CA LEU B 74 49.11 40.51 -4.25
C LEU B 74 48.56 41.02 -2.93
N GLY B 75 49.14 40.56 -1.83
CA GLY B 75 48.77 41.06 -0.53
C GLY B 75 49.87 40.79 0.46
N THR B 76 49.72 41.36 1.66
CA THR B 76 50.71 41.19 2.70
C THR B 76 50.39 39.94 3.54
N SER B 77 51.00 39.80 4.71
CA SER B 77 50.80 38.63 5.55
C SER B 77 49.47 38.72 6.29
N GLY B 78 49.16 37.70 7.09
CA GLY B 78 48.02 37.77 7.98
C GLY B 78 46.69 37.90 7.29
N PRO B 79 45.93 38.93 7.63
CA PRO B 79 44.56 39.07 7.12
C PRO B 79 44.45 39.24 5.62
N ALA B 80 45.51 39.64 4.93
CA ALA B 80 45.43 39.75 3.48
C ALA B 80 45.14 38.39 2.84
N GLY B 81 45.85 37.35 3.29
CA GLY B 81 45.57 36.03 2.78
C GLY B 81 44.18 35.54 3.14
N THR B 82 43.75 35.76 4.39
CA THR B 82 42.41 35.31 4.75
C THR B 82 41.35 36.05 3.96
N ASP B 83 41.65 37.28 3.53
CA ASP B 83 40.74 38.01 2.66
C ASP B 83 40.71 37.47 1.24
N MET B 84 41.65 36.61 0.85
CA MET B 84 41.67 36.07 -0.50
C MET B 84 40.93 34.75 -0.65
N ILE B 85 40.45 34.18 0.45
CA ILE B 85 39.91 32.83 0.43
C ILE B 85 38.66 32.76 -0.42
N THR B 86 37.80 33.77 -0.33
CA THR B 86 36.55 33.72 -1.08
C THR B 86 36.81 33.70 -2.59
N ALA B 87 37.79 34.46 -3.07
CA ALA B 87 38.17 34.39 -4.48
C ALA B 87 38.82 33.05 -4.83
N LEU B 88 39.64 32.49 -3.96
CA LEU B 88 40.22 31.19 -4.26
C LEU B 88 39.13 30.14 -4.37
N TYR B 89 38.13 30.20 -3.50
CA TYR B 89 37.00 29.30 -3.61
C TYR B 89 36.24 29.53 -4.91
N SER B 90 35.96 30.79 -5.23
CA SER B 90 35.18 31.09 -6.42
C SER B 90 35.93 30.71 -7.70
N ALA B 91 37.26 30.90 -7.74
CA ALA B 91 38.01 30.49 -8.93
C ALA B 91 38.05 28.97 -9.05
N SER B 92 38.37 28.27 -7.95
CA SER B 92 38.37 26.80 -7.96
C SER B 92 37.03 26.28 -8.43
N ALA B 93 35.95 26.83 -7.89
CA ALA B 93 34.63 26.28 -8.11
C ALA B 93 34.23 26.34 -9.59
N ASP B 94 34.78 27.29 -10.34
CA ASP B 94 34.48 27.45 -11.76
C ASP B 94 35.58 26.91 -12.67
N SER B 95 36.59 26.24 -12.11
CA SER B 95 37.71 25.69 -12.86
C SER B 95 38.53 26.75 -13.61
N ILE B 96 38.76 27.91 -12.98
CA ILE B 96 39.62 28.91 -13.59
C ILE B 96 40.75 29.31 -12.63
N PRO B 97 41.90 29.73 -13.14
CA PRO B 97 43.02 30.10 -12.28
C PRO B 97 43.11 31.57 -11.91
N ILE B 98 43.62 31.81 -10.70
CA ILE B 98 44.25 33.07 -10.34
C ILE B 98 45.52 32.72 -9.56
N LEU B 99 46.50 33.60 -9.61
CA LEU B 99 47.73 33.42 -8.82
C LEU B 99 47.70 34.43 -7.68
N CYS B 100 47.60 33.95 -6.43
CA CYS B 100 47.67 34.82 -5.26
C CYS B 100 49.06 34.73 -4.65
N ILE B 101 49.65 35.88 -4.30
CA ILE B 101 50.95 35.93 -3.66
C ILE B 101 50.82 36.75 -2.38
N THR B 102 51.21 36.16 -1.27
CA THR B 102 51.13 36.82 0.03
C THR B 102 52.53 36.92 0.62
N GLY B 103 52.78 38.01 1.33
CA GLY B 103 53.95 38.05 2.19
C GLY B 103 53.72 37.25 3.46
N GLN B 104 54.82 36.94 4.15
CA GLN B 104 54.76 36.07 5.33
C GLN B 104 55.90 36.42 6.26
N ALA B 105 55.75 36.04 7.53
CA ALA B 105 56.79 36.26 8.51
C ALA B 105 58.02 35.43 8.14
N PRO B 106 59.22 35.83 8.60
CA PRO B 106 60.44 35.08 8.25
C PRO B 106 60.39 33.66 8.80
N ARG B 107 61.11 32.76 8.12
CA ARG B 107 61.05 31.33 8.41
C ARG B 107 61.31 31.04 9.88
N ALA B 108 62.31 31.69 10.47
CA ALA B 108 62.68 31.36 11.85
C ALA B 108 61.55 31.67 12.82
N ARG B 109 60.57 32.48 12.39
CA ARG B 109 59.49 32.91 13.27
C ARG B 109 58.12 32.38 12.85
N LEU B 110 58.08 31.32 12.03
CA LEU B 110 56.83 30.86 11.46
C LEU B 110 55.88 30.22 12.47
N HIS B 111 56.36 29.73 13.60
CA HIS B 111 55.46 29.14 14.57
C HIS B 111 55.52 29.86 15.91
N LYS B 112 55.72 31.18 15.85
CA LYS B 112 56.02 31.99 17.02
C LYS B 112 54.96 33.04 17.36
N GLU B 113 53.78 33.01 16.75
CA GLU B 113 52.77 34.04 16.98
C GLU B 113 53.30 35.43 16.61
N ASP B 114 54.12 35.50 15.57
CA ASP B 114 54.61 36.80 15.13
C ASP B 114 53.45 37.65 14.64
N PHE B 115 53.65 38.95 14.68
CA PHE B 115 52.60 39.90 14.32
C PHE B 115 52.08 39.65 12.90
N GLN B 116 50.75 39.63 12.76
CA GLN B 116 50.07 39.40 11.49
C GLN B 116 50.60 38.19 10.71
N ALA B 117 50.85 37.08 11.41
CA ALA B 117 51.31 35.84 10.78
C ALA B 117 50.25 34.75 10.95
N VAL B 118 49.90 34.07 9.86
CA VAL B 118 48.86 33.04 9.90
C VAL B 118 49.29 31.85 9.04
N ASP B 119 48.75 30.68 9.35
CA ASP B 119 48.97 29.48 8.54
C ASP B 119 48.03 29.48 7.32
N ILE B 120 48.32 30.40 6.39
CA ILE B 120 47.53 30.53 5.17
C ILE B 120 47.63 29.28 4.31
N GLU B 121 48.75 28.56 4.40
CA GLU B 121 48.92 27.31 3.67
C GLU B 121 47.79 26.34 3.99
N ALA B 122 47.53 26.11 5.28
CA ALA B 122 46.47 25.20 5.70
C ALA B 122 45.08 25.76 5.39
N ILE B 123 44.89 27.08 5.52
CA ILE B 123 43.57 27.65 5.29
C ILE B 123 43.18 27.54 3.82
N ALA B 124 44.13 27.80 2.93
CA ALA B 124 43.85 27.88 1.49
C ALA B 124 43.88 26.52 0.79
N LYS B 125 44.41 25.48 1.44
CA LYS B 125 44.52 24.17 0.78
C LYS B 125 43.20 23.66 0.22
N PRO B 126 42.07 23.73 0.94
CA PRO B 126 40.81 23.21 0.37
C PRO B 126 40.35 23.92 -0.87
N VAL B 127 40.82 25.14 -1.16
CA VAL B 127 40.26 25.92 -2.26
C VAL B 127 41.35 26.33 -3.26
N SER B 128 42.37 25.50 -3.44
CA SER B 128 43.39 25.79 -4.43
C SER B 128 43.96 24.49 -4.98
N LYS B 129 44.54 24.56 -6.18
CA LYS B 129 45.29 23.41 -6.69
C LYS B 129 46.64 23.28 -5.98
N MET B 130 47.20 24.38 -5.52
CA MET B 130 48.41 24.37 -4.71
C MET B 130 48.37 25.60 -3.82
N ALA B 131 48.78 25.44 -2.55
CA ALA B 131 48.94 26.53 -1.61
C ALA B 131 50.19 26.23 -0.79
N VAL B 132 51.22 27.07 -0.90
CA VAL B 132 52.53 26.65 -0.39
C VAL B 132 53.28 27.84 0.18
N THR B 133 53.87 27.65 1.37
CA THR B 133 54.83 28.61 1.89
C THR B 133 56.21 28.19 1.39
N VAL B 134 56.89 29.10 0.71
CA VAL B 134 58.17 28.77 0.08
C VAL B 134 59.28 28.90 1.13
N ARG B 135 60.00 27.81 1.37
CA ARG B 135 60.93 27.80 2.49
C ARG B 135 62.39 27.98 2.09
N GLU B 136 62.70 28.04 0.80
CA GLU B 136 64.05 28.38 0.35
C GLU B 136 63.97 29.42 -0.75
N ALA B 137 64.90 30.38 -0.75
CA ALA B 137 64.86 31.42 -1.78
C ALA B 137 65.06 30.85 -3.17
N ALA B 138 65.93 29.84 -3.30
CA ALA B 138 66.17 29.26 -4.62
C ALA B 138 64.94 28.57 -5.17
N LEU B 139 63.99 28.21 -4.31
CA LEU B 139 62.76 27.57 -4.73
C LEU B 139 61.72 28.55 -5.26
N VAL B 140 61.87 29.84 -5.03
CA VAL B 140 60.86 30.79 -5.49
C VAL B 140 60.59 30.68 -6.99
N PRO B 141 61.60 30.73 -7.87
CA PRO B 141 61.31 30.53 -9.31
C PRO B 141 60.70 29.17 -9.62
N ARG B 142 61.08 28.11 -8.89
CA ARG B 142 60.58 26.78 -9.21
C ARG B 142 59.14 26.62 -8.76
N VAL B 143 58.79 27.18 -7.59
CA VAL B 143 57.39 27.12 -7.16
C VAL B 143 56.50 27.86 -8.16
N LEU B 144 56.97 29.00 -8.67
CA LEU B 144 56.17 29.74 -9.64
C LEU B 144 56.07 28.96 -10.93
N GLN B 145 57.15 28.26 -11.30
CA GLN B 145 57.15 27.45 -12.50
C GLN B 145 56.15 26.31 -12.37
N GLN B 146 56.12 25.63 -11.23
CA GLN B 146 55.12 24.59 -11.04
C GLN B 146 53.71 25.18 -11.00
N ALA B 147 53.54 26.39 -10.45
CA ALA B 147 52.21 26.98 -10.31
C ALA B 147 51.58 27.22 -11.66
N PHE B 148 52.36 27.73 -12.60
CA PHE B 148 51.82 28.01 -13.91
C PHE B 148 51.47 26.72 -14.64
N HIS B 149 52.26 25.66 -14.44
CA HIS B 149 51.85 24.36 -14.94
C HIS B 149 50.49 23.97 -14.38
N LEU B 150 50.33 24.08 -13.05
CA LEU B 150 49.09 23.64 -12.42
C LEU B 150 47.89 24.49 -12.83
N MET B 151 48.10 25.80 -13.00
CA MET B 151 46.96 26.65 -13.38
C MET B 151 46.50 26.44 -14.81
N ARG B 152 47.36 25.89 -15.68
CA ARG B 152 46.98 25.65 -17.07
C ARG B 152 46.55 24.22 -17.37
N SER B 153 47.02 23.25 -16.58
CA SER B 153 46.90 21.84 -16.93
C SER B 153 45.64 21.24 -16.33
N GLY B 154 45.18 20.15 -16.96
CA GLY B 154 44.07 19.39 -16.40
C GLY B 154 42.84 20.24 -16.22
N ARG B 155 42.16 20.03 -15.10
CA ARG B 155 41.11 20.94 -14.69
C ARG B 155 41.78 22.15 -14.04
N PRO B 156 41.67 23.35 -14.62
CA PRO B 156 42.40 24.50 -14.06
C PRO B 156 41.85 24.93 -12.71
N GLY B 157 42.73 25.52 -11.91
CA GLY B 157 42.34 26.11 -10.66
C GLY B 157 43.43 27.02 -10.14
N PRO B 158 43.16 27.73 -9.05
CA PRO B 158 44.08 28.76 -8.57
C PRO B 158 45.20 28.21 -7.70
N VAL B 159 46.23 29.04 -7.53
CA VAL B 159 47.37 28.73 -6.70
C VAL B 159 47.64 29.91 -5.77
N LEU B 160 48.01 29.63 -4.52
CA LEU B 160 48.50 30.66 -3.61
C LEU B 160 49.96 30.38 -3.24
N VAL B 161 50.81 31.39 -3.42
CA VAL B 161 52.22 31.29 -3.05
C VAL B 161 52.49 32.25 -1.89
N ASP B 162 53.04 31.71 -0.82
CA ASP B 162 53.21 32.43 0.45
C ASP B 162 54.70 32.61 0.66
N LEU B 163 55.17 33.85 0.79
CA LEU B 163 56.60 34.16 0.74
C LEU B 163 57.12 34.77 2.04
N PRO B 164 57.87 34.02 2.83
CA PRO B 164 58.49 34.61 4.03
C PRO B 164 59.42 35.77 3.65
N PHE B 165 59.41 36.80 4.50
CA PHE B 165 60.16 38.02 4.20
C PHE B 165 61.63 37.71 3.94
N ASP B 166 62.24 36.83 4.75
CA ASP B 166 63.66 36.56 4.54
C ASP B 166 63.89 35.78 3.25
N VAL B 167 62.94 34.93 2.85
CA VAL B 167 63.06 34.24 1.57
C VAL B 167 63.02 35.22 0.41
N GLN B 168 62.22 36.28 0.55
CA GLN B 168 62.07 37.24 -0.55
C GLN B 168 63.38 37.95 -0.84
N VAL B 169 64.10 38.37 0.21
CA VAL B 169 65.25 39.24 0.03
C VAL B 169 66.58 38.50 -0.09
N ALA B 170 66.60 37.19 0.16
CA ALA B 170 67.85 36.45 0.04
C ALA B 170 68.33 36.44 -1.41
N GLU B 171 69.65 36.44 -1.58
CA GLU B 171 70.23 36.41 -2.91
C GLU B 171 70.31 35.00 -3.45
N ILE B 172 70.09 34.87 -4.75
CA ILE B 172 70.24 33.62 -5.46
C ILE B 172 70.89 33.89 -6.81
N GLU B 173 71.41 32.84 -7.42
CA GLU B 173 71.89 32.92 -8.78
C GLU B 173 70.79 32.43 -9.72
N PHE B 174 70.44 33.25 -10.70
CA PHE B 174 69.34 32.93 -11.58
C PHE B 174 69.65 33.48 -12.97
N ASP B 175 69.38 32.67 -13.99
CA ASP B 175 69.61 33.09 -15.37
C ASP B 175 68.27 33.19 -16.07
N PRO B 176 67.74 34.39 -16.28
CA PRO B 176 66.46 34.51 -16.99
C PRO B 176 66.49 33.93 -18.39
N ASP B 177 67.63 33.97 -19.07
CA ASP B 177 67.68 33.46 -20.42
C ASP B 177 67.47 31.94 -20.50
N MET B 178 67.78 31.21 -19.44
CA MET B 178 67.58 29.77 -19.42
C MET B 178 66.20 29.33 -18.90
N TYR B 179 65.37 30.25 -18.39
CA TYR B 179 64.06 29.84 -17.89
C TYR B 179 63.13 29.45 -19.04
N GLU B 180 62.38 28.36 -18.85
CA GLU B 180 61.38 27.93 -19.81
C GLU B 180 60.13 27.47 -19.06
N PRO B 181 58.96 27.92 -19.47
CA PRO B 181 57.71 27.43 -18.87
C PRO B 181 57.56 25.94 -19.08
N LEU B 182 56.95 25.28 -18.11
CA LEU B 182 56.74 23.85 -18.25
C LEU B 182 55.67 23.54 -19.30
N PRO B 183 55.73 22.36 -19.90
CA PRO B 183 54.64 21.90 -20.78
C PRO B 183 53.33 21.74 -20.02
N VAL B 184 52.23 22.02 -20.72
CA VAL B 184 50.89 21.94 -20.18
C VAL B 184 50.34 20.53 -20.40
N TYR B 185 49.78 19.93 -19.36
CA TYR B 185 49.18 18.61 -19.48
C TYR B 185 47.71 18.75 -19.86
N LYS B 186 47.32 18.17 -21.01
CA LYS B 186 45.94 18.13 -21.48
C LYS B 186 45.70 16.79 -22.15
N PRO B 187 44.94 15.89 -21.53
CA PRO B 187 44.60 14.62 -22.19
C PRO B 187 43.74 14.85 -23.43
N ALA B 188 43.90 13.96 -24.41
CA ALA B 188 43.14 13.99 -25.66
C ALA B 188 42.36 12.71 -25.85
N ALA B 189 41.15 12.82 -26.40
CA ALA B 189 40.36 11.64 -26.72
C ALA B 189 40.92 10.91 -27.93
N SER B 190 40.86 9.59 -27.89
CA SER B 190 41.27 8.82 -29.06
C SER B 190 40.17 8.81 -30.13
N ARG B 191 40.60 8.49 -31.34
CA ARG B 191 39.64 8.31 -32.42
C ARG B 191 38.60 7.23 -32.10
N MET B 192 38.98 6.16 -31.40
CA MET B 192 37.99 5.13 -31.06
C MET B 192 36.88 5.71 -30.18
N GLN B 193 37.25 6.64 -29.30
CA GLN B 193 36.29 7.30 -28.44
C GLN B 193 35.34 8.19 -29.25
N ILE B 194 35.90 9.01 -30.13
CA ILE B 194 35.11 10.02 -30.83
C ILE B 194 34.21 9.36 -31.87
N GLU B 195 34.68 8.29 -32.52
CA GLU B 195 33.82 7.58 -33.45
C GLU B 195 32.64 6.94 -32.73
N LYS B 196 32.87 6.43 -31.52
CA LYS B 196 31.75 5.87 -30.76
C LYS B 196 30.74 6.96 -30.39
N ALA B 197 31.22 8.16 -30.03
CA ALA B 197 30.30 9.25 -29.69
C ALA B 197 29.49 9.67 -30.91
N VAL B 198 30.14 9.86 -32.06
CA VAL B 198 29.41 10.30 -33.25
C VAL B 198 28.42 9.25 -33.69
N GLU B 199 28.76 7.97 -33.49
CA GLU B 199 27.85 6.87 -33.80
C GLU B 199 26.57 6.98 -32.98
N MET B 200 26.71 7.23 -31.68
CA MET B 200 25.54 7.37 -30.82
C MET B 200 24.71 8.59 -31.20
N LEU B 201 25.38 9.68 -31.56
CA LEU B 201 24.66 10.88 -31.97
C LEU B 201 23.86 10.64 -33.24
N ILE B 202 24.43 9.90 -34.20
CA ILE B 202 23.71 9.57 -35.42
C ILE B 202 22.48 8.72 -35.12
N GLN B 203 22.55 7.86 -34.11
CA GLN B 203 21.39 7.06 -33.76
C GLN B 203 20.26 7.90 -33.18
N ALA B 204 20.60 9.01 -32.52
CA ALA B 204 19.58 9.75 -31.78
C ALA B 204 18.60 10.40 -32.75
N GLU B 205 17.33 10.43 -32.35
CA GLU B 205 16.30 11.09 -33.14
C GLU B 205 16.13 12.57 -32.80
N ARG B 206 16.35 12.97 -31.54
CA ARG B 206 16.19 14.36 -31.12
C ARG B 206 17.36 14.76 -30.21
N PRO B 207 18.57 14.86 -30.76
CA PRO B 207 19.73 15.18 -29.94
C PRO B 207 19.85 16.66 -29.59
N VAL B 208 20.52 16.93 -28.48
CA VAL B 208 21.01 18.27 -28.18
C VAL B 208 22.45 18.15 -27.69
N ILE B 209 23.26 19.16 -28.04
CA ILE B 209 24.59 19.34 -27.44
C ILE B 209 24.44 20.30 -26.25
N VAL B 210 24.97 19.91 -25.08
CA VAL B 210 25.07 20.85 -23.97
C VAL B 210 26.54 21.27 -23.87
N ALA B 211 26.80 22.54 -24.17
CA ALA B 211 28.14 23.10 -24.25
C ALA B 211 28.46 23.80 -22.94
N GLY B 212 29.42 23.26 -22.18
CA GLY B 212 29.73 23.75 -20.86
C GLY B 212 30.88 24.74 -20.86
N GLY B 213 31.22 25.23 -19.67
CA GLY B 213 32.32 26.17 -19.58
C GLY B 213 33.66 25.59 -19.99
N GLY B 214 33.80 24.26 -19.94
CA GLY B 214 35.00 23.63 -20.48
C GLY B 214 35.28 23.97 -21.95
N VAL B 215 34.23 24.20 -22.75
CA VAL B 215 34.45 24.62 -24.15
C VAL B 215 35.14 25.97 -24.20
N ILE B 216 34.69 26.91 -23.37
CA ILE B 216 35.32 28.22 -23.32
C ILE B 216 36.70 28.13 -22.66
N ASN B 217 36.81 27.33 -21.59
CA ASN B 217 38.09 27.13 -20.91
C ASN B 217 39.16 26.66 -21.90
N ALA B 218 38.78 25.81 -22.84
CA ALA B 218 39.70 25.25 -23.83
C ALA B 218 39.92 26.14 -25.05
N ASP B 219 39.23 27.29 -25.15
CA ASP B 219 39.31 28.18 -26.30
C ASP B 219 38.82 27.45 -27.55
N ALA B 220 37.72 26.70 -27.40
CA ALA B 220 37.22 25.83 -28.45
C ALA B 220 35.83 26.23 -28.93
N ALA B 221 35.45 27.51 -28.81
CA ALA B 221 34.09 27.94 -29.19
C ALA B 221 33.84 27.82 -30.68
N ALA B 222 34.80 28.22 -31.51
CA ALA B 222 34.59 28.14 -32.95
C ALA B 222 34.43 26.69 -33.39
N LEU B 223 35.21 25.78 -32.80
CA LEU B 223 35.04 24.36 -33.08
C LEU B 223 33.71 23.83 -32.57
N LEU B 224 33.20 24.35 -31.45
CA LEU B 224 31.90 23.86 -31.00
C LEU B 224 30.80 24.25 -31.99
N GLN B 225 30.86 25.49 -32.49
CA GLN B 225 29.86 25.93 -33.45
C GLN B 225 29.99 25.16 -34.75
N GLN B 226 31.22 24.88 -35.17
CA GLN B 226 31.41 24.16 -36.44
C GLN B 226 30.90 22.73 -36.34
N PHE B 227 31.17 22.05 -35.23
CA PHE B 227 30.64 20.70 -35.03
C PHE B 227 29.11 20.69 -34.99
N ALA B 228 28.50 21.69 -34.33
CA ALA B 228 27.05 21.77 -34.31
C ALA B 228 26.49 22.02 -35.70
N GLU B 229 27.19 22.83 -36.50
CA GLU B 229 26.69 23.15 -37.83
C GLU B 229 26.80 21.95 -38.77
N LEU B 230 27.91 21.18 -38.68
CA LEU B 230 28.08 20.02 -39.54
C LEU B 230 27.01 18.97 -39.26
N THR B 231 26.64 18.79 -37.99
CA THR B 231 25.69 17.75 -37.61
C THR B 231 24.27 18.27 -37.51
N SER B 232 24.08 19.57 -37.65
CA SER B 232 22.76 20.20 -37.53
C SER B 232 22.09 19.85 -36.20
N VAL B 233 22.86 19.93 -35.11
CA VAL B 233 22.39 19.55 -33.78
C VAL B 233 22.23 20.80 -32.91
N PRO B 234 21.06 21.05 -32.34
CA PRO B 234 20.85 22.25 -31.52
C PRO B 234 21.75 22.26 -30.27
N VAL B 235 22.15 23.46 -29.87
CA VAL B 235 23.10 23.64 -28.77
C VAL B 235 22.40 24.34 -27.61
N ILE B 236 22.58 23.80 -26.42
CA ILE B 236 22.12 24.39 -25.17
C ILE B 236 23.36 24.69 -24.31
N PRO B 237 23.82 25.94 -24.29
CA PRO B 237 24.92 26.27 -23.38
C PRO B 237 24.49 26.16 -21.94
N THR B 238 25.39 25.68 -21.08
CA THR B 238 25.17 25.92 -19.65
C THR B 238 25.40 27.41 -19.38
N LEU B 239 25.13 27.83 -18.14
CA LEU B 239 25.44 29.21 -17.81
C LEU B 239 26.93 29.50 -17.98
N MET B 240 27.80 28.53 -17.69
CA MET B 240 29.22 28.77 -17.94
C MET B 240 29.64 28.62 -19.40
N GLY B 241 28.85 27.92 -20.24
CA GLY B 241 29.19 27.89 -21.66
C GLY B 241 28.55 28.98 -22.48
N TRP B 242 27.68 29.78 -21.88
CA TRP B 242 26.91 30.78 -22.61
C TRP B 242 27.86 31.72 -23.34
N GLY B 243 27.58 31.95 -24.61
CA GLY B 243 28.47 32.68 -25.48
C GLY B 243 29.33 31.82 -26.39
N CYS B 244 29.41 30.52 -26.17
CA CYS B 244 30.26 29.71 -27.04
C CYS B 244 29.63 29.47 -28.41
N ILE B 245 28.32 29.71 -28.56
CA ILE B 245 27.73 29.86 -29.87
C ILE B 245 26.86 31.12 -29.78
N PRO B 246 26.78 31.96 -30.81
CA PRO B 246 26.02 33.22 -30.67
C PRO B 246 24.54 32.99 -30.39
N ASP B 247 23.94 33.89 -29.61
CA ASP B 247 22.54 33.70 -29.22
C ASP B 247 21.57 33.83 -30.39
N ASP B 248 22.00 34.41 -31.51
CA ASP B 248 21.18 34.47 -32.72
C ASP B 248 21.56 33.41 -33.75
N HIS B 249 22.40 32.44 -33.40
CA HIS B 249 22.63 31.31 -34.27
C HIS B 249 21.38 30.44 -34.37
N GLU B 250 21.09 29.98 -35.58
CA GLU B 250 19.87 29.20 -35.80
C GLU B 250 19.83 27.93 -34.97
N LEU B 251 20.98 27.43 -34.52
CA LEU B 251 21.01 26.23 -33.69
C LEU B 251 21.05 26.52 -32.20
N MET B 252 21.15 27.77 -31.77
CA MET B 252 21.14 28.03 -30.34
C MET B 252 19.73 27.84 -29.82
N ALA B 253 19.57 26.92 -28.86
CA ALA B 253 18.25 26.46 -28.45
C ALA B 253 17.83 26.98 -27.08
N GLY B 254 18.59 27.86 -26.46
CA GLY B 254 18.26 28.34 -25.13
C GLY B 254 19.05 27.66 -24.03
N MET B 255 18.93 28.22 -22.83
CA MET B 255 19.52 27.65 -21.63
C MET B 255 18.50 26.85 -20.84
N VAL B 256 19.03 25.93 -20.02
CA VAL B 256 18.26 24.91 -19.32
C VAL B 256 18.58 25.02 -17.83
N GLY B 257 17.58 24.75 -16.98
CA GLY B 257 17.84 24.72 -15.56
C GLY B 257 16.69 25.24 -14.72
N LEU B 258 16.97 25.39 -13.41
CA LEU B 258 15.98 25.76 -12.42
C LEU B 258 15.81 27.27 -12.25
N GLN B 259 16.79 28.07 -12.66
CA GLN B 259 16.71 29.51 -12.45
C GLN B 259 17.17 30.28 -13.67
N THR B 260 18.47 30.23 -13.99
CA THR B 260 18.98 30.99 -15.13
C THR B 260 18.72 30.17 -16.39
N ALA B 261 17.45 30.16 -16.79
CA ALA B 261 17.06 29.30 -17.90
C ALA B 261 15.85 29.88 -18.61
N HIS B 262 15.60 29.36 -19.81
CA HIS B 262 14.47 29.75 -20.65
C HIS B 262 13.40 28.67 -20.61
N ARG B 263 12.15 29.08 -20.75
CA ARG B 263 11.07 28.10 -20.86
C ARG B 263 11.26 27.21 -22.08
N TYR B 264 11.70 27.80 -23.19
CA TYR B 264 11.90 27.00 -24.40
C TYR B 264 13.09 26.08 -24.28
N GLY B 265 14.09 26.46 -23.49
CA GLY B 265 15.23 25.59 -23.29
C GLY B 265 14.86 24.35 -22.50
N ASN B 266 14.14 24.54 -21.39
CA ASN B 266 13.72 23.39 -20.60
C ASN B 266 12.78 22.49 -21.39
N ALA B 267 11.89 23.08 -22.20
CA ALA B 267 11.01 22.24 -22.97
C ALA B 267 11.77 21.47 -24.04
N THR B 268 12.76 22.09 -24.68
CA THR B 268 13.56 21.35 -25.65
C THR B 268 14.36 20.23 -24.99
N LEU B 269 14.95 20.47 -23.80
CA LEU B 269 15.67 19.38 -23.16
C LEU B 269 14.74 18.22 -22.85
N LEU B 270 13.56 18.51 -22.29
CA LEU B 270 12.65 17.42 -21.91
C LEU B 270 12.07 16.70 -23.12
N ALA B 271 12.05 17.34 -24.29
CA ALA B 271 11.63 16.63 -25.49
C ALA B 271 12.74 15.84 -26.16
N SER B 272 14.00 16.01 -25.73
CA SER B 272 15.08 15.38 -26.47
C SER B 272 15.25 13.92 -26.05
N ASP B 273 15.95 13.15 -26.89
CA ASP B 273 16.32 11.78 -26.54
C ASP B 273 17.82 11.56 -26.37
N MET B 274 18.66 12.60 -26.56
CA MET B 274 20.08 12.50 -26.26
C MET B 274 20.66 13.86 -25.85
N VAL B 275 21.48 13.85 -24.81
CA VAL B 275 22.26 15.01 -24.36
C VAL B 275 23.72 14.69 -24.60
N PHE B 276 24.36 15.46 -25.46
CA PHE B 276 25.76 15.31 -25.83
C PHE B 276 26.52 16.42 -25.09
N GLY B 277 26.98 16.13 -23.88
CA GLY B 277 27.62 17.12 -23.04
C GLY B 277 29.11 17.26 -23.26
N ILE B 278 29.54 18.45 -23.65
CA ILE B 278 30.93 18.75 -23.99
C ILE B 278 31.42 19.81 -23.01
N GLY B 279 32.32 19.43 -22.12
CA GLY B 279 32.89 20.46 -21.26
C GLY B 279 31.95 20.96 -20.19
N ASN B 280 30.86 20.25 -19.95
CA ASN B 280 29.96 20.56 -18.85
C ASN B 280 30.21 19.58 -17.71
N ARG B 281 29.60 19.87 -16.60
CA ARG B 281 29.40 18.93 -15.52
C ARG B 281 27.90 18.84 -15.40
N PHE B 282 27.33 18.15 -14.47
CA PHE B 282 25.87 18.26 -14.66
C PHE B 282 25.33 18.89 -13.40
N ALA B 283 25.53 20.21 -13.29
CA ALA B 283 25.28 20.92 -12.03
C ALA B 283 23.82 20.84 -11.62
N GLN B 284 23.58 20.72 -10.32
CA GLN B 284 22.22 20.53 -9.83
C GLN B 284 21.30 21.66 -10.25
N ARG B 285 21.81 22.90 -10.35
CA ARG B 285 21.00 24.03 -10.83
C ARG B 285 20.59 23.87 -12.30
N HIS B 286 21.36 23.12 -13.08
CA HIS B 286 21.05 22.85 -14.48
C HIS B 286 20.11 21.65 -14.66
N THR B 287 20.27 20.60 -13.85
CA THR B 287 19.54 19.35 -14.05
C THR B 287 18.28 19.21 -13.21
N GLY B 288 18.25 19.77 -12.01
CA GLY B 288 17.17 19.33 -11.14
C GLY B 288 17.47 17.92 -10.67
N SER B 289 16.43 17.17 -10.34
CA SER B 289 16.64 15.77 -10.04
C SER B 289 17.19 15.06 -11.28
N VAL B 290 18.31 14.37 -11.11
CA VAL B 290 18.98 13.77 -12.26
C VAL B 290 18.12 12.69 -12.88
N GLU B 291 17.28 12.02 -12.10
CA GLU B 291 16.41 11.00 -12.68
C GLU B 291 15.44 11.59 -13.70
N LYS B 292 14.94 12.80 -13.43
CA LYS B 292 14.04 13.44 -14.40
C LYS B 292 14.81 13.98 -15.59
N TYR B 293 15.97 14.58 -15.35
CA TYR B 293 16.77 15.12 -16.46
C TYR B 293 17.23 14.01 -17.39
N THR B 294 17.51 12.83 -16.83
CA THR B 294 18.05 11.77 -17.65
C THR B 294 16.99 10.87 -18.27
N GLU B 295 15.72 11.05 -17.92
CA GLU B 295 14.69 10.08 -18.27
C GLU B 295 14.54 9.98 -19.79
N GLY B 296 14.74 8.78 -20.33
CA GLY B 296 14.54 8.58 -21.76
C GLY B 296 15.59 9.20 -22.65
N ARG B 297 16.78 9.52 -22.12
CA ARG B 297 17.85 10.18 -22.87
C ARG B 297 19.14 9.40 -22.77
N LYS B 298 19.84 9.26 -23.89
CA LYS B 298 21.24 8.86 -23.83
C LYS B 298 22.09 10.06 -23.40
N ILE B 299 23.16 9.79 -22.65
CA ILE B 299 24.02 10.84 -22.09
C ILE B 299 25.47 10.58 -22.52
N VAL B 300 26.05 11.54 -23.22
CA VAL B 300 27.48 11.58 -23.49
C VAL B 300 28.07 12.68 -22.64
N HIS B 301 29.26 12.45 -22.09
CA HIS B 301 29.94 13.44 -21.26
C HIS B 301 31.42 13.44 -21.62
N ILE B 302 31.91 14.54 -22.18
CA ILE B 302 33.33 14.75 -22.41
C ILE B 302 33.82 15.79 -21.41
N ASP B 303 34.85 15.43 -20.64
CA ASP B 303 35.37 16.29 -19.59
C ASP B 303 36.86 16.04 -19.44
N ILE B 304 37.63 17.10 -19.16
CA ILE B 304 39.07 16.94 -19.00
C ILE B 304 39.43 16.20 -17.71
N GLU B 305 38.51 16.11 -16.76
CA GLU B 305 38.81 15.62 -15.42
C GLU B 305 38.14 14.27 -15.21
N PRO B 306 38.89 13.19 -15.04
CA PRO B 306 38.22 11.87 -14.94
C PRO B 306 37.21 11.79 -13.82
N THR B 307 37.46 12.40 -12.67
CA THR B 307 36.54 12.21 -11.56
C THR B 307 35.33 13.13 -11.64
N GLN B 308 35.24 13.94 -12.69
CA GLN B 308 34.00 14.63 -12.97
C GLN B 308 32.99 13.76 -13.68
N ILE B 309 33.40 12.60 -14.22
CA ILE B 309 32.56 11.80 -15.09
C ILE B 309 31.90 10.70 -14.26
N GLY B 310 30.59 10.77 -14.11
CA GLY B 310 29.88 9.90 -13.21
C GLY B 310 29.72 10.45 -11.80
N ARG B 311 30.15 11.68 -11.55
CA ARG B 311 30.03 12.25 -10.22
C ARG B 311 28.56 12.50 -9.84
N VAL B 312 27.71 12.90 -10.78
CA VAL B 312 26.31 13.17 -10.45
C VAL B 312 25.33 12.27 -11.18
N LEU B 313 25.70 11.67 -12.31
CA LEU B 313 24.86 10.69 -12.99
C LEU B 313 25.77 9.77 -13.79
N CYS B 314 25.25 8.60 -14.20
CA CYS B 314 26.11 7.68 -14.93
C CYS B 314 25.90 7.91 -16.42
N PRO B 315 26.87 8.45 -17.14
CA PRO B 315 26.68 8.67 -18.58
C PRO B 315 26.73 7.37 -19.36
N ASP B 316 26.07 7.38 -20.52
CA ASP B 316 26.18 6.23 -21.42
C ASP B 316 27.56 6.13 -22.06
N LEU B 317 28.27 7.24 -22.18
CA LEU B 317 29.61 7.27 -22.76
C LEU B 317 30.34 8.44 -22.13
N GLY B 318 31.34 8.15 -21.30
CA GLY B 318 32.17 9.16 -20.69
C GLY B 318 33.56 9.13 -21.31
N ILE B 319 34.04 10.31 -21.68
CA ILE B 319 35.31 10.44 -22.39
C ILE B 319 36.17 11.48 -21.68
N VAL B 320 37.38 11.10 -21.27
CA VAL B 320 38.34 12.06 -20.72
C VAL B 320 39.07 12.77 -21.85
N SER B 321 38.90 14.09 -21.95
CA SER B 321 39.55 14.85 -23.01
C SER B 321 39.47 16.36 -22.74
N ASP B 322 40.53 17.08 -23.10
CA ASP B 322 40.42 18.51 -23.32
C ASP B 322 39.36 18.76 -24.39
N ALA B 323 38.56 19.81 -24.20
CA ALA B 323 37.44 20.07 -25.12
C ALA B 323 37.92 20.46 -26.50
N LYS B 324 39.06 21.15 -26.62
CA LYS B 324 39.56 21.49 -27.94
C LYS B 324 40.09 20.27 -28.68
N ALA B 325 40.83 19.39 -28.00
CA ALA B 325 41.27 18.17 -28.66
C ALA B 325 40.08 17.33 -29.09
N ALA B 326 39.04 17.25 -28.26
CA ALA B 326 37.86 16.47 -28.60
C ALA B 326 37.10 17.07 -29.79
N LEU B 327 36.98 18.40 -29.84
CA LEU B 327 36.18 19.02 -30.90
C LEU B 327 36.92 19.06 -32.23
N THR B 328 38.25 19.20 -32.21
CA THR B 328 39.03 19.05 -33.44
C THR B 328 38.74 17.70 -34.08
N LEU B 329 38.71 16.64 -33.27
CA LEU B 329 38.51 15.29 -33.77
C LEU B 329 37.04 15.01 -34.04
N LEU B 330 36.13 15.55 -33.24
CA LEU B 330 34.71 15.42 -33.57
C LEU B 330 34.40 16.07 -34.91
N VAL B 331 35.05 17.19 -35.22
CA VAL B 331 34.77 17.85 -36.49
C VAL B 331 35.31 17.01 -37.64
N GLU B 332 36.49 16.42 -37.45
CA GLU B 332 37.09 15.60 -38.49
C GLU B 332 36.23 14.36 -38.77
N VAL B 333 35.75 13.70 -37.72
CA VAL B 333 34.88 12.53 -37.91
C VAL B 333 33.53 12.93 -38.50
N ALA B 334 33.01 14.09 -38.12
CA ALA B 334 31.73 14.53 -38.70
C ALA B 334 31.89 14.81 -40.19
N GLN B 335 33.02 15.41 -40.58
CA GLN B 335 33.26 15.63 -41.99
C GLN B 335 33.35 14.32 -42.73
N GLU B 336 33.98 13.32 -42.10
CA GLU B 336 34.05 12.00 -42.72
C GLU B 336 32.65 11.42 -42.91
N MET B 337 31.80 11.52 -41.88
CA MET B 337 30.44 11.02 -41.98
C MET B 337 29.63 11.80 -43.00
N GLN B 338 29.90 13.09 -43.17
CA GLN B 338 29.17 13.86 -44.17
C GLN B 338 29.51 13.38 -45.58
N LYS B 339 30.79 13.15 -45.86
CA LYS B 339 31.18 12.71 -47.19
C LYS B 339 30.61 11.33 -47.51
N ALA B 340 30.48 10.47 -46.51
CA ALA B 340 29.88 9.15 -46.69
C ALA B 340 28.36 9.18 -46.68
N GLY B 341 27.75 10.33 -46.40
CA GLY B 341 26.31 10.40 -46.43
C GLY B 341 25.63 9.78 -45.23
N ARG B 342 26.37 9.58 -44.13
CA ARG B 342 25.85 8.90 -42.94
C ARG B 342 25.24 9.85 -41.90
N LEU B 343 25.26 11.17 -42.11
CA LEU B 343 24.72 12.11 -41.14
C LEU B 343 23.23 12.29 -41.37
N PRO B 344 22.38 12.06 -40.37
CA PRO B 344 20.94 12.27 -40.57
C PRO B 344 20.57 13.71 -40.86
N CYS B 345 19.54 13.89 -41.67
CA CYS B 345 18.88 15.19 -41.76
C CYS B 345 18.08 15.45 -40.49
N ARG B 346 18.13 16.69 -40.00
CA ARG B 346 17.51 17.06 -38.73
C ARG B 346 16.51 18.19 -38.88
N LYS B 347 15.97 18.41 -40.09
CA LYS B 347 15.20 19.62 -40.37
C LYS B 347 13.99 19.73 -39.45
N GLU B 348 13.35 18.60 -39.14
CA GLU B 348 12.12 18.66 -38.34
C GLU B 348 12.43 18.92 -36.88
N TRP B 349 13.47 18.28 -36.34
CA TRP B 349 13.82 18.49 -34.94
C TRP B 349 14.29 19.92 -34.71
N VAL B 350 15.10 20.45 -35.63
CA VAL B 350 15.57 21.83 -35.51
C VAL B 350 14.38 22.77 -35.53
N ALA B 351 13.43 22.55 -36.44
CA ALA B 351 12.26 23.43 -36.50
C ALA B 351 11.42 23.31 -35.24
N ASP B 352 11.31 22.11 -34.67
CA ASP B 352 10.58 21.98 -33.41
C ASP B 352 11.20 22.86 -32.33
N CYS B 353 12.54 22.87 -32.23
CA CYS B 353 13.22 23.66 -31.21
C CYS B 353 13.03 25.14 -31.45
N GLN B 354 13.08 25.56 -32.73
CA GLN B 354 12.89 26.96 -33.05
C GLN B 354 11.46 27.41 -32.78
N GLN B 355 10.48 26.53 -32.97
CA GLN B 355 9.11 26.93 -32.70
C GLN B 355 8.90 27.19 -31.21
N ARG B 356 9.59 26.43 -30.34
CA ARG B 356 9.54 26.73 -28.91
C ARG B 356 10.13 28.10 -28.62
N LYS B 357 11.21 28.45 -29.32
CA LYS B 357 11.81 29.78 -29.13
C LYS B 357 10.83 30.88 -29.52
N ARG B 358 9.94 30.63 -30.47
CA ARG B 358 9.02 31.69 -30.89
C ARG B 358 7.83 31.86 -29.96
N THR B 359 7.61 30.90 -29.05
CA THR B 359 6.35 30.77 -28.32
C THR B 359 6.49 30.89 -26.81
N LEU B 360 7.42 30.16 -26.20
CA LEU B 360 7.48 30.01 -24.74
C LEU B 360 8.36 31.10 -24.14
N LEU B 361 7.82 32.31 -24.05
CA LEU B 361 8.60 33.49 -23.66
C LEU B 361 8.15 34.02 -22.30
N ARG B 362 8.82 35.09 -21.85
CA ARG B 362 8.43 35.83 -20.65
C ARG B 362 8.36 37.31 -20.99
N LYS B 363 7.34 37.99 -20.47
CA LYS B 363 7.16 39.40 -20.81
C LYS B 363 8.29 40.25 -20.26
N THR B 364 8.75 41.21 -21.07
CA THR B 364 9.69 42.23 -20.64
C THR B 364 9.20 43.65 -20.84
N HIS B 365 8.25 43.90 -21.76
CA HIS B 365 7.88 45.28 -22.13
C HIS B 365 6.80 45.79 -21.18
N PHE B 366 7.24 46.19 -20.00
CA PHE B 366 6.37 46.76 -18.98
C PHE B 366 6.54 48.27 -18.94
N ASP B 367 5.43 48.99 -18.86
CA ASP B 367 5.46 50.44 -18.70
C ASP B 367 5.25 50.88 -17.26
N ASN B 368 5.22 49.93 -16.33
CA ASN B 368 4.88 50.23 -14.94
C ASN B 368 5.86 51.22 -14.33
N VAL B 369 5.32 52.06 -13.45
CA VAL B 369 6.12 52.90 -12.55
C VAL B 369 5.63 52.58 -11.14
N PRO B 370 6.48 52.13 -10.23
CA PRO B 370 7.92 51.87 -10.33
C PRO B 370 8.28 50.76 -11.32
N VAL B 371 9.51 50.84 -11.84
CA VAL B 371 9.95 50.02 -12.95
C VAL B 371 9.96 48.53 -12.62
N LYS B 372 9.53 47.72 -13.58
CA LYS B 372 9.71 46.27 -13.46
C LYS B 372 11.11 45.89 -13.94
N PRO B 373 11.85 45.06 -13.20
CA PRO B 373 13.24 44.78 -13.62
C PRO B 373 13.33 44.20 -15.02
N GLN B 374 12.35 43.41 -15.46
CA GLN B 374 12.51 42.78 -16.78
C GLN B 374 12.54 43.81 -17.90
N ARG B 375 11.95 45.00 -17.70
CA ARG B 375 12.07 46.06 -18.69
C ARG B 375 13.52 46.55 -18.82
N VAL B 376 14.30 46.52 -17.73
CA VAL B 376 15.67 47.03 -17.80
C VAL B 376 16.49 46.19 -18.76
N TYR B 377 16.34 44.86 -18.70
CA TYR B 377 17.11 43.97 -19.56
C TYR B 377 16.70 44.14 -21.02
N GLU B 378 15.42 44.38 -21.26
CA GLU B 378 14.98 44.72 -22.61
C GLU B 378 15.74 45.95 -23.12
N GLU B 379 15.78 47.02 -22.31
CA GLU B 379 16.44 48.24 -22.75
C GLU B 379 17.93 48.05 -22.90
N MET B 380 18.51 47.14 -22.11
CA MET B 380 19.94 46.85 -22.25
C MET B 380 20.23 46.18 -23.59
N ASN B 381 19.39 45.21 -23.99
CA ASN B 381 19.59 44.56 -25.28
C ASN B 381 19.49 45.56 -26.43
N LYS B 382 18.61 46.57 -26.31
CA LYS B 382 18.46 47.53 -27.39
C LYS B 382 19.61 48.54 -27.41
N ALA B 383 20.08 48.96 -26.24
CA ALA B 383 21.03 50.08 -26.19
C ALA B 383 22.47 49.68 -26.47
N PHE B 384 22.87 48.46 -26.17
CA PHE B 384 24.26 48.09 -26.37
C PHE B 384 24.41 47.22 -27.62
N GLY B 385 25.61 47.18 -28.16
CA GLY B 385 25.85 46.44 -29.38
C GLY B 385 25.99 44.96 -29.13
N ARG B 386 26.14 44.21 -30.22
CA ARG B 386 26.31 42.78 -30.06
C ARG B 386 27.66 42.40 -29.49
N ASP B 387 28.61 43.35 -29.40
CA ASP B 387 29.90 43.12 -28.76
C ASP B 387 29.86 43.33 -27.26
N VAL B 388 28.70 43.62 -26.68
CA VAL B 388 28.63 43.90 -25.26
C VAL B 388 29.15 42.71 -24.44
N CYS B 389 29.80 43.02 -23.32
CA CYS B 389 30.34 42.01 -22.41
C CYS B 389 29.76 42.25 -21.02
N TYR B 390 28.87 41.35 -20.56
CA TYR B 390 28.18 41.53 -19.29
C TYR B 390 28.96 40.88 -18.14
N VAL B 391 28.90 41.52 -16.96
CA VAL B 391 29.54 41.03 -15.74
C VAL B 391 28.51 41.06 -14.63
N THR B 392 28.39 39.96 -13.88
CA THR B 392 27.33 39.88 -12.89
C THR B 392 27.63 38.72 -11.93
N THR B 393 26.89 38.69 -10.82
CA THR B 393 27.15 37.74 -9.74
C THR B 393 25.94 36.88 -9.40
N ILE B 394 24.96 37.43 -8.68
CA ILE B 394 23.87 36.62 -8.14
C ILE B 394 22.81 37.57 -7.59
N GLY B 395 21.61 37.05 -7.38
CA GLY B 395 20.45 37.84 -7.00
C GLY B 395 19.38 37.76 -8.08
N LEU B 396 18.21 38.30 -7.73
CA LEU B 396 17.17 38.37 -8.74
C LEU B 396 17.65 39.18 -9.92
N SER B 397 18.49 40.16 -9.64
CA SER B 397 19.14 40.99 -10.66
C SER B 397 19.88 40.13 -11.67
N GLN B 398 20.62 39.14 -11.19
CA GLN B 398 21.42 38.29 -12.08
C GLN B 398 20.59 37.21 -12.72
N ILE B 399 19.66 36.59 -11.96
CA ILE B 399 18.88 35.48 -12.51
C ILE B 399 18.03 35.96 -13.67
N ALA B 400 17.30 37.06 -13.47
CA ALA B 400 16.50 37.60 -14.56
C ALA B 400 17.38 38.11 -15.69
N ALA B 401 18.56 38.63 -15.38
CA ALA B 401 19.44 39.07 -16.45
C ALA B 401 19.86 37.90 -17.33
N ALA B 402 20.13 36.75 -16.73
CA ALA B 402 20.47 35.56 -17.51
C ALA B 402 19.27 35.06 -18.32
N GLN B 403 18.04 35.24 -17.82
CA GLN B 403 16.84 34.84 -18.56
C GLN B 403 16.56 35.72 -19.76
N MET B 404 17.03 36.97 -19.76
CA MET B 404 16.52 37.97 -20.68
C MET B 404 17.58 38.76 -21.44
N LEU B 405 18.82 38.81 -20.99
CA LEU B 405 19.87 39.44 -21.81
C LEU B 405 20.38 38.45 -22.86
N HIS B 406 21.09 38.98 -23.86
CA HIS B 406 21.68 38.14 -24.90
C HIS B 406 23.13 38.53 -25.16
N VAL B 407 23.94 37.50 -25.45
CA VAL B 407 25.37 37.66 -25.73
C VAL B 407 25.71 36.87 -26.99
N PHE B 408 26.80 37.27 -27.63
CA PHE B 408 27.11 36.84 -28.99
C PHE B 408 28.54 36.39 -29.19
N LYS B 409 29.34 36.30 -28.12
CA LYS B 409 30.71 35.83 -28.23
C LYS B 409 31.14 35.18 -26.93
N ASP B 410 32.10 34.27 -27.00
CA ASP B 410 32.54 33.63 -25.77
C ASP B 410 33.37 34.60 -24.93
N ARG B 411 33.29 34.42 -23.61
CA ARG B 411 33.84 35.36 -22.62
C ARG B 411 33.19 36.74 -22.71
N HIS B 412 31.93 36.81 -23.15
CA HIS B 412 31.15 38.03 -23.00
C HIS B 412 29.99 37.87 -22.03
N TRP B 413 29.90 36.72 -21.35
CA TRP B 413 29.15 36.55 -20.10
C TRP B 413 30.18 36.19 -19.04
N ILE B 414 30.46 37.12 -18.14
CA ILE B 414 31.48 36.97 -17.10
C ILE B 414 30.75 36.88 -15.76
N ASN B 415 30.75 35.69 -15.16
CA ASN B 415 29.83 35.42 -14.05
C ASN B 415 30.39 34.28 -13.20
N CYS B 416 30.50 34.48 -11.89
CA CYS B 416 31.00 33.44 -10.98
C CYS B 416 29.86 32.47 -10.68
N GLY B 417 29.64 31.53 -11.62
CA GLY B 417 28.42 30.76 -11.62
C GLY B 417 28.23 29.82 -10.44
N GLN B 418 29.32 29.26 -9.91
CA GLN B 418 29.16 28.25 -8.87
C GLN B 418 29.23 28.81 -7.44
N ALA B 419 29.99 29.89 -7.20
CA ALA B 419 30.15 30.36 -5.83
C ALA B 419 29.34 31.62 -5.51
N GLY B 420 29.14 32.51 -6.48
CA GLY B 420 28.25 33.64 -6.30
C GLY B 420 28.52 34.58 -5.13
N PRO B 421 29.77 34.95 -4.85
CA PRO B 421 30.03 35.87 -3.72
C PRO B 421 29.51 37.27 -3.98
N LEU B 422 28.66 37.79 -3.07
CA LEU B 422 28.24 39.18 -3.18
C LEU B 422 29.45 40.11 -3.11
N GLY B 423 29.41 41.19 -3.89
CA GLY B 423 30.54 42.08 -4.03
C GLY B 423 31.44 41.77 -5.22
N TRP B 424 31.24 40.65 -5.90
CA TRP B 424 32.14 40.24 -6.98
C TRP B 424 32.11 41.20 -8.17
N THR B 425 30.96 41.82 -8.42
CA THR B 425 30.68 42.38 -9.73
C THR B 425 31.60 43.55 -10.07
N ILE B 426 31.68 44.55 -9.18
CA ILE B 426 32.48 45.73 -9.50
C ILE B 426 33.94 45.37 -9.70
N PRO B 427 34.62 44.69 -8.76
CA PRO B 427 36.02 44.34 -9.03
C PRO B 427 36.20 43.42 -10.22
N ALA B 428 35.30 42.48 -10.47
CA ALA B 428 35.46 41.62 -11.65
C ALA B 428 35.39 42.45 -12.93
N ALA B 429 34.46 43.40 -12.98
CA ALA B 429 34.31 44.24 -14.16
C ALA B 429 35.55 45.08 -14.40
N LEU B 430 36.10 45.65 -13.33
CA LEU B 430 37.36 46.38 -13.46
C LEU B 430 38.48 45.47 -13.97
N GLY B 431 38.49 44.21 -13.52
CA GLY B 431 39.51 43.28 -14.01
C GLY B 431 39.35 42.93 -15.47
N VAL B 432 38.10 42.80 -15.94
CA VAL B 432 37.88 42.58 -17.37
C VAL B 432 38.36 43.79 -18.16
N CYS B 433 38.05 44.99 -17.68
CA CYS B 433 38.47 46.20 -18.38
C CYS B 433 39.98 46.31 -18.44
N ALA B 434 40.66 45.92 -17.36
CA ALA B 434 42.12 45.97 -17.37
C ALA B 434 42.69 44.96 -18.35
N ALA B 435 42.08 43.78 -18.44
CA ALA B 435 42.50 42.76 -19.40
C ALA B 435 42.31 43.22 -20.84
N ASP B 436 41.28 44.02 -21.09
CA ASP B 436 40.94 44.44 -22.46
C ASP B 436 40.25 45.83 -22.45
N PRO B 437 41.02 46.90 -22.61
CA PRO B 437 40.41 48.25 -22.61
C PRO B 437 39.54 48.53 -23.83
N LYS B 438 39.56 47.69 -24.85
CA LYS B 438 38.58 47.84 -25.93
C LYS B 438 37.27 47.11 -25.66
N ARG B 439 37.20 46.29 -24.61
CA ARG B 439 35.97 45.56 -24.34
C ARG B 439 34.87 46.52 -23.88
N ASN B 440 33.65 46.30 -24.38
CA ASN B 440 32.46 47.10 -24.03
C ASN B 440 31.80 46.45 -22.80
N VAL B 441 32.33 46.75 -21.64
CA VAL B 441 31.91 46.06 -20.42
C VAL B 441 30.71 46.75 -19.79
N VAL B 442 29.67 45.97 -19.47
CA VAL B 442 28.46 46.44 -18.81
C VAL B 442 28.16 45.47 -17.68
N ALA B 443 28.15 45.96 -16.44
CA ALA B 443 27.87 45.15 -15.27
C ALA B 443 26.40 45.25 -14.88
N ILE B 444 25.89 44.22 -14.21
CA ILE B 444 24.56 44.24 -13.62
C ILE B 444 24.67 43.84 -12.17
N SER B 445 24.08 44.65 -11.27
CA SER B 445 24.05 44.36 -9.85
C SER B 445 22.70 44.75 -9.27
N GLY B 446 22.26 44.00 -8.26
CA GLY B 446 21.28 44.52 -7.32
C GLY B 446 21.97 45.40 -6.25
N ASP B 447 21.15 46.09 -5.43
CA ASP B 447 21.73 47.05 -4.50
C ASP B 447 22.61 46.37 -3.44
N PHE B 448 22.22 45.18 -2.97
CA PHE B 448 23.01 44.54 -1.93
C PHE B 448 24.39 44.14 -2.46
N ASP B 449 24.43 43.48 -3.62
CA ASP B 449 25.69 43.15 -4.26
C ASP B 449 26.54 44.40 -4.45
N PHE B 450 25.91 45.48 -4.91
CA PHE B 450 26.63 46.71 -5.19
C PHE B 450 27.28 47.32 -3.93
N GLN B 451 26.67 47.12 -2.77
CA GLN B 451 27.19 47.70 -1.54
C GLN B 451 28.39 46.96 -0.96
N PHE B 452 28.45 45.63 -1.09
CA PHE B 452 29.50 44.86 -0.42
C PHE B 452 30.88 45.47 -0.64
N LEU B 453 31.25 45.71 -1.89
CA LEU B 453 32.55 46.24 -2.23
C LEU B 453 32.38 47.53 -3.02
N ILE B 454 31.47 48.38 -2.57
CA ILE B 454 31.14 49.61 -3.30
C ILE B 454 32.36 50.52 -3.44
N GLU B 455 33.28 50.48 -2.48
CA GLU B 455 34.45 51.36 -2.53
C GLU B 455 35.35 51.07 -3.73
N GLU B 456 35.24 49.89 -4.35
CA GLU B 456 36.09 49.62 -5.50
C GLU B 456 35.78 50.53 -6.69
N LEU B 457 34.66 51.27 -6.66
CA LEU B 457 34.40 52.29 -7.68
C LEU B 457 35.50 53.32 -7.74
N ALA B 458 36.10 53.65 -6.59
CA ALA B 458 37.16 54.63 -6.55
C ALA B 458 38.43 54.13 -7.22
N VAL B 459 38.60 52.80 -7.33
CA VAL B 459 39.70 52.24 -8.10
C VAL B 459 39.53 52.57 -9.58
N GLY B 460 38.30 52.46 -10.08
CA GLY B 460 38.02 52.86 -11.44
C GLY B 460 38.18 54.36 -11.65
N ALA B 461 37.95 55.16 -10.61
CA ALA B 461 38.13 56.60 -10.77
C ALA B 461 39.59 56.99 -10.71
N GLN B 462 40.36 56.38 -9.79
CA GLN B 462 41.78 56.74 -9.68
C GLN B 462 42.57 56.31 -10.91
N PHE B 463 42.27 55.14 -11.47
CA PHE B 463 43.02 54.61 -12.60
C PHE B 463 42.33 54.84 -13.94
N ASN B 464 41.20 55.55 -13.95
CA ASN B 464 40.46 55.85 -15.18
C ASN B 464 40.17 54.58 -15.98
N ILE B 465 39.34 53.73 -15.38
CA ILE B 465 38.93 52.47 -15.96
C ILE B 465 37.43 52.54 -16.22
N PRO B 466 37.03 52.86 -17.45
CA PRO B 466 35.61 53.09 -17.75
C PRO B 466 34.84 51.84 -18.11
N TYR B 467 33.60 51.79 -17.61
CA TYR B 467 32.62 50.77 -17.93
C TYR B 467 31.29 51.30 -17.40
N ILE B 468 30.18 50.68 -17.82
CA ILE B 468 28.85 51.07 -17.36
C ILE B 468 28.37 50.05 -16.34
N HIS B 469 27.88 50.53 -15.20
CA HIS B 469 27.31 49.64 -14.18
C HIS B 469 25.82 49.90 -14.07
N VAL B 470 25.03 48.92 -14.47
CA VAL B 470 23.58 48.97 -14.29
C VAL B 470 23.25 48.44 -12.91
N LEU B 471 22.55 49.25 -12.11
CA LEU B 471 22.24 48.95 -10.72
C LEU B 471 20.72 48.91 -10.56
N VAL B 472 20.14 47.75 -10.28
CA VAL B 472 18.69 47.67 -10.16
C VAL B 472 18.34 47.58 -8.68
N ASN B 473 17.66 48.60 -8.18
CA ASN B 473 17.57 48.85 -6.73
C ASN B 473 16.13 48.63 -6.28
N ASN B 474 15.91 47.57 -5.49
CA ASN B 474 14.62 47.31 -4.87
C ASN B 474 14.65 47.48 -3.35
N ALA B 475 15.72 48.06 -2.80
CA ALA B 475 15.92 48.18 -1.35
C ALA B 475 15.70 46.82 -0.64
N TYR B 476 16.20 45.75 -1.26
CA TYR B 476 15.90 44.40 -0.81
C TYR B 476 17.05 43.45 -1.13
N LEU B 477 17.21 42.43 -0.28
CA LEU B 477 17.86 41.19 -0.69
C LEU B 477 16.77 40.36 -1.37
N GLY B 478 16.50 40.70 -2.62
CA GLY B 478 15.27 40.22 -3.24
C GLY B 478 15.23 38.71 -3.38
N LEU B 479 16.35 38.11 -3.81
CA LEU B 479 16.36 36.65 -3.96
C LEU B 479 16.05 35.97 -2.65
N ILE B 480 16.55 36.52 -1.53
CA ILE B 480 16.33 35.89 -0.24
C ILE B 480 14.89 36.10 0.24
N ARG B 481 14.31 37.27 -0.06
CA ARG B 481 12.89 37.48 0.21
C ARG B 481 12.05 36.44 -0.51
N GLN B 482 12.40 36.16 -1.77
CA GLN B 482 11.66 35.15 -2.53
C GLN B 482 11.83 33.76 -1.89
N SER B 483 13.05 33.38 -1.53
CA SER B 483 13.20 32.07 -0.92
C SER B 483 12.52 32.00 0.46
N GLN B 484 12.29 33.13 1.11
CA GLN B 484 11.62 33.11 2.41
C GLN B 484 10.12 32.87 2.30
N MET B 485 9.53 32.98 1.11
CA MET B 485 8.10 32.75 0.95
C MET B 485 7.69 31.35 1.39
N ALA B 486 8.58 30.37 1.19
CA ALA B 486 8.27 29.01 1.65
C ALA B 486 8.14 28.95 3.18
N PHE B 487 8.81 29.85 3.90
CA PHE B 487 8.75 29.92 5.36
C PHE B 487 7.72 30.95 5.86
N ASP B 488 6.90 31.51 4.95
CA ASP B 488 5.84 32.44 5.32
C ASP B 488 6.35 33.63 6.12
N MET B 489 7.48 34.18 5.67
CA MET B 489 8.07 35.30 6.36
C MET B 489 8.78 36.20 5.37
N ASP B 490 9.13 37.38 5.85
CA ASP B 490 9.87 38.41 5.11
C ASP B 490 10.73 39.07 6.19
N TYR B 491 11.93 38.53 6.40
CA TYR B 491 12.62 38.70 7.67
C TYR B 491 14.11 38.95 7.44
N CYS B 492 14.58 40.09 7.93
CA CYS B 492 15.97 40.50 7.84
C CYS B 492 16.45 40.62 6.40
N VAL B 493 15.58 41.02 5.48
CA VAL B 493 15.98 41.14 4.07
C VAL B 493 15.71 42.51 3.50
N GLN B 494 15.24 43.46 4.31
CA GLN B 494 14.90 44.79 3.83
C GLN B 494 16.04 45.74 4.10
N LEU B 495 16.42 46.50 3.08
CA LEU B 495 17.49 47.49 3.18
C LEU B 495 16.97 48.92 3.27
N ALA B 496 15.65 49.13 3.25
CA ALA B 496 15.12 50.48 3.17
C ALA B 496 15.25 51.23 4.50
N PHE B 497 15.43 52.54 4.40
CA PHE B 497 15.31 53.43 5.56
C PHE B 497 15.16 54.85 5.04
N GLU B 498 14.62 55.72 5.90
CA GLU B 498 14.48 57.12 5.54
C GLU B 498 15.86 57.76 5.65
N ASN B 499 16.43 58.12 4.51
CA ASN B 499 17.76 58.70 4.47
C ASN B 499 17.65 60.18 4.86
N ILE B 500 18.30 60.57 5.95
CA ILE B 500 18.10 61.92 6.48
C ILE B 500 18.74 62.98 5.62
N ASN B 501 19.56 62.59 4.65
CA ASN B 501 20.22 63.51 3.74
C ASN B 501 19.60 63.56 2.35
N SER B 502 18.60 62.72 2.05
CA SER B 502 18.24 62.42 0.65
C SER B 502 16.76 62.02 0.60
N SER B 503 15.88 63.02 0.62
CA SER B 503 14.46 62.70 0.50
C SER B 503 14.11 62.18 -0.90
N GLU B 504 14.94 62.45 -1.90
CA GLU B 504 14.63 62.06 -3.26
C GLU B 504 14.75 60.56 -3.51
N VAL B 505 15.34 59.79 -2.60
CA VAL B 505 15.35 58.33 -2.75
C VAL B 505 14.10 57.68 -2.15
N ASN B 506 13.20 58.47 -1.56
CA ASN B 506 11.87 58.03 -1.16
C ASN B 506 11.91 56.84 -0.20
N GLY B 507 12.82 56.87 0.76
CA GLY B 507 12.83 55.80 1.73
C GLY B 507 13.52 54.53 1.29
N TYR B 508 14.24 54.56 0.18
CA TYR B 508 14.97 53.38 -0.27
C TYR B 508 16.30 53.21 0.46
N GLY B 509 16.69 54.14 1.30
CA GLY B 509 17.92 53.97 2.08
C GLY B 509 19.12 54.59 1.39
N VAL B 510 20.10 53.76 1.04
CA VAL B 510 21.35 54.33 0.53
C VAL B 510 21.09 55.13 -0.74
N ASP B 511 21.74 56.28 -0.83
CA ASP B 511 21.71 57.14 -2.02
C ASP B 511 22.91 56.79 -2.88
N HIS B 512 22.69 55.93 -3.88
CA HIS B 512 23.80 55.39 -4.65
C HIS B 512 24.44 56.42 -5.57
N VAL B 513 23.69 57.45 -5.97
CA VAL B 513 24.27 58.50 -6.80
C VAL B 513 25.29 59.31 -6.00
N LYS B 514 24.93 59.71 -4.77
CA LYS B 514 25.86 60.47 -3.94
C LYS B 514 27.09 59.64 -3.58
N VAL B 515 26.90 58.35 -3.28
CA VAL B 515 28.05 57.52 -2.94
C VAL B 515 28.98 57.38 -4.13
N ALA B 516 28.43 57.03 -5.30
CA ALA B 516 29.28 56.86 -6.47
C ALA B 516 29.96 58.16 -6.85
N GLU B 517 29.25 59.28 -6.75
CA GLU B 517 29.89 60.55 -7.05
C GLU B 517 30.95 60.88 -6.02
N GLY B 518 30.72 60.52 -4.75
CA GLY B 518 31.76 60.75 -3.76
C GLY B 518 32.97 59.89 -3.98
N LEU B 519 32.79 58.74 -4.63
CA LEU B 519 33.91 57.87 -4.98
C LEU B 519 34.55 58.27 -6.30
N GLY B 520 34.11 59.35 -6.92
CA GLY B 520 34.76 59.87 -8.12
C GLY B 520 34.17 59.42 -9.44
N CYS B 521 33.05 58.73 -9.43
CA CYS B 521 32.43 58.25 -10.65
C CYS B 521 31.24 59.13 -11.02
N LYS B 522 30.63 58.82 -12.16
CA LYS B 522 29.40 59.46 -12.61
C LYS B 522 28.23 58.52 -12.34
N ALA B 523 27.04 59.11 -12.19
CA ALA B 523 25.86 58.30 -11.88
C ALA B 523 24.61 59.03 -12.35
N ILE B 524 23.62 58.23 -12.75
CA ILE B 524 22.32 58.69 -13.23
C ILE B 524 21.26 57.82 -12.57
N ARG B 525 20.26 58.44 -11.96
CA ARG B 525 19.15 57.71 -11.37
C ARG B 525 17.94 57.78 -12.28
N VAL B 526 17.25 56.65 -12.43
CA VAL B 526 16.13 56.51 -13.37
C VAL B 526 14.92 55.96 -12.60
N PHE B 527 13.78 56.64 -12.75
CA PHE B 527 12.52 56.25 -12.13
C PHE B 527 11.47 55.71 -13.08
N LYS B 528 11.53 56.07 -14.36
CA LYS B 528 10.49 55.72 -15.31
C LYS B 528 11.06 54.87 -16.42
N PRO B 529 10.29 53.89 -16.93
CA PRO B 529 10.87 52.96 -17.92
C PRO B 529 11.36 53.65 -19.17
N GLU B 530 10.70 54.73 -19.57
CA GLU B 530 11.07 55.42 -20.82
C GLU B 530 12.31 56.28 -20.66
N ASP B 531 12.78 56.50 -19.42
CA ASP B 531 14.04 57.19 -19.22
C ASP B 531 15.26 56.27 -19.22
N ILE B 532 15.07 54.96 -19.33
CA ILE B 532 16.21 54.04 -19.28
C ILE B 532 17.09 54.20 -20.52
N ALA B 533 16.50 54.19 -21.70
CA ALA B 533 17.29 54.27 -22.92
C ALA B 533 18.11 55.55 -23.01
N PRO B 534 17.53 56.76 -22.80
CA PRO B 534 18.39 57.96 -22.81
C PRO B 534 19.51 57.90 -21.77
N ALA B 535 19.27 57.27 -20.63
CA ALA B 535 20.29 57.17 -19.59
C ALA B 535 21.47 56.35 -20.07
N PHE B 536 21.22 55.23 -20.75
CA PHE B 536 22.32 54.46 -21.31
C PHE B 536 23.06 55.26 -22.38
N GLU B 537 22.34 56.07 -23.16
CA GLU B 537 23.02 56.92 -24.15
C GLU B 537 23.90 57.96 -23.47
N GLN B 538 23.37 58.63 -22.44
CA GLN B 538 24.17 59.63 -21.74
C GLN B 538 25.35 58.98 -21.02
N ALA B 539 25.16 57.76 -20.51
CA ALA B 539 26.28 57.06 -19.86
C ALA B 539 27.41 56.79 -20.84
N LYS B 540 27.07 56.41 -22.09
CA LYS B 540 28.13 56.21 -23.08
C LYS B 540 28.91 57.49 -23.30
N ALA B 541 28.22 58.64 -23.30
CA ALA B 541 28.90 59.91 -23.56
C ALA B 541 29.76 60.33 -22.38
N LEU B 542 29.25 60.15 -21.16
CA LEU B 542 30.07 60.49 -19.99
C LEU B 542 31.30 59.60 -19.91
N MET B 543 31.17 58.32 -20.28
CA MET B 543 32.30 57.41 -20.18
C MET B 543 33.41 57.78 -21.16
N ALA B 544 33.04 58.18 -22.40
CA ALA B 544 34.07 58.49 -23.38
C ALA B 544 34.86 59.74 -23.01
N GLN B 545 34.21 60.69 -22.31
CA GLN B 545 34.87 61.93 -21.94
C GLN B 545 35.63 61.84 -20.62
N TYR B 546 35.00 61.29 -19.57
CA TYR B 546 35.65 61.27 -18.26
C TYR B 546 36.47 60.02 -18.01
N ARG B 547 36.18 58.92 -18.72
CA ARG B 547 36.91 57.65 -18.56
C ARG B 547 36.92 57.18 -17.11
N VAL B 548 35.74 57.17 -16.50
CA VAL B 548 35.52 56.60 -15.16
C VAL B 548 34.28 55.73 -15.22
N PRO B 549 34.04 54.87 -14.22
CA PRO B 549 32.78 54.14 -14.20
C PRO B 549 31.58 55.08 -14.18
N VAL B 550 30.51 54.68 -14.84
CA VAL B 550 29.24 55.39 -14.85
C VAL B 550 28.15 54.44 -14.37
N VAL B 551 27.51 54.77 -13.26
CA VAL B 551 26.48 53.94 -12.66
C VAL B 551 25.12 54.44 -13.11
N VAL B 552 24.28 53.54 -13.62
CA VAL B 552 22.91 53.87 -14.00
C VAL B 552 22.01 53.13 -13.03
N GLU B 553 21.42 53.86 -12.10
CA GLU B 553 20.58 53.25 -11.08
C GLU B 553 19.12 53.31 -11.50
N VAL B 554 18.48 52.16 -11.53
CA VAL B 554 17.06 52.09 -11.86
C VAL B 554 16.32 51.76 -10.57
N ILE B 555 15.36 52.60 -10.22
CA ILE B 555 14.52 52.38 -9.05
C ILE B 555 13.43 51.41 -9.44
N LEU B 556 13.46 50.23 -8.85
CA LEU B 556 12.52 49.15 -9.13
C LEU B 556 11.37 49.16 -8.15
N GLU B 557 10.27 48.53 -8.54
CA GLU B 557 9.26 48.18 -7.56
C GLU B 557 9.90 47.27 -6.52
N ARG B 558 9.38 47.32 -5.30
CA ARG B 558 10.06 46.65 -4.20
C ARG B 558 10.05 45.12 -4.35
N VAL B 559 8.99 44.55 -4.92
CA VAL B 559 8.81 43.11 -4.90
C VAL B 559 8.46 42.63 -6.30
N THR B 560 9.36 41.85 -6.91
CA THR B 560 9.11 41.12 -8.14
C THR B 560 9.54 39.68 -7.91
N ASN B 561 8.67 38.72 -8.20
CA ASN B 561 9.03 37.31 -8.08
C ASN B 561 9.49 36.79 -9.44
N ILE B 562 10.76 36.42 -9.52
CA ILE B 562 11.36 35.91 -10.75
C ILE B 562 11.08 34.42 -10.88
N SER B 563 10.95 33.95 -12.13
CA SER B 563 10.58 32.56 -12.37
C SER B 563 11.70 31.59 -11.97
N MET B 564 11.32 30.49 -11.33
CA MET B 564 12.25 29.47 -10.86
C MET B 564 11.48 28.28 -10.33
N GLY B 565 12.17 27.14 -10.22
CA GLY B 565 11.53 25.92 -9.76
C GLY B 565 12.54 24.96 -9.17
N SER B 566 12.06 23.79 -8.75
CA SER B 566 12.93 22.74 -8.25
C SER B 566 13.21 21.64 -9.28
N GLU B 567 12.50 21.65 -10.41
CA GLU B 567 12.68 20.68 -11.47
C GLU B 567 12.48 21.39 -12.80
N LEU B 568 13.00 20.79 -13.87
CA LEU B 568 12.85 21.42 -15.18
C LEU B 568 11.39 21.56 -15.56
N ASP B 569 10.53 20.66 -15.10
CA ASP B 569 9.13 20.67 -15.50
C ASP B 569 8.21 21.35 -14.51
N ASN B 570 8.73 21.94 -13.42
CA ASN B 570 7.87 22.66 -12.51
C ASN B 570 8.36 24.08 -12.22
N VAL B 571 9.05 24.70 -13.18
CA VAL B 571 9.46 26.09 -13.03
C VAL B 571 8.22 26.99 -13.01
N MET B 572 8.09 27.76 -11.94
CA MET B 572 6.90 28.58 -11.71
C MET B 572 7.06 29.97 -12.32
N GLU B 573 6.03 30.41 -13.01
CA GLU B 573 6.00 31.73 -13.64
C GLU B 573 5.05 32.62 -12.84
N PHE B 574 5.61 33.50 -12.02
CA PHE B 574 4.80 34.45 -11.24
C PHE B 574 4.45 35.67 -12.08
N GLU B 575 5.43 36.23 -12.76
CA GLU B 575 5.24 37.38 -13.61
C GLU B 575 4.64 36.92 -14.94
N ASP B 576 4.11 37.87 -15.71
CA ASP B 576 3.40 37.52 -16.94
C ASP B 576 4.33 36.80 -17.91
N ILE B 577 3.83 35.71 -18.51
CA ILE B 577 4.56 35.04 -19.57
C ILE B 577 4.29 35.81 -20.84
N ALA B 578 4.84 35.34 -21.95
CA ALA B 578 4.65 36.03 -23.22
C ALA B 578 4.70 35.01 -24.34
N ASP B 579 4.06 35.33 -25.46
CA ASP B 579 4.12 34.43 -26.60
C ASP B 579 4.33 35.17 -27.90
N ASN B 580 4.77 36.42 -27.86
CA ASN B 580 4.94 37.18 -29.08
C ASN B 580 5.89 38.34 -28.82
N ALA B 581 6.37 38.91 -29.91
CA ALA B 581 7.40 39.94 -29.86
C ALA B 581 6.92 41.24 -29.23
N ALA B 582 5.62 41.55 -29.22
CA ALA B 582 5.23 42.82 -28.63
C ALA B 582 5.45 42.83 -27.13
N ASP B 583 5.33 41.66 -26.48
CA ASP B 583 5.59 41.54 -25.05
C ASP B 583 7.04 41.19 -24.73
N ALA B 584 7.76 40.58 -25.67
CA ALA B 584 9.16 40.19 -25.47
C ALA B 584 9.97 40.56 -26.71
N PRO B 585 10.17 41.87 -26.94
CA PRO B 585 10.69 42.32 -28.24
C PRO B 585 12.16 42.05 -28.50
N THR B 586 12.96 41.63 -27.51
CA THR B 586 14.40 41.57 -27.72
C THR B 586 14.93 40.14 -27.84
N GLU B 587 14.07 39.13 -27.93
CA GLU B 587 14.54 37.81 -28.36
C GLU B 587 15.24 37.94 -29.70
N THR B 588 16.32 37.15 -29.88
CA THR B 588 17.10 37.26 -31.11
C THR B 588 16.27 36.92 -32.35
N CYS B 589 15.22 36.12 -32.20
CA CYS B 589 14.35 35.91 -33.36
C CYS B 589 13.66 37.21 -33.79
N PHE B 590 13.50 38.15 -32.87
CA PHE B 590 12.62 39.30 -33.08
C PHE B 590 13.35 40.58 -33.47
N MET B 591 14.65 40.68 -33.24
CA MET B 591 15.38 41.89 -33.62
C MET B 591 16.77 41.53 -34.09
N HIS B 592 17.30 42.37 -34.96
CA HIS B 592 18.66 42.22 -35.43
C HIS B 592 19.64 42.81 -34.41
N TYR B 593 20.61 42.03 -34.00
CA TYR B 593 21.63 42.51 -33.07
C TYR B 593 22.87 42.93 -33.86
N GLU B 594 22.94 44.21 -34.19
CA GLU B 594 24.19 44.96 -34.37
C GLU B 594 25.33 44.31 -35.13
N GLY C 1 -37.06 -33.57 -27.03
CA GLY C 1 -37.94 -32.47 -27.33
C GLY C 1 -38.52 -31.82 -26.08
N MET C 2 -39.26 -30.71 -26.27
CA MET C 2 -39.90 -30.03 -25.14
C MET C 2 -40.92 -30.93 -24.46
N ALA C 3 -40.89 -30.96 -23.12
CA ALA C 3 -41.64 -31.93 -22.34
C ALA C 3 -41.83 -31.41 -20.92
N LYS C 4 -42.82 -31.99 -20.22
CA LYS C 4 -43.09 -31.69 -18.82
C LYS C 4 -42.19 -32.56 -17.95
N MET C 5 -41.60 -31.94 -16.92
CA MET C 5 -40.63 -32.63 -16.06
C MET C 5 -40.38 -31.79 -14.82
N ARG C 6 -39.87 -32.43 -13.78
CA ARG C 6 -39.50 -31.72 -12.56
C ARG C 6 -38.35 -30.75 -12.81
N ALA C 7 -38.28 -29.68 -12.02
CA ALA C 7 -37.17 -28.75 -12.14
C ALA C 7 -35.83 -29.45 -11.98
N VAL C 8 -35.76 -30.45 -11.09
CA VAL C 8 -34.52 -31.22 -10.95
C VAL C 8 -34.25 -32.04 -12.19
N ASP C 9 -35.30 -32.50 -12.90
CA ASP C 9 -35.04 -33.23 -14.15
C ASP C 9 -34.39 -32.31 -15.17
N ALA C 10 -34.88 -31.07 -15.29
CA ALA C 10 -34.24 -30.13 -16.20
C ALA C 10 -32.78 -29.90 -15.80
N ALA C 11 -32.51 -29.87 -14.49
CA ALA C 11 -31.15 -29.62 -14.01
C ALA C 11 -30.20 -30.74 -14.42
N MET C 12 -30.66 -31.99 -14.45
CA MET C 12 -29.81 -33.08 -14.93
C MET C 12 -29.44 -32.90 -16.38
N TYR C 13 -30.38 -32.42 -17.20
CA TYR C 13 -30.07 -32.15 -18.59
C TYR C 13 -29.07 -31.01 -18.72
N VAL C 14 -29.23 -29.98 -17.88
CA VAL C 14 -28.30 -28.85 -17.92
C VAL C 14 -26.91 -29.30 -17.50
N LEU C 15 -26.81 -30.11 -16.45
CA LEU C 15 -25.49 -30.55 -16.02
C LEU C 15 -24.86 -31.44 -17.09
N GLU C 16 -25.68 -32.27 -17.75
CA GLU C 16 -25.17 -33.11 -18.82
C GLU C 16 -24.57 -32.28 -19.94
N LYS C 17 -25.33 -31.29 -20.44
CA LYS C 17 -24.88 -30.48 -21.56
C LYS C 17 -23.72 -29.61 -21.17
N GLU C 18 -23.56 -29.38 -19.89
CA GLU C 18 -22.47 -28.58 -19.38
C GLU C 18 -21.24 -29.43 -19.03
N GLY C 19 -21.27 -30.72 -19.38
CA GLY C 19 -20.12 -31.58 -19.25
C GLY C 19 -19.95 -32.32 -17.92
N ILE C 20 -20.86 -32.15 -16.97
CA ILE C 20 -20.73 -32.91 -15.72
C ILE C 20 -20.91 -34.39 -15.98
N THR C 21 -20.00 -35.21 -15.44
CA THR C 21 -20.15 -36.66 -15.43
C THR C 21 -20.01 -37.27 -14.04
N THR C 22 -19.64 -36.48 -13.03
CA THR C 22 -19.28 -37.00 -11.73
C THR C 22 -19.80 -36.07 -10.64
N ALA C 23 -20.20 -36.64 -9.51
CA ALA C 23 -20.56 -35.83 -8.36
C ALA C 23 -20.18 -36.56 -7.07
N PHE C 24 -19.76 -35.78 -6.07
CA PHE C 24 -19.47 -36.25 -4.73
C PHE C 24 -20.48 -35.65 -3.75
N GLY C 25 -21.02 -36.47 -2.85
CA GLY C 25 -22.08 -35.92 -2.01
C GLY C 25 -22.52 -36.82 -0.88
N VAL C 26 -23.41 -36.27 -0.06
CA VAL C 26 -24.09 -36.96 1.05
C VAL C 26 -25.56 -36.59 0.93
N PRO C 27 -26.44 -37.52 0.60
CA PRO C 27 -27.86 -37.19 0.46
C PRO C 27 -28.52 -36.95 1.82
N GLY C 28 -29.68 -36.30 1.76
CA GLY C 28 -30.57 -36.15 2.89
C GLY C 28 -31.97 -35.85 2.38
N ALA C 29 -32.91 -35.71 3.32
CA ALA C 29 -34.31 -35.54 2.95
C ALA C 29 -34.53 -34.29 2.08
N ALA C 30 -33.82 -33.20 2.38
CA ALA C 30 -34.08 -31.95 1.67
C ALA C 30 -33.59 -32.00 0.21
N ILE C 31 -32.64 -32.88 -0.09
CA ILE C 31 -32.04 -32.97 -1.41
C ILE C 31 -32.42 -34.27 -2.12
N ASN C 32 -33.33 -35.06 -1.55
CA ASN C 32 -33.76 -36.29 -2.23
C ASN C 32 -34.32 -36.11 -3.64
N PRO C 33 -35.17 -35.10 -3.94
CA PRO C 33 -35.65 -34.99 -5.33
C PRO C 33 -34.53 -34.87 -6.36
N PHE C 34 -33.45 -34.15 -6.03
CA PHE C 34 -32.30 -34.07 -6.92
C PHE C 34 -31.64 -35.43 -7.10
N TYR C 35 -31.46 -36.18 -6.00
CA TYR C 35 -30.90 -37.52 -6.14
C TYR C 35 -31.83 -38.41 -6.96
N SER C 36 -33.13 -38.23 -6.80
CA SER C 36 -34.08 -39.01 -7.59
C SER C 36 -33.94 -38.71 -9.07
N ALA C 37 -33.73 -37.43 -9.42
CA ALA C 37 -33.58 -37.06 -10.82
C ALA C 37 -32.25 -37.54 -11.38
N MET C 38 -31.20 -37.51 -10.58
CA MET C 38 -29.89 -37.98 -11.00
C MET C 38 -29.94 -39.47 -11.28
N ARG C 39 -30.70 -40.21 -10.47
CA ARG C 39 -30.80 -41.66 -10.66
C ARG C 39 -31.52 -41.98 -11.96
N LYS C 40 -32.63 -41.28 -12.20
CA LYS C 40 -33.40 -41.50 -13.42
C LYS C 40 -32.61 -41.12 -14.66
N HIS C 41 -31.83 -40.03 -14.58
CA HIS C 41 -31.14 -39.57 -15.77
C HIS C 41 -30.00 -40.52 -16.15
N GLY C 42 -29.22 -40.99 -15.18
CA GLY C 42 -28.05 -41.80 -15.47
C GLY C 42 -26.89 -40.95 -15.97
N GLY C 43 -25.73 -41.57 -16.07
CA GLY C 43 -24.63 -40.83 -16.67
C GLY C 43 -24.01 -39.75 -15.80
N ILE C 44 -24.41 -39.63 -14.53
CA ILE C 44 -23.60 -38.99 -13.52
C ILE C 44 -23.23 -40.05 -12.50
N ARG C 45 -21.94 -40.25 -12.29
CA ARG C 45 -21.47 -41.18 -11.26
C ARG C 45 -21.42 -40.46 -9.92
N HIS C 46 -22.16 -40.93 -8.93
CA HIS C 46 -22.12 -40.33 -7.61
C HIS C 46 -21.18 -41.12 -6.71
N ILE C 47 -20.25 -40.43 -6.07
CA ILE C 47 -19.37 -41.02 -5.07
C ILE C 47 -19.81 -40.50 -3.71
N LEU C 48 -20.22 -41.41 -2.84
CA LEU C 48 -20.71 -41.07 -1.51
C LEU C 48 -19.54 -40.85 -0.57
N ALA C 49 -19.48 -39.68 0.06
CA ALA C 49 -18.45 -39.31 1.01
C ALA C 49 -18.87 -39.68 2.42
N ARG C 50 -17.91 -39.70 3.34
CA ARG C 50 -18.20 -39.99 4.74
C ARG C 50 -18.05 -38.75 5.63
N HIS C 51 -18.07 -37.58 5.01
CA HIS C 51 -18.21 -36.29 5.68
C HIS C 51 -18.53 -35.31 4.56
N VAL C 52 -19.45 -34.39 4.82
CA VAL C 52 -19.80 -33.44 3.78
C VAL C 52 -18.58 -32.62 3.39
N GLU C 53 -17.72 -32.29 4.36
CA GLU C 53 -16.48 -31.59 4.04
C GLU C 53 -15.58 -32.43 3.13
N GLY C 54 -15.64 -33.75 3.26
CA GLY C 54 -14.88 -34.62 2.37
C GLY C 54 -15.43 -34.61 0.95
N ALA C 55 -16.75 -34.60 0.82
CA ALA C 55 -17.33 -34.46 -0.51
C ALA C 55 -16.87 -33.18 -1.17
N SER C 56 -16.80 -32.09 -0.39
CA SER C 56 -16.49 -30.81 -1.02
C SER C 56 -15.03 -30.71 -1.41
N HIS C 57 -14.13 -31.31 -0.64
CA HIS C 57 -12.73 -31.30 -1.05
C HIS C 57 -12.45 -32.28 -2.18
N MET C 58 -13.23 -33.37 -2.28
CA MET C 58 -13.13 -34.22 -3.48
C MET C 58 -13.49 -33.42 -4.71
N ALA C 59 -14.49 -32.55 -4.61
CA ALA C 59 -14.86 -31.71 -5.74
C ALA C 59 -13.70 -30.83 -6.16
N GLU C 60 -12.99 -30.25 -5.18
CA GLU C 60 -11.84 -29.40 -5.51
C GLU C 60 -10.76 -30.18 -6.24
N GLY C 61 -10.48 -31.41 -5.79
CA GLY C 61 -9.43 -32.19 -6.44
C GLY C 61 -9.82 -32.56 -7.85
N TYR C 62 -11.10 -32.86 -8.06
CA TYR C 62 -11.61 -33.14 -9.39
C TYR C 62 -11.46 -31.92 -10.31
N THR C 63 -11.71 -30.72 -9.79
CA THR C 63 -11.55 -29.53 -10.62
C THR C 63 -10.09 -29.34 -11.00
N ARG C 64 -9.22 -29.41 -9.99
CA ARG C 64 -7.81 -29.13 -10.19
C ARG C 64 -7.13 -30.16 -11.08
N ALA C 65 -7.71 -31.36 -11.19
CA ALA C 65 -7.01 -32.47 -11.82
C ALA C 65 -6.81 -32.26 -13.32
N THR C 66 -7.80 -31.68 -14.02
CA THR C 66 -7.78 -31.57 -15.48
C THR C 66 -8.46 -30.30 -15.92
N ALA C 67 -7.84 -29.58 -16.87
CA ALA C 67 -8.42 -28.30 -17.31
C ALA C 67 -9.83 -28.53 -17.83
N GLY C 68 -10.75 -27.65 -17.42
CA GLY C 68 -12.15 -27.75 -17.82
C GLY C 68 -13.03 -28.61 -16.92
N ASN C 69 -12.45 -29.37 -16.00
CA ASN C 69 -13.26 -30.08 -15.03
C ASN C 69 -13.91 -29.09 -14.05
N ILE C 70 -15.14 -29.39 -13.62
CA ILE C 70 -15.79 -28.69 -12.52
C ILE C 70 -16.34 -29.74 -11.55
N GLY C 71 -15.70 -29.87 -10.38
CA GLY C 71 -16.18 -30.80 -9.37
C GLY C 71 -17.52 -30.36 -8.80
N VAL C 72 -18.39 -31.34 -8.55
CA VAL C 72 -19.73 -31.08 -8.01
C VAL C 72 -19.85 -31.72 -6.62
N CYS C 73 -20.31 -30.94 -5.65
CA CYS C 73 -20.55 -31.38 -4.28
C CYS C 73 -22.03 -31.21 -3.95
N LEU C 74 -22.71 -32.31 -3.59
CA LEU C 74 -24.12 -32.30 -3.24
C LEU C 74 -24.33 -32.50 -1.74
N GLY C 75 -25.29 -31.78 -1.16
CA GLY C 75 -25.66 -32.00 0.23
C GLY C 75 -27.08 -31.58 0.56
N THR C 76 -27.54 -32.00 1.74
CA THR C 76 -28.88 -31.66 2.21
C THR C 76 -28.89 -30.23 2.76
N SER C 77 -29.94 -29.87 3.50
CA SER C 77 -30.08 -28.52 4.03
C SER C 77 -29.26 -28.37 5.32
N GLY C 78 -29.28 -27.16 5.88
CA GLY C 78 -28.73 -26.92 7.20
C GLY C 78 -27.24 -27.18 7.31
N PRO C 79 -26.87 -28.11 8.21
CA PRO C 79 -25.45 -28.34 8.49
C PRO C 79 -24.64 -28.79 7.27
N ALA C 80 -25.27 -29.41 6.28
CA ALA C 80 -24.52 -29.78 5.07
C ALA C 80 -23.92 -28.54 4.41
N GLY C 81 -24.72 -27.49 4.21
CA GLY C 81 -24.17 -26.30 3.59
C GLY C 81 -23.08 -25.66 4.43
N THR C 82 -23.26 -25.64 5.77
CA THR C 82 -22.22 -25.01 6.59
C THR C 82 -20.93 -25.85 6.60
N ASP C 83 -21.04 -27.16 6.38
CA ASP C 83 -19.85 -27.99 6.21
C ASP C 83 -19.13 -27.74 4.89
N MET C 84 -19.75 -27.02 3.94
CA MET C 84 -19.11 -26.75 2.65
C MET C 84 -18.32 -25.45 2.61
N ILE C 85 -18.43 -24.61 3.64
CA ILE C 85 -17.85 -23.28 3.60
C ILE C 85 -16.33 -23.35 3.47
N THR C 86 -15.69 -24.29 4.17
CA THR C 86 -14.22 -24.35 4.12
C THR C 86 -13.75 -24.62 2.69
N ALA C 87 -14.45 -25.48 1.94
CA ALA C 87 -14.07 -25.76 0.56
C ALA C 87 -14.38 -24.60 -0.37
N LEU C 88 -15.50 -23.91 -0.14
CA LEU C 88 -15.82 -22.72 -0.93
C LEU C 88 -14.72 -21.67 -0.78
N TYR C 89 -14.27 -21.48 0.46
CA TYR C 89 -13.15 -20.58 0.74
C TYR C 89 -11.87 -21.07 0.05
N SER C 90 -11.57 -22.36 0.15
CA SER C 90 -10.34 -22.90 -0.42
C SER C 90 -10.35 -22.76 -1.94
N ALA C 91 -11.47 -23.08 -2.58
CA ALA C 91 -11.56 -22.89 -4.03
C ALA C 91 -11.49 -21.41 -4.43
N SER C 92 -12.26 -20.54 -3.75
CA SER C 92 -12.20 -19.12 -4.08
C SER C 92 -10.79 -18.60 -3.99
N ALA C 93 -10.06 -19.00 -2.93
CA ALA C 93 -8.75 -18.44 -2.65
C ALA C 93 -7.73 -18.82 -3.72
N ASP C 94 -7.86 -19.97 -4.35
CA ASP C 94 -6.97 -20.41 -5.42
C ASP C 94 -7.53 -20.12 -6.81
N SER C 95 -8.64 -19.37 -6.89
CA SER C 95 -9.29 -18.99 -8.15
C SER C 95 -9.70 -20.20 -8.99
N ILE C 96 -10.22 -21.24 -8.35
CA ILE C 96 -10.70 -22.39 -9.11
C ILE C 96 -12.16 -22.64 -8.75
N PRO C 97 -12.95 -23.26 -9.64
CA PRO C 97 -14.38 -23.46 -9.33
C PRO C 97 -14.72 -24.82 -8.74
N ILE C 98 -15.69 -24.85 -7.83
CA ILE C 98 -16.51 -26.04 -7.59
C ILE C 98 -17.96 -25.59 -7.65
N LEU C 99 -18.85 -26.54 -7.94
CA LEU C 99 -20.28 -26.28 -7.86
C LEU C 99 -20.82 -27.08 -6.68
N CYS C 100 -21.32 -26.37 -5.66
CA CYS C 100 -22.01 -26.98 -4.52
C CYS C 100 -23.50 -26.83 -4.72
N ILE C 101 -24.25 -27.90 -4.48
CA ILE C 101 -25.70 -27.86 -4.54
C ILE C 101 -26.25 -28.38 -3.22
N THR C 102 -27.11 -27.58 -2.58
CA THR C 102 -27.68 -27.94 -1.29
C THR C 102 -29.20 -27.96 -1.37
N GLY C 103 -29.82 -28.90 -0.66
CA GLY C 103 -31.25 -28.85 -0.46
C GLY C 103 -31.61 -27.75 0.52
N GLN C 104 -32.90 -27.44 0.55
CA GLN C 104 -33.36 -26.35 1.39
C GLN C 104 -34.83 -26.59 1.73
N ALA C 105 -35.29 -25.93 2.78
CA ALA C 105 -36.69 -25.97 3.18
C ALA C 105 -37.55 -25.29 2.12
N PRO C 106 -38.86 -25.61 2.09
CA PRO C 106 -39.75 -25.00 1.09
C PRO C 106 -39.83 -23.49 1.23
N ARG C 107 -40.05 -22.83 0.08
CA ARG C 107 -40.02 -21.36 0.03
C ARG C 107 -40.87 -20.73 1.13
N ALA C 108 -42.08 -21.24 1.33
CA ALA C 108 -43.02 -20.58 2.22
C ALA C 108 -42.65 -20.76 3.69
N ARG C 109 -41.65 -21.59 3.97
CA ARG C 109 -41.18 -21.81 5.33
C ARG C 109 -39.78 -21.28 5.56
N LEU C 110 -39.25 -20.49 4.62
CA LEU C 110 -37.85 -20.04 4.67
C LEU C 110 -37.58 -19.08 5.82
N HIS C 111 -38.61 -18.43 6.35
CA HIS C 111 -38.39 -17.53 7.46
C HIS C 111 -39.01 -18.04 8.75
N LYS C 112 -39.63 -19.21 8.71
CA LYS C 112 -39.87 -19.99 9.90
C LYS C 112 -38.54 -20.55 10.41
N GLU C 113 -38.59 -21.15 11.60
CA GLU C 113 -37.42 -21.87 12.12
C GLU C 113 -37.51 -23.34 11.74
N ASP C 114 -37.61 -23.61 10.44
CA ASP C 114 -37.83 -24.97 10.00
C ASP C 114 -36.62 -25.83 10.35
N PHE C 115 -36.89 -27.12 10.50
CA PHE C 115 -35.84 -28.08 10.86
C PHE C 115 -34.71 -28.08 9.82
N GLN C 116 -33.48 -28.00 10.31
CA GLN C 116 -32.28 -28.07 9.46
C GLN C 116 -32.32 -27.07 8.30
N ALA C 117 -32.84 -25.86 8.54
CA ALA C 117 -32.83 -24.78 7.57
C ALA C 117 -31.98 -23.64 8.07
N VAL C 118 -31.15 -23.09 7.18
CA VAL C 118 -30.19 -22.04 7.53
C VAL C 118 -30.06 -21.12 6.33
N ASP C 119 -29.63 -19.88 6.59
CA ASP C 119 -29.48 -18.86 5.55
C ASP C 119 -28.13 -19.03 4.86
N ILE C 120 -28.01 -20.14 4.11
CA ILE C 120 -26.74 -20.50 3.50
C ILE C 120 -26.33 -19.44 2.49
N GLU C 121 -27.31 -18.78 1.88
CA GLU C 121 -27.04 -17.69 0.95
C GLU C 121 -26.15 -16.62 1.58
N ALA C 122 -26.54 -16.15 2.78
CA ALA C 122 -25.79 -15.11 3.45
C ALA C 122 -24.45 -15.60 3.95
N ILE C 123 -24.38 -16.87 4.39
CA ILE C 123 -23.14 -17.41 4.93
C ILE C 123 -22.10 -17.60 3.83
N ALA C 124 -22.51 -18.09 2.67
CA ALA C 124 -21.58 -18.45 1.61
C ALA C 124 -21.23 -17.29 0.68
N LYS C 125 -21.92 -16.16 0.80
CA LYS C 125 -21.66 -15.01 -0.06
C LYS C 125 -20.20 -14.54 -0.02
N PRO C 126 -19.55 -14.42 1.14
CA PRO C 126 -18.14 -13.97 1.13
C PRO C 126 -17.17 -14.92 0.45
N VAL C 127 -17.51 -16.20 0.24
CA VAL C 127 -16.54 -17.13 -0.33
C VAL C 127 -17.05 -17.79 -1.61
N SER C 128 -17.78 -17.03 -2.43
CA SER C 128 -18.29 -17.59 -3.68
C SER C 128 -18.43 -16.47 -4.70
N LYS C 129 -18.38 -16.84 -5.99
CA LYS C 129 -18.75 -15.89 -7.04
C LYS C 129 -20.26 -15.68 -7.08
N MET C 130 -21.03 -16.66 -6.63
CA MET C 130 -22.47 -16.49 -6.54
C MET C 130 -22.99 -17.53 -5.57
N ALA C 131 -23.92 -17.13 -4.73
CA ALA C 131 -24.59 -18.04 -3.82
C ALA C 131 -26.05 -17.64 -3.80
N VAL C 132 -26.93 -18.51 -4.26
CA VAL C 132 -28.32 -18.10 -4.47
C VAL C 132 -29.27 -19.22 -4.05
N THR C 133 -30.33 -18.82 -3.35
CA THR C 133 -31.48 -19.67 -3.13
C THR C 133 -32.45 -19.46 -4.30
N VAL C 134 -32.70 -20.53 -5.06
CA VAL C 134 -33.53 -20.44 -6.25
C VAL C 134 -34.99 -20.32 -5.86
N ARG C 135 -35.65 -19.21 -6.27
CA ARG C 135 -37.01 -18.91 -5.85
C ARG C 135 -38.10 -19.49 -6.75
N GLU C 136 -37.78 -20.00 -7.94
CA GLU C 136 -38.79 -20.49 -8.85
C GLU C 136 -38.27 -21.70 -9.59
N ALA C 137 -39.15 -22.66 -9.83
CA ALA C 137 -38.71 -23.89 -10.50
C ALA C 137 -38.16 -23.60 -11.89
N ALA C 138 -38.78 -22.67 -12.61
CA ALA C 138 -38.33 -22.33 -13.95
C ALA C 138 -36.96 -21.66 -13.94
N LEU C 139 -36.57 -21.04 -12.83
CA LEU C 139 -35.24 -20.44 -12.74
C LEU C 139 -34.12 -21.46 -12.58
N VAL C 140 -34.42 -22.69 -12.15
CA VAL C 140 -33.36 -23.65 -11.81
C VAL C 140 -32.39 -23.84 -12.98
N PRO C 141 -32.82 -24.16 -14.20
CA PRO C 141 -31.85 -24.24 -15.31
C PRO C 141 -31.13 -22.91 -15.58
N ARG C 142 -31.79 -21.76 -15.35
CA ARG C 142 -31.15 -20.49 -15.68
C ARG C 142 -30.05 -20.16 -14.70
N VAL C 143 -30.28 -20.33 -13.39
CA VAL C 143 -29.18 -20.07 -12.47
C VAL C 143 -28.05 -21.07 -12.67
N LEU C 144 -28.37 -22.31 -13.02
CA LEU C 144 -27.30 -23.25 -13.37
C LEU C 144 -26.53 -22.76 -14.58
N GLN C 145 -27.25 -22.26 -15.59
CA GLN C 145 -26.60 -21.70 -16.76
C GLN C 145 -25.69 -20.55 -16.37
N GLN C 146 -26.19 -19.64 -15.51
CA GLN C 146 -25.36 -18.52 -15.09
C GLN C 146 -24.18 -18.98 -14.23
N ALA C 147 -24.39 -20.02 -13.42
CA ALA C 147 -23.30 -20.51 -12.56
C ALA C 147 -22.13 -20.99 -13.39
N PHE C 148 -22.40 -21.68 -14.49
CA PHE C 148 -21.29 -22.24 -15.27
C PHE C 148 -20.54 -21.15 -16.02
N HIS C 149 -21.24 -20.10 -16.45
CA HIS C 149 -20.55 -18.93 -17.00
C HIS C 149 -19.62 -18.33 -15.96
N LEU C 150 -20.12 -18.10 -14.75
CA LEU C 150 -19.29 -17.49 -13.72
C LEU C 150 -18.11 -18.40 -13.35
N MET C 151 -18.33 -19.71 -13.29
CA MET C 151 -17.26 -20.58 -12.83
C MET C 151 -16.10 -20.64 -13.83
N ARG C 152 -16.36 -20.41 -15.12
CA ARG C 152 -15.32 -20.48 -16.13
C ARG C 152 -14.75 -19.12 -16.55
N SER C 153 -15.42 -18.01 -16.19
CA SER C 153 -15.12 -16.69 -16.72
C SER C 153 -14.25 -15.87 -15.78
N GLY C 154 -13.58 -14.87 -16.35
CA GLY C 154 -12.79 -13.93 -15.56
C GLY C 154 -11.84 -14.65 -14.65
N ARG C 155 -11.73 -14.16 -13.42
CA ARG C 155 -11.07 -14.95 -12.39
C ARG C 155 -12.03 -16.04 -11.94
N PRO C 156 -11.70 -17.32 -12.13
CA PRO C 156 -12.65 -18.38 -11.76
C PRO C 156 -12.87 -18.43 -10.26
N GLY C 157 -14.03 -18.96 -9.87
CA GLY C 157 -14.39 -19.13 -8.49
C GLY C 157 -15.64 -19.99 -8.36
N PRO C 158 -15.94 -20.44 -7.15
CA PRO C 158 -17.01 -21.42 -6.94
C PRO C 158 -18.39 -20.77 -6.85
N VAL C 159 -19.41 -21.62 -6.96
CA VAL C 159 -20.80 -21.21 -6.89
C VAL C 159 -21.55 -22.20 -6.02
N LEU C 160 -22.48 -21.72 -5.20
CA LEU C 160 -23.37 -22.56 -4.42
C LEU C 160 -24.80 -22.30 -4.85
N VAL C 161 -25.54 -23.37 -5.15
CA VAL C 161 -26.92 -23.28 -5.59
C VAL C 161 -27.78 -24.02 -4.56
N ASP C 162 -28.69 -23.28 -3.93
CA ASP C 162 -29.50 -23.78 -2.82
C ASP C 162 -30.93 -23.93 -3.33
N LEU C 163 -31.46 -25.16 -3.26
CA LEU C 163 -32.74 -25.51 -3.88
C LEU C 163 -33.81 -25.81 -2.83
N PRO C 164 -34.81 -24.94 -2.68
CA PRO C 164 -35.95 -25.29 -1.81
C PRO C 164 -36.65 -26.54 -2.34
N PHE C 165 -37.14 -27.35 -1.40
CA PHE C 165 -37.70 -28.64 -1.77
C PHE C 165 -38.88 -28.49 -2.71
N ASP C 166 -39.74 -27.49 -2.48
CA ASP C 166 -40.88 -27.34 -3.39
C ASP C 166 -40.42 -26.90 -4.77
N VAL C 167 -39.32 -26.13 -4.84
CA VAL C 167 -38.79 -25.71 -6.14
C VAL C 167 -38.24 -26.90 -6.90
N GLN C 168 -37.65 -27.88 -6.20
CA GLN C 168 -37.10 -29.04 -6.88
C GLN C 168 -38.20 -29.85 -7.55
N VAL C 169 -39.27 -30.14 -6.82
CA VAL C 169 -40.29 -31.06 -7.33
C VAL C 169 -41.31 -30.40 -8.24
N ALA C 170 -41.39 -29.07 -8.28
CA ALA C 170 -42.38 -28.41 -9.12
C ALA C 170 -42.16 -28.74 -10.60
N GLU C 171 -43.25 -29.08 -11.30
CA GLU C 171 -43.18 -29.35 -12.73
C GLU C 171 -42.97 -28.06 -13.53
N ILE C 172 -42.13 -28.15 -14.56
CA ILE C 172 -41.91 -27.08 -15.53
C ILE C 172 -41.85 -27.71 -16.91
N GLU C 173 -41.93 -26.87 -17.93
CA GLU C 173 -41.72 -27.29 -19.32
C GLU C 173 -40.31 -26.90 -19.74
N PHE C 174 -39.58 -27.86 -20.32
CA PHE C 174 -38.17 -27.66 -20.63
C PHE C 174 -37.81 -28.49 -21.85
N ASP C 175 -36.93 -27.93 -22.68
CA ASP C 175 -36.48 -28.56 -23.92
C ASP C 175 -34.97 -28.74 -23.88
N PRO C 176 -34.45 -29.92 -23.49
CA PRO C 176 -32.99 -30.09 -23.46
C PRO C 176 -32.31 -29.84 -24.80
N ASP C 177 -32.99 -30.16 -25.91
CA ASP C 177 -32.40 -29.94 -27.23
C ASP C 177 -32.11 -28.47 -27.48
N MET C 178 -32.85 -27.55 -26.83
CA MET C 178 -32.62 -26.12 -27.00
C MET C 178 -31.62 -25.52 -26.01
N TYR C 179 -31.20 -26.26 -24.98
CA TYR C 179 -30.26 -25.67 -24.02
C TYR C 179 -28.88 -25.45 -24.66
N GLU C 180 -28.29 -24.30 -24.38
CA GLU C 180 -26.91 -24.00 -24.81
C GLU C 180 -26.14 -23.28 -23.70
N PRO C 181 -24.92 -23.71 -23.40
CA PRO C 181 -24.09 -22.99 -22.43
C PRO C 181 -23.77 -21.58 -22.90
N LEU C 182 -23.67 -20.67 -21.94
CA LEU C 182 -23.30 -19.29 -22.22
C LEU C 182 -21.85 -19.19 -22.69
N PRO C 183 -21.53 -18.18 -23.49
CA PRO C 183 -20.12 -17.95 -23.83
C PRO C 183 -19.33 -17.58 -22.59
N VAL C 184 -18.05 -17.92 -22.62
CA VAL C 184 -17.14 -17.62 -21.51
C VAL C 184 -16.49 -16.28 -21.77
N TYR C 185 -16.46 -15.43 -20.75
CA TYR C 185 -15.78 -14.13 -20.85
C TYR C 185 -14.32 -14.28 -20.46
N LYS C 186 -13.43 -13.80 -21.33
CA LYS C 186 -11.99 -13.81 -21.08
C LYS C 186 -11.39 -12.62 -21.84
N PRO C 187 -11.00 -11.56 -21.13
CA PRO C 187 -10.31 -10.46 -21.80
C PRO C 187 -8.96 -10.91 -22.35
N ALA C 188 -8.56 -10.28 -23.46
CA ALA C 188 -7.32 -10.61 -24.14
C ALA C 188 -6.44 -9.38 -24.26
N ALA C 189 -5.13 -9.58 -24.10
CA ALA C 189 -4.18 -8.48 -24.25
C ALA C 189 -4.13 -8.03 -25.72
N SER C 190 -4.01 -6.72 -25.93
CA SER C 190 -3.80 -6.19 -27.28
C SER C 190 -2.34 -6.38 -27.71
N ARG C 191 -2.11 -6.32 -29.03
CA ARG C 191 -0.74 -6.36 -29.53
C ARG C 191 0.11 -5.22 -28.97
N MET C 192 -0.49 -4.04 -28.77
CA MET C 192 0.27 -2.92 -28.22
C MET C 192 0.79 -3.24 -26.83
N GLN C 193 0.00 -3.98 -26.03
CA GLN C 193 0.45 -4.36 -24.68
C GLN C 193 1.59 -5.36 -24.76
N ILE C 194 1.42 -6.39 -25.58
CA ILE C 194 2.43 -7.44 -25.64
C ILE C 194 3.73 -6.93 -26.24
N GLU C 195 3.64 -6.06 -27.25
CA GLU C 195 4.86 -5.51 -27.84
C GLU C 195 5.60 -4.65 -26.85
N LYS C 196 4.88 -3.87 -26.03
CA LYS C 196 5.55 -3.14 -24.96
C LYS C 196 6.19 -4.09 -23.97
N ALA C 197 5.53 -5.21 -23.68
CA ALA C 197 6.06 -6.13 -22.70
C ALA C 197 7.33 -6.79 -23.22
N VAL C 198 7.33 -7.22 -24.47
CA VAL C 198 8.52 -7.85 -25.01
C VAL C 198 9.65 -6.84 -25.12
N GLU C 199 9.31 -5.57 -25.39
CA GLU C 199 10.32 -4.52 -25.47
C GLU C 199 11.05 -4.37 -24.14
N MET C 200 10.30 -4.35 -23.03
CA MET C 200 10.94 -4.28 -21.72
C MET C 200 11.74 -5.54 -21.41
N LEU C 201 11.25 -6.69 -21.83
CA LEU C 201 11.98 -7.93 -21.58
C LEU C 201 13.32 -7.94 -22.30
N ILE C 202 13.34 -7.46 -23.55
CA ILE C 202 14.55 -7.43 -24.34
C ILE C 202 15.60 -6.49 -23.73
N GLN C 203 15.16 -5.38 -23.13
CA GLN C 203 16.10 -4.44 -22.53
C GLN C 203 16.61 -4.87 -21.17
N ALA C 204 15.96 -5.83 -20.51
CA ALA C 204 16.50 -6.36 -19.26
C ALA C 204 17.70 -7.28 -19.54
N GLU C 205 18.66 -7.26 -18.61
CA GLU C 205 19.86 -8.06 -18.77
C GLU C 205 19.86 -9.37 -17.97
N ARG C 206 19.09 -9.44 -16.87
CA ARG C 206 18.96 -10.68 -16.09
C ARG C 206 17.48 -10.90 -15.72
N PRO C 207 16.62 -11.16 -16.71
CA PRO C 207 15.19 -11.31 -16.41
C PRO C 207 14.81 -12.72 -15.95
N VAL C 208 13.75 -12.76 -15.15
CA VAL C 208 13.09 -14.02 -14.85
C VAL C 208 11.60 -13.87 -15.16
N ILE C 209 11.00 -14.96 -15.62
CA ILE C 209 9.55 -15.10 -15.69
C ILE C 209 9.09 -15.80 -14.42
N VAL C 210 8.14 -15.21 -13.71
CA VAL C 210 7.45 -15.89 -12.61
C VAL C 210 6.11 -16.36 -13.17
N ALA C 211 5.99 -17.68 -13.36
CA ALA C 211 4.79 -18.29 -13.93
C ALA C 211 3.88 -18.74 -12.81
N GLY C 212 2.66 -18.21 -12.77
CA GLY C 212 1.74 -18.45 -11.70
C GLY C 212 0.62 -19.42 -12.05
N GLY C 213 -0.26 -19.60 -11.06
CA GLY C 213 -1.36 -20.52 -11.25
C GLY C 213 -2.27 -20.13 -12.40
N GLY C 214 -2.33 -18.84 -12.73
CA GLY C 214 -3.14 -18.43 -13.87
C GLY C 214 -2.69 -19.06 -15.18
N VAL C 215 -1.40 -19.39 -15.28
CA VAL C 215 -0.93 -20.10 -16.48
C VAL C 215 -1.59 -21.46 -16.58
N ILE C 216 -1.68 -22.19 -15.46
CA ILE C 216 -2.31 -23.51 -15.51
C ILE C 216 -3.81 -23.39 -15.65
N ASN C 217 -4.39 -22.39 -14.97
CA ASN C 217 -5.82 -22.12 -15.04
C ASN C 217 -6.28 -21.95 -16.48
N ALA C 218 -5.47 -21.26 -17.30
CA ALA C 218 -5.77 -21.00 -18.71
C ALA C 218 -5.39 -22.15 -19.62
N ASP C 219 -4.79 -23.22 -19.08
CA ASP C 219 -4.36 -24.36 -19.88
C ASP C 219 -3.27 -23.93 -20.88
N ALA C 220 -2.35 -23.07 -20.42
CA ALA C 220 -1.33 -22.45 -21.27
C ALA C 220 0.10 -22.91 -20.98
N ALA C 221 0.28 -24.09 -20.34
CA ALA C 221 1.60 -24.51 -19.92
C ALA C 221 2.54 -24.73 -21.10
N ALA C 222 2.05 -25.29 -22.21
CA ALA C 222 2.92 -25.48 -23.36
C ALA C 222 3.36 -24.15 -23.95
N LEU C 223 2.44 -23.18 -24.05
CA LEU C 223 2.82 -21.86 -24.57
C LEU C 223 3.80 -21.15 -23.65
N LEU C 224 3.67 -21.34 -22.33
CA LEU C 224 4.62 -20.72 -21.43
C LEU C 224 6.02 -21.24 -21.66
N GLN C 225 6.16 -22.57 -21.76
CA GLN C 225 7.47 -23.15 -22.01
C GLN C 225 8.01 -22.70 -23.36
N GLN C 226 7.15 -22.61 -24.37
CA GLN C 226 7.60 -22.15 -25.68
C GLN C 226 8.09 -20.70 -25.63
N PHE C 227 7.40 -19.84 -24.87
CA PHE C 227 7.84 -18.44 -24.78
C PHE C 227 9.17 -18.32 -24.05
N ALA C 228 9.36 -19.13 -23.00
CA ALA C 228 10.63 -19.08 -22.28
C ALA C 228 11.76 -19.59 -23.16
N GLU C 229 11.48 -20.62 -23.97
CA GLU C 229 12.50 -21.18 -24.87
C GLU C 229 12.89 -20.20 -25.97
N LEU C 230 11.92 -19.51 -26.56
CA LEU C 230 12.23 -18.55 -27.62
C LEU C 230 13.11 -17.41 -27.11
N THR C 231 12.93 -17.03 -25.85
CA THR C 231 13.61 -15.88 -25.29
C THR C 231 14.78 -16.25 -24.40
N SER C 232 14.99 -17.53 -24.09
CA SER C 232 16.07 -17.97 -23.20
C SER C 232 15.97 -17.30 -21.83
N VAL C 233 14.76 -17.15 -21.33
CA VAL C 233 14.52 -16.50 -20.04
C VAL C 233 14.22 -17.57 -19.00
N PRO C 234 14.97 -17.63 -17.90
CA PRO C 234 14.69 -18.62 -16.85
C PRO C 234 13.31 -18.41 -16.21
N VAL C 235 12.70 -19.53 -15.82
CA VAL C 235 11.34 -19.57 -15.29
C VAL C 235 11.35 -19.94 -13.82
N ILE C 236 10.65 -19.16 -13.01
CA ILE C 236 10.42 -19.44 -11.61
C ILE C 236 8.91 -19.62 -11.41
N PRO C 237 8.43 -20.86 -11.32
CA PRO C 237 7.01 -21.06 -10.99
C PRO C 237 6.70 -20.62 -9.57
N THR C 238 5.49 -20.08 -9.38
CA THR C 238 4.99 -19.99 -8.01
C THR C 238 4.58 -21.40 -7.57
N LEU C 239 4.22 -21.54 -6.29
CA LEU C 239 3.73 -22.83 -5.82
C LEU C 239 2.52 -23.28 -6.64
N MET C 240 1.67 -22.33 -7.06
CA MET C 240 0.50 -22.67 -7.88
C MET C 240 0.82 -22.79 -9.37
N GLY C 241 1.95 -22.24 -9.82
CA GLY C 241 2.39 -22.44 -11.19
C GLY C 241 3.27 -23.66 -11.40
N TRP C 242 3.60 -24.32 -10.30
CA TRP C 242 4.58 -25.39 -10.33
C TRP C 242 4.09 -26.51 -11.23
N GLY C 243 4.97 -26.98 -12.12
CA GLY C 243 4.61 -27.93 -13.13
C GLY C 243 4.34 -27.34 -14.50
N CYS C 244 4.17 -26.03 -14.63
CA CYS C 244 3.88 -25.51 -15.96
C CYS C 244 5.10 -25.53 -16.89
N ILE C 245 6.30 -25.74 -16.36
CA ILE C 245 7.47 -26.12 -17.15
C ILE C 245 8.13 -27.25 -16.38
N PRO C 246 8.66 -28.30 -17.04
CA PRO C 246 9.18 -29.45 -16.29
C PRO C 246 10.35 -29.06 -15.41
N ASP C 247 10.46 -29.74 -14.26
CA ASP C 247 11.52 -29.44 -13.31
C ASP C 247 12.91 -29.75 -13.88
N ASP C 248 13.01 -30.60 -14.90
CA ASP C 248 14.32 -30.89 -15.48
C ASP C 248 14.60 -30.08 -16.74
N HIS C 249 13.74 -29.11 -17.05
CA HIS C 249 14.00 -28.19 -18.15
C HIS C 249 15.15 -27.24 -17.79
N GLU C 250 16.01 -26.95 -18.77
CA GLU C 250 17.21 -26.17 -18.48
C GLU C 250 16.87 -24.77 -17.98
N LEU C 251 15.71 -24.24 -18.36
CA LEU C 251 15.31 -22.90 -17.95
C LEU C 251 14.54 -22.86 -16.63
N MET C 252 14.22 -24.00 -16.04
CA MET C 252 13.46 -24.01 -14.78
C MET C 252 14.42 -23.69 -13.63
N ALA C 253 14.20 -22.56 -12.98
CA ALA C 253 15.20 -21.99 -12.09
C ALA C 253 14.90 -22.15 -10.61
N GLY C 254 13.88 -22.93 -10.27
CA GLY C 254 13.52 -23.13 -8.87
C GLY C 254 12.36 -22.25 -8.44
N MET C 255 11.96 -22.43 -7.18
CA MET C 255 10.85 -21.64 -6.63
C MET C 255 11.34 -20.64 -5.60
N VAL C 256 10.58 -19.55 -5.47
CA VAL C 256 10.91 -18.40 -4.64
C VAL C 256 9.89 -18.31 -3.50
N GLY C 257 10.30 -17.72 -2.38
CA GLY C 257 9.37 -17.54 -1.27
C GLY C 257 9.96 -17.78 0.11
N LEU C 258 9.14 -17.60 1.14
CA LEU C 258 9.56 -17.72 2.53
C LEU C 258 9.59 -19.16 3.06
N GLN C 259 9.00 -20.12 2.34
CA GLN C 259 8.87 -21.48 2.87
C GLN C 259 8.98 -22.54 1.78
N THR C 260 8.00 -22.63 0.87
CA THR C 260 8.06 -23.59 -0.22
C THR C 260 8.95 -23.03 -1.35
N ALA C 261 10.26 -23.05 -1.10
CA ALA C 261 11.21 -22.39 -1.99
C ALA C 261 12.58 -23.04 -1.88
N HIS C 262 13.40 -22.83 -2.92
CA HIS C 262 14.77 -23.32 -2.96
C HIS C 262 15.75 -22.20 -2.68
N ARG C 263 16.91 -22.55 -2.12
CA ARG C 263 17.94 -21.53 -1.94
C ARG C 263 18.38 -20.93 -3.27
N TYR C 264 18.41 -21.75 -4.34
CA TYR C 264 18.81 -21.22 -5.64
C TYR C 264 17.70 -20.40 -6.29
N GLY C 265 16.44 -20.70 -5.98
CA GLY C 265 15.37 -19.86 -6.49
C GLY C 265 15.44 -18.46 -5.90
N ASN C 266 15.55 -18.37 -4.58
CA ASN C 266 15.62 -17.05 -3.96
C ASN C 266 16.86 -16.30 -4.40
N ALA C 267 17.99 -17.01 -4.57
CA ALA C 267 19.21 -16.33 -4.95
C ALA C 267 19.11 -15.82 -6.38
N THR C 268 18.54 -16.62 -7.28
CA THR C 268 18.36 -16.15 -8.65
C THR C 268 17.39 -14.97 -8.68
N LEU C 269 16.35 -14.96 -7.84
CA LEU C 269 15.41 -13.85 -7.91
C LEU C 269 16.07 -12.56 -7.45
N LEU C 270 16.79 -12.62 -6.33
CA LEU C 270 17.48 -11.42 -5.84
C LEU C 270 18.53 -10.93 -6.83
N ALA C 271 19.14 -11.84 -7.60
CA ALA C 271 20.12 -11.42 -8.60
C ALA C 271 19.50 -10.88 -9.88
N SER C 272 18.21 -11.12 -10.11
CA SER C 272 17.55 -10.71 -11.34
C SER C 272 17.34 -9.20 -11.36
N ASP C 273 17.19 -8.65 -12.57
CA ASP C 273 16.84 -7.25 -12.76
C ASP C 273 15.44 -7.03 -13.35
N MET C 274 14.66 -8.09 -13.56
CA MET C 274 13.28 -7.95 -13.99
C MET C 274 12.50 -9.19 -13.60
N VAL C 275 11.27 -8.99 -13.13
CA VAL C 275 10.33 -10.08 -12.90
C VAL C 275 9.18 -9.94 -13.89
N PHE C 276 9.06 -10.94 -14.78
CA PHE C 276 8.03 -10.98 -15.81
C PHE C 276 6.93 -11.93 -15.32
N GLY C 277 5.91 -11.37 -14.66
CA GLY C 277 4.93 -12.18 -13.97
C GLY C 277 3.72 -12.50 -14.85
N ILE C 278 3.49 -13.80 -15.09
CA ILE C 278 2.39 -14.24 -15.96
C ILE C 278 1.48 -15.12 -15.13
N GLY C 279 0.27 -14.64 -14.85
CA GLY C 279 -0.71 -15.46 -14.15
C GLY C 279 -0.42 -15.66 -12.68
N ASN C 280 0.45 -14.85 -12.10
CA ASN C 280 0.74 -14.88 -10.67
C ASN C 280 0.05 -13.71 -10.00
N ARG C 281 0.21 -13.61 -8.68
CA ARG C 281 -0.35 -12.47 -7.98
C ARG C 281 0.57 -11.93 -6.89
N PHE C 282 1.84 -12.35 -6.84
CA PHE C 282 2.82 -11.78 -5.91
C PHE C 282 2.36 -11.94 -4.46
N ALA C 283 2.11 -13.18 -4.08
CA ALA C 283 1.57 -13.49 -2.76
C ALA C 283 2.60 -13.21 -1.67
N GLN C 284 2.10 -12.94 -0.46
CA GLN C 284 3.00 -12.52 0.61
C GLN C 284 4.02 -13.61 0.94
N ARG C 285 3.60 -14.89 0.92
CA ARG C 285 4.54 -15.98 1.24
C ARG C 285 5.57 -16.17 0.12
N HIS C 286 5.29 -15.65 -1.08
CA HIS C 286 6.22 -15.65 -2.20
C HIS C 286 7.17 -14.45 -2.18
N THR C 287 6.72 -13.27 -1.75
CA THR C 287 7.54 -12.07 -1.86
C THR C 287 8.33 -11.72 -0.60
N GLY C 288 7.84 -12.07 0.58
CA GLY C 288 8.34 -11.30 1.71
C GLY C 288 7.88 -9.85 1.57
N SER C 289 8.64 -8.93 2.17
CA SER C 289 8.34 -7.52 1.98
C SER C 289 8.52 -7.12 0.52
N VAL C 290 7.52 -6.42 -0.02
CA VAL C 290 7.55 -6.11 -1.46
C VAL C 290 8.69 -5.15 -1.78
N GLU C 291 9.08 -4.31 -0.82
CA GLU C 291 10.17 -3.38 -1.07
C GLU C 291 11.47 -4.12 -1.34
N LYS C 292 11.68 -5.25 -0.67
CA LYS C 292 12.86 -6.06 -0.95
C LYS C 292 12.68 -6.88 -2.22
N TYR C 293 11.47 -7.38 -2.45
CA TYR C 293 11.25 -8.23 -3.61
C TYR C 293 11.43 -7.46 -4.92
N THR C 294 11.07 -6.17 -4.94
CA THR C 294 11.12 -5.36 -6.15
C THR C 294 12.38 -4.51 -6.25
N GLU C 295 13.29 -4.59 -5.29
CA GLU C 295 14.44 -3.69 -5.26
C GLU C 295 15.32 -3.91 -6.50
N GLY C 296 15.49 -2.86 -7.28
CA GLY C 296 16.33 -2.97 -8.47
C GLY C 296 15.70 -3.69 -9.66
N ARG C 297 14.40 -3.94 -9.65
CA ARG C 297 13.79 -4.78 -10.67
C ARG C 297 12.60 -4.08 -11.31
N LYS C 298 12.53 -4.13 -12.64
CA LYS C 298 11.28 -3.82 -13.31
C LYS C 298 10.32 -5.00 -13.15
N ILE C 299 9.02 -4.69 -13.08
CA ILE C 299 7.99 -5.69 -12.83
C ILE C 299 6.92 -5.58 -13.92
N VAL C 300 6.70 -6.68 -14.64
CA VAL C 300 5.52 -6.86 -15.49
C VAL C 300 4.57 -7.81 -14.78
N HIS C 301 3.27 -7.55 -14.91
CA HIS C 301 2.25 -8.40 -14.29
C HIS C 301 1.07 -8.56 -15.26
N ILE C 302 0.84 -9.77 -15.74
CA ILE C 302 -0.30 -10.08 -16.58
C ILE C 302 -1.26 -10.91 -15.74
N ASP C 303 -2.49 -10.42 -15.59
CA ASP C 303 -3.50 -11.08 -14.76
C ASP C 303 -4.85 -10.94 -15.44
N ILE C 304 -5.70 -11.95 -15.28
CA ILE C 304 -7.03 -11.87 -15.90
C ILE C 304 -7.93 -10.91 -15.12
N GLU C 305 -7.58 -10.58 -13.86
CA GLU C 305 -8.43 -9.80 -12.96
C GLU C 305 -7.85 -8.40 -12.78
N PRO C 306 -8.53 -7.35 -13.21
CA PRO C 306 -7.93 -6.01 -13.11
C PRO C 306 -7.55 -5.61 -11.69
N THR C 307 -8.33 -6.02 -10.69
CA THR C 307 -8.04 -5.54 -9.34
C THR C 307 -6.99 -6.39 -8.64
N GLN C 308 -6.45 -7.42 -9.31
CA GLN C 308 -5.23 -8.08 -8.84
C GLN C 308 -3.97 -7.28 -9.17
N ILE C 309 -4.08 -6.33 -10.10
CA ILE C 309 -2.92 -5.61 -10.61
C ILE C 309 -2.73 -4.35 -9.75
N GLY C 310 -1.64 -4.31 -8.99
CA GLY C 310 -1.42 -3.23 -8.05
C GLY C 310 -1.88 -3.49 -6.64
N ARG C 311 -2.41 -4.69 -6.36
CA ARG C 311 -2.98 -4.95 -5.04
C ARG C 311 -1.91 -4.97 -3.95
N VAL C 312 -0.73 -5.48 -4.25
CA VAL C 312 0.34 -5.55 -3.25
C VAL C 312 1.58 -4.77 -3.64
N LEU C 313 1.75 -4.41 -4.91
CA LEU C 313 2.89 -3.63 -5.36
C LEU C 313 2.50 -3.01 -6.69
N CYS C 314 3.11 -1.87 -7.03
CA CYS C 314 2.77 -1.19 -8.27
C CYS C 314 3.68 -1.69 -9.38
N PRO C 315 3.18 -2.42 -10.39
CA PRO C 315 4.03 -2.89 -11.48
C PRO C 315 4.45 -1.77 -12.41
N ASP C 316 5.60 -1.95 -13.08
CA ASP C 316 5.97 -1.05 -14.17
C ASP C 316 5.05 -1.18 -15.36
N LEU C 317 4.50 -2.37 -15.60
CA LEU C 317 3.55 -2.59 -16.69
C LEU C 317 2.53 -3.62 -16.23
N GLY C 318 1.27 -3.22 -16.18
CA GLY C 318 0.17 -4.11 -15.83
C GLY C 318 -0.75 -4.31 -17.03
N ILE C 319 -1.07 -5.57 -17.29
CA ILE C 319 -1.84 -5.97 -18.47
C ILE C 319 -2.93 -6.92 -18.03
N VAL C 320 -4.18 -6.55 -18.31
CA VAL C 320 -5.32 -7.42 -18.04
C VAL C 320 -5.46 -8.41 -19.20
N SER C 321 -5.26 -9.70 -18.93
CA SER C 321 -5.46 -10.66 -20.01
C SER C 321 -5.56 -12.07 -19.45
N ASP C 322 -6.34 -12.90 -20.12
CA ASP C 322 -6.22 -14.34 -19.95
C ASP C 322 -4.80 -14.77 -20.29
N ALA C 323 -4.24 -15.68 -19.49
CA ALA C 323 -2.85 -16.07 -19.72
C ALA C 323 -2.65 -16.77 -21.08
N LYS C 324 -3.63 -17.56 -21.54
CA LYS C 324 -3.45 -18.23 -22.83
C LYS C 324 -3.47 -17.24 -23.97
N ALA C 325 -4.37 -16.25 -23.92
CA ALA C 325 -4.39 -15.24 -24.96
C ALA C 325 -3.10 -14.42 -24.93
N ALA C 326 -2.64 -14.06 -23.73
CA ALA C 326 -1.41 -13.29 -23.62
C ALA C 326 -0.20 -14.07 -24.16
N LEU C 327 -0.10 -15.36 -23.83
CA LEU C 327 1.06 -16.15 -24.24
C LEU C 327 1.06 -16.44 -25.72
N THR C 328 -0.13 -16.60 -26.32
CA THR C 328 -0.21 -16.76 -27.76
C THR C 328 0.38 -15.55 -28.48
N LEU C 329 0.06 -14.35 -28.00
CA LEU C 329 0.58 -13.14 -28.61
C LEU C 329 2.07 -12.94 -28.28
N LEU C 330 2.46 -13.30 -27.05
CA LEU C 330 3.87 -13.17 -26.68
C LEU C 330 4.75 -14.10 -27.51
N VAL C 331 4.29 -15.32 -27.76
CA VAL C 331 5.03 -16.25 -28.63
C VAL C 331 5.16 -15.66 -30.04
N GLU C 332 4.06 -15.13 -30.56
CA GLU C 332 4.04 -14.60 -31.92
C GLU C 332 4.97 -13.40 -32.06
N VAL C 333 4.98 -12.51 -31.06
CA VAL C 333 5.87 -11.36 -31.11
C VAL C 333 7.33 -11.79 -30.91
N ALA C 334 7.56 -12.76 -30.03
CA ALA C 334 8.94 -13.21 -29.85
C ALA C 334 9.48 -13.86 -31.12
N GLN C 335 8.62 -14.55 -31.89
CA GLN C 335 9.06 -15.12 -33.15
C GLN C 335 9.43 -14.02 -34.16
N GLU C 336 8.67 -12.93 -34.18
CA GLU C 336 9.00 -11.80 -35.04
C GLU C 336 10.33 -11.17 -34.62
N MET C 337 10.52 -10.96 -33.31
CA MET C 337 11.76 -10.40 -32.81
C MET C 337 12.94 -11.35 -33.06
N GLN C 338 12.69 -12.65 -33.04
CA GLN C 338 13.73 -13.61 -33.38
C GLN C 338 14.09 -13.54 -34.86
N LYS C 339 13.12 -13.20 -35.72
CA LYS C 339 13.35 -13.15 -37.17
C LYS C 339 14.09 -11.87 -37.56
N ALA C 340 13.75 -10.75 -36.93
CA ALA C 340 14.68 -9.64 -36.90
C ALA C 340 15.86 -10.04 -36.02
N GLY C 341 16.80 -9.14 -35.80
CA GLY C 341 17.94 -9.64 -35.05
C GLY C 341 17.85 -9.44 -33.55
N ARG C 342 16.65 -9.20 -33.04
CA ARG C 342 16.48 -8.37 -31.84
C ARG C 342 16.39 -9.13 -30.51
N LEU C 343 16.40 -10.46 -30.49
CA LEU C 343 16.36 -11.13 -29.19
C LEU C 343 17.77 -11.26 -28.63
N PRO C 344 18.06 -10.71 -27.46
CA PRO C 344 19.42 -10.82 -26.89
C PRO C 344 19.81 -12.26 -26.60
N CYS C 345 21.09 -12.57 -26.81
CA CYS C 345 21.64 -13.81 -26.26
C CYS C 345 21.71 -13.70 -24.75
N ARG C 346 21.33 -14.78 -24.07
CA ARG C 346 21.26 -14.74 -22.62
C ARG C 346 22.08 -15.85 -21.99
N LYS C 347 23.08 -16.36 -22.72
CA LYS C 347 23.82 -17.54 -22.28
C LYS C 347 24.56 -17.31 -20.96
N GLU C 348 24.94 -16.06 -20.67
CA GLU C 348 25.69 -15.81 -19.45
C GLU C 348 24.79 -15.77 -18.22
N TRP C 349 23.64 -15.12 -18.33
CA TRP C 349 22.70 -15.09 -17.21
C TRP C 349 22.13 -16.48 -16.95
N VAL C 350 21.86 -17.24 -18.02
CA VAL C 350 21.38 -18.61 -17.86
C VAL C 350 22.44 -19.46 -17.16
N ALA C 351 23.71 -19.29 -17.53
CA ALA C 351 24.79 -20.03 -16.88
C ALA C 351 24.93 -19.66 -15.40
N ASP C 352 24.72 -18.39 -15.06
CA ASP C 352 24.71 -17.99 -13.65
C ASP C 352 23.59 -18.65 -12.88
N CYS C 353 22.43 -18.83 -13.52
CA CYS C 353 21.29 -19.43 -12.81
C CYS C 353 21.49 -20.92 -12.63
N GLN C 354 22.01 -21.59 -13.66
CA GLN C 354 22.28 -23.02 -13.56
C GLN C 354 23.36 -23.30 -12.52
N GLN C 355 24.32 -22.37 -12.36
CA GLN C 355 25.37 -22.55 -11.36
C GLN C 355 24.82 -22.43 -9.94
N ARG C 356 23.92 -21.47 -9.70
CA ARG C 356 23.26 -21.41 -8.39
C ARG C 356 22.44 -22.67 -8.13
N LYS C 357 21.71 -23.14 -9.15
CA LYS C 357 20.89 -24.33 -8.99
C LYS C 357 21.74 -25.56 -8.75
N ARG C 358 22.98 -25.57 -9.25
CA ARG C 358 23.83 -26.73 -9.05
C ARG C 358 24.44 -26.76 -7.65
N THR C 359 24.52 -25.63 -6.95
CA THR C 359 25.33 -25.57 -5.74
C THR C 359 24.56 -25.25 -4.47
N LEU C 360 23.46 -24.48 -4.53
CA LEU C 360 22.79 -24.02 -3.31
C LEU C 360 21.67 -25.00 -2.93
N LEU C 361 22.06 -26.10 -2.29
CA LEU C 361 21.14 -27.22 -2.07
C LEU C 361 20.89 -27.44 -0.58
N ARG C 362 19.99 -28.39 -0.30
CA ARG C 362 19.74 -28.87 1.05
C ARG C 362 19.89 -30.38 1.07
N LYS C 363 20.46 -30.91 2.16
CA LYS C 363 20.69 -32.33 2.26
C LYS C 363 19.37 -33.10 2.39
N THR C 364 19.28 -34.22 1.67
CA THR C 364 18.19 -35.18 1.84
C THR C 364 18.63 -36.59 2.23
N HIS C 365 19.89 -36.98 1.98
CA HIS C 365 20.29 -38.38 2.16
C HIS C 365 20.73 -38.66 3.59
N PHE C 366 19.75 -38.69 4.50
CA PHE C 366 19.97 -38.99 5.90
C PHE C 366 19.73 -40.47 6.16
N ASP C 367 20.70 -41.12 6.80
CA ASP C 367 20.55 -42.50 7.25
C ASP C 367 20.06 -42.62 8.68
N ASN C 368 19.64 -41.51 9.30
CA ASN C 368 19.30 -41.50 10.73
C ASN C 368 18.10 -42.38 11.03
N VAL C 369 18.13 -42.97 12.21
CA VAL C 369 16.99 -43.64 12.85
C VAL C 369 16.77 -42.95 14.19
N PRO C 370 15.57 -42.41 14.48
CA PRO C 370 14.37 -42.33 13.65
C PRO C 370 14.54 -41.46 12.42
N VAL C 371 13.74 -41.74 11.38
CA VAL C 371 13.94 -41.17 10.05
C VAL C 371 13.78 -39.67 10.08
N LYS C 372 14.63 -38.98 9.31
CA LYS C 372 14.50 -37.56 9.03
C LYS C 372 13.62 -37.36 7.81
N PRO C 373 12.65 -36.45 7.86
CA PRO C 373 11.64 -36.39 6.77
C PRO C 373 12.24 -36.13 5.40
N GLN C 374 13.35 -35.39 5.31
CA GLN C 374 13.85 -35.06 3.99
C GLN C 374 14.35 -36.31 3.26
N ARG C 375 14.72 -37.36 3.97
CA ARG C 375 15.06 -38.63 3.32
C ARG C 375 13.84 -39.27 2.66
N VAL C 376 12.64 -39.05 3.21
CA VAL C 376 11.43 -39.61 2.62
C VAL C 376 11.18 -39.04 1.23
N TYR C 377 11.42 -37.74 1.03
CA TYR C 377 11.13 -37.16 -0.27
C TYR C 377 12.15 -37.59 -1.32
N GLU C 378 13.41 -37.78 -0.90
CA GLU C 378 14.40 -38.34 -1.81
C GLU C 378 13.94 -39.71 -2.28
N GLU C 379 13.45 -40.55 -1.36
CA GLU C 379 13.00 -41.88 -1.77
C GLU C 379 11.75 -41.80 -2.68
N MET C 380 10.88 -40.82 -2.45
CA MET C 380 9.72 -40.68 -3.33
C MET C 380 10.15 -40.28 -4.75
N ASN C 381 11.17 -39.42 -4.86
CA ASN C 381 11.66 -39.04 -6.19
C ASN C 381 12.22 -40.26 -6.91
N LYS C 382 12.86 -41.17 -6.19
CA LYS C 382 13.42 -42.38 -6.79
C LYS C 382 12.34 -43.40 -7.11
N ALA C 383 11.35 -43.57 -6.22
CA ALA C 383 10.41 -44.67 -6.36
C ALA C 383 9.39 -44.45 -7.47
N PHE C 384 8.97 -43.21 -7.70
CA PHE C 384 7.87 -42.96 -8.63
C PHE C 384 8.37 -42.35 -9.92
N GLY C 385 7.58 -42.52 -10.98
CA GLY C 385 7.96 -42.05 -12.28
C GLY C 385 7.76 -40.55 -12.44
N ARG C 386 8.20 -40.04 -13.60
CA ARG C 386 8.08 -38.62 -13.86
C ARG C 386 6.65 -38.20 -14.12
N ASP C 387 5.75 -39.16 -14.33
CA ASP C 387 4.33 -38.85 -14.45
C ASP C 387 3.61 -38.81 -13.10
N VAL C 388 4.35 -38.89 -11.98
CA VAL C 388 3.70 -38.87 -10.67
C VAL C 388 2.94 -37.55 -10.49
N CYS C 389 1.80 -37.63 -9.79
CA CYS C 389 0.95 -36.49 -9.50
C CYS C 389 0.80 -36.41 -7.98
N TYR C 390 1.39 -35.39 -7.36
CA TYR C 390 1.37 -35.31 -5.91
C TYR C 390 0.18 -34.48 -5.42
N VAL C 391 -0.36 -34.87 -4.26
CA VAL C 391 -1.47 -34.17 -3.61
C VAL C 391 -1.11 -33.94 -2.14
N THR C 392 -1.27 -32.71 -1.66
CA THR C 392 -0.86 -32.35 -0.30
C THR C 392 -1.55 -31.06 0.14
N THR C 393 -1.39 -30.73 1.44
CA THR C 393 -2.05 -29.57 2.00
C THR C 393 -1.12 -28.59 2.70
N ILE C 394 -0.73 -28.86 3.95
CA ILE C 394 0.04 -27.90 4.76
C ILE C 394 0.71 -28.66 5.89
N GLY C 395 1.71 -28.03 6.50
CA GLY C 395 2.53 -28.65 7.51
C GLY C 395 3.99 -28.76 7.07
N LEU C 396 4.83 -29.13 8.04
CA LEU C 396 6.23 -29.36 7.69
C LEU C 396 6.34 -30.44 6.63
N SER C 397 5.41 -31.40 6.64
CA SER C 397 5.36 -32.43 5.60
C SER C 397 5.25 -31.82 4.22
N GLN C 398 4.36 -30.84 4.07
CA GLN C 398 4.07 -30.23 2.78
C GLN C 398 5.13 -29.20 2.39
N ILE C 399 5.66 -28.45 3.36
CA ILE C 399 6.65 -27.44 3.04
C ILE C 399 7.93 -28.11 2.54
N ALA C 400 8.40 -29.12 3.28
CA ALA C 400 9.61 -29.82 2.86
C ALA C 400 9.36 -30.59 1.58
N ALA C 401 8.14 -31.10 1.40
CA ALA C 401 7.82 -31.80 0.15
C ALA C 401 7.97 -30.86 -1.04
N ALA C 402 7.52 -29.61 -0.89
CA ALA C 402 7.64 -28.66 -1.98
C ALA C 402 9.09 -28.28 -2.22
N GLN C 403 9.90 -28.30 -1.16
CA GLN C 403 11.32 -28.00 -1.27
C GLN C 403 12.10 -29.11 -1.97
N MET C 404 11.61 -30.34 -1.91
CA MET C 404 12.47 -31.47 -2.25
C MET C 404 11.90 -32.46 -3.26
N LEU C 405 10.58 -32.51 -3.46
CA LEU C 405 9.98 -33.33 -4.49
C LEU C 405 10.13 -32.65 -5.85
N HIS C 406 9.90 -33.41 -6.92
CA HIS C 406 9.94 -32.84 -8.26
C HIS C 406 8.81 -33.33 -9.13
N VAL C 407 8.42 -32.47 -10.06
CA VAL C 407 7.18 -32.59 -10.80
C VAL C 407 7.49 -32.18 -12.22
N PHE C 408 6.74 -32.71 -13.18
CA PHE C 408 7.16 -32.59 -14.57
C PHE C 408 6.02 -32.29 -15.52
N LYS C 409 4.82 -32.05 -15.03
CA LYS C 409 3.69 -31.76 -15.89
C LYS C 409 2.72 -30.88 -15.11
N ASP C 410 1.99 -30.04 -15.83
CA ASP C 410 1.06 -29.17 -15.13
C ASP C 410 -0.13 -29.97 -14.60
N ARG C 411 -0.65 -29.54 -13.44
CA ARG C 411 -1.67 -30.28 -12.68
C ARG C 411 -1.14 -31.62 -12.16
N HIS C 412 0.17 -31.72 -11.99
CA HIS C 412 0.76 -32.81 -11.22
C HIS C 412 1.28 -32.35 -9.84
N TRP C 413 1.06 -31.08 -9.48
CA TRP C 413 1.14 -30.63 -8.09
C TRP C 413 -0.24 -30.08 -7.72
N ILE C 414 -0.99 -30.84 -6.93
CA ILE C 414 -2.35 -30.49 -6.51
C ILE C 414 -2.29 -30.07 -5.05
N ASN C 415 -2.47 -28.77 -4.80
CA ASN C 415 -2.19 -28.22 -3.47
C ASN C 415 -3.08 -27.02 -3.25
N CYS C 416 -3.69 -26.92 -2.07
CA CYS C 416 -4.53 -25.76 -1.73
C CYS C 416 -3.64 -24.67 -1.14
N GLY C 417 -3.03 -23.89 -2.03
CA GLY C 417 -1.91 -23.07 -1.62
C GLY C 417 -2.25 -21.88 -0.75
N GLN C 418 -3.46 -21.34 -0.87
CA GLN C 418 -3.79 -20.12 -0.16
C GLN C 418 -4.59 -20.36 1.12
N ALA C 419 -5.42 -21.40 1.18
CA ALA C 419 -6.23 -21.64 2.37
C ALA C 419 -5.69 -22.74 3.28
N GLY C 420 -5.09 -23.79 2.71
CA GLY C 420 -4.52 -24.88 3.47
C GLY C 420 -5.38 -25.48 4.60
N PRO C 421 -6.60 -25.92 4.30
CA PRO C 421 -7.41 -26.58 5.33
C PRO C 421 -6.93 -27.99 5.63
N LEU C 422 -6.66 -28.26 6.91
CA LEU C 422 -6.28 -29.60 7.32
C LEU C 422 -7.40 -30.57 6.97
N GLY C 423 -7.01 -31.77 6.55
CA GLY C 423 -7.94 -32.81 6.09
C GLY C 423 -8.20 -32.81 4.60
N TRP C 424 -7.69 -31.80 3.89
CA TRP C 424 -7.93 -31.67 2.46
C TRP C 424 -7.34 -32.84 1.66
N THR C 425 -6.31 -33.51 2.19
CA THR C 425 -5.44 -34.31 1.35
C THR C 425 -6.13 -35.59 0.86
N ILE C 426 -6.70 -36.36 1.77
CA ILE C 426 -7.33 -37.61 1.35
C ILE C 426 -8.47 -37.36 0.37
N PRO C 427 -9.49 -36.54 0.71
CA PRO C 427 -10.56 -36.32 -0.28
C PRO C 427 -10.08 -35.68 -1.60
N ALA C 428 -9.12 -34.75 -1.56
CA ALA C 428 -8.67 -34.15 -2.83
C ALA C 428 -8.01 -35.19 -3.72
N ALA C 429 -7.25 -36.09 -3.11
CA ALA C 429 -6.60 -37.15 -3.89
C ALA C 429 -7.65 -38.11 -4.44
N LEU C 430 -8.69 -38.42 -3.66
CA LEU C 430 -9.79 -39.23 -4.19
C LEU C 430 -10.49 -38.52 -5.34
N GLY C 431 -10.56 -37.17 -5.31
CA GLY C 431 -11.19 -36.47 -6.39
C GLY C 431 -10.36 -36.51 -7.66
N VAL C 432 -9.04 -36.41 -7.52
CA VAL C 432 -8.15 -36.48 -8.68
C VAL C 432 -8.22 -37.86 -9.31
N CYS C 433 -8.30 -38.89 -8.48
CA CYS C 433 -8.39 -40.26 -8.99
C CYS C 433 -9.69 -40.47 -9.74
N ALA C 434 -10.79 -39.90 -9.23
CA ALA C 434 -12.08 -39.97 -9.93
C ALA C 434 -12.02 -39.21 -11.26
N ALA C 435 -11.35 -38.06 -11.29
CA ALA C 435 -11.22 -37.33 -12.55
C ALA C 435 -10.41 -38.13 -13.57
N ASP C 436 -9.41 -38.88 -13.12
CA ASP C 436 -8.46 -39.51 -14.04
C ASP C 436 -7.94 -40.82 -13.44
N PRO C 437 -8.64 -41.93 -13.70
CA PRO C 437 -8.21 -43.23 -13.16
C PRO C 437 -6.82 -43.68 -13.62
N LYS C 438 -6.30 -43.16 -14.72
CA LYS C 438 -4.93 -43.52 -15.09
C LYS C 438 -3.87 -42.70 -14.38
N ARG C 439 -4.26 -41.67 -13.62
CA ARG C 439 -3.29 -40.80 -12.96
C ARG C 439 -2.54 -41.56 -11.87
N ASN C 440 -1.21 -41.35 -11.82
CA ASN C 440 -0.35 -41.96 -10.80
C ASN C 440 -0.29 -41.03 -9.58
N VAL C 441 -1.34 -41.11 -8.77
CA VAL C 441 -1.55 -40.18 -7.66
C VAL C 441 -0.79 -40.65 -6.42
N VAL C 442 0.01 -39.75 -5.84
CA VAL C 442 0.71 -40.00 -4.58
C VAL C 442 0.47 -38.81 -3.67
N ALA C 443 -0.17 -39.04 -2.52
CA ALA C 443 -0.44 -37.97 -1.56
C ALA C 443 0.62 -37.93 -0.46
N ILE C 444 0.80 -36.74 0.15
CA ILE C 444 1.68 -36.56 1.29
C ILE C 444 0.94 -35.83 2.40
N SER C 445 0.89 -36.43 3.59
CA SER C 445 0.29 -35.82 4.78
C SER C 445 1.23 -35.94 5.98
N GLY C 446 1.11 -34.97 6.90
CA GLY C 446 1.54 -35.20 8.26
C GLY C 446 0.48 -35.99 9.02
N ASP C 447 0.80 -36.40 10.26
CA ASP C 447 -0.17 -37.21 11.00
C ASP C 447 -1.43 -36.41 11.34
N PHE C 448 -1.31 -35.13 11.67
CA PHE C 448 -2.48 -34.35 12.09
C PHE C 448 -3.42 -34.13 10.90
N ASP C 449 -2.89 -33.68 9.77
CA ASP C 449 -3.70 -33.53 8.57
C ASP C 449 -4.39 -34.85 8.22
N PHE C 450 -3.67 -35.96 8.42
CA PHE C 450 -4.21 -37.27 8.05
C PHE C 450 -5.41 -37.64 8.91
N GLN C 451 -5.45 -37.17 10.15
CA GLN C 451 -6.51 -37.57 11.07
C GLN C 451 -7.84 -36.83 10.84
N PHE C 452 -7.79 -35.58 10.37
CA PHE C 452 -8.97 -34.72 10.32
C PHE C 452 -10.15 -35.41 9.62
N LEU C 453 -9.89 -35.98 8.45
CA LEU C 453 -10.89 -36.64 7.63
C LEU C 453 -10.40 -38.04 7.29
N ILE C 454 -9.81 -38.72 8.27
CA ILE C 454 -9.23 -40.04 8.08
C ILE C 454 -10.29 -41.02 7.57
N GLU C 455 -11.56 -40.79 7.93
CA GLU C 455 -12.64 -41.71 7.56
C GLU C 455 -12.87 -41.79 6.06
N GLU C 456 -12.43 -40.78 5.30
CA GLU C 456 -12.55 -40.81 3.85
C GLU C 456 -11.77 -41.96 3.19
N LEU C 457 -10.81 -42.57 3.89
CA LEU C 457 -10.14 -43.74 3.32
C LEU C 457 -11.14 -44.84 2.98
N ALA C 458 -12.23 -44.94 3.76
CA ALA C 458 -13.25 -45.95 3.49
C ALA C 458 -14.03 -45.65 2.22
N VAL C 459 -14.08 -44.38 1.80
CA VAL C 459 -14.61 -44.07 0.47
C VAL C 459 -13.78 -44.77 -0.59
N GLY C 460 -12.45 -44.66 -0.45
CA GLY C 460 -11.58 -45.29 -1.42
C GLY C 460 -11.65 -46.79 -1.38
N ALA C 461 -12.02 -47.36 -0.23
CA ALA C 461 -12.24 -48.79 -0.14
C ALA C 461 -13.59 -49.21 -0.76
N GLN C 462 -14.66 -48.44 -0.51
CA GLN C 462 -16.00 -48.89 -0.92
C GLN C 462 -16.14 -48.85 -2.43
N PHE C 463 -15.93 -47.69 -3.01
CA PHE C 463 -15.59 -47.59 -4.41
C PHE C 463 -14.14 -48.04 -4.47
N ASN C 464 -13.68 -48.54 -5.60
CA ASN C 464 -12.31 -49.05 -5.56
C ASN C 464 -11.41 -48.00 -6.19
N ILE C 465 -10.96 -47.04 -5.39
CA ILE C 465 -10.25 -45.87 -5.86
C ILE C 465 -8.83 -45.92 -5.32
N PRO C 466 -7.85 -46.35 -6.12
CA PRO C 466 -6.52 -46.62 -5.59
C PRO C 466 -5.52 -45.49 -5.79
N TYR C 467 -4.71 -45.24 -4.77
CA TYR C 467 -3.58 -44.31 -4.84
C TYR C 467 -2.69 -44.65 -3.66
N ILE C 468 -1.51 -44.04 -3.62
CA ILE C 468 -0.59 -44.22 -2.51
C ILE C 468 -0.63 -42.98 -1.64
N HIS C 469 -0.76 -43.18 -0.33
CA HIS C 469 -0.72 -42.08 0.61
C HIS C 469 0.54 -42.21 1.47
N VAL C 470 1.45 -41.26 1.33
CA VAL C 470 2.64 -41.20 2.17
C VAL C 470 2.31 -40.39 3.41
N LEU C 471 2.47 -41.03 4.58
CA LEU C 471 2.15 -40.45 5.87
C LEU C 471 3.43 -40.33 6.68
N VAL C 472 3.83 -39.09 6.98
CA VAL C 472 5.04 -38.84 7.75
C VAL C 472 4.61 -38.44 9.15
N ASN C 473 4.84 -39.34 10.11
CA ASN C 473 4.28 -39.24 11.45
C ASN C 473 5.35 -38.80 12.43
N ASN C 474 5.19 -37.60 12.99
CA ASN C 474 6.06 -37.15 14.07
C ASN C 474 5.33 -36.99 15.40
N ALA C 475 4.10 -37.48 15.51
CA ALA C 475 3.26 -37.30 16.71
C ALA C 475 3.25 -35.85 17.19
N TYR C 476 3.23 -34.92 16.23
CA TYR C 476 3.34 -33.49 16.50
C TYR C 476 2.50 -32.70 15.49
N LEU C 477 2.02 -31.53 15.91
CA LEU C 477 1.70 -30.47 14.95
C LEU C 477 3.00 -29.73 14.67
N GLY C 478 3.81 -30.31 13.79
CA GLY C 478 5.21 -29.91 13.71
C GLY C 478 5.38 -28.47 13.27
N LEU C 479 4.62 -28.04 12.27
CA LEU C 479 4.73 -26.66 11.81
C LEU C 479 4.39 -25.68 12.94
N ILE C 480 3.46 -26.06 13.82
CA ILE C 480 3.08 -25.12 14.87
C ILE C 480 4.09 -25.14 16.00
N ARG C 481 4.68 -26.31 16.29
CA ARG C 481 5.85 -26.35 17.17
C ARG C 481 6.91 -25.39 16.67
N GLN C 482 7.23 -25.43 15.38
CA GLN C 482 8.34 -24.62 14.90
C GLN C 482 8.01 -23.15 15.02
N SER C 483 6.78 -22.76 14.68
CA SER C 483 6.43 -21.35 14.86
C SER C 483 6.38 -20.95 16.33
N GLN C 484 6.18 -21.88 17.24
CA GLN C 484 6.15 -21.55 18.67
C GLN C 484 7.54 -21.28 19.26
N MET C 485 8.62 -21.57 18.52
CA MET C 485 9.96 -21.28 19.02
C MET C 485 10.18 -19.79 19.23
N ALA C 486 9.49 -18.96 18.45
CA ALA C 486 9.53 -17.52 18.67
C ALA C 486 8.92 -17.13 20.01
N PHE C 487 8.09 -17.98 20.59
CA PHE C 487 7.48 -17.76 21.91
C PHE C 487 8.14 -18.59 23.00
N ASP C 488 9.28 -19.24 22.72
CA ASP C 488 10.04 -20.00 23.72
C ASP C 488 9.14 -20.98 24.49
N MET C 489 8.34 -21.74 23.74
CA MET C 489 7.39 -22.66 24.33
C MET C 489 7.14 -23.79 23.35
N ASP C 490 6.53 -24.84 23.88
CA ASP C 490 6.13 -26.03 23.11
C ASP C 490 4.85 -26.50 23.82
N TYR C 491 3.71 -26.07 23.30
CA TYR C 491 2.47 -26.02 24.07
C TYR C 491 1.29 -26.41 23.19
N CYS C 492 0.58 -27.47 23.59
CA CYS C 492 -0.63 -27.93 22.90
C CYS C 492 -0.35 -28.33 21.45
N VAL C 493 0.83 -28.90 21.20
CA VAL C 493 1.15 -29.28 19.83
C VAL C 493 1.57 -30.74 19.71
N GLN C 494 1.44 -31.50 20.80
CA GLN C 494 1.86 -32.90 20.80
C GLN C 494 0.66 -33.84 20.76
N LEU C 495 0.78 -34.91 19.97
CA LEU C 495 -0.27 -35.91 19.77
C LEU C 495 0.09 -37.27 20.35
N ALA C 496 1.27 -37.40 20.94
CA ALA C 496 1.78 -38.68 21.43
C ALA C 496 1.02 -39.17 22.66
N PHE C 497 0.82 -40.48 22.74
CA PHE C 497 0.37 -41.12 23.97
C PHE C 497 0.73 -42.61 23.89
N GLU C 498 0.71 -43.28 25.04
CA GLU C 498 0.95 -44.72 25.08
C GLU C 498 -0.33 -45.42 24.62
N ASN C 499 -0.31 -45.96 23.42
CA ASN C 499 -1.49 -46.61 22.87
C ASN C 499 -1.71 -47.93 23.59
N ILE C 500 -2.88 -48.08 24.22
CA ILE C 500 -3.12 -49.27 25.03
C ILE C 500 -3.35 -50.50 24.18
N ASN C 501 -3.47 -50.35 22.85
CA ASN C 501 -3.61 -51.48 21.95
C ASN C 501 -2.37 -51.75 21.09
N SER C 502 -1.36 -50.90 21.11
CA SER C 502 -0.21 -51.06 20.22
C SER C 502 1.02 -50.51 20.93
N SER C 503 1.74 -51.40 21.62
CA SER C 503 3.06 -51.00 22.10
C SER C 503 4.07 -50.81 20.96
N GLU C 504 3.77 -51.36 19.77
CA GLU C 504 4.67 -51.19 18.61
C GLU C 504 4.82 -49.73 18.21
N VAL C 505 3.83 -48.88 18.48
CA VAL C 505 4.01 -47.49 18.08
C VAL C 505 4.89 -46.74 19.07
N ASN C 506 5.27 -47.38 20.18
CA ASN C 506 6.28 -46.84 21.08
C ASN C 506 5.94 -45.41 21.51
N GLY C 507 4.69 -45.24 21.94
CA GLY C 507 4.23 -43.98 22.48
C GLY C 507 3.89 -42.92 21.47
N TYR C 508 3.78 -43.27 20.17
CA TYR C 508 3.46 -42.26 19.16
C TYR C 508 1.97 -41.92 19.08
N GLY C 509 1.13 -42.56 19.87
CA GLY C 509 -0.29 -42.22 19.87
C GLY C 509 -1.09 -43.12 18.93
N VAL C 510 -1.76 -42.50 17.96
CA VAL C 510 -2.64 -43.24 17.06
C VAL C 510 -1.86 -44.27 16.25
N ASP C 511 -2.46 -45.46 16.09
CA ASP C 511 -1.93 -46.55 15.27
C ASP C 511 -2.57 -46.44 13.89
N HIS C 512 -1.87 -45.77 12.96
CA HIS C 512 -2.43 -45.49 11.64
C HIS C 512 -2.56 -46.74 10.78
N VAL C 513 -1.71 -47.74 10.98
CA VAL C 513 -1.85 -49.01 10.27
C VAL C 513 -3.19 -49.65 10.61
N LYS C 514 -3.49 -49.77 11.91
CA LYS C 514 -4.74 -50.39 12.33
C LYS C 514 -5.96 -49.57 11.89
N VAL C 515 -5.88 -48.24 11.98
CA VAL C 515 -7.03 -47.42 11.57
C VAL C 515 -7.28 -47.58 10.07
N ALA C 516 -6.22 -47.52 9.28
CA ALA C 516 -6.39 -47.61 7.84
C ALA C 516 -6.96 -48.97 7.44
N GLU C 517 -6.55 -50.03 8.15
CA GLU C 517 -7.04 -51.37 7.86
C GLU C 517 -8.49 -51.55 8.26
N GLY C 518 -8.90 -50.98 9.40
CA GLY C 518 -10.31 -51.06 9.76
C GLY C 518 -11.18 -50.30 8.79
N LEU C 519 -10.61 -49.28 8.14
CA LEU C 519 -11.28 -48.54 7.09
C LEU C 519 -11.30 -49.29 5.76
N GLY C 520 -10.61 -50.43 5.66
CA GLY C 520 -10.67 -51.24 4.47
C GLY C 520 -9.55 -51.03 3.47
N CYS C 521 -8.51 -50.29 3.84
CA CYS C 521 -7.37 -50.02 2.99
C CYS C 521 -6.20 -50.91 3.41
N LYS C 522 -5.10 -50.82 2.66
CA LYS C 522 -3.86 -51.47 3.09
C LYS C 522 -2.90 -50.45 3.67
N ALA C 523 -1.99 -50.91 4.54
CA ALA C 523 -1.04 -50.01 5.18
C ALA C 523 0.25 -50.72 5.57
N ILE C 524 1.36 -49.97 5.50
CA ILE C 524 2.70 -50.43 5.79
C ILE C 524 3.37 -49.39 6.67
N ARG C 525 4.02 -49.83 7.75
CA ARG C 525 4.76 -48.93 8.64
C ARG C 525 6.27 -49.11 8.46
N VAL C 526 7.00 -48.00 8.45
CA VAL C 526 8.44 -47.97 8.20
C VAL C 526 9.14 -47.24 9.35
N PHE C 527 10.13 -47.91 9.97
CA PHE C 527 10.95 -47.30 11.02
C PHE C 527 12.35 -46.90 10.56
N LYS C 528 12.87 -47.49 9.48
CA LYS C 528 14.27 -47.34 9.10
C LYS C 528 14.38 -46.82 7.69
N PRO C 529 15.31 -45.90 7.44
CA PRO C 529 15.37 -45.23 6.11
C PRO C 529 15.55 -46.20 4.96
N GLU C 530 16.28 -47.30 5.17
CA GLU C 530 16.53 -48.25 4.09
C GLU C 530 15.31 -49.09 3.77
N ASP C 531 14.29 -49.07 4.63
CA ASP C 531 13.04 -49.79 4.40
C ASP C 531 12.00 -48.97 3.63
N ILE C 532 12.26 -47.68 3.35
CA ILE C 532 11.27 -46.86 2.65
C ILE C 532 11.10 -47.34 1.20
N ALA C 533 12.20 -47.47 0.46
CA ALA C 533 12.08 -47.85 -0.94
C ALA C 533 11.37 -49.19 -1.11
N PRO C 534 11.73 -50.27 -0.39
CA PRO C 534 10.97 -51.52 -0.58
C PRO C 534 9.50 -51.36 -0.26
N ALA C 535 9.17 -50.50 0.71
CA ALA C 535 7.77 -50.30 1.09
C ALA C 535 6.97 -49.65 -0.03
N PHE C 536 7.57 -48.66 -0.71
CA PHE C 536 6.90 -48.07 -1.87
C PHE C 536 6.68 -49.11 -2.95
N GLU C 537 7.61 -50.08 -3.09
CA GLU C 537 7.42 -51.12 -4.09
C GLU C 537 6.28 -52.06 -3.70
N GLN C 538 6.21 -52.49 -2.43
CA GLN C 538 5.06 -53.31 -2.09
C GLN C 538 3.76 -52.52 -2.15
N ALA C 539 3.82 -51.21 -1.86
CA ALA C 539 2.59 -50.43 -1.92
C ALA C 539 2.00 -50.43 -3.32
N LYS C 540 2.85 -50.29 -4.34
CA LYS C 540 2.36 -50.38 -5.72
C LYS C 540 1.77 -51.76 -6.00
N ALA C 541 2.36 -52.81 -5.42
CA ALA C 541 1.85 -54.14 -5.68
C ALA C 541 0.52 -54.39 -4.96
N LEU C 542 0.43 -53.93 -3.71
CA LEU C 542 -0.83 -54.03 -2.97
C LEU C 542 -1.91 -53.22 -3.67
N MET C 543 -1.53 -52.06 -4.22
CA MET C 543 -2.50 -51.24 -4.92
C MET C 543 -3.00 -51.92 -6.19
N ALA C 544 -2.09 -52.58 -6.92
CA ALA C 544 -2.51 -53.27 -8.14
C ALA C 544 -3.43 -54.45 -7.85
N GLN C 545 -3.25 -55.13 -6.72
CA GLN C 545 -4.03 -56.33 -6.54
C GLN C 545 -5.34 -56.08 -5.77
N TYR C 546 -5.37 -55.15 -4.82
CA TYR C 546 -6.61 -54.87 -4.10
C TYR C 546 -7.36 -53.63 -4.60
N ARG C 547 -6.70 -52.73 -5.33
CA ARG C 547 -7.35 -51.55 -5.89
C ARG C 547 -8.05 -50.72 -4.81
N VAL C 548 -7.30 -50.41 -3.76
CA VAL C 548 -7.75 -49.53 -2.66
C VAL C 548 -6.60 -48.61 -2.31
N PRO C 549 -6.86 -47.53 -1.59
CA PRO C 549 -5.73 -46.69 -1.15
C PRO C 549 -4.77 -47.52 -0.30
N VAL C 550 -3.48 -47.28 -0.48
CA VAL C 550 -2.43 -47.92 0.31
C VAL C 550 -1.67 -46.83 1.06
N VAL C 551 -1.63 -46.93 2.38
CA VAL C 551 -0.95 -45.97 3.24
C VAL C 551 0.44 -46.49 3.57
N VAL C 552 1.46 -45.67 3.34
CA VAL C 552 2.82 -45.96 3.79
C VAL C 552 3.16 -44.95 4.87
N GLU C 553 3.16 -45.40 6.13
CA GLU C 553 3.51 -44.56 7.26
C GLU C 553 5.00 -44.61 7.55
N VAL C 554 5.64 -43.45 7.60
CA VAL C 554 7.04 -43.35 8.00
C VAL C 554 7.09 -42.73 9.38
N ILE C 555 7.71 -43.43 10.32
CA ILE C 555 7.89 -42.89 11.67
C ILE C 555 9.07 -41.94 11.63
N LEU C 556 8.82 -40.64 11.85
CA LEU C 556 9.87 -39.63 11.85
C LEU C 556 10.41 -39.42 13.25
N GLU C 557 11.58 -38.79 13.33
CA GLU C 557 11.99 -38.18 14.59
C GLU C 557 10.97 -37.12 14.99
N ARG C 558 10.80 -36.93 16.29
CA ARG C 558 9.74 -36.05 16.77
C ARG C 558 9.92 -34.61 16.29
N VAL C 559 11.17 -34.13 16.19
CA VAL C 559 11.44 -32.70 16.00
C VAL C 559 12.42 -32.50 14.85
N THR C 560 11.97 -31.82 13.79
CA THR C 560 12.82 -31.37 12.69
C THR C 560 12.39 -29.96 12.32
N ASN C 561 13.33 -29.03 12.24
CA ASN C 561 13.01 -27.66 11.85
C ASN C 561 13.29 -27.49 10.35
N ILE C 562 12.23 -27.30 9.56
CA ILE C 562 12.37 -27.07 8.12
C ILE C 562 12.85 -25.65 7.84
N SER C 563 13.60 -25.47 6.76
CA SER C 563 14.14 -24.15 6.44
C SER C 563 13.02 -23.18 6.07
N MET C 564 13.09 -21.96 6.63
CA MET C 564 12.09 -20.95 6.35
C MET C 564 12.55 -19.64 6.98
N GLY C 565 12.01 -18.53 6.49
CA GLY C 565 12.40 -17.24 7.03
C GLY C 565 11.39 -16.14 6.70
N SER C 566 11.73 -14.92 7.10
CA SER C 566 10.85 -13.76 6.94
C SER C 566 11.10 -12.96 5.65
N GLU C 567 12.21 -13.19 4.96
CA GLU C 567 12.51 -12.50 3.71
C GLU C 567 13.25 -13.47 2.79
N LEU C 568 13.33 -13.11 1.50
CA LEU C 568 14.03 -13.98 0.56
C LEU C 568 15.50 -14.10 0.93
N ASP C 569 16.05 -13.08 1.58
CA ASP C 569 17.45 -13.09 1.96
C ASP C 569 17.67 -13.45 3.42
N ASN C 570 16.61 -13.89 4.11
CA ASN C 570 16.69 -14.19 5.54
C ASN C 570 16.10 -15.57 5.86
N VAL C 571 16.22 -16.53 4.95
CA VAL C 571 15.73 -17.89 5.19
C VAL C 571 16.77 -18.66 5.98
N MET C 572 16.38 -19.12 7.16
CA MET C 572 17.31 -19.84 8.04
C MET C 572 17.35 -21.31 7.67
N GLU C 573 18.57 -21.85 7.57
CA GLU C 573 18.79 -23.26 7.30
C GLU C 573 19.14 -23.95 8.62
N PHE C 574 18.16 -24.62 9.22
CA PHE C 574 18.39 -25.30 10.49
C PHE C 574 19.11 -26.62 10.31
N GLU C 575 18.68 -27.38 9.32
CA GLU C 575 19.25 -28.67 8.94
C GLU C 575 20.43 -28.45 8.00
N ASP C 576 21.16 -29.52 7.73
CA ASP C 576 22.36 -29.43 6.92
C ASP C 576 22.03 -28.98 5.51
N ILE C 577 22.80 -28.01 5.01
CA ILE C 577 22.75 -27.65 3.59
C ILE C 577 23.66 -28.62 2.84
N ALA C 578 23.71 -28.47 1.52
CA ALA C 578 24.56 -29.29 0.68
C ALA C 578 25.01 -28.49 -0.53
N ASP C 579 26.21 -28.78 -1.02
CA ASP C 579 26.71 -28.20 -2.26
C ASP C 579 27.11 -29.27 -3.27
N ASN C 580 26.76 -30.52 -3.00
CA ASN C 580 27.21 -31.66 -3.78
C ASN C 580 26.07 -32.64 -3.95
N ALA C 581 26.11 -33.38 -5.05
CA ALA C 581 25.02 -34.27 -5.36
C ALA C 581 24.87 -35.39 -4.33
N ALA C 582 25.96 -35.84 -3.70
CA ALA C 582 25.84 -36.98 -2.80
C ALA C 582 24.90 -36.70 -1.63
N ASP C 583 24.85 -35.46 -1.16
CA ASP C 583 23.90 -35.13 -0.10
C ASP C 583 22.49 -34.87 -0.64
N ALA C 584 22.35 -34.49 -1.91
CA ALA C 584 21.04 -34.19 -2.50
C ALA C 584 20.94 -34.90 -3.84
N PRO C 585 20.85 -36.23 -3.84
CA PRO C 585 21.00 -36.99 -5.09
C PRO C 585 19.85 -36.87 -6.09
N THR C 586 18.66 -36.43 -5.66
CA THR C 586 17.51 -36.42 -6.57
C THR C 586 17.20 -35.06 -7.18
N GLU C 587 18.07 -34.06 -7.00
CA GLU C 587 17.93 -32.85 -7.82
C GLU C 587 18.00 -33.24 -9.29
N THR C 588 17.23 -32.55 -10.12
CA THR C 588 17.15 -32.92 -11.53
C THR C 588 18.48 -32.72 -12.24
N CYS C 589 19.34 -31.86 -11.73
CA CYS C 589 20.67 -31.71 -12.30
C CYS C 589 21.46 -33.02 -12.20
N PHE C 590 21.14 -33.85 -11.21
CA PHE C 590 21.94 -35.04 -10.94
C PHE C 590 21.22 -36.33 -11.30
N MET C 591 19.95 -36.28 -11.64
CA MET C 591 19.15 -37.49 -11.73
C MET C 591 18.22 -37.37 -12.91
N HIS C 592 18.17 -38.44 -13.70
CA HIS C 592 17.27 -38.53 -14.82
C HIS C 592 15.94 -39.09 -14.34
N TYR C 593 14.87 -38.35 -14.55
CA TYR C 593 13.54 -38.78 -14.15
C TYR C 593 12.89 -39.48 -15.35
N GLU C 594 12.98 -40.81 -15.33
CA GLU C 594 12.34 -41.80 -16.24
C GLU C 594 13.36 -42.62 -17.03
N GLY D 1 2.98 8.59 -21.91
CA GLY D 1 4.24 8.58 -21.20
C GLY D 1 4.05 8.25 -19.73
N MET D 2 4.77 7.24 -19.26
CA MET D 2 4.71 6.85 -17.85
C MET D 2 5.20 7.99 -16.97
N ALA D 3 4.53 8.21 -15.84
CA ALA D 3 4.83 9.37 -15.02
C ALA D 3 4.33 9.15 -13.59
N LYS D 4 4.92 9.89 -12.66
CA LYS D 4 4.46 9.92 -11.28
C LYS D 4 3.37 10.96 -11.15
N MET D 5 2.23 10.56 -10.56
CA MET D 5 1.10 11.44 -10.37
C MET D 5 0.29 10.93 -9.17
N ARG D 6 -0.65 11.75 -8.71
CA ARG D 6 -1.57 11.25 -7.68
C ARG D 6 -2.50 10.19 -8.25
N ALA D 7 -3.00 9.32 -7.38
CA ALA D 7 -3.99 8.35 -7.83
C ALA D 7 -5.19 9.05 -8.49
N VAL D 8 -5.60 10.21 -7.95
CA VAL D 8 -6.72 10.92 -8.56
C VAL D 8 -6.35 11.48 -9.93
N ASP D 9 -5.08 11.82 -10.15
CA ASP D 9 -4.68 12.23 -11.49
C ASP D 9 -4.80 11.06 -12.47
N ALA D 10 -4.38 9.86 -12.04
CA ALA D 10 -4.58 8.69 -12.89
C ALA D 10 -6.05 8.41 -13.12
N ALA D 11 -6.88 8.69 -12.11
CA ALA D 11 -8.32 8.51 -12.27
C ALA D 11 -8.87 9.42 -13.37
N MET D 12 -8.36 10.66 -13.48
CA MET D 12 -8.83 11.54 -14.55
C MET D 12 -8.45 11.01 -15.92
N TYR D 13 -7.26 10.42 -16.05
CA TYR D 13 -6.89 9.86 -17.35
C TYR D 13 -7.79 8.70 -17.70
N VAL D 14 -8.16 7.88 -16.72
CA VAL D 14 -9.03 6.74 -17.00
C VAL D 14 -10.41 7.21 -17.43
N LEU D 15 -10.97 8.17 -16.68
CA LEU D 15 -12.28 8.68 -17.04
C LEU D 15 -12.28 9.27 -18.44
N GLU D 16 -11.20 9.96 -18.79
CA GLU D 16 -11.10 10.54 -20.14
C GLU D 16 -11.10 9.44 -21.20
N LYS D 17 -10.27 8.41 -20.98
CA LYS D 17 -10.19 7.31 -21.95
C LYS D 17 -11.50 6.53 -22.03
N GLU D 18 -12.27 6.51 -20.94
CA GLU D 18 -13.55 5.80 -20.92
C GLU D 18 -14.70 6.64 -21.47
N GLY D 19 -14.43 7.88 -21.93
CA GLY D 19 -15.41 8.73 -22.58
C GLY D 19 -16.14 9.74 -21.71
N ILE D 20 -15.81 9.84 -20.42
CA ILE D 20 -16.50 10.82 -19.56
C ILE D 20 -16.13 12.23 -19.98
N THR D 21 -17.14 13.09 -20.14
CA THR D 21 -16.94 14.52 -20.35
C THR D 21 -17.65 15.37 -19.32
N THR D 22 -18.53 14.79 -18.50
CA THR D 22 -19.41 15.55 -17.62
C THR D 22 -19.50 14.86 -16.27
N ALA D 23 -19.71 15.65 -15.22
CA ALA D 23 -19.93 15.12 -13.89
C ALA D 23 -20.83 16.08 -13.13
N PHE D 24 -21.66 15.52 -12.25
CA PHE D 24 -22.55 16.29 -11.40
C PHE D 24 -22.19 15.97 -9.96
N GLY D 25 -22.10 16.98 -9.11
CA GLY D 25 -21.60 16.67 -7.79
C GLY D 25 -21.76 17.80 -6.80
N VAL D 26 -21.32 17.51 -5.59
CA VAL D 26 -21.21 18.46 -4.48
C VAL D 26 -19.87 18.18 -3.81
N PRO D 27 -18.92 19.12 -3.83
CA PRO D 27 -17.60 18.85 -3.23
C PRO D 27 -17.64 18.85 -1.72
N GLY D 28 -16.62 18.24 -1.13
CA GLY D 28 -16.42 18.28 0.30
C GLY D 28 -14.98 17.98 0.61
N ALA D 29 -14.62 18.12 1.88
CA ALA D 29 -13.22 18.04 2.27
C ALA D 29 -12.63 16.68 1.92
N ALA D 30 -13.42 15.62 2.03
CA ALA D 30 -12.90 14.28 1.81
C ALA D 30 -12.70 13.95 0.33
N ILE D 31 -13.32 14.70 -0.58
CA ILE D 31 -13.21 14.45 -2.01
C ILE D 31 -12.50 15.59 -2.72
N ASN D 32 -11.98 16.58 -1.98
CA ASN D 32 -11.21 17.67 -2.57
C ASN D 32 -10.03 17.21 -3.44
N PRO D 33 -9.24 16.19 -3.06
CA PRO D 33 -8.16 15.79 -4.00
C PRO D 33 -8.68 15.42 -5.38
N PHE D 34 -9.84 14.75 -5.45
CA PHE D 34 -10.43 14.41 -6.73
C PHE D 34 -10.81 15.67 -7.51
N TYR D 35 -11.41 16.65 -6.82
CA TYR D 35 -11.75 17.88 -7.52
C TYR D 35 -10.50 18.61 -8.00
N SER D 36 -9.43 18.57 -7.21
CA SER D 36 -8.17 19.16 -7.63
C SER D 36 -7.67 18.49 -8.92
N ALA D 37 -7.65 17.15 -8.95
CA ALA D 37 -7.21 16.47 -10.16
C ALA D 37 -8.14 16.77 -11.33
N MET D 38 -9.44 16.91 -11.08
CA MET D 38 -10.36 17.21 -12.18
C MET D 38 -10.10 18.61 -12.74
N ARG D 39 -9.82 19.56 -11.85
CA ARG D 39 -9.52 20.92 -12.29
C ARG D 39 -8.21 20.99 -13.07
N LYS D 40 -7.19 20.29 -12.61
CA LYS D 40 -5.89 20.32 -13.29
C LYS D 40 -5.95 19.61 -14.63
N HIS D 41 -6.69 18.50 -14.72
CA HIS D 41 -6.84 17.79 -15.99
C HIS D 41 -7.65 18.59 -17.00
N GLY D 42 -8.67 19.31 -16.55
CA GLY D 42 -9.59 19.97 -17.47
C GLY D 42 -10.36 18.93 -18.26
N GLY D 43 -11.28 19.33 -19.12
CA GLY D 43 -11.90 18.34 -19.98
C GLY D 43 -13.08 17.57 -19.40
N ILE D 44 -13.31 17.60 -18.09
CA ILE D 44 -14.57 17.16 -17.51
C ILE D 44 -15.31 18.39 -17.02
N ARG D 45 -16.47 18.67 -17.61
CA ARG D 45 -17.32 19.78 -17.17
C ARG D 45 -18.11 19.35 -15.92
N HIS D 46 -17.90 20.04 -14.80
CA HIS D 46 -18.62 19.77 -13.57
C HIS D 46 -19.82 20.71 -13.45
N ILE D 47 -20.95 20.15 -13.02
CA ILE D 47 -22.16 20.93 -12.75
C ILE D 47 -22.50 20.75 -11.27
N LEU D 48 -22.54 21.86 -10.53
CA LEU D 48 -22.76 21.82 -9.09
C LEU D 48 -24.24 21.70 -8.77
N ALA D 49 -24.64 20.61 -8.13
CA ALA D 49 -26.01 20.39 -7.72
C ALA D 49 -26.31 21.13 -6.40
N ARG D 50 -27.58 21.33 -6.11
CA ARG D 50 -27.97 21.92 -4.84
C ARG D 50 -28.62 20.90 -3.90
N HIS D 51 -28.32 19.63 -4.09
CA HIS D 51 -28.63 18.50 -3.20
C HIS D 51 -27.90 17.32 -3.78
N VAL D 52 -27.23 16.53 -2.95
CA VAL D 52 -26.50 15.39 -3.51
C VAL D 52 -27.46 14.47 -4.25
N GLU D 53 -28.69 14.32 -3.75
CA GLU D 53 -29.66 13.52 -4.49
C GLU D 53 -29.92 14.10 -5.87
N GLY D 54 -29.86 15.43 -6.02
CA GLY D 54 -30.04 16.01 -7.34
C GLY D 54 -28.89 15.69 -8.27
N ALA D 55 -27.66 15.69 -7.75
CA ALA D 55 -26.52 15.28 -8.57
C ALA D 55 -26.71 13.84 -9.02
N SER D 56 -27.18 12.98 -8.12
CA SER D 56 -27.30 11.57 -8.45
C SER D 56 -28.34 11.33 -9.54
N HIS D 57 -29.43 12.09 -9.53
CA HIS D 57 -30.44 11.92 -10.57
C HIS D 57 -30.08 12.64 -11.86
N MET D 58 -29.31 13.74 -11.77
CA MET D 58 -28.76 14.30 -13.00
C MET D 58 -27.94 13.25 -13.74
N ALA D 59 -27.15 12.48 -13.00
CA ALA D 59 -26.32 11.46 -13.62
C ALA D 59 -27.19 10.41 -14.31
N GLU D 60 -28.35 10.10 -13.71
CA GLU D 60 -29.27 9.14 -14.34
C GLU D 60 -29.82 9.68 -15.64
N GLY D 61 -30.22 10.95 -15.65
CA GLY D 61 -30.76 11.50 -16.89
C GLY D 61 -29.69 11.55 -17.95
N TYR D 62 -28.45 11.87 -17.54
CA TYR D 62 -27.35 11.94 -18.51
C TYR D 62 -27.14 10.58 -19.18
N THR D 63 -27.17 9.52 -18.38
CA THR D 63 -27.08 8.18 -18.91
C THR D 63 -28.25 7.87 -19.85
N ARG D 64 -29.47 8.18 -19.41
CA ARG D 64 -30.63 7.71 -20.18
C ARG D 64 -30.78 8.43 -21.51
N ALA D 65 -30.19 9.63 -21.64
CA ALA D 65 -30.42 10.48 -22.80
C ALA D 65 -29.85 9.89 -24.10
N THR D 66 -28.69 9.22 -24.02
CA THR D 66 -27.95 8.85 -25.23
C THR D 66 -27.23 7.54 -24.99
N ALA D 67 -27.35 6.58 -25.92
CA ALA D 67 -26.68 5.30 -25.76
C ALA D 67 -25.18 5.51 -25.61
N GLY D 68 -24.58 4.78 -24.67
CA GLY D 68 -23.16 4.90 -24.40
C GLY D 68 -22.80 5.88 -23.30
N ASN D 69 -23.69 6.82 -22.98
CA ASN D 69 -23.44 7.77 -21.91
C ASN D 69 -23.39 7.07 -20.54
N ILE D 70 -22.54 7.60 -19.65
CA ILE D 70 -22.51 7.16 -18.26
C ILE D 70 -22.44 8.41 -17.40
N GLY D 71 -23.55 8.76 -16.76
CA GLY D 71 -23.53 9.89 -15.84
C GLY D 71 -22.63 9.60 -14.64
N VAL D 72 -21.97 10.65 -14.16
CA VAL D 72 -20.99 10.55 -13.08
C VAL D 72 -21.46 11.49 -11.96
N CYS D 73 -21.49 10.98 -10.74
CA CYS D 73 -22.02 11.70 -9.58
C CYS D 73 -20.97 11.69 -8.48
N LEU D 74 -20.55 12.88 -8.04
CA LEU D 74 -19.47 13.04 -7.09
C LEU D 74 -19.99 13.57 -5.76
N GLY D 75 -19.45 13.07 -4.66
CA GLY D 75 -19.82 13.60 -3.35
C GLY D 75 -18.73 13.32 -2.35
N THR D 76 -18.87 13.95 -1.18
CA THR D 76 -17.89 13.76 -0.12
C THR D 76 -18.22 12.49 0.68
N SER D 77 -17.61 12.36 1.87
CA SER D 77 -17.80 11.18 2.71
C SER D 77 -19.12 11.28 3.45
N GLY D 78 -19.45 10.24 4.23
CA GLY D 78 -20.57 10.32 5.13
C GLY D 78 -21.91 10.46 4.46
N PRO D 79 -22.65 11.51 4.81
CA PRO D 79 -24.04 11.65 4.30
C PRO D 79 -24.14 11.76 2.78
N ALA D 80 -23.11 12.22 2.08
CA ALA D 80 -23.23 12.31 0.62
C ALA D 80 -23.48 10.96 -0.01
N GLY D 81 -22.77 9.92 0.45
CA GLY D 81 -23.01 8.59 -0.07
C GLY D 81 -24.39 8.08 0.26
N THR D 82 -24.84 8.31 1.51
CA THR D 82 -26.19 7.87 1.87
C THR D 82 -27.25 8.63 1.09
N ASP D 83 -26.96 9.88 0.69
CA ASP D 83 -27.85 10.62 -0.19
C ASP D 83 -27.91 10.04 -1.61
N MET D 84 -26.93 9.20 -2.00
CA MET D 84 -26.91 8.64 -3.35
C MET D 84 -27.64 7.31 -3.49
N ILE D 85 -28.10 6.72 -2.39
CA ILE D 85 -28.65 5.36 -2.43
C ILE D 85 -29.91 5.31 -3.28
N THR D 86 -30.77 6.31 -3.14
CA THR D 86 -32.03 6.29 -3.87
C THR D 86 -31.80 6.28 -5.38
N ALA D 87 -30.77 7.00 -5.86
CA ALA D 87 -30.44 6.93 -7.28
C ALA D 87 -29.76 5.61 -7.66
N LEU D 88 -28.91 5.06 -6.78
CA LEU D 88 -28.34 3.75 -7.11
C LEU D 88 -29.44 2.70 -7.24
N TYR D 89 -30.47 2.83 -6.42
CA TYR D 89 -31.60 1.91 -6.50
C TYR D 89 -32.37 2.13 -7.80
N SER D 90 -32.62 3.39 -8.15
CA SER D 90 -33.38 3.69 -9.36
C SER D 90 -32.63 3.25 -10.62
N ALA D 91 -31.31 3.48 -10.67
CA ALA D 91 -30.55 3.06 -11.83
C ALA D 91 -30.53 1.54 -11.94
N SER D 92 -30.24 0.85 -10.83
CA SER D 92 -30.19 -0.61 -10.84
C SER D 92 -31.53 -1.20 -11.24
N ALA D 93 -32.62 -0.63 -10.73
CA ALA D 93 -33.95 -1.17 -10.96
C ALA D 93 -34.35 -1.06 -12.42
N ASP D 94 -33.82 -0.08 -13.14
CA ASP D 94 -34.11 0.10 -14.55
C ASP D 94 -33.03 -0.49 -15.46
N SER D 95 -32.03 -1.17 -14.90
CA SER D 95 -30.92 -1.77 -15.68
C SER D 95 -30.07 -0.74 -16.42
N ILE D 96 -29.79 0.40 -15.79
CA ILE D 96 -28.94 1.40 -16.44
C ILE D 96 -27.84 1.82 -15.46
N PRO D 97 -26.67 2.22 -15.96
CA PRO D 97 -25.56 2.59 -15.09
C PRO D 97 -25.46 4.08 -14.76
N ILE D 98 -24.98 4.34 -13.55
CA ILE D 98 -24.36 5.60 -13.19
C ILE D 98 -23.09 5.24 -12.42
N LEU D 99 -22.14 6.17 -12.41
CA LEU D 99 -20.91 5.96 -11.65
C LEU D 99 -20.88 6.99 -10.53
N CYS D 100 -20.99 6.52 -9.29
CA CYS D 100 -20.90 7.38 -8.11
C CYS D 100 -19.49 7.29 -7.52
N ILE D 101 -18.94 8.43 -7.14
CA ILE D 101 -17.61 8.50 -6.53
C ILE D 101 -17.73 9.29 -5.24
N THR D 102 -17.31 8.70 -4.13
CA THR D 102 -17.42 9.36 -2.83
C THR D 102 -16.05 9.47 -2.19
N GLY D 103 -15.82 10.59 -1.51
CA GLY D 103 -14.67 10.66 -0.62
C GLY D 103 -14.89 9.81 0.62
N GLN D 104 -13.79 9.53 1.33
CA GLN D 104 -13.82 8.66 2.49
C GLN D 104 -12.68 9.02 3.43
N ALA D 105 -12.83 8.61 4.70
CA ALA D 105 -11.80 8.79 5.70
C ALA D 105 -10.55 7.99 5.32
N PRO D 106 -9.36 8.38 5.82
CA PRO D 106 -8.14 7.65 5.47
C PRO D 106 -8.21 6.21 5.96
N ARG D 107 -7.52 5.31 5.25
CA ARG D 107 -7.65 3.88 5.50
C ARG D 107 -7.47 3.53 6.96
N ALA D 108 -6.53 4.18 7.63
CA ALA D 108 -6.22 3.84 9.01
C ALA D 108 -7.27 4.35 9.99
N ARG D 109 -8.19 5.20 9.56
CA ARG D 109 -9.29 5.65 10.40
C ARG D 109 -10.63 4.99 10.05
N LEU D 110 -10.62 3.96 9.21
CA LEU D 110 -11.88 3.46 8.65
C LEU D 110 -12.77 2.82 9.69
N HIS D 111 -12.22 2.28 10.78
CA HIS D 111 -13.07 1.65 11.78
C HIS D 111 -13.01 2.34 13.13
N LYS D 112 -12.41 3.52 13.19
CA LYS D 112 -12.74 4.46 14.25
C LYS D 112 -14.11 5.05 13.93
N GLU D 113 -14.53 6.01 14.74
CA GLU D 113 -15.69 6.82 14.37
C GLU D 113 -15.22 8.17 13.86
N ASP D 114 -14.45 8.13 12.77
CA ASP D 114 -13.93 9.34 12.19
C ASP D 114 -15.10 10.23 11.77
N PHE D 115 -14.86 11.53 11.81
CA PHE D 115 -15.91 12.49 11.46
C PHE D 115 -16.44 12.23 10.04
N GLN D 116 -17.78 12.27 9.92
CA GLN D 116 -18.49 12.05 8.65
C GLN D 116 -18.00 10.83 7.89
N ALA D 117 -17.79 9.71 8.59
CA ALA D 117 -17.36 8.47 7.95
C ALA D 117 -18.40 7.38 8.16
N VAL D 118 -18.65 6.58 7.12
CA VAL D 118 -19.71 5.58 7.15
C VAL D 118 -19.31 4.40 6.25
N ASP D 119 -19.84 3.23 6.56
CA ASP D 119 -19.59 2.03 5.75
C ASP D 119 -20.53 2.04 4.53
N ILE D 120 -20.27 2.98 3.62
CA ILE D 120 -21.07 3.11 2.40
C ILE D 120 -20.95 1.86 1.55
N GLU D 121 -19.82 1.16 1.63
CA GLU D 121 -19.66 -0.07 0.86
C GLU D 121 -20.77 -1.07 1.18
N ALA D 122 -21.07 -1.24 2.48
CA ALA D 122 -22.11 -2.18 2.88
C ALA D 122 -23.50 -1.65 2.55
N ILE D 123 -23.70 -0.34 2.68
CA ILE D 123 -25.03 0.24 2.45
C ILE D 123 -25.43 0.12 0.98
N ALA D 124 -24.47 0.33 0.09
CA ALA D 124 -24.72 0.43 -1.34
C ALA D 124 -24.68 -0.92 -2.06
N LYS D 125 -24.19 -1.97 -1.39
CA LYS D 125 -24.07 -3.28 -2.04
C LYS D 125 -25.40 -3.81 -2.57
N PRO D 126 -26.51 -3.77 -1.84
CA PRO D 126 -27.77 -4.29 -2.40
C PRO D 126 -28.25 -3.54 -3.63
N VAL D 127 -27.76 -2.32 -3.90
CA VAL D 127 -28.30 -1.56 -5.02
C VAL D 127 -27.23 -1.19 -6.06
N SER D 128 -26.21 -2.03 -6.22
CA SER D 128 -25.22 -1.73 -7.25
C SER D 128 -24.61 -3.01 -7.79
N LYS D 129 -24.07 -2.93 -9.01
CA LYS D 129 -23.26 -4.04 -9.52
C LYS D 129 -21.92 -4.14 -8.80
N MET D 130 -21.42 -3.02 -8.28
CA MET D 130 -20.22 -3.04 -7.47
C MET D 130 -20.23 -1.80 -6.58
N ALA D 131 -19.82 -1.98 -5.33
CA ALA D 131 -19.60 -0.88 -4.38
C ALA D 131 -18.36 -1.24 -3.58
N VAL D 132 -17.33 -0.40 -3.62
CA VAL D 132 -16.04 -0.83 -3.10
C VAL D 132 -15.28 0.38 -2.57
N THR D 133 -14.69 0.21 -1.40
CA THR D 133 -13.69 1.16 -0.92
C THR D 133 -12.33 0.71 -1.45
N VAL D 134 -11.69 1.57 -2.22
CA VAL D 134 -10.37 1.29 -2.78
C VAL D 134 -9.32 1.42 -1.69
N ARG D 135 -8.61 0.34 -1.41
CA ARG D 135 -7.65 0.34 -0.31
C ARG D 135 -6.21 0.56 -0.75
N GLU D 136 -5.93 0.64 -2.04
CA GLU D 136 -4.59 0.93 -2.52
C GLU D 136 -4.64 1.98 -3.62
N ALA D 137 -3.71 2.94 -3.58
CA ALA D 137 -3.72 3.99 -4.60
C ALA D 137 -3.54 3.41 -6.00
N ALA D 138 -2.67 2.40 -6.14
CA ALA D 138 -2.44 1.80 -7.45
C ALA D 138 -3.68 1.09 -7.97
N LEU D 139 -4.62 0.75 -7.11
CA LEU D 139 -5.85 0.10 -7.52
C LEU D 139 -6.90 1.07 -8.05
N VAL D 140 -6.74 2.38 -7.86
CA VAL D 140 -7.75 3.33 -8.34
C VAL D 140 -7.98 3.23 -9.85
N PRO D 141 -6.96 3.29 -10.72
CA PRO D 141 -7.24 3.09 -12.15
C PRO D 141 -7.86 1.74 -12.46
N ARG D 142 -7.51 0.69 -11.72
CA ARG D 142 -8.02 -0.63 -12.03
C ARG D 142 -9.46 -0.81 -11.56
N VAL D 143 -9.80 -0.25 -10.39
CA VAL D 143 -11.19 -0.34 -9.95
C VAL D 143 -12.10 0.38 -10.94
N LEU D 144 -11.67 1.54 -11.43
CA LEU D 144 -12.45 2.25 -12.43
C LEU D 144 -12.52 1.46 -13.73
N GLN D 145 -11.43 0.79 -14.08
CA GLN D 145 -11.42 0.01 -15.31
C GLN D 145 -12.44 -1.13 -15.23
N GLN D 146 -12.47 -1.83 -14.09
CA GLN D 146 -13.46 -2.88 -13.90
C GLN D 146 -14.87 -2.31 -13.82
N ALA D 147 -15.04 -1.10 -13.27
CA ALA D 147 -16.36 -0.53 -13.12
C ALA D 147 -17.02 -0.27 -14.46
N PHE D 148 -16.25 0.26 -15.41
CA PHE D 148 -16.81 0.52 -16.73
C PHE D 148 -17.13 -0.77 -17.47
N HIS D 149 -16.36 -1.82 -17.23
CA HIS D 149 -16.77 -3.11 -17.79
C HIS D 149 -18.11 -3.53 -17.22
N LEU D 150 -18.31 -3.33 -15.91
CA LEU D 150 -19.52 -3.80 -15.27
C LEU D 150 -20.73 -2.97 -15.70
N MET D 151 -20.56 -1.65 -15.79
CA MET D 151 -21.67 -0.79 -16.16
C MET D 151 -22.11 -1.02 -17.61
N ARG D 152 -21.25 -1.58 -18.45
CA ARG D 152 -21.61 -1.81 -19.85
C ARG D 152 -22.02 -3.25 -20.15
N SER D 153 -21.52 -4.22 -19.39
CA SER D 153 -21.64 -5.64 -19.72
C SER D 153 -22.92 -6.24 -19.16
N GLY D 154 -23.39 -7.30 -19.82
CA GLY D 154 -24.49 -8.08 -19.27
C GLY D 154 -25.74 -7.24 -19.06
N ARG D 155 -26.37 -7.43 -17.91
CA ARG D 155 -27.43 -6.51 -17.51
C ARG D 155 -26.79 -5.29 -16.87
N PRO D 156 -26.91 -4.11 -17.45
CA PRO D 156 -26.19 -2.95 -16.92
C PRO D 156 -26.71 -2.57 -15.55
N GLY D 157 -25.81 -1.98 -14.75
CA GLY D 157 -26.17 -1.38 -13.47
C GLY D 157 -25.11 -0.42 -12.99
N PRO D 158 -25.39 0.28 -11.91
CA PRO D 158 -24.48 1.33 -11.42
C PRO D 158 -23.38 0.78 -10.53
N VAL D 159 -22.36 1.62 -10.32
CA VAL D 159 -21.20 1.28 -9.52
C VAL D 159 -20.90 2.46 -8.61
N LEU D 160 -20.55 2.18 -7.35
CA LEU D 160 -20.08 3.21 -6.42
C LEU D 160 -18.64 2.92 -6.07
N VAL D 161 -17.77 3.92 -6.25
CA VAL D 161 -16.36 3.81 -5.88
C VAL D 161 -16.10 4.77 -4.73
N ASP D 162 -15.51 4.24 -3.66
CA ASP D 162 -15.33 4.97 -2.41
C ASP D 162 -13.84 5.16 -2.19
N LEU D 163 -13.40 6.41 -2.05
CA LEU D 163 -11.97 6.77 -2.10
C LEU D 163 -11.47 7.37 -0.79
N PRO D 164 -10.75 6.60 0.03
CA PRO D 164 -10.12 7.17 1.22
C PRO D 164 -9.16 8.29 0.84
N PHE D 165 -9.12 9.33 1.68
CA PHE D 165 -8.36 10.53 1.37
C PHE D 165 -6.91 10.21 1.07
N ASP D 166 -6.29 9.36 1.90
CA ASP D 166 -4.88 9.06 1.71
C ASP D 166 -4.67 8.27 0.43
N VAL D 167 -5.66 7.49 0.00
CA VAL D 167 -5.57 6.80 -1.28
C VAL D 167 -5.56 7.80 -2.43
N GLN D 168 -6.36 8.87 -2.31
CA GLN D 168 -6.49 9.82 -3.40
C GLN D 168 -5.16 10.50 -3.69
N VAL D 169 -4.47 10.95 -2.63
CA VAL D 169 -3.28 11.80 -2.80
C VAL D 169 -1.99 11.02 -2.97
N ALA D 170 -1.98 9.71 -2.75
CA ALA D 170 -0.74 8.97 -2.83
C ALA D 170 -0.22 8.93 -4.27
N GLU D 171 1.10 9.00 -4.40
CA GLU D 171 1.75 8.92 -5.70
C GLU D 171 1.74 7.49 -6.24
N ILE D 172 1.59 7.37 -7.56
CA ILE D 172 1.70 6.08 -8.24
C ILE D 172 2.32 6.30 -9.60
N GLU D 173 2.82 5.21 -10.17
CA GLU D 173 3.30 5.23 -11.55
C GLU D 173 2.16 4.83 -12.48
N PHE D 174 1.90 5.66 -13.49
CA PHE D 174 0.80 5.40 -14.39
C PHE D 174 1.10 5.96 -15.77
N ASP D 175 0.88 5.16 -16.81
CA ASP D 175 1.07 5.62 -18.18
C ASP D 175 -0.27 5.69 -18.87
N PRO D 176 -0.83 6.89 -19.07
CA PRO D 176 -2.12 6.98 -19.78
C PRO D 176 -2.11 6.39 -21.18
N ASP D 177 -0.98 6.44 -21.88
CA ASP D 177 -0.98 5.95 -23.27
C ASP D 177 -1.15 4.43 -23.34
N MET D 178 -0.85 3.70 -22.28
CA MET D 178 -1.00 2.25 -22.23
C MET D 178 -2.34 1.79 -21.67
N TYR D 179 -3.21 2.71 -21.25
CA TYR D 179 -4.51 2.32 -20.72
C TYR D 179 -5.46 1.96 -21.86
N GLU D 180 -6.13 0.82 -21.74
CA GLU D 180 -7.19 0.49 -22.68
C GLU D 180 -8.44 0.01 -21.94
N PRO D 181 -9.62 0.47 -22.37
CA PRO D 181 -10.87 0.00 -21.76
C PRO D 181 -11.05 -1.50 -21.97
N LEU D 182 -11.65 -2.15 -20.98
CA LEU D 182 -11.88 -3.58 -21.06
C LEU D 182 -12.92 -3.91 -22.13
N PRO D 183 -12.84 -5.09 -22.73
CA PRO D 183 -13.92 -5.54 -23.62
C PRO D 183 -15.23 -5.74 -22.85
N VAL D 184 -16.34 -5.51 -23.56
CA VAL D 184 -17.69 -5.56 -23.00
C VAL D 184 -18.27 -6.95 -23.25
N TYR D 185 -18.84 -7.55 -22.21
CA TYR D 185 -19.46 -8.87 -22.32
C TYR D 185 -20.93 -8.73 -22.69
N LYS D 186 -21.32 -9.31 -23.82
CA LYS D 186 -22.70 -9.38 -24.29
C LYS D 186 -22.91 -10.73 -24.96
N PRO D 187 -23.66 -11.62 -24.34
CA PRO D 187 -24.02 -12.89 -25.01
C PRO D 187 -24.89 -12.63 -26.24
N ALA D 188 -24.78 -13.51 -27.22
CA ALA D 188 -25.55 -13.42 -28.46
C ALA D 188 -26.31 -14.71 -28.69
N ALA D 189 -27.52 -14.61 -29.23
CA ALA D 189 -28.28 -15.79 -29.57
C ALA D 189 -27.69 -16.52 -30.77
N SER D 190 -27.74 -17.85 -30.73
CA SER D 190 -27.33 -18.67 -31.85
C SER D 190 -28.42 -18.67 -32.92
N ARG D 191 -28.00 -19.00 -34.15
CA ARG D 191 -28.97 -19.14 -35.23
C ARG D 191 -30.02 -20.22 -34.91
N MET D 192 -29.65 -21.28 -34.19
CA MET D 192 -30.64 -22.28 -33.83
C MET D 192 -31.74 -21.69 -32.95
N GLN D 193 -31.38 -20.79 -32.03
CA GLN D 193 -32.41 -20.15 -31.21
C GLN D 193 -33.34 -19.30 -32.06
N ILE D 194 -32.76 -18.49 -32.96
CA ILE D 194 -33.54 -17.47 -33.65
C ILE D 194 -34.48 -18.10 -34.67
N GLU D 195 -34.01 -19.13 -35.37
CA GLU D 195 -34.90 -19.85 -36.29
C GLU D 195 -36.05 -20.52 -35.53
N LYS D 196 -35.78 -21.06 -34.35
CA LYS D 196 -36.89 -21.64 -33.57
C LYS D 196 -37.88 -20.55 -33.16
N ALA D 197 -37.37 -19.34 -32.86
CA ALA D 197 -38.24 -18.22 -32.49
C ALA D 197 -39.09 -17.76 -33.70
N VAL D 198 -38.45 -17.55 -34.85
CA VAL D 198 -39.17 -17.12 -36.04
C VAL D 198 -40.16 -18.19 -36.47
N GLU D 199 -39.83 -19.46 -36.25
CA GLU D 199 -40.75 -20.54 -36.60
C GLU D 199 -42.00 -20.48 -35.74
N MET D 200 -41.85 -20.25 -34.44
CA MET D 200 -43.03 -20.14 -33.58
C MET D 200 -43.86 -18.93 -33.96
N LEU D 201 -43.20 -17.84 -34.34
CA LEU D 201 -43.94 -16.64 -34.75
C LEU D 201 -44.76 -16.90 -36.00
N ILE D 202 -44.20 -17.65 -36.96
CA ILE D 202 -44.94 -17.94 -38.19
C ILE D 202 -46.16 -18.79 -37.89
N GLN D 203 -46.09 -19.65 -36.88
CA GLN D 203 -47.25 -20.45 -36.50
C GLN D 203 -48.36 -19.62 -35.87
N ALA D 204 -48.04 -18.46 -35.29
CA ALA D 204 -49.05 -17.66 -34.61
C ALA D 204 -50.01 -17.04 -35.62
N GLU D 205 -51.29 -16.95 -35.23
CA GLU D 205 -52.29 -16.28 -36.04
C GLU D 205 -52.50 -14.82 -35.65
N ARG D 206 -52.29 -14.46 -34.39
CA ARG D 206 -52.42 -13.07 -33.93
C ARG D 206 -51.25 -12.69 -33.04
N PRO D 207 -50.05 -12.62 -33.60
CA PRO D 207 -48.87 -12.29 -32.79
C PRO D 207 -48.77 -10.80 -32.45
N VAL D 208 -48.06 -10.51 -31.36
CA VAL D 208 -47.57 -9.17 -31.05
C VAL D 208 -46.13 -9.29 -30.56
N ILE D 209 -45.34 -8.26 -30.87
CA ILE D 209 -44.01 -8.09 -30.27
C ILE D 209 -44.14 -7.14 -29.09
N VAL D 210 -43.63 -7.54 -27.92
CA VAL D 210 -43.52 -6.63 -26.78
C VAL D 210 -42.06 -6.18 -26.68
N ALA D 211 -41.81 -4.90 -26.99
CA ALA D 211 -40.47 -4.34 -27.05
C ALA D 211 -40.15 -3.65 -25.72
N GLY D 212 -39.22 -4.23 -24.95
CA GLY D 212 -38.89 -3.72 -23.64
C GLY D 212 -37.71 -2.74 -23.66
N GLY D 213 -37.35 -2.28 -22.47
CA GLY D 213 -36.26 -1.34 -22.37
C GLY D 213 -34.92 -1.91 -22.83
N GLY D 214 -34.79 -3.24 -22.85
CA GLY D 214 -33.56 -3.84 -23.34
C GLY D 214 -33.27 -3.55 -24.80
N VAL D 215 -34.32 -3.28 -25.60
CA VAL D 215 -34.10 -2.86 -26.98
C VAL D 215 -33.39 -1.51 -27.04
N ILE D 216 -33.84 -0.57 -26.20
CA ILE D 216 -33.17 0.73 -26.16
C ILE D 216 -31.81 0.62 -25.46
N ASN D 217 -31.71 -0.24 -24.43
CA ASN D 217 -30.44 -0.44 -23.74
C ASN D 217 -29.37 -0.90 -24.73
N ALA D 218 -29.75 -1.72 -25.70
CA ALA D 218 -28.86 -2.29 -26.69
C ALA D 218 -28.63 -1.37 -27.90
N ASP D 219 -29.32 -0.21 -27.97
CA ASP D 219 -29.25 0.70 -29.12
C ASP D 219 -29.71 -0.01 -30.40
N ALA D 220 -30.85 -0.70 -30.30
CA ALA D 220 -31.32 -1.55 -31.38
C ALA D 220 -32.73 -1.20 -31.85
N ALA D 221 -33.15 0.06 -31.67
CA ALA D 221 -34.51 0.45 -32.02
C ALA D 221 -34.81 0.31 -33.51
N ALA D 222 -33.86 0.71 -34.35
CA ALA D 222 -34.09 0.63 -35.79
C ALA D 222 -34.20 -0.83 -36.24
N LEU D 223 -33.40 -1.71 -35.64
CA LEU D 223 -33.55 -3.12 -35.93
C LEU D 223 -34.87 -3.67 -35.42
N LEU D 224 -35.38 -3.14 -34.29
CA LEU D 224 -36.66 -3.65 -33.83
C LEU D 224 -37.78 -3.28 -34.80
N GLN D 225 -37.76 -2.04 -35.29
CA GLN D 225 -38.77 -1.62 -36.26
C GLN D 225 -38.64 -2.38 -37.57
N GLN D 226 -37.40 -2.61 -38.02
CA GLN D 226 -37.18 -3.33 -39.27
C GLN D 226 -37.71 -4.75 -39.17
N PHE D 227 -37.46 -5.42 -38.04
CA PHE D 227 -37.98 -6.78 -37.84
C PHE D 227 -39.51 -6.81 -37.80
N ALA D 228 -40.12 -5.83 -37.13
CA ALA D 228 -41.58 -5.77 -37.11
C ALA D 228 -42.13 -5.51 -38.51
N GLU D 229 -41.46 -4.67 -39.29
CA GLU D 229 -41.94 -4.36 -40.64
C GLU D 229 -41.87 -5.57 -41.56
N LEU D 230 -40.74 -6.31 -41.53
CA LEU D 230 -40.57 -7.50 -42.36
C LEU D 230 -41.61 -8.56 -42.05
N THR D 231 -42.05 -8.68 -40.80
CA THR D 231 -43.00 -9.71 -40.41
C THR D 231 -44.42 -9.19 -40.29
N SER D 232 -44.63 -7.88 -40.40
CA SER D 232 -45.96 -7.25 -40.23
C SER D 232 -46.58 -7.63 -38.89
N VAL D 233 -45.79 -7.60 -37.83
CA VAL D 233 -46.26 -7.94 -36.49
C VAL D 233 -46.42 -6.65 -35.68
N PRO D 234 -47.61 -6.39 -35.12
CA PRO D 234 -47.79 -5.19 -34.30
C PRO D 234 -46.86 -5.19 -33.09
N VAL D 235 -46.39 -4.01 -32.72
CA VAL D 235 -45.46 -3.84 -31.62
C VAL D 235 -46.16 -3.15 -30.45
N ILE D 236 -45.97 -3.70 -29.26
CA ILE D 236 -46.44 -3.12 -28.01
C ILE D 236 -45.23 -2.83 -27.14
N PRO D 237 -44.80 -1.58 -27.06
CA PRO D 237 -43.67 -1.26 -26.18
C PRO D 237 -44.10 -1.27 -24.73
N THR D 238 -43.22 -1.76 -23.87
CA THR D 238 -43.40 -1.50 -22.44
C THR D 238 -43.16 -0.03 -22.18
N LEU D 239 -43.41 0.40 -20.94
CA LEU D 239 -43.09 1.79 -20.61
C LEU D 239 -41.61 2.07 -20.81
N MET D 240 -40.74 1.10 -20.54
CA MET D 240 -39.32 1.34 -20.79
C MET D 240 -38.92 1.14 -22.25
N GLY D 241 -39.72 0.43 -23.05
CA GLY D 241 -39.46 0.35 -24.48
C GLY D 241 -40.04 1.48 -25.32
N TRP D 242 -40.88 2.32 -24.71
CA TRP D 242 -41.64 3.32 -25.45
C TRP D 242 -40.70 4.24 -26.23
N GLY D 243 -41.03 4.48 -27.48
CA GLY D 243 -40.17 5.20 -28.39
C GLY D 243 -39.26 4.34 -29.26
N CYS D 244 -39.15 3.04 -29.00
CA CYS D 244 -38.30 2.22 -29.85
C CYS D 244 -38.92 1.97 -31.22
N ILE D 245 -40.22 2.21 -31.37
CA ILE D 245 -40.86 2.36 -32.68
C ILE D 245 -41.70 3.63 -32.61
N PRO D 246 -41.76 4.44 -33.65
CA PRO D 246 -42.49 5.71 -33.54
C PRO D 246 -43.98 5.47 -33.30
N ASP D 247 -44.59 6.35 -32.50
CA ASP D 247 -46.00 6.18 -32.13
C ASP D 247 -46.94 6.30 -33.33
N ASP D 248 -46.51 6.93 -34.44
CA ASP D 248 -47.34 6.96 -35.63
C ASP D 248 -46.97 5.88 -36.64
N HIS D 249 -46.08 4.96 -36.30
CA HIS D 249 -45.89 3.78 -37.14
C HIS D 249 -47.17 2.96 -37.20
N GLU D 250 -47.48 2.45 -38.38
CA GLU D 250 -48.73 1.70 -38.57
C GLU D 250 -48.77 0.42 -37.74
N LEU D 251 -47.62 -0.12 -37.34
CA LEU D 251 -47.57 -1.30 -36.50
C LEU D 251 -47.53 -1.00 -35.01
N MET D 252 -47.48 0.26 -34.59
CA MET D 252 -47.49 0.56 -33.17
C MET D 252 -48.90 0.37 -32.63
N ALA D 253 -49.07 -0.59 -31.73
CA ALA D 253 -50.39 -1.04 -31.27
C ALA D 253 -50.80 -0.45 -29.93
N GLY D 254 -49.96 0.37 -29.31
CA GLY D 254 -50.27 0.91 -27.99
C GLY D 254 -49.49 0.22 -26.89
N MET D 255 -49.63 0.77 -25.69
CA MET D 255 -49.04 0.18 -24.49
C MET D 255 -50.08 -0.63 -23.70
N VAL D 256 -49.55 -1.52 -22.87
CA VAL D 256 -50.29 -2.54 -22.14
C VAL D 256 -49.96 -2.45 -20.66
N GLY D 257 -50.96 -2.64 -19.80
CA GLY D 257 -50.70 -2.67 -18.38
C GLY D 257 -51.88 -2.20 -17.54
N LEU D 258 -51.62 -2.12 -16.23
CA LEU D 258 -52.61 -1.74 -15.25
C LEU D 258 -52.77 -0.23 -15.05
N GLN D 259 -51.83 0.58 -15.56
CA GLN D 259 -51.86 2.03 -15.34
C GLN D 259 -51.38 2.82 -16.55
N THR D 260 -50.08 2.83 -16.83
CA THR D 260 -49.56 3.53 -18.02
C THR D 260 -49.82 2.62 -19.22
N ALA D 261 -51.06 2.62 -19.69
CA ALA D 261 -51.44 1.77 -20.81
C ALA D 261 -52.64 2.38 -21.53
N HIS D 262 -52.92 1.82 -22.70
CA HIS D 262 -54.05 2.20 -23.53
C HIS D 262 -55.12 1.13 -23.49
N ARG D 263 -56.37 1.56 -23.58
CA ARG D 263 -57.47 0.61 -23.72
C ARG D 263 -57.31 -0.24 -24.97
N TYR D 264 -56.85 0.37 -26.07
CA TYR D 264 -56.69 -0.44 -27.28
C TYR D 264 -55.50 -1.38 -27.15
N GLY D 265 -54.49 -1.01 -26.36
CA GLY D 265 -53.36 -1.89 -26.17
C GLY D 265 -53.72 -3.11 -25.32
N ASN D 266 -54.42 -2.89 -24.21
CA ASN D 266 -54.84 -4.03 -23.40
C ASN D 266 -55.75 -4.95 -24.20
N ALA D 267 -56.65 -4.39 -25.02
CA ALA D 267 -57.54 -5.25 -25.79
C ALA D 267 -56.78 -6.02 -26.85
N THR D 268 -55.78 -5.40 -27.47
CA THR D 268 -55.00 -6.13 -28.47
C THR D 268 -54.23 -7.29 -27.83
N LEU D 269 -53.67 -7.07 -26.64
CA LEU D 269 -52.93 -8.16 -26.00
C LEU D 269 -53.87 -9.30 -25.63
N LEU D 270 -55.06 -8.98 -25.08
CA LEU D 270 -56.01 -10.04 -24.73
C LEU D 270 -56.56 -10.75 -25.96
N ALA D 271 -56.59 -10.07 -27.12
CA ALA D 271 -56.97 -10.76 -28.34
C ALA D 271 -55.84 -11.56 -28.97
N SER D 272 -54.59 -11.31 -28.60
CA SER D 272 -53.46 -11.97 -29.26
C SER D 272 -53.34 -13.43 -28.85
N ASP D 273 -52.66 -14.23 -29.68
CA ASP D 273 -52.32 -15.61 -29.36
C ASP D 273 -50.82 -15.86 -29.20
N MET D 274 -49.99 -14.83 -29.31
CA MET D 274 -48.56 -14.97 -29.02
C MET D 274 -47.98 -13.62 -28.61
N VAL D 275 -47.10 -13.64 -27.59
CA VAL D 275 -46.38 -12.47 -27.12
C VAL D 275 -44.90 -12.73 -27.35
N PHE D 276 -44.29 -11.95 -28.24
CA PHE D 276 -42.89 -12.10 -28.64
C PHE D 276 -42.11 -10.99 -27.93
N GLY D 277 -41.63 -11.30 -26.73
CA GLY D 277 -40.99 -10.29 -25.91
C GLY D 277 -39.49 -10.17 -26.12
N ILE D 278 -39.04 -8.98 -26.46
CA ILE D 278 -37.65 -8.72 -26.76
C ILE D 278 -37.17 -7.66 -25.79
N GLY D 279 -36.30 -8.04 -24.86
CA GLY D 279 -35.75 -7.03 -23.97
C GLY D 279 -36.74 -6.49 -22.97
N ASN D 280 -37.83 -7.21 -22.71
CA ASN D 280 -38.73 -6.87 -21.63
C ASN D 280 -38.52 -7.85 -20.47
N ARG D 281 -39.25 -7.64 -19.37
CA ARG D 281 -39.18 -8.55 -18.24
C ARG D 281 -40.54 -8.95 -17.68
N PHE D 282 -41.63 -8.59 -18.36
CA PHE D 282 -43.00 -8.93 -17.91
C PHE D 282 -43.28 -8.46 -16.48
N ALA D 283 -43.05 -7.16 -16.24
CA ALA D 283 -43.24 -6.57 -14.91
C ALA D 283 -44.69 -6.62 -14.46
N GLN D 284 -44.88 -6.63 -13.14
CA GLN D 284 -46.21 -6.83 -12.59
C GLN D 284 -47.19 -5.74 -13.06
N ARG D 285 -46.72 -4.49 -13.18
CA ARG D 285 -47.59 -3.41 -13.66
C ARG D 285 -47.98 -3.56 -15.13
N HIS D 286 -47.23 -4.34 -15.89
CA HIS D 286 -47.54 -4.63 -17.29
C HIS D 286 -48.46 -5.83 -17.47
N THR D 287 -48.33 -6.87 -16.63
CA THR D 287 -49.06 -8.12 -16.80
C THR D 287 -50.35 -8.21 -15.98
N GLY D 288 -50.42 -7.58 -14.82
CA GLY D 288 -51.43 -8.08 -13.92
C GLY D 288 -51.10 -9.51 -13.51
N SER D 289 -52.13 -10.28 -13.15
CA SER D 289 -51.91 -11.68 -12.86
C SER D 289 -51.38 -12.40 -14.09
N VAL D 290 -50.28 -13.16 -13.92
CA VAL D 290 -49.61 -13.74 -15.08
C VAL D 290 -50.48 -14.82 -15.70
N GLU D 291 -51.36 -15.46 -14.92
CA GLU D 291 -52.23 -16.48 -15.48
C GLU D 291 -53.17 -15.90 -16.53
N LYS D 292 -53.61 -14.66 -16.34
CA LYS D 292 -54.51 -14.02 -17.31
C LYS D 292 -53.74 -13.44 -18.47
N TYR D 293 -52.53 -12.92 -18.22
CA TYR D 293 -51.73 -12.37 -19.30
C TYR D 293 -51.31 -13.45 -20.28
N THR D 294 -50.96 -14.65 -19.78
CA THR D 294 -50.49 -15.73 -20.64
C THR D 294 -51.60 -16.59 -21.24
N GLU D 295 -52.85 -16.38 -20.82
CA GLU D 295 -53.92 -17.32 -21.17
C GLU D 295 -54.13 -17.38 -22.68
N GLY D 296 -54.00 -18.58 -23.24
CA GLY D 296 -54.17 -18.77 -24.67
C GLY D 296 -53.00 -18.32 -25.53
N ARG D 297 -51.85 -18.03 -24.94
CA ARG D 297 -50.77 -17.35 -25.65
C ARG D 297 -49.47 -18.13 -25.57
N LYS D 298 -48.79 -18.23 -26.71
CA LYS D 298 -47.38 -18.59 -26.69
C LYS D 298 -46.56 -17.41 -26.22
N ILE D 299 -45.48 -17.70 -25.49
CA ILE D 299 -44.63 -16.67 -24.89
C ILE D 299 -43.19 -16.90 -25.30
N VAL D 300 -42.61 -15.95 -26.04
CA VAL D 300 -41.17 -15.91 -26.30
C VAL D 300 -40.57 -14.79 -25.47
N HIS D 301 -39.39 -15.04 -24.92
CA HIS D 301 -38.68 -14.06 -24.10
C HIS D 301 -37.20 -14.09 -24.45
N ILE D 302 -36.68 -12.97 -24.95
CA ILE D 302 -35.26 -12.76 -25.21
C ILE D 302 -34.76 -11.70 -24.23
N ASP D 303 -33.78 -12.06 -23.39
CA ASP D 303 -33.28 -11.17 -22.36
C ASP D 303 -31.78 -11.40 -22.21
N ILE D 304 -31.04 -10.33 -21.87
CA ILE D 304 -29.60 -10.49 -21.77
C ILE D 304 -29.19 -11.25 -20.50
N GLU D 305 -30.10 -11.33 -19.51
CA GLU D 305 -29.81 -11.91 -18.21
C GLU D 305 -30.49 -13.25 -18.06
N PRO D 306 -29.74 -14.34 -17.92
CA PRO D 306 -30.40 -15.66 -17.83
C PRO D 306 -31.42 -15.78 -16.70
N THR D 307 -31.17 -15.19 -15.54
CA THR D 307 -32.12 -15.36 -14.44
C THR D 307 -33.27 -14.35 -14.50
N GLN D 308 -33.33 -13.54 -15.55
CA GLN D 308 -34.55 -12.80 -15.83
C GLN D 308 -35.60 -13.66 -16.52
N ILE D 309 -35.22 -14.80 -17.08
CA ILE D 309 -36.09 -15.63 -17.90
C ILE D 309 -36.71 -16.72 -17.03
N GLY D 310 -38.02 -16.72 -16.93
CA GLY D 310 -38.72 -17.60 -16.03
C GLY D 310 -38.90 -17.07 -14.63
N ARG D 311 -38.46 -15.84 -14.35
CA ARG D 311 -38.57 -15.28 -13.02
C ARG D 311 -40.02 -14.98 -12.64
N VAL D 312 -40.88 -14.71 -13.62
CA VAL D 312 -42.21 -14.18 -13.35
C VAL D 312 -43.27 -15.12 -13.92
N LEU D 313 -42.92 -15.80 -15.01
CA LEU D 313 -43.78 -16.78 -15.69
C LEU D 313 -42.88 -17.70 -16.50
N CYS D 314 -43.44 -18.81 -16.97
CA CYS D 314 -42.59 -19.73 -17.71
C CYS D 314 -42.84 -19.56 -19.19
N PRO D 315 -41.89 -19.01 -19.95
CA PRO D 315 -42.08 -18.85 -21.39
C PRO D 315 -41.99 -20.16 -22.14
N ASP D 316 -42.61 -20.18 -23.32
CA ASP D 316 -42.46 -21.30 -24.25
C ASP D 316 -41.06 -21.38 -24.85
N LEU D 317 -40.39 -20.24 -24.98
CA LEU D 317 -39.05 -20.22 -25.57
C LEU D 317 -38.29 -19.07 -24.94
N GLY D 318 -37.27 -19.37 -24.16
CA GLY D 318 -36.42 -18.37 -23.52
C GLY D 318 -35.04 -18.39 -24.17
N ILE D 319 -34.55 -17.20 -24.49
CA ILE D 319 -33.28 -17.04 -25.18
C ILE D 319 -32.45 -16.00 -24.44
N VAL D 320 -31.23 -16.37 -24.05
CA VAL D 320 -30.29 -15.38 -23.52
C VAL D 320 -29.59 -14.71 -24.69
N SER D 321 -29.75 -13.40 -24.81
CA SER D 321 -29.07 -12.64 -25.86
C SER D 321 -29.14 -11.15 -25.56
N ASP D 322 -28.09 -10.43 -25.95
CA ASP D 322 -28.19 -8.99 -26.08
C ASP D 322 -29.18 -8.68 -27.19
N ALA D 323 -29.99 -7.63 -27.01
CA ALA D 323 -31.10 -7.38 -27.91
C ALA D 323 -30.63 -7.03 -29.32
N LYS D 324 -29.51 -6.32 -29.45
CA LYS D 324 -29.02 -5.98 -30.78
C LYS D 324 -28.52 -7.22 -31.51
N ALA D 325 -27.73 -8.06 -30.82
CA ALA D 325 -27.27 -9.28 -31.44
C ALA D 325 -28.44 -10.15 -31.87
N ALA D 326 -29.52 -10.14 -31.10
CA ALA D 326 -30.66 -10.99 -31.43
C ALA D 326 -31.46 -10.42 -32.60
N LEU D 327 -31.69 -9.10 -32.62
CA LEU D 327 -32.47 -8.50 -33.70
C LEU D 327 -31.72 -8.54 -35.03
N THR D 328 -30.38 -8.47 -34.99
CA THR D 328 -29.61 -8.60 -36.23
C THR D 328 -29.87 -9.96 -36.88
N LEU D 329 -29.78 -11.04 -36.08
CA LEU D 329 -30.09 -12.37 -36.59
C LEU D 329 -31.57 -12.53 -36.90
N LEU D 330 -32.45 -11.90 -36.12
CA LEU D 330 -33.88 -12.03 -36.41
C LEU D 330 -34.21 -11.41 -37.76
N VAL D 331 -33.57 -10.28 -38.09
CA VAL D 331 -33.82 -9.64 -39.38
C VAL D 331 -33.28 -10.51 -40.50
N GLU D 332 -32.12 -11.13 -40.27
CA GLU D 332 -31.56 -12.01 -41.29
C GLU D 332 -32.46 -13.21 -41.54
N VAL D 333 -32.92 -13.86 -40.46
CA VAL D 333 -33.81 -15.02 -40.64
C VAL D 333 -35.16 -14.60 -41.21
N ALA D 334 -35.64 -13.40 -40.86
CA ALA D 334 -36.91 -12.95 -41.44
C ALA D 334 -36.75 -12.67 -42.93
N GLN D 335 -35.62 -12.09 -43.33
CA GLN D 335 -35.38 -11.85 -44.75
C GLN D 335 -35.29 -13.17 -45.51
N GLU D 336 -34.64 -14.17 -44.90
CA GLU D 336 -34.56 -15.48 -45.54
C GLU D 336 -35.93 -16.13 -45.67
N MET D 337 -36.79 -15.97 -44.66
CA MET D 337 -38.15 -16.50 -44.76
C MET D 337 -38.96 -15.78 -45.82
N GLN D 338 -38.66 -14.51 -46.08
CA GLN D 338 -39.43 -13.75 -47.05
C GLN D 338 -39.13 -14.22 -48.48
N LYS D 339 -37.84 -14.37 -48.81
CA LYS D 339 -37.50 -14.83 -50.15
C LYS D 339 -38.00 -16.24 -50.39
N ALA D 340 -38.12 -17.06 -49.35
CA ALA D 340 -38.68 -18.40 -49.45
C ALA D 340 -40.21 -18.39 -49.47
N GLY D 341 -40.83 -17.24 -49.24
CA GLY D 341 -42.28 -17.17 -49.25
C GLY D 341 -42.94 -17.76 -48.02
N ARG D 342 -42.24 -17.86 -46.91
CA ARG D 342 -42.75 -18.56 -45.73
C ARG D 342 -43.36 -17.63 -44.67
N LEU D 343 -43.33 -16.32 -44.88
CA LEU D 343 -43.95 -15.39 -43.92
C LEU D 343 -45.42 -15.25 -44.23
N PRO D 344 -46.31 -15.57 -43.31
CA PRO D 344 -47.76 -15.41 -43.56
C PRO D 344 -48.14 -13.95 -43.75
N CYS D 345 -49.16 -13.73 -44.57
CA CYS D 345 -49.81 -12.42 -44.63
C CYS D 345 -50.58 -12.16 -43.34
N ARG D 346 -50.52 -10.92 -42.85
CA ARG D 346 -51.12 -10.55 -41.58
C ARG D 346 -52.03 -9.34 -41.72
N LYS D 347 -52.59 -9.15 -42.92
CA LYS D 347 -53.38 -7.95 -43.22
C LYS D 347 -54.56 -7.83 -42.26
N GLU D 348 -55.22 -8.95 -41.96
CA GLU D 348 -56.45 -8.85 -41.19
C GLU D 348 -56.16 -8.59 -39.72
N TRP D 349 -55.15 -9.27 -39.16
CA TRP D 349 -54.85 -9.06 -37.73
C TRP D 349 -54.31 -7.65 -37.52
N VAL D 350 -53.47 -7.15 -38.43
CA VAL D 350 -53.02 -5.77 -38.30
C VAL D 350 -54.21 -4.82 -38.37
N ALA D 351 -55.19 -5.17 -39.21
CA ALA D 351 -56.33 -4.28 -39.44
C ALA D 351 -57.17 -4.12 -38.18
N ASP D 352 -57.47 -5.21 -37.46
CA ASP D 352 -58.30 -4.92 -36.30
C ASP D 352 -57.50 -4.47 -35.08
N CYS D 353 -56.17 -4.55 -35.10
CA CYS D 353 -55.39 -3.80 -34.10
C CYS D 353 -55.52 -2.30 -34.32
N GLN D 354 -55.46 -1.86 -35.59
CA GLN D 354 -55.66 -0.45 -35.88
C GLN D 354 -57.09 -0.01 -35.62
N GLN D 355 -58.06 -0.88 -35.85
CA GLN D 355 -59.44 -0.51 -35.57
C GLN D 355 -59.64 -0.26 -34.08
N ARG D 356 -58.95 -1.03 -33.24
CA ARG D 356 -59.02 -0.79 -31.80
C ARG D 356 -58.46 0.59 -31.46
N LYS D 357 -57.41 1.01 -32.17
CA LYS D 357 -56.82 2.33 -31.93
C LYS D 357 -57.78 3.46 -32.32
N ARG D 358 -58.63 3.24 -33.32
CA ARG D 358 -59.57 4.27 -33.73
C ARG D 358 -60.75 4.41 -32.76
N THR D 359 -61.00 3.40 -31.92
CA THR D 359 -62.25 3.29 -31.15
C THR D 359 -62.09 3.44 -29.65
N LEU D 360 -61.08 2.78 -29.04
CA LEU D 360 -61.02 2.62 -27.58
C LEU D 360 -60.16 3.74 -26.99
N LEU D 361 -60.77 4.90 -26.80
CA LEU D 361 -60.01 6.09 -26.42
C LEU D 361 -60.50 6.66 -25.10
N ARG D 362 -59.78 7.69 -24.64
CA ARG D 362 -60.13 8.45 -23.44
C ARG D 362 -60.22 9.92 -23.82
N LYS D 363 -61.21 10.61 -23.27
CA LYS D 363 -61.44 11.99 -23.66
C LYS D 363 -60.29 12.86 -23.15
N THR D 364 -59.84 13.80 -24.00
CA THR D 364 -58.88 14.81 -23.57
C THR D 364 -59.38 16.24 -23.75
N HIS D 365 -60.30 16.49 -24.67
CA HIS D 365 -60.67 17.86 -25.03
C HIS D 365 -61.74 18.40 -24.07
N PHE D 366 -61.31 18.79 -22.88
CA PHE D 366 -62.19 19.37 -21.88
C PHE D 366 -62.05 20.90 -21.88
N ASP D 367 -63.17 21.60 -21.72
CA ASP D 367 -63.16 23.05 -21.57
C ASP D 367 -63.26 23.50 -20.13
N ASN D 368 -63.27 22.56 -19.19
CA ASN D 368 -63.63 22.88 -17.82
C ASN D 368 -62.64 23.84 -17.19
N VAL D 369 -63.15 24.70 -16.32
CA VAL D 369 -62.38 25.53 -15.41
C VAL D 369 -62.90 25.21 -14.01
N PRO D 370 -62.07 24.69 -13.09
CA PRO D 370 -60.62 24.42 -13.14
C PRO D 370 -60.26 23.33 -14.16
N VAL D 371 -59.02 23.37 -14.65
CA VAL D 371 -58.59 22.56 -15.79
C VAL D 371 -58.60 21.07 -15.46
N LYS D 372 -59.00 20.27 -16.44
CA LYS D 372 -58.84 18.82 -16.41
C LYS D 372 -57.44 18.45 -16.90
N PRO D 373 -56.69 17.60 -16.17
CA PRO D 373 -55.32 17.30 -16.60
C PRO D 373 -55.21 16.70 -18.00
N GLN D 374 -56.23 15.94 -18.45
CA GLN D 374 -56.21 15.36 -19.79
C GLN D 374 -55.96 16.41 -20.86
N ARG D 375 -56.56 17.60 -20.69
CA ARG D 375 -56.43 18.65 -21.68
C ARG D 375 -55.00 19.15 -21.79
N VAL D 376 -54.24 19.11 -20.69
CA VAL D 376 -52.85 19.58 -20.72
C VAL D 376 -52.04 18.72 -21.69
N TYR D 377 -52.18 17.40 -21.59
CA TYR D 377 -51.44 16.49 -22.46
C TYR D 377 -51.84 16.65 -23.92
N GLU D 378 -53.11 16.96 -24.18
CA GLU D 378 -53.54 17.30 -25.54
C GLU D 378 -52.79 18.53 -26.04
N GLU D 379 -52.75 19.59 -25.24
CA GLU D 379 -52.08 20.80 -25.69
C GLU D 379 -50.59 20.58 -25.86
N MET D 380 -50.02 19.69 -25.02
CA MET D 380 -48.59 19.40 -25.14
C MET D 380 -48.28 18.72 -26.47
N ASN D 381 -49.12 17.77 -26.90
CA ASN D 381 -48.89 17.13 -28.18
C ASN D 381 -48.99 18.13 -29.34
N LYS D 382 -49.89 19.11 -29.22
CA LYS D 382 -50.06 20.08 -30.29
C LYS D 382 -48.90 21.08 -30.33
N ALA D 383 -48.40 21.50 -29.17
CA ALA D 383 -47.47 22.63 -29.12
C ALA D 383 -46.03 22.26 -29.45
N PHE D 384 -45.60 21.03 -29.14
CA PHE D 384 -44.21 20.65 -29.36
C PHE D 384 -44.09 19.74 -30.58
N GLY D 385 -42.88 19.68 -31.12
CA GLY D 385 -42.66 18.91 -32.33
C GLY D 385 -42.50 17.43 -32.04
N ARG D 386 -42.36 16.66 -33.12
CA ARG D 386 -42.20 15.23 -32.92
C ARG D 386 -40.84 14.86 -32.33
N ASP D 387 -39.90 15.79 -32.28
CA ASP D 387 -38.61 15.54 -31.67
C ASP D 387 -38.61 15.80 -30.16
N VAL D 388 -39.79 16.07 -29.57
CA VAL D 388 -39.84 16.39 -28.16
C VAL D 388 -39.37 15.20 -27.33
N CYS D 389 -38.74 15.50 -26.19
CA CYS D 389 -38.20 14.48 -25.28
C CYS D 389 -38.79 14.72 -23.90
N TYR D 390 -39.67 13.83 -23.45
CA TYR D 390 -40.35 14.00 -22.18
C TYR D 390 -39.56 13.37 -21.02
N VAL D 391 -39.64 14.03 -19.85
CA VAL D 391 -39.00 13.59 -18.62
C VAL D 391 -40.04 13.64 -17.51
N THR D 392 -40.20 12.53 -16.80
CA THR D 392 -41.26 12.46 -15.80
C THR D 392 -40.99 11.28 -14.86
N THR D 393 -41.71 11.27 -13.73
CA THR D 393 -41.45 10.35 -12.64
C THR D 393 -42.65 9.46 -12.30
N ILE D 394 -43.52 9.95 -11.43
CA ILE D 394 -44.65 9.14 -10.95
C ILE D 394 -45.74 10.08 -10.47
N GLY D 395 -46.94 9.54 -10.28
CA GLY D 395 -48.10 10.32 -9.92
C GLY D 395 -49.15 10.29 -11.01
N LEU D 396 -50.34 10.81 -10.66
CA LEU D 396 -51.40 10.90 -11.66
C LEU D 396 -50.92 11.74 -12.83
N SER D 397 -50.11 12.76 -12.53
CA SER D 397 -49.46 13.57 -13.55
C SER D 397 -48.69 12.71 -14.54
N GLN D 398 -47.95 11.71 -14.03
CA GLN D 398 -47.14 10.85 -14.90
C GLN D 398 -47.97 9.74 -15.54
N ILE D 399 -48.90 9.13 -14.80
CA ILE D 399 -49.66 8.02 -15.37
C ILE D 399 -50.49 8.51 -16.54
N ALA D 400 -51.20 9.62 -16.35
CA ALA D 400 -52.02 10.15 -17.44
C ALA D 400 -51.14 10.60 -18.60
N ALA D 401 -49.97 11.18 -18.29
CA ALA D 401 -49.07 11.61 -19.36
C ALA D 401 -48.68 10.42 -20.23
N ALA D 402 -48.41 9.26 -19.62
CA ALA D 402 -48.10 8.08 -20.42
C ALA D 402 -49.29 7.60 -21.23
N GLN D 403 -50.52 7.79 -20.73
CA GLN D 403 -51.71 7.37 -21.46
C GLN D 403 -52.01 8.25 -22.66
N MET D 404 -51.49 9.49 -22.69
CA MET D 404 -52.01 10.48 -23.61
C MET D 404 -50.95 11.26 -24.40
N LEU D 405 -49.71 11.40 -23.91
CA LEU D 405 -48.68 12.03 -24.73
C LEU D 405 -48.18 11.05 -25.79
N HIS D 406 -47.40 11.55 -26.73
CA HIS D 406 -46.83 10.70 -27.78
C HIS D 406 -45.40 11.11 -28.11
N VAL D 407 -44.57 10.10 -28.41
CA VAL D 407 -43.15 10.26 -28.67
C VAL D 407 -42.83 9.44 -29.91
N PHE D 408 -41.70 9.79 -30.55
CA PHE D 408 -41.42 9.31 -31.90
C PHE D 408 -39.99 8.85 -32.12
N LYS D 409 -39.19 8.70 -31.06
CA LYS D 409 -37.80 8.30 -31.18
C LYS D 409 -37.37 7.69 -29.85
N ASP D 410 -36.43 6.75 -29.91
CA ASP D 410 -35.99 6.13 -28.67
C ASP D 410 -35.20 7.12 -27.83
N ARG D 411 -35.23 6.92 -26.51
CA ARG D 411 -34.69 7.83 -25.52
C ARG D 411 -35.35 9.20 -25.58
N HIS D 412 -36.58 9.28 -26.07
CA HIS D 412 -37.37 10.49 -25.93
C HIS D 412 -38.50 10.35 -24.91
N TRP D 413 -38.56 9.22 -24.20
CA TRP D 413 -39.34 9.07 -22.96
C TRP D 413 -38.35 8.73 -21.85
N ILE D 414 -38.10 9.68 -20.95
CA ILE D 414 -37.09 9.52 -19.89
C ILE D 414 -37.82 9.40 -18.56
N ASN D 415 -37.86 8.19 -18.01
CA ASN D 415 -38.77 7.87 -16.91
C ASN D 415 -38.15 6.76 -16.07
N CYS D 416 -38.13 6.94 -14.74
CA CYS D 416 -37.61 5.91 -13.83
C CYS D 416 -38.75 4.95 -13.52
N GLY D 417 -38.96 3.99 -14.43
CA GLY D 417 -40.21 3.25 -14.43
C GLY D 417 -40.39 2.29 -13.28
N GLN D 418 -39.30 1.76 -12.73
CA GLN D 418 -39.39 0.74 -11.70
C GLN D 418 -39.31 1.29 -10.27
N ALA D 419 -38.54 2.35 -10.03
CA ALA D 419 -38.38 2.88 -8.68
C ALA D 419 -39.24 4.12 -8.40
N GLY D 420 -39.40 5.03 -9.36
CA GLY D 420 -40.31 6.15 -9.21
C GLY D 420 -40.05 7.14 -8.06
N PRO D 421 -38.80 7.43 -7.71
CA PRO D 421 -38.55 8.34 -6.58
C PRO D 421 -39.02 9.76 -6.87
N LEU D 422 -39.79 10.33 -5.95
CA LEU D 422 -40.24 11.70 -6.10
C LEU D 422 -39.05 12.67 -6.06
N GLY D 423 -39.14 13.73 -6.89
CA GLY D 423 -38.07 14.69 -7.06
C GLY D 423 -37.07 14.34 -8.13
N TRP D 424 -37.22 13.19 -8.78
CA TRP D 424 -36.30 12.78 -9.83
C TRP D 424 -36.37 13.71 -11.04
N THR D 425 -37.52 14.35 -11.27
CA THR D 425 -37.84 14.90 -12.59
C THR D 425 -36.94 16.09 -12.94
N ILE D 426 -36.87 17.09 -12.07
CA ILE D 426 -36.04 18.26 -12.36
C ILE D 426 -34.58 17.88 -12.57
N PRO D 427 -33.90 17.21 -11.64
CA PRO D 427 -32.48 16.89 -11.91
C PRO D 427 -32.31 16.00 -13.11
N ALA D 428 -33.21 15.04 -13.36
CA ALA D 428 -33.05 14.19 -14.54
C ALA D 428 -33.13 15.00 -15.82
N ALA D 429 -34.04 15.98 -15.85
CA ALA D 429 -34.20 16.79 -17.06
C ALA D 429 -32.95 17.62 -17.29
N LEU D 430 -32.39 18.19 -16.23
CA LEU D 430 -31.14 18.92 -16.37
C LEU D 430 -30.02 18.00 -16.87
N GLY D 431 -30.03 16.74 -16.44
CA GLY D 431 -29.03 15.80 -16.90
C GLY D 431 -29.20 15.46 -18.37
N VAL D 432 -30.44 15.34 -18.84
CA VAL D 432 -30.66 15.10 -20.26
C VAL D 432 -30.15 16.30 -21.06
N CYS D 433 -30.45 17.50 -20.58
CA CYS D 433 -30.02 18.71 -21.27
C CYS D 433 -28.50 18.81 -21.31
N ALA D 434 -27.83 18.38 -20.23
CA ALA D 434 -26.38 18.41 -20.21
C ALA D 434 -25.81 17.40 -21.19
N ALA D 435 -26.45 16.24 -21.32
CA ALA D 435 -26.01 15.23 -22.29
C ALA D 435 -26.17 15.71 -23.72
N ASP D 436 -27.19 16.53 -23.99
CA ASP D 436 -27.53 16.89 -25.36
C ASP D 436 -28.22 18.26 -25.39
N PRO D 437 -27.45 19.35 -25.50
CA PRO D 437 -28.05 20.69 -25.49
C PRO D 437 -28.96 20.96 -26.69
N LYS D 438 -28.89 20.16 -27.75
CA LYS D 438 -29.86 20.32 -28.82
C LYS D 438 -31.18 19.61 -28.55
N ARG D 439 -31.28 18.81 -27.49
CA ARG D 439 -32.52 18.10 -27.25
C ARG D 439 -33.61 19.07 -26.79
N ASN D 440 -34.83 18.86 -27.30
CA ASN D 440 -36.01 19.65 -26.93
C ASN D 440 -36.67 18.97 -25.73
N VAL D 441 -36.18 19.29 -24.54
CA VAL D 441 -36.60 18.60 -23.32
C VAL D 441 -37.82 19.28 -22.71
N VAL D 442 -38.87 18.50 -22.44
CA VAL D 442 -40.06 18.97 -21.75
C VAL D 442 -40.36 17.98 -20.61
N ALA D 443 -40.40 18.49 -19.38
CA ALA D 443 -40.66 17.66 -18.20
C ALA D 443 -42.12 17.77 -17.77
N ILE D 444 -42.61 16.73 -17.10
CA ILE D 444 -43.95 16.73 -16.50
C ILE D 444 -43.83 16.35 -15.03
N SER D 445 -44.44 17.15 -14.16
CA SER D 445 -44.45 16.90 -12.73
C SER D 445 -45.80 17.29 -12.16
N GLY D 446 -46.24 16.56 -11.13
CA GLY D 446 -47.24 17.08 -10.21
C GLY D 446 -46.58 17.99 -9.18
N ASP D 447 -47.41 18.67 -8.37
CA ASP D 447 -46.85 19.64 -7.43
C ASP D 447 -45.96 18.98 -6.37
N PHE D 448 -46.31 17.76 -5.93
CA PHE D 448 -45.53 17.13 -4.86
C PHE D 448 -44.14 16.72 -5.35
N ASP D 449 -44.08 16.06 -6.51
CA ASP D 449 -42.80 15.69 -7.10
C ASP D 449 -41.96 16.93 -7.35
N PHE D 450 -42.61 18.01 -7.81
CA PHE D 450 -41.90 19.25 -8.11
C PHE D 450 -41.26 19.84 -6.86
N GLN D 451 -41.88 19.65 -5.71
CA GLN D 451 -41.36 20.28 -4.50
C GLN D 451 -40.16 19.55 -3.91
N PHE D 452 -40.08 18.20 -4.06
CA PHE D 452 -39.06 17.41 -3.39
C PHE D 452 -37.66 18.00 -3.57
N LEU D 453 -37.28 18.27 -4.80
CA LEU D 453 -35.95 18.78 -5.12
C LEU D 453 -36.08 20.08 -5.90
N ILE D 454 -36.99 20.94 -5.45
CA ILE D 454 -37.34 22.15 -6.20
C ILE D 454 -36.14 23.08 -6.32
N GLU D 455 -35.21 23.03 -5.37
CA GLU D 455 -34.05 23.91 -5.43
C GLU D 455 -33.16 23.64 -6.65
N GLU D 456 -33.26 22.46 -7.26
CA GLU D 456 -32.42 22.16 -8.41
C GLU D 456 -32.73 23.06 -9.61
N LEU D 457 -33.86 23.77 -9.61
CA LEU D 457 -34.11 24.78 -10.65
C LEU D 457 -33.01 25.84 -10.68
N ALA D 458 -32.45 26.19 -9.50
CA ALA D 458 -31.37 27.17 -9.46
C ALA D 458 -30.11 26.64 -10.11
N VAL D 459 -29.93 25.32 -10.17
CA VAL D 459 -28.83 24.75 -10.95
C VAL D 459 -29.02 25.09 -12.42
N GLY D 460 -30.26 24.98 -12.91
CA GLY D 460 -30.52 25.37 -14.27
C GLY D 460 -30.29 26.85 -14.50
N ALA D 461 -30.51 27.67 -13.47
CA ALA D 461 -30.35 29.10 -13.67
C ALA D 461 -28.89 29.50 -13.65
N GLN D 462 -28.08 28.86 -12.80
CA GLN D 462 -26.67 29.22 -12.70
C GLN D 462 -25.90 28.78 -13.93
N PHE D 463 -26.11 27.54 -14.38
CA PHE D 463 -25.41 26.98 -15.53
C PHE D 463 -26.33 27.00 -16.76
N ASN D 464 -26.89 28.18 -17.06
CA ASN D 464 -27.91 28.37 -18.08
C ASN D 464 -28.29 27.11 -18.87
N ILE D 465 -29.10 26.25 -18.25
CA ILE D 465 -29.55 24.99 -18.85
C ILE D 465 -31.05 25.10 -19.14
N PRO D 466 -31.46 25.35 -20.38
CA PRO D 466 -32.89 25.58 -20.64
C PRO D 466 -33.70 24.34 -20.99
N TYR D 467 -34.90 24.28 -20.44
CA TYR D 467 -35.92 23.29 -20.79
C TYR D 467 -37.25 23.82 -20.26
N ILE D 468 -38.34 23.24 -20.77
CA ILE D 468 -39.69 23.59 -20.29
C ILE D 468 -40.15 22.54 -19.29
N HIS D 469 -40.61 23.00 -18.12
CA HIS D 469 -41.18 22.11 -17.11
C HIS D 469 -42.68 22.37 -17.02
N VAL D 470 -43.49 21.41 -17.45
CA VAL D 470 -44.92 21.48 -17.26
C VAL D 470 -45.26 20.98 -15.84
N LEU D 471 -45.93 21.83 -15.06
CA LEU D 471 -46.30 21.53 -13.68
C LEU D 471 -47.82 21.54 -13.57
N VAL D 472 -48.42 20.39 -13.24
CA VAL D 472 -49.86 20.26 -13.13
C VAL D 472 -50.19 20.18 -11.64
N ASN D 473 -50.87 21.19 -11.11
CA ASN D 473 -50.96 21.42 -9.66
C ASN D 473 -52.41 21.24 -9.20
N ASN D 474 -52.67 20.13 -8.50
CA ASN D 474 -53.95 19.84 -7.86
C ASN D 474 -53.90 20.00 -6.33
N ALA D 475 -52.80 20.54 -5.79
CA ALA D 475 -52.62 20.73 -4.33
C ALA D 475 -52.79 19.41 -3.56
N TYR D 476 -52.28 18.32 -4.12
CA TYR D 476 -52.65 16.99 -3.68
C TYR D 476 -51.52 16.02 -3.99
N LEU D 477 -51.39 14.98 -3.16
CA LEU D 477 -50.72 13.75 -3.58
C LEU D 477 -51.79 12.92 -4.29
N GLY D 478 -52.02 13.26 -5.57
CA GLY D 478 -53.23 12.79 -6.24
C GLY D 478 -53.31 11.28 -6.35
N LEU D 479 -52.21 10.63 -6.76
CA LEU D 479 -52.22 9.18 -6.89
C LEU D 479 -52.50 8.49 -5.55
N ILE D 480 -52.01 9.06 -4.45
CA ILE D 480 -52.23 8.44 -3.15
C ILE D 480 -53.64 8.69 -2.67
N ARG D 481 -54.22 9.85 -3.00
CA ARG D 481 -55.64 10.09 -2.77
C ARG D 481 -56.50 9.03 -3.46
N GLN D 482 -56.23 8.79 -4.74
CA GLN D 482 -57.02 7.79 -5.45
C GLN D 482 -56.83 6.40 -4.85
N SER D 483 -55.61 6.05 -4.42
CA SER D 483 -55.39 4.73 -3.84
C SER D 483 -56.05 4.57 -2.46
N GLN D 484 -56.30 5.68 -1.76
CA GLN D 484 -57.01 5.64 -0.49
C GLN D 484 -58.52 5.45 -0.63
N MET D 485 -59.07 5.55 -1.85
CA MET D 485 -60.52 5.36 -2.00
C MET D 485 -60.95 3.97 -1.52
N ALA D 486 -60.09 2.95 -1.67
CA ALA D 486 -60.42 1.60 -1.21
C ALA D 486 -60.49 1.52 0.32
N PHE D 487 -59.81 2.42 1.03
CA PHE D 487 -59.87 2.51 2.47
C PHE D 487 -60.91 3.52 2.94
N ASP D 488 -61.68 4.09 2.03
CA ASP D 488 -62.75 5.04 2.35
C ASP D 488 -62.24 6.21 3.17
N MET D 489 -61.17 6.84 2.69
CA MET D 489 -60.55 7.93 3.42
C MET D 489 -59.82 8.87 2.47
N ASP D 490 -59.46 10.03 3.01
CA ASP D 490 -58.72 11.08 2.33
C ASP D 490 -57.86 11.69 3.44
N TYR D 491 -56.66 11.13 3.62
CA TYR D 491 -55.92 11.26 4.88
C TYR D 491 -54.46 11.56 4.61
N CYS D 492 -53.99 12.72 5.11
CA CYS D 492 -52.60 13.15 4.97
C CYS D 492 -52.16 13.26 3.51
N VAL D 493 -53.05 13.63 2.60
CA VAL D 493 -52.66 13.72 1.20
C VAL D 493 -52.88 15.10 0.59
N GLN D 494 -53.39 16.06 1.38
CA GLN D 494 -53.65 17.40 0.86
C GLN D 494 -52.48 18.34 1.14
N LEU D 495 -52.10 19.12 0.12
CA LEU D 495 -51.05 20.11 0.25
C LEU D 495 -51.56 21.55 0.31
N ALA D 496 -52.88 21.78 0.26
CA ALA D 496 -53.41 23.13 0.19
C ALA D 496 -53.30 23.89 1.53
N PHE D 497 -53.14 25.21 1.43
CA PHE D 497 -53.27 26.11 2.55
C PHE D 497 -53.43 27.53 2.01
N GLU D 498 -53.97 28.42 2.84
CA GLU D 498 -54.06 29.83 2.46
C GLU D 498 -52.68 30.43 2.58
N ASN D 499 -52.10 30.78 1.45
CA ASN D 499 -50.77 31.37 1.43
C ASN D 499 -50.90 32.85 1.78
N ILE D 500 -50.24 33.26 2.86
CA ILE D 500 -50.41 34.62 3.39
C ILE D 500 -49.76 35.66 2.52
N ASN D 501 -48.96 35.25 1.54
CA ASN D 501 -48.27 36.13 0.61
C ASN D 501 -48.91 36.16 -0.78
N SER D 502 -49.86 35.27 -1.07
CA SER D 502 -50.35 35.09 -2.44
C SER D 502 -51.83 34.71 -2.37
N SER D 503 -52.69 35.72 -2.47
CA SER D 503 -54.12 35.44 -2.60
C SER D 503 -54.46 34.81 -3.95
N GLU D 504 -53.59 34.98 -4.95
CA GLU D 504 -53.92 34.56 -6.31
C GLU D 504 -53.85 33.05 -6.50
N VAL D 505 -53.22 32.30 -5.58
CA VAL D 505 -53.19 30.85 -5.71
C VAL D 505 -54.44 30.19 -5.12
N ASN D 506 -55.34 30.99 -4.53
CA ASN D 506 -56.70 30.55 -4.17
C ASN D 506 -56.69 29.34 -3.24
N GLY D 507 -55.83 29.38 -2.23
CA GLY D 507 -55.78 28.32 -1.24
C GLY D 507 -55.00 27.08 -1.64
N TYR D 508 -54.30 27.10 -2.78
CA TYR D 508 -53.56 25.93 -3.24
C TYR D 508 -52.20 25.78 -2.54
N GLY D 509 -51.85 26.72 -1.68
CA GLY D 509 -50.64 26.61 -0.87
C GLY D 509 -49.43 27.24 -1.56
N VAL D 510 -48.47 26.40 -1.93
CA VAL D 510 -47.21 26.92 -2.45
C VAL D 510 -47.47 27.74 -3.72
N ASP D 511 -46.81 28.89 -3.81
CA ASP D 511 -46.81 29.74 -5.00
C ASP D 511 -45.59 29.37 -5.84
N HIS D 512 -45.80 28.49 -6.82
CA HIS D 512 -44.68 27.95 -7.58
C HIS D 512 -44.05 29.00 -8.48
N VAL D 513 -44.80 30.02 -8.90
CA VAL D 513 -44.24 31.06 -9.75
C VAL D 513 -43.20 31.87 -8.96
N LYS D 514 -43.57 32.33 -7.76
CA LYS D 514 -42.63 33.09 -6.96
C LYS D 514 -41.41 32.25 -6.58
N VAL D 515 -41.61 30.95 -6.31
CA VAL D 515 -40.48 30.10 -5.94
C VAL D 515 -39.55 29.93 -7.13
N ALA D 516 -40.10 29.59 -8.29
CA ALA D 516 -39.24 29.40 -9.45
C ALA D 516 -38.53 30.69 -9.84
N GLU D 517 -39.23 31.83 -9.76
CA GLU D 517 -38.59 33.11 -10.06
C GLU D 517 -37.52 33.43 -9.03
N GLY D 518 -37.76 33.08 -7.77
CA GLY D 518 -36.76 33.33 -6.74
C GLY D 518 -35.55 32.46 -6.94
N LEU D 519 -35.72 31.30 -7.57
CA LEU D 519 -34.61 30.42 -7.90
C LEU D 519 -33.94 30.80 -9.21
N GLY D 520 -34.35 31.91 -9.84
CA GLY D 520 -33.68 32.36 -11.04
C GLY D 520 -34.29 31.92 -12.36
N CYS D 521 -35.40 31.19 -12.34
CA CYS D 521 -36.05 30.72 -13.56
C CYS D 521 -37.25 31.60 -13.94
N LYS D 522 -37.79 31.36 -15.14
CA LYS D 522 -39.03 31.98 -15.59
C LYS D 522 -40.22 31.06 -15.26
N ALA D 523 -41.41 31.66 -15.06
CA ALA D 523 -42.59 30.87 -14.77
C ALA D 523 -43.85 31.57 -15.26
N ILE D 524 -44.83 30.76 -15.66
CA ILE D 524 -46.12 31.23 -16.18
C ILE D 524 -47.22 30.40 -15.55
N ARG D 525 -48.24 31.04 -15.01
CA ARG D 525 -49.38 30.31 -14.43
C ARG D 525 -50.60 30.42 -15.33
N VAL D 526 -51.28 29.29 -15.49
CA VAL D 526 -52.42 29.12 -16.38
C VAL D 526 -53.61 28.59 -15.57
N PHE D 527 -54.75 29.27 -15.66
CA PHE D 527 -56.00 28.81 -15.06
C PHE D 527 -57.04 28.26 -16.05
N LYS D 528 -56.97 28.65 -17.33
CA LYS D 528 -58.01 28.29 -18.28
C LYS D 528 -57.45 27.46 -19.42
N PRO D 529 -58.20 26.48 -19.93
CA PRO D 529 -57.63 25.56 -20.94
C PRO D 529 -57.13 26.26 -22.20
N GLU D 530 -57.81 27.33 -22.62
CA GLU D 530 -57.45 28.07 -23.83
C GLU D 530 -56.19 28.91 -23.65
N ASP D 531 -55.74 29.11 -22.41
CA ASP D 531 -54.48 29.79 -22.17
C ASP D 531 -53.26 28.85 -22.14
N ILE D 532 -53.45 27.53 -22.24
CA ILE D 532 -52.31 26.62 -22.18
C ILE D 532 -51.42 26.76 -23.42
N ALA D 533 -52.02 26.70 -24.61
CA ALA D 533 -51.21 26.83 -25.84
C ALA D 533 -50.44 28.14 -25.91
N PRO D 534 -51.05 29.31 -25.66
CA PRO D 534 -50.23 30.55 -25.65
C PRO D 534 -49.10 30.48 -24.65
N ALA D 535 -49.30 29.83 -23.50
CA ALA D 535 -48.25 29.72 -22.49
C ALA D 535 -47.07 28.88 -22.97
N PHE D 536 -47.32 27.81 -23.73
CA PHE D 536 -46.20 27.05 -24.29
C PHE D 536 -45.44 27.87 -25.31
N GLU D 537 -46.14 28.68 -26.12
CA GLU D 537 -45.43 29.49 -27.11
C GLU D 537 -44.58 30.54 -26.43
N GLN D 538 -45.11 31.18 -25.37
CA GLN D 538 -44.32 32.19 -24.66
C GLN D 538 -43.15 31.53 -23.95
N ALA D 539 -43.35 30.32 -23.42
CA ALA D 539 -42.25 29.63 -22.77
C ALA D 539 -41.13 29.34 -23.77
N LYS D 540 -41.49 29.00 -25.00
CA LYS D 540 -40.46 28.81 -26.02
C LYS D 540 -39.69 30.10 -26.24
N ALA D 541 -40.38 31.25 -26.26
CA ALA D 541 -39.68 32.51 -26.48
C ALA D 541 -38.77 32.85 -25.32
N LEU D 542 -39.24 32.65 -24.09
CA LEU D 542 -38.42 32.99 -22.93
C LEU D 542 -37.18 32.12 -22.85
N MET D 543 -37.33 30.84 -23.19
CA MET D 543 -36.20 29.92 -23.08
C MET D 543 -35.10 30.26 -24.08
N ALA D 544 -35.48 30.64 -25.31
CA ALA D 544 -34.47 30.99 -26.31
C ALA D 544 -33.68 32.22 -25.90
N GLN D 545 -34.35 33.17 -25.24
CA GLN D 545 -33.69 34.42 -24.86
C GLN D 545 -32.89 34.26 -23.57
N TYR D 546 -33.48 33.67 -22.53
CA TYR D 546 -32.82 33.67 -21.23
C TYR D 546 -32.01 32.41 -20.95
N ARG D 547 -32.24 31.31 -21.67
CA ARG D 547 -31.51 30.05 -21.47
C ARG D 547 -31.55 29.60 -20.01
N VAL D 548 -32.75 29.61 -19.43
CA VAL D 548 -32.99 29.05 -18.10
C VAL D 548 -34.23 28.18 -18.18
N PRO D 549 -34.45 27.30 -17.19
CA PRO D 549 -35.70 26.56 -17.16
C PRO D 549 -36.90 27.51 -17.11
N VAL D 550 -37.98 27.12 -17.77
CA VAL D 550 -39.25 27.86 -17.77
C VAL D 550 -40.35 26.93 -17.28
N VAL D 551 -40.98 27.27 -16.17
CA VAL D 551 -42.04 26.46 -15.57
C VAL D 551 -43.39 26.96 -16.06
N VAL D 552 -44.21 26.06 -16.61
CA VAL D 552 -45.57 26.39 -17.01
C VAL D 552 -46.48 25.63 -16.06
N GLU D 553 -47.06 26.34 -15.09
CA GLU D 553 -47.91 25.72 -14.09
C GLU D 553 -49.37 25.83 -14.51
N VAL D 554 -50.06 24.69 -14.55
CA VAL D 554 -51.49 24.66 -14.83
C VAL D 554 -52.22 24.36 -13.53
N ILE D 555 -53.20 25.19 -13.19
CA ILE D 555 -54.02 24.99 -11.99
C ILE D 555 -55.12 24.01 -12.37
N LEU D 556 -55.03 22.79 -11.84
CA LEU D 556 -55.99 21.72 -12.08
C LEU D 556 -57.14 21.74 -11.07
N GLU D 557 -58.26 21.13 -11.46
CA GLU D 557 -59.27 20.78 -10.47
C GLU D 557 -58.65 19.85 -9.42
N ARG D 558 -59.16 19.94 -8.20
CA ARG D 558 -58.51 19.24 -7.09
C ARG D 558 -58.53 17.72 -7.27
N VAL D 559 -59.62 17.16 -7.78
CA VAL D 559 -59.80 15.71 -7.77
C VAL D 559 -60.14 15.25 -9.19
N THR D 560 -59.29 14.37 -9.74
CA THR D 560 -59.54 13.66 -10.99
C THR D 560 -59.05 12.23 -10.82
N ASN D 561 -59.91 11.24 -11.08
CA ASN D 561 -59.51 9.84 -11.00
C ASN D 561 -59.05 9.35 -12.36
N ILE D 562 -57.76 8.98 -12.45
CA ILE D 562 -57.17 8.47 -13.68
C ILE D 562 -57.51 6.99 -13.84
N SER D 563 -57.63 6.52 -15.09
CA SER D 563 -58.03 5.14 -15.36
C SER D 563 -56.93 4.16 -14.95
N MET D 564 -57.33 3.09 -14.26
CA MET D 564 -56.40 2.06 -13.80
C MET D 564 -57.19 0.89 -13.23
N GLY D 565 -56.49 -0.23 -13.06
CA GLY D 565 -57.12 -1.44 -12.55
C GLY D 565 -56.06 -2.40 -12.05
N SER D 566 -56.54 -3.54 -11.55
CA SER D 566 -55.66 -4.59 -11.03
C SER D 566 -55.39 -5.72 -12.02
N GLU D 567 -56.14 -5.78 -13.13
CA GLU D 567 -55.94 -6.74 -14.21
C GLU D 567 -56.10 -6.03 -15.54
N LEU D 568 -55.60 -6.67 -16.62
CA LEU D 568 -55.70 -6.05 -17.94
C LEU D 568 -57.15 -5.89 -18.37
N ASP D 569 -58.02 -6.83 -18.00
CA ASP D 569 -59.42 -6.86 -18.41
C ASP D 569 -60.32 -6.14 -17.43
N ASN D 570 -59.72 -5.31 -16.59
CA ASN D 570 -60.30 -4.81 -15.36
C ASN D 570 -60.12 -3.31 -15.18
N VAL D 571 -59.40 -2.65 -16.10
CA VAL D 571 -59.04 -1.25 -15.90
C VAL D 571 -60.30 -0.40 -15.86
N MET D 572 -60.43 0.39 -14.80
CA MET D 572 -61.65 1.15 -14.56
C MET D 572 -61.52 2.54 -15.17
N GLU D 573 -62.53 2.93 -15.96
CA GLU D 573 -62.60 4.25 -16.57
C GLU D 573 -63.50 5.15 -15.72
N PHE D 574 -62.89 6.03 -14.94
CA PHE D 574 -63.66 6.99 -14.15
C PHE D 574 -64.03 8.21 -14.97
N GLU D 575 -63.05 8.83 -15.62
CA GLU D 575 -63.31 9.96 -16.49
C GLU D 575 -63.94 9.45 -17.79
N ASP D 576 -64.53 10.38 -18.54
CA ASP D 576 -65.22 10.01 -19.79
C ASP D 576 -64.26 9.32 -20.76
N ILE D 577 -64.74 8.24 -21.37
CA ILE D 577 -64.00 7.61 -22.47
C ILE D 577 -64.27 8.43 -23.72
N ALA D 578 -63.82 7.90 -24.86
CA ALA D 578 -63.98 8.60 -26.13
C ALA D 578 -63.89 7.57 -27.24
N ASP D 579 -64.55 7.88 -28.36
CA ASP D 579 -64.49 7.00 -29.54
C ASP D 579 -64.25 7.75 -30.85
N ASN D 580 -63.82 9.01 -30.78
CA ASN D 580 -63.63 9.79 -31.99
C ASN D 580 -62.66 10.94 -31.71
N ALA D 581 -62.15 11.51 -32.79
CA ALA D 581 -61.12 12.53 -32.71
C ALA D 581 -61.60 13.81 -32.06
N ALA D 582 -62.89 14.12 -32.13
CA ALA D 582 -63.31 15.39 -31.55
C ALA D 582 -63.14 15.40 -30.04
N ASP D 583 -63.24 14.24 -29.39
CA ASP D 583 -62.97 14.15 -27.96
C ASP D 583 -61.52 13.78 -27.63
N ALA D 584 -60.80 13.15 -28.56
CA ALA D 584 -59.39 12.77 -28.36
C ALA D 584 -58.59 13.15 -29.60
N PRO D 585 -58.37 14.46 -29.82
CA PRO D 585 -57.85 14.95 -31.10
C PRO D 585 -56.37 14.64 -31.37
N THR D 586 -55.57 14.24 -30.39
CA THR D 586 -54.13 14.14 -30.63
C THR D 586 -53.62 12.71 -30.74
N GLU D 587 -54.51 11.72 -30.87
CA GLU D 587 -54.04 10.40 -31.30
C GLU D 587 -53.30 10.52 -32.62
N THR D 588 -52.25 9.69 -32.80
CA THR D 588 -51.41 9.77 -34.00
C THR D 588 -52.23 9.49 -35.26
N CYS D 589 -53.31 8.71 -35.15
CA CYS D 589 -54.17 8.50 -36.30
C CYS D 589 -54.86 9.79 -36.74
N PHE D 590 -54.98 10.75 -35.84
CA PHE D 590 -55.86 11.89 -36.03
C PHE D 590 -55.14 13.17 -36.44
N MET D 591 -53.84 13.28 -36.22
CA MET D 591 -53.11 14.50 -36.57
C MET D 591 -51.71 14.12 -37.02
N HIS D 592 -51.14 14.98 -37.87
CA HIS D 592 -49.79 14.79 -38.36
C HIS D 592 -48.79 15.41 -37.37
N TYR D 593 -47.88 14.59 -36.86
CA TYR D 593 -46.88 15.08 -35.91
C TYR D 593 -45.69 15.62 -36.70
N GLU D 594 -45.62 16.95 -36.79
CA GLU D 594 -44.59 17.71 -37.51
C GLU D 594 -44.75 17.63 -39.02
N GLY E 1 -2.38 -5.36 40.45
CA GLY E 1 -2.66 -3.97 40.12
C GLY E 1 -2.64 -3.66 38.62
N MET E 2 -2.73 -2.38 38.28
CA MET E 2 -2.60 -1.95 36.90
C MET E 2 -1.18 -2.21 36.39
N ALA E 3 -1.08 -2.72 35.15
CA ALA E 3 0.23 -3.07 34.63
C ALA E 3 0.19 -3.16 33.11
N LYS E 4 1.34 -2.92 32.48
CA LYS E 4 1.52 -3.22 31.08
C LYS E 4 1.55 -4.72 30.84
N MET E 5 0.83 -5.16 29.82
CA MET E 5 0.79 -6.56 29.41
C MET E 5 0.30 -6.62 27.97
N ARG E 6 0.45 -7.79 27.36
CA ARG E 6 -0.13 -7.97 26.03
C ARG E 6 -1.64 -8.01 26.14
N ALA E 7 -2.32 -7.66 25.04
CA ALA E 7 -3.78 -7.75 25.03
C ALA E 7 -4.26 -9.16 25.34
N VAL E 8 -3.53 -10.18 24.86
CA VAL E 8 -3.95 -11.54 25.16
C VAL E 8 -3.77 -11.86 26.64
N ASP E 9 -2.79 -11.24 27.32
CA ASP E 9 -2.68 -11.45 28.76
C ASP E 9 -3.87 -10.85 29.47
N ALA E 10 -4.32 -9.68 29.01
CA ALA E 10 -5.52 -9.09 29.59
C ALA E 10 -6.73 -9.99 29.32
N ALA E 11 -6.76 -10.62 28.15
CA ALA E 11 -7.88 -11.50 27.82
C ALA E 11 -7.91 -12.72 28.74
N MET E 12 -6.75 -13.24 29.16
CA MET E 12 -6.74 -14.36 30.11
C MET E 12 -7.36 -13.95 31.43
N TYR E 13 -7.08 -12.72 31.91
CA TYR E 13 -7.70 -12.27 33.15
C TYR E 13 -9.20 -12.14 32.99
N VAL E 14 -9.65 -11.69 31.81
CA VAL E 14 -11.09 -11.56 31.58
C VAL E 14 -11.76 -12.93 31.58
N LEU E 15 -11.17 -13.89 30.84
CA LEU E 15 -11.78 -15.21 30.81
C LEU E 15 -11.86 -15.82 32.21
N GLU E 16 -10.79 -15.62 33.00
CA GLU E 16 -10.79 -16.14 34.37
C GLU E 16 -11.89 -15.49 35.20
N LYS E 17 -12.03 -14.16 35.10
CA LYS E 17 -13.08 -13.49 35.88
C LYS E 17 -14.48 -13.87 35.39
N GLU E 18 -14.62 -14.30 34.14
CA GLU E 18 -15.90 -14.71 33.60
C GLU E 18 -16.18 -16.18 33.86
N GLY E 19 -15.30 -16.86 34.58
CA GLY E 19 -15.51 -18.22 35.01
C GLY E 19 -15.01 -19.30 34.07
N ILE E 20 -14.31 -18.95 33.00
CA ILE E 20 -13.77 -19.96 32.10
C ILE E 20 -12.67 -20.76 32.80
N THR E 21 -12.73 -22.09 32.68
CA THR E 21 -11.72 -22.98 33.20
C THR E 21 -11.22 -24.00 32.18
N THR E 22 -11.81 -24.03 30.98
CA THR E 22 -11.55 -25.06 29.99
C THR E 22 -11.64 -24.44 28.61
N ALA E 23 -10.83 -24.97 27.70
CA ALA E 23 -10.95 -24.59 26.30
C ALA E 23 -10.59 -25.79 25.46
N PHE E 24 -11.28 -25.93 24.34
CA PHE E 24 -11.00 -26.93 23.33
C PHE E 24 -10.53 -26.18 22.09
N GLY E 25 -9.50 -26.69 21.42
CA GLY E 25 -9.00 -25.93 20.29
C GLY E 25 -7.90 -26.64 19.52
N VAL E 26 -7.39 -25.92 18.52
CA VAL E 26 -6.28 -26.33 17.66
C VAL E 26 -5.42 -25.11 17.45
N PRO E 27 -4.18 -25.08 17.94
CA PRO E 27 -3.32 -23.91 17.73
C PRO E 27 -2.86 -23.77 16.28
N GLY E 28 -2.46 -22.55 15.95
CA GLY E 28 -1.81 -22.26 14.68
C GLY E 28 -1.01 -20.99 14.84
N ALA E 29 -0.26 -20.64 13.78
CA ALA E 29 0.66 -19.52 13.90
C ALA E 29 -0.07 -18.24 14.26
N ALA E 30 -1.26 -18.03 13.70
CA ALA E 30 -1.92 -16.74 13.86
C ALA E 30 -2.53 -16.56 15.25
N ILE E 31 -2.70 -17.63 16.01
CA ILE E 31 -3.28 -17.59 17.34
C ILE E 31 -2.25 -17.99 18.41
N ASN E 32 -1.00 -18.16 18.02
CA ASN E 32 0.04 -18.48 19.00
C ASN E 32 0.12 -17.51 20.17
N PRO E 33 0.08 -16.17 19.97
CA PRO E 33 0.17 -15.28 21.15
C PRO E 33 -0.91 -15.53 22.17
N PHE E 34 -2.12 -15.89 21.74
CA PHE E 34 -3.15 -16.27 22.69
C PHE E 34 -2.75 -17.53 23.45
N TYR E 35 -2.21 -18.52 22.75
CA TYR E 35 -1.78 -19.73 23.45
C TYR E 35 -0.64 -19.42 24.41
N SER E 36 0.25 -18.49 24.03
CA SER E 36 1.34 -18.12 24.93
C SER E 36 0.81 -17.49 26.21
N ALA E 37 -0.19 -16.62 26.09
CA ALA E 37 -0.81 -15.99 27.25
C ALA E 37 -1.57 -17.01 28.09
N MET E 38 -2.22 -17.98 27.45
CA MET E 38 -2.96 -18.98 28.20
C MET E 38 -2.01 -19.91 28.96
N ARG E 39 -0.87 -20.25 28.35
CA ARG E 39 0.15 -21.02 29.07
C ARG E 39 0.73 -20.23 30.24
N LYS E 40 1.03 -18.95 30.02
CA LYS E 40 1.63 -18.13 31.07
C LYS E 40 0.68 -17.96 32.25
N HIS E 41 -0.62 -17.91 31.98
CA HIS E 41 -1.59 -17.63 33.02
C HIS E 41 -1.91 -18.87 33.85
N GLY E 42 -2.02 -20.03 33.22
CA GLY E 42 -2.38 -21.24 33.95
C GLY E 42 -3.84 -21.25 34.33
N GLY E 43 -4.39 -22.39 34.68
CA GLY E 43 -5.77 -22.34 35.12
C GLY E 43 -6.83 -22.33 34.04
N ILE E 44 -6.45 -22.41 32.77
CA ILE E 44 -7.38 -22.89 31.74
C ILE E 44 -6.83 -24.22 31.23
N ARG E 45 -7.60 -25.29 31.41
CA ARG E 45 -7.23 -26.59 30.85
C ARG E 45 -7.59 -26.63 29.38
N HIS E 46 -6.60 -26.84 28.52
CA HIS E 46 -6.82 -26.92 27.09
C HIS E 46 -6.87 -28.37 26.66
N ILE E 47 -7.87 -28.73 25.85
CA ILE E 47 -7.98 -30.03 25.21
C ILE E 47 -7.70 -29.84 23.72
N LEU E 48 -6.68 -30.52 23.22
CA LEU E 48 -6.36 -30.47 21.80
C LEU E 48 -7.29 -31.40 21.04
N ALA E 49 -8.07 -30.84 20.12
CA ALA E 49 -8.93 -31.62 19.24
C ALA E 49 -8.15 -32.13 18.04
N ARG E 50 -8.72 -33.11 17.35
CA ARG E 50 -8.13 -33.64 16.12
C ARG E 50 -8.95 -33.27 14.89
N HIS E 51 -9.82 -32.27 15.03
CA HIS E 51 -10.42 -31.54 13.93
C HIS E 51 -10.94 -30.23 14.54
N VAL E 52 -10.83 -29.12 13.80
CA VAL E 52 -11.35 -27.88 14.38
C VAL E 52 -12.85 -28.00 14.60
N GLU E 53 -13.57 -28.71 13.72
CA GLU E 53 -14.98 -28.94 14.01
C GLU E 53 -15.18 -29.78 15.27
N GLY E 54 -14.22 -30.65 15.60
CA GLY E 54 -14.30 -31.40 16.85
C GLY E 54 -14.24 -30.49 18.06
N ALA E 55 -13.28 -29.55 18.06
CA ALA E 55 -13.19 -28.62 19.18
C ALA E 55 -14.47 -27.80 19.31
N SER E 56 -15.11 -27.46 18.19
CA SER E 56 -16.27 -26.59 18.28
C SER E 56 -17.47 -27.31 18.87
N HIS E 57 -17.65 -28.59 18.55
CA HIS E 57 -18.74 -29.34 19.17
C HIS E 57 -18.41 -29.80 20.60
N MET E 58 -17.13 -29.97 20.94
CA MET E 58 -16.79 -30.18 22.35
C MET E 58 -17.22 -28.98 23.18
N ALA E 59 -17.04 -27.78 22.62
CA ALA E 59 -17.47 -26.58 23.33
C ALA E 59 -18.98 -26.54 23.51
N GLU E 60 -19.73 -26.99 22.50
CA GLU E 60 -21.17 -27.11 22.65
C GLU E 60 -21.54 -28.10 23.73
N GLY E 61 -20.84 -29.23 23.80
CA GLY E 61 -21.17 -30.22 24.82
C GLY E 61 -20.88 -29.69 26.20
N TYR E 62 -19.79 -28.92 26.34
CA TYR E 62 -19.42 -28.33 27.62
C TYR E 62 -20.48 -27.32 28.08
N THR E 63 -21.01 -26.53 27.15
CA THR E 63 -22.06 -25.58 27.51
C THR E 63 -23.33 -26.30 27.95
N ARG E 64 -23.80 -27.26 27.15
CA ARG E 64 -25.07 -27.91 27.44
C ARG E 64 -25.04 -28.76 28.73
N ALA E 65 -23.86 -29.20 29.18
CA ALA E 65 -23.75 -30.11 30.34
C ALA E 65 -24.23 -29.50 31.66
N THR E 66 -23.99 -28.21 31.90
CA THR E 66 -24.22 -27.65 33.23
C THR E 66 -24.64 -26.20 33.10
N ALA E 67 -25.64 -25.80 33.89
CA ALA E 67 -26.17 -24.44 33.75
C ALA E 67 -25.06 -23.43 34.05
N GLY E 68 -24.93 -22.44 33.19
CA GLY E 68 -23.91 -21.42 33.32
C GLY E 68 -22.58 -21.70 32.65
N ASN E 69 -22.34 -22.93 32.17
CA ASN E 69 -21.11 -23.23 31.44
C ASN E 69 -21.10 -22.51 30.09
N ILE E 70 -19.89 -22.12 29.66
CA ILE E 70 -19.69 -21.62 28.31
C ILE E 70 -18.44 -22.29 27.75
N GLY E 71 -18.65 -23.26 26.85
CA GLY E 71 -17.52 -23.87 26.16
C GLY E 71 -16.80 -22.87 25.27
N VAL E 72 -15.47 -22.96 25.26
CA VAL E 72 -14.61 -22.09 24.47
C VAL E 72 -13.89 -22.94 23.41
N CYS E 73 -13.99 -22.51 22.15
CA CYS E 73 -13.33 -23.12 21.01
C CYS E 73 -12.28 -22.16 20.47
N LEU E 74 -11.02 -22.62 20.35
CA LEU E 74 -9.93 -21.80 19.83
C LEU E 74 -9.41 -22.35 18.50
N GLY E 75 -9.09 -21.45 17.56
CA GLY E 75 -8.48 -21.86 16.31
C GLY E 75 -7.66 -20.74 15.71
N THR E 76 -6.93 -21.09 14.65
CA THR E 76 -6.08 -20.10 13.97
C THR E 76 -6.90 -19.36 12.92
N SER E 77 -6.22 -18.66 12.01
CA SER E 77 -6.90 -17.88 10.98
C SER E 77 -7.42 -18.78 9.87
N GLY E 78 -8.08 -18.16 8.90
CA GLY E 78 -8.43 -18.83 7.67
C GLY E 78 -9.36 -19.98 7.89
N PRO E 79 -8.95 -21.18 7.44
CA PRO E 79 -9.85 -22.34 7.45
C PRO E 79 -10.34 -22.76 8.83
N ALA E 80 -9.60 -22.48 9.89
CA ALA E 80 -10.09 -22.87 11.21
C ALA E 80 -11.42 -22.18 11.53
N GLY E 81 -11.52 -20.89 11.16
CA GLY E 81 -12.78 -20.21 11.40
C GLY E 81 -13.92 -20.78 10.58
N THR E 82 -13.66 -21.07 9.29
CA THR E 82 -14.73 -21.60 8.47
C THR E 82 -15.14 -23.01 8.94
N ASP E 83 -14.22 -23.74 9.58
CA ASP E 83 -14.58 -25.04 10.16
C ASP E 83 -15.46 -24.91 11.40
N MET E 84 -15.57 -23.70 11.99
CA MET E 84 -16.40 -23.50 13.18
C MET E 84 -17.84 -23.14 12.86
N ILE E 85 -18.16 -22.87 11.58
CA ILE E 85 -19.45 -22.32 11.23
C ILE E 85 -20.57 -23.28 11.59
N THR E 86 -20.34 -24.58 11.38
CA THR E 86 -21.40 -25.55 11.68
C THR E 86 -21.75 -25.55 13.17
N ALA E 87 -20.75 -25.41 14.05
CA ALA E 87 -21.08 -25.38 15.48
C ALA E 87 -21.76 -24.07 15.85
N LEU E 88 -21.34 -22.95 15.26
CA LEU E 88 -22.02 -21.69 15.55
C LEU E 88 -23.47 -21.77 15.14
N TYR E 89 -23.75 -22.42 14.02
CA TYR E 89 -25.12 -22.60 13.60
C TYR E 89 -25.88 -23.50 14.58
N SER E 90 -25.29 -24.64 14.94
CA SER E 90 -25.96 -25.58 15.84
C SER E 90 -26.25 -24.94 17.21
N ALA E 91 -25.29 -24.20 17.77
CA ALA E 91 -25.53 -23.53 19.04
C ALA E 91 -26.58 -22.42 18.90
N SER E 92 -26.47 -21.62 17.84
CA SER E 92 -27.47 -20.61 17.54
C SER E 92 -28.86 -21.22 17.47
N ALA E 93 -28.96 -22.34 16.78
CA ALA E 93 -30.27 -22.89 16.48
C ALA E 93 -30.98 -23.38 17.74
N ASP E 94 -30.21 -23.79 18.75
CA ASP E 94 -30.77 -24.29 20.02
C ASP E 94 -30.75 -23.25 21.14
N SER E 95 -30.38 -22.00 20.84
CA SER E 95 -30.33 -20.93 21.85
C SER E 95 -29.30 -21.21 22.94
N ILE E 96 -28.14 -21.75 22.56
CA ILE E 96 -27.12 -21.94 23.60
C ILE E 96 -25.82 -21.27 23.16
N PRO E 97 -24.99 -20.84 24.10
CA PRO E 97 -23.76 -20.12 23.75
C PRO E 97 -22.54 -21.02 23.65
N ILE E 98 -21.63 -20.63 22.74
CA ILE E 98 -20.23 -21.00 22.82
C ILE E 98 -19.44 -19.75 22.46
N LEU E 99 -18.19 -19.71 22.91
CA LEU E 99 -17.30 -18.60 22.61
C LEU E 99 -16.20 -19.13 21.69
N CYS E 100 -16.24 -18.71 20.43
CA CYS E 100 -15.22 -19.06 19.45
C CYS E 100 -14.21 -17.93 19.37
N ILE E 101 -12.93 -18.27 19.56
CA ILE E 101 -11.86 -17.31 19.41
C ILE E 101 -10.94 -17.78 18.30
N THR E 102 -10.59 -16.86 17.41
CA THR E 102 -9.92 -17.21 16.17
C THR E 102 -8.81 -16.18 15.90
N GLY E 103 -7.64 -16.67 15.45
CA GLY E 103 -6.58 -15.77 15.07
C GLY E 103 -6.84 -15.10 13.72
N GLN E 104 -6.11 -14.02 13.44
CA GLN E 104 -6.34 -13.30 12.20
C GLN E 104 -5.03 -12.66 11.72
N ALA E 105 -5.02 -12.29 10.45
CA ALA E 105 -3.92 -11.56 9.86
C ALA E 105 -3.82 -10.18 10.50
N PRO E 106 -2.63 -9.55 10.46
CA PRO E 106 -2.47 -8.24 11.09
C PRO E 106 -3.40 -7.21 10.46
N ARG E 107 -3.84 -6.23 11.28
CA ARG E 107 -4.87 -5.27 10.84
C ARG E 107 -4.55 -4.68 9.48
N ALA E 108 -3.28 -4.35 9.24
CA ALA E 108 -2.95 -3.63 8.02
C ALA E 108 -2.88 -4.54 6.80
N ARG E 109 -2.96 -5.86 6.99
CA ARG E 109 -2.96 -6.78 5.87
C ARG E 109 -4.35 -7.39 5.60
N LEU E 110 -5.39 -6.87 6.26
CA LEU E 110 -6.70 -7.53 6.23
C LEU E 110 -7.33 -7.53 4.84
N HIS E 111 -7.05 -6.53 4.02
CA HIS E 111 -7.67 -6.46 2.70
C HIS E 111 -6.70 -6.74 1.58
N LYS E 112 -5.47 -7.10 1.91
CA LYS E 112 -4.61 -7.81 0.98
C LYS E 112 -5.10 -9.25 0.91
N GLU E 113 -4.39 -10.12 0.20
CA GLU E 113 -4.72 -11.53 0.29
C GLU E 113 -3.71 -12.27 1.14
N ASP E 114 -3.59 -11.88 2.41
CA ASP E 114 -2.58 -12.45 3.28
C ASP E 114 -2.81 -13.95 3.40
N PHE E 115 -1.74 -14.69 3.67
CA PHE E 115 -1.85 -16.14 3.71
C PHE E 115 -2.89 -16.56 4.74
N GLN E 116 -3.80 -17.45 4.33
CA GLN E 116 -4.82 -18.01 5.22
C GLN E 116 -5.60 -16.93 5.97
N ALA E 117 -5.94 -15.83 5.30
CA ALA E 117 -6.78 -14.80 5.88
C ALA E 117 -8.14 -14.82 5.18
N VAL E 118 -9.21 -14.72 5.97
CA VAL E 118 -10.57 -14.86 5.44
C VAL E 118 -11.47 -13.91 6.21
N ASP E 119 -12.55 -13.46 5.57
CA ASP E 119 -13.49 -12.52 6.19
C ASP E 119 -14.48 -13.29 7.08
N ILE E 120 -13.96 -13.81 8.19
CA ILE E 120 -14.75 -14.64 9.09
C ILE E 120 -15.88 -13.82 9.72
N GLU E 121 -15.70 -12.51 9.86
CA GLU E 121 -16.74 -11.66 10.44
C GLU E 121 -18.02 -11.76 9.61
N ALA E 122 -17.91 -11.58 8.31
CA ALA E 122 -19.08 -11.65 7.43
C ALA E 122 -19.65 -13.07 7.36
N ILE E 123 -18.79 -14.08 7.34
CA ILE E 123 -19.29 -15.44 7.17
C ILE E 123 -20.09 -15.88 8.39
N ALA E 124 -19.62 -15.51 9.58
CA ALA E 124 -20.22 -15.96 10.85
C ALA E 124 -21.37 -15.09 11.31
N LYS E 125 -21.56 -13.92 10.71
CA LYS E 125 -22.62 -13.01 11.14
C LYS E 125 -24.00 -13.66 11.20
N PRO E 126 -24.44 -14.41 10.18
CA PRO E 126 -25.81 -14.98 10.21
C PRO E 126 -26.02 -16.07 11.26
N VAL E 127 -24.97 -16.62 11.87
CA VAL E 127 -25.14 -17.71 12.83
C VAL E 127 -24.51 -17.36 14.19
N SER E 128 -24.45 -16.06 14.52
CA SER E 128 -23.90 -15.67 15.81
C SER E 128 -24.63 -14.43 16.32
N LYS E 129 -24.65 -14.27 17.65
CA LYS E 129 -25.14 -13.02 18.26
C LYS E 129 -24.17 -11.86 18.04
N MET E 130 -22.89 -12.15 17.92
CA MET E 130 -21.90 -11.14 17.58
C MET E 130 -20.71 -11.87 16.97
N ALA E 131 -20.19 -11.30 15.88
CA ALA E 131 -18.98 -11.77 15.23
C ALA E 131 -18.20 -10.53 14.85
N VAL E 132 -17.04 -10.33 15.47
CA VAL E 132 -16.33 -9.08 15.32
C VAL E 132 -14.83 -9.36 15.23
N THR E 133 -14.17 -8.73 14.28
CA THR E 133 -12.72 -8.61 14.25
C THR E 133 -12.31 -7.44 15.15
N VAL E 134 -11.51 -7.71 16.16
CA VAL E 134 -11.13 -6.67 17.12
C VAL E 134 -10.07 -5.77 16.48
N ARG E 135 -10.33 -4.46 16.45
CA ARG E 135 -9.51 -3.49 15.73
C ARG E 135 -8.47 -2.79 16.60
N GLU E 136 -8.56 -2.88 17.92
CA GLU E 136 -7.60 -2.24 18.80
C GLU E 136 -7.31 -3.17 19.97
N ALA E 137 -6.05 -3.18 20.41
CA ALA E 137 -5.66 -4.06 21.50
C ALA E 137 -6.38 -3.69 22.79
N ALA E 138 -6.61 -2.40 23.04
CA ALA E 138 -7.29 -2.03 24.26
C ALA E 138 -8.75 -2.49 24.28
N LEU E 139 -9.33 -2.72 23.10
CA LEU E 139 -10.70 -3.21 22.98
C LEU E 139 -10.85 -4.71 23.22
N VAL E 140 -9.74 -5.47 23.21
CA VAL E 140 -9.85 -6.92 23.39
C VAL E 140 -10.60 -7.26 24.68
N PRO E 141 -10.22 -6.76 25.87
CA PRO E 141 -11.02 -7.06 27.05
C PRO E 141 -12.47 -6.58 26.97
N ARG E 142 -12.73 -5.45 26.28
CA ARG E 142 -14.10 -4.94 26.21
C ARG E 142 -14.98 -5.79 25.32
N VAL E 143 -14.44 -6.27 24.19
CA VAL E 143 -15.23 -7.14 23.32
C VAL E 143 -15.60 -8.44 24.06
N LEU E 144 -14.65 -9.01 24.80
CA LEU E 144 -14.94 -10.21 25.57
C LEU E 144 -15.97 -9.90 26.66
N GLN E 145 -15.90 -8.70 27.24
CA GLN E 145 -16.86 -8.31 28.28
C GLN E 145 -18.27 -8.26 27.68
N GLN E 146 -18.41 -7.59 26.52
CA GLN E 146 -19.69 -7.56 25.83
C GLN E 146 -20.10 -8.95 25.34
N ALA E 147 -19.12 -9.77 24.93
CA ALA E 147 -19.46 -11.11 24.44
C ALA E 147 -20.15 -11.93 25.52
N PHE E 148 -19.65 -11.84 26.76
CA PHE E 148 -20.21 -12.68 27.81
C PHE E 148 -21.58 -12.19 28.20
N HIS E 149 -21.84 -10.89 28.07
CA HIS E 149 -23.18 -10.38 28.33
C HIS E 149 -24.16 -10.91 27.29
N LEU E 150 -23.75 -10.92 26.02
CA LEU E 150 -24.62 -11.40 24.96
C LEU E 150 -24.88 -12.89 25.10
N MET E 151 -23.86 -13.67 25.47
CA MET E 151 -24.04 -15.11 25.56
C MET E 151 -25.01 -15.49 26.68
N ARG E 152 -25.12 -14.65 27.72
CA ARG E 152 -25.98 -14.95 28.84
C ARG E 152 -27.35 -14.27 28.77
N SER E 153 -27.48 -13.17 28.03
CA SER E 153 -28.68 -12.34 28.09
C SER E 153 -29.70 -12.75 27.02
N GLY E 154 -30.96 -12.38 27.27
CA GLY E 154 -32.02 -12.56 26.28
C GLY E 154 -32.12 -14.00 25.84
N ARG E 155 -32.34 -14.19 24.55
CA ARG E 155 -32.18 -15.51 23.96
C ARG E 155 -30.68 -15.78 23.83
N PRO E 156 -30.14 -16.81 24.48
CA PRO E 156 -28.69 -17.04 24.38
C PRO E 156 -28.28 -17.45 22.97
N GLY E 157 -27.03 -17.10 22.64
CA GLY E 157 -26.44 -17.47 21.36
C GLY E 157 -24.93 -17.39 21.41
N PRO E 158 -24.27 -17.93 20.39
CA PRO E 158 -22.81 -17.94 20.38
C PRO E 158 -22.22 -16.62 19.90
N VAL E 159 -20.91 -16.46 20.16
CA VAL E 159 -20.13 -15.29 19.77
C VAL E 159 -18.82 -15.78 19.18
N LEU E 160 -18.36 -15.13 18.11
CA LEU E 160 -17.03 -15.36 17.57
C LEU E 160 -16.21 -14.09 17.70
N VAL E 161 -15.03 -14.19 18.30
CA VAL E 161 -14.10 -13.07 18.40
C VAL E 161 -12.87 -13.37 17.55
N ASP E 162 -12.60 -12.49 16.58
CA ASP E 162 -11.51 -12.62 15.61
C ASP E 162 -10.39 -11.66 16.00
N LEU E 163 -9.17 -12.19 16.19
CA LEU E 163 -8.07 -11.41 16.77
C LEU E 163 -6.90 -11.26 15.81
N PRO E 164 -6.68 -10.09 15.21
CA PRO E 164 -5.49 -9.89 14.39
C PRO E 164 -4.21 -10.07 15.20
N PHE E 165 -3.21 -10.68 14.56
CA PHE E 165 -1.99 -11.06 15.26
C PHE E 165 -1.36 -9.87 15.97
N ASP E 166 -1.30 -8.72 15.30
CA ASP E 166 -0.69 -7.56 15.94
C ASP E 166 -1.53 -7.01 17.07
N VAL E 167 -2.85 -7.18 17.00
CA VAL E 167 -3.69 -6.78 18.14
C VAL E 167 -3.42 -7.68 19.35
N GLN E 168 -3.11 -8.96 19.12
CA GLN E 168 -2.91 -9.87 20.24
C GLN E 168 -1.67 -9.49 21.05
N VAL E 169 -0.57 -9.19 20.34
CA VAL E 169 0.72 -8.92 20.98
C VAL E 169 0.92 -7.47 21.41
N ALA E 170 0.02 -6.55 21.06
CA ALA E 170 0.22 -5.14 21.42
C ALA E 170 0.08 -4.92 22.92
N GLU E 171 0.96 -4.08 23.47
CA GLU E 171 0.89 -3.75 24.89
C GLU E 171 -0.31 -2.86 25.20
N ILE E 172 -0.97 -3.14 26.32
CA ILE E 172 -2.00 -2.27 26.89
C ILE E 172 -1.78 -2.23 28.39
N GLU E 173 -2.43 -1.29 29.05
CA GLU E 173 -2.44 -1.25 30.50
C GLU E 173 -3.79 -1.71 31.02
N PHE E 174 -3.77 -2.62 31.98
CA PHE E 174 -4.98 -3.31 32.37
C PHE E 174 -4.87 -3.69 33.83
N ASP E 175 -5.97 -3.50 34.57
CA ASP E 175 -6.03 -3.79 36.00
C ASP E 175 -7.07 -4.87 36.19
N PRO E 176 -6.66 -6.14 36.31
CA PRO E 176 -7.64 -7.22 36.53
C PRO E 176 -8.47 -7.03 37.78
N ASP E 177 -7.90 -6.41 38.82
CA ASP E 177 -8.64 -6.23 40.06
C ASP E 177 -9.84 -5.31 39.87
N MET E 178 -9.81 -4.42 38.86
CA MET E 178 -10.96 -3.56 38.57
C MET E 178 -11.95 -4.17 37.59
N TYR E 179 -11.64 -5.29 36.95
CA TYR E 179 -12.58 -5.87 35.98
C TYR E 179 -13.80 -6.46 36.67
N GLU E 180 -14.97 -6.21 36.08
CA GLU E 180 -16.21 -6.80 36.54
C GLU E 180 -17.10 -7.23 35.37
N PRO E 181 -17.72 -8.41 35.45
CA PRO E 181 -18.66 -8.82 34.40
C PRO E 181 -19.85 -7.87 34.34
N LEU E 182 -20.38 -7.70 33.13
CA LEU E 182 -21.59 -6.92 32.93
C LEU E 182 -22.81 -7.63 33.53
N PRO E 183 -23.83 -6.89 33.92
CA PRO E 183 -25.10 -7.51 34.33
C PRO E 183 -25.75 -8.24 33.18
N VAL E 184 -26.50 -9.29 33.50
CA VAL E 184 -27.23 -10.07 32.51
C VAL E 184 -28.64 -9.51 32.36
N TYR E 185 -29.08 -9.33 31.12
CA TYR E 185 -30.44 -8.89 30.85
C TYR E 185 -31.37 -10.09 30.70
N LYS E 186 -32.42 -10.16 31.52
CA LYS E 186 -33.50 -11.12 31.36
C LYS E 186 -34.83 -10.46 31.72
N PRO E 187 -35.73 -10.24 30.76
CA PRO E 187 -37.06 -9.70 31.09
C PRO E 187 -37.85 -10.68 31.95
N ALA E 188 -38.71 -10.14 32.81
CA ALA E 188 -39.51 -10.92 33.75
C ALA E 188 -40.99 -10.62 33.56
N ALA E 189 -41.82 -11.66 33.69
CA ALA E 189 -43.26 -11.47 33.56
C ALA E 189 -43.82 -10.71 34.77
N SER E 190 -44.77 -9.81 34.51
CA SER E 190 -45.49 -9.15 35.59
C SER E 190 -46.47 -10.12 36.24
N ARG E 191 -46.83 -9.82 37.50
CA ARG E 191 -47.90 -10.55 38.15
C ARG E 191 -49.20 -10.48 37.37
N MET E 192 -49.47 -9.36 36.67
CA MET E 192 -50.69 -9.26 35.88
C MET E 192 -50.71 -10.29 34.75
N GLN E 193 -49.54 -10.56 34.15
CA GLN E 193 -49.47 -11.55 33.07
C GLN E 193 -49.69 -12.96 33.61
N ILE E 194 -49.03 -13.30 34.70
CA ILE E 194 -49.08 -14.66 35.25
C ILE E 194 -50.46 -14.99 35.84
N GLU E 195 -51.16 -14.01 36.41
CA GLU E 195 -52.51 -14.27 36.91
C GLU E 195 -53.48 -14.56 35.77
N LYS E 196 -53.34 -13.88 34.62
CA LYS E 196 -54.21 -14.22 33.51
C LYS E 196 -53.90 -15.63 33.00
N ALA E 197 -52.63 -16.02 33.03
CA ALA E 197 -52.28 -17.36 32.55
C ALA E 197 -52.87 -18.44 33.45
N VAL E 198 -52.78 -18.27 34.78
CA VAL E 198 -53.38 -19.26 35.67
C VAL E 198 -54.90 -19.20 35.62
N GLU E 199 -55.48 -18.02 35.32
CA GLU E 199 -56.93 -17.95 35.12
C GLU E 199 -57.36 -18.80 33.93
N MET E 200 -56.64 -18.70 32.81
CA MET E 200 -56.94 -19.52 31.64
C MET E 200 -56.73 -21.00 31.93
N LEU E 201 -55.73 -21.33 32.76
CA LEU E 201 -55.41 -22.74 33.05
C LEU E 201 -56.46 -23.41 33.92
N ILE E 202 -57.01 -22.69 34.90
CA ILE E 202 -58.11 -23.26 35.69
C ILE E 202 -59.40 -23.35 34.87
N GLN E 203 -59.57 -22.48 33.86
CA GLN E 203 -60.70 -22.61 32.95
C GLN E 203 -60.63 -23.89 32.12
N ALA E 204 -59.43 -24.34 31.80
CA ALA E 204 -59.26 -25.51 30.95
C ALA E 204 -59.71 -26.79 31.64
N GLU E 205 -60.41 -27.64 30.90
CA GLU E 205 -60.82 -28.93 31.42
C GLU E 205 -59.70 -29.97 31.33
N ARG E 206 -58.94 -29.94 30.23
CA ARG E 206 -57.93 -30.96 29.93
C ARG E 206 -56.62 -30.27 29.51
N PRO E 207 -55.97 -29.57 30.43
CA PRO E 207 -54.75 -28.84 30.07
C PRO E 207 -53.51 -29.72 30.04
N VAL E 208 -52.53 -29.30 29.22
CA VAL E 208 -51.19 -29.86 29.27
C VAL E 208 -50.20 -28.71 29.28
N ILE E 209 -49.13 -28.88 30.04
CA ILE E 209 -47.97 -27.99 29.99
C ILE E 209 -46.98 -28.56 28.98
N VAL E 210 -46.53 -27.76 28.03
CA VAL E 210 -45.44 -28.17 27.14
C VAL E 210 -44.19 -27.42 27.57
N ALA E 211 -43.23 -28.16 28.14
CA ALA E 211 -42.02 -27.59 28.74
C ALA E 211 -40.85 -27.68 27.76
N GLY E 212 -40.36 -26.53 27.30
CA GLY E 212 -39.30 -26.49 26.30
C GLY E 212 -37.90 -26.31 26.88
N GLY E 213 -36.93 -26.22 25.96
CA GLY E 213 -35.55 -26.05 26.37
C GLY E 213 -35.31 -24.75 27.10
N GLY E 214 -36.22 -23.77 26.95
CA GLY E 214 -36.10 -22.54 27.73
C GLY E 214 -36.18 -22.78 29.23
N VAL E 215 -36.96 -23.76 29.67
CA VAL E 215 -36.97 -24.10 31.10
C VAL E 215 -35.59 -24.56 31.55
N ILE E 216 -34.91 -25.37 30.72
CA ILE E 216 -33.58 -25.84 31.11
C ILE E 216 -32.55 -24.75 30.90
N ASN E 217 -32.73 -23.92 29.86
CA ASN E 217 -31.80 -22.81 29.63
C ASN E 217 -31.79 -21.86 30.82
N ALA E 218 -32.96 -21.67 31.47
CA ALA E 218 -33.16 -20.83 32.65
C ALA E 218 -32.79 -21.52 33.97
N ASP E 219 -32.42 -22.80 33.93
CA ASP E 219 -32.15 -23.57 35.15
C ASP E 219 -33.38 -23.59 36.06
N ALA E 220 -34.55 -23.80 35.46
CA ALA E 220 -35.84 -23.69 36.14
C ALA E 220 -36.57 -25.03 36.27
N ALA E 221 -35.85 -26.15 36.14
CA ALA E 221 -36.51 -27.45 36.09
C ALA E 221 -37.28 -27.76 37.39
N ALA E 222 -36.66 -27.56 38.54
CA ALA E 222 -37.32 -27.91 39.79
C ALA E 222 -38.57 -27.06 40.00
N LEU E 223 -38.52 -25.79 39.58
CA LEU E 223 -39.72 -24.94 39.64
C LEU E 223 -40.80 -25.43 38.67
N LEU E 224 -40.39 -25.89 37.48
CA LEU E 224 -41.37 -26.39 36.53
C LEU E 224 -42.14 -27.56 37.13
N GLN E 225 -41.40 -28.52 37.68
CA GLN E 225 -42.03 -29.71 38.27
C GLN E 225 -42.92 -29.32 39.43
N GLN E 226 -42.50 -28.34 40.23
CA GLN E 226 -43.31 -27.91 41.38
C GLN E 226 -44.60 -27.25 40.90
N PHE E 227 -44.54 -26.44 39.86
CA PHE E 227 -45.75 -25.81 39.37
C PHE E 227 -46.71 -26.85 38.82
N ALA E 228 -46.18 -27.87 38.12
CA ALA E 228 -47.04 -28.92 37.59
C ALA E 228 -47.69 -29.72 38.72
N GLU E 229 -46.97 -29.93 39.82
CA GLU E 229 -47.50 -30.69 40.95
C GLU E 229 -48.58 -29.91 41.70
N LEU E 230 -48.36 -28.61 41.95
CA LEU E 230 -49.37 -27.81 42.63
C LEU E 230 -50.67 -27.81 41.85
N THR E 231 -50.57 -28.00 40.55
CA THR E 231 -51.61 -27.69 39.60
C THR E 231 -52.22 -28.93 38.96
N SER E 232 -51.59 -30.11 39.15
CA SER E 232 -52.04 -31.41 38.62
C SER E 232 -52.25 -31.43 37.11
N VAL E 233 -51.40 -30.72 36.38
CA VAL E 233 -51.47 -30.67 34.92
C VAL E 233 -50.37 -31.56 34.35
N PRO E 234 -50.68 -32.50 33.45
CA PRO E 234 -49.62 -33.28 32.81
C PRO E 234 -48.65 -32.37 32.07
N VAL E 235 -47.37 -32.71 32.10
CA VAL E 235 -46.37 -31.95 31.35
C VAL E 235 -45.83 -32.80 30.22
N ILE E 236 -45.69 -32.18 29.06
CA ILE E 236 -45.12 -32.80 27.85
C ILE E 236 -43.82 -32.07 27.58
N PRO E 237 -42.67 -32.67 27.92
CA PRO E 237 -41.40 -32.09 27.46
C PRO E 237 -41.33 -32.09 25.95
N THR E 238 -40.74 -31.03 25.44
CA THR E 238 -40.22 -30.95 24.10
C THR E 238 -38.94 -31.79 24.04
N LEU E 239 -38.42 -32.07 22.83
CA LEU E 239 -37.12 -32.74 22.77
C LEU E 239 -36.05 -31.95 23.54
N MET E 240 -36.07 -30.62 23.42
CA MET E 240 -35.12 -29.80 24.15
C MET E 240 -35.46 -29.64 25.64
N GLY E 241 -36.71 -29.86 26.04
CA GLY E 241 -37.10 -29.85 27.44
C GLY E 241 -37.02 -31.19 28.14
N TRP E 242 -36.63 -32.23 27.43
CA TRP E 242 -36.69 -33.58 27.97
C TRP E 242 -35.75 -33.71 29.16
N GLY E 243 -36.26 -34.24 30.26
CA GLY E 243 -35.53 -34.25 31.51
C GLY E 243 -35.89 -33.16 32.52
N CYS E 244 -36.63 -32.12 32.13
CA CYS E 244 -36.94 -31.10 33.13
C CYS E 244 -37.98 -31.57 34.14
N ILE E 245 -38.65 -32.68 33.88
CA ILE E 245 -39.41 -33.42 34.88
C ILE E 245 -39.03 -34.88 34.67
N PRO E 246 -38.82 -35.68 35.72
CA PRO E 246 -38.35 -37.05 35.49
C PRO E 246 -39.37 -37.85 34.69
N ASP E 247 -38.87 -38.74 33.82
CA ASP E 247 -39.75 -39.62 33.06
C ASP E 247 -40.56 -40.51 33.98
N ASP E 248 -40.07 -40.66 35.21
CA ASP E 248 -40.70 -41.35 36.33
C ASP E 248 -42.00 -40.72 36.78
N HIS E 249 -42.13 -39.42 36.63
CA HIS E 249 -43.16 -38.67 37.34
C HIS E 249 -44.55 -39.04 36.85
N GLU E 250 -45.52 -39.06 37.77
CA GLU E 250 -46.89 -39.40 37.42
C GLU E 250 -47.50 -38.39 36.44
N LEU E 251 -47.03 -37.15 36.45
CA LEU E 251 -47.55 -36.15 35.53
C LEU E 251 -46.79 -36.07 34.21
N MET E 252 -45.67 -36.77 34.09
CA MET E 252 -44.93 -36.77 32.83
C MET E 252 -45.70 -37.60 31.81
N ALA E 253 -46.17 -36.96 30.73
CA ALA E 253 -47.16 -37.57 29.85
C ALA E 253 -46.61 -37.98 28.49
N GLY E 254 -45.29 -38.04 28.32
CA GLY E 254 -44.68 -38.36 27.05
C GLY E 254 -44.28 -37.13 26.24
N MET E 255 -43.57 -37.38 25.13
CA MET E 255 -43.26 -36.33 24.17
C MET E 255 -44.23 -36.38 23.00
N VAL E 256 -44.29 -35.26 22.28
CA VAL E 256 -45.22 -35.02 21.19
C VAL E 256 -44.42 -34.69 19.93
N GLY E 257 -44.91 -35.09 18.77
CA GLY E 257 -44.33 -34.63 17.52
C GLY E 257 -44.38 -35.70 16.47
N LEU E 258 -43.68 -35.41 15.35
CA LEU E 258 -43.72 -36.23 14.15
C LEU E 258 -42.74 -37.40 14.14
N GLN E 259 -41.69 -37.35 14.95
CA GLN E 259 -40.63 -38.37 14.92
C GLN E 259 -40.21 -38.76 16.33
N THR E 260 -39.47 -37.90 17.04
CA THR E 260 -39.05 -38.20 18.40
C THR E 260 -40.24 -37.93 19.30
N ALA E 261 -41.14 -38.92 19.39
CA ALA E 261 -42.39 -38.73 20.13
C ALA E 261 -43.02 -40.09 20.41
N HIS E 262 -43.96 -40.09 21.35
CA HIS E 262 -44.69 -41.28 21.77
C HIS E 262 -46.12 -41.25 21.25
N ARG E 263 -46.67 -42.45 21.03
CA ARG E 263 -48.07 -42.55 20.65
C ARG E 263 -48.97 -41.97 21.74
N TYR E 264 -48.63 -42.21 23.01
CA TYR E 264 -49.47 -41.69 24.08
C TYR E 264 -49.32 -40.19 24.23
N GLY E 265 -48.12 -39.66 23.95
CA GLY E 265 -47.93 -38.22 24.00
C GLY E 265 -48.72 -37.50 22.93
N ASN E 266 -48.66 -37.98 21.68
CA ASN E 266 -49.46 -37.38 20.62
C ASN E 266 -50.94 -37.49 20.94
N ALA E 267 -51.39 -38.69 21.35
CA ALA E 267 -52.82 -38.85 21.61
C ALA E 267 -53.29 -38.00 22.79
N THR E 268 -52.43 -37.79 23.81
CA THR E 268 -52.77 -36.87 24.89
C THR E 268 -52.88 -35.42 24.39
N LEU E 269 -52.00 -35.02 23.47
CA LEU E 269 -52.07 -33.65 22.97
C LEU E 269 -53.36 -33.42 22.19
N LEU E 270 -53.73 -34.38 21.33
CA LEU E 270 -54.94 -34.24 20.52
C LEU E 270 -56.22 -34.23 21.37
N ALA E 271 -56.17 -34.83 22.56
CA ALA E 271 -57.31 -34.86 23.46
C ALA E 271 -57.41 -33.64 24.36
N SER E 272 -56.33 -32.86 24.47
CA SER E 272 -56.28 -31.72 25.37
C SER E 272 -57.04 -30.55 24.77
N ASP E 273 -57.49 -29.63 25.64
CA ASP E 273 -58.13 -28.39 25.23
C ASP E 273 -57.27 -27.15 25.49
N MET E 274 -56.06 -27.33 26.01
CA MET E 274 -55.14 -26.21 26.10
C MET E 274 -53.71 -26.71 26.19
N VAL E 275 -52.81 -25.99 25.52
CA VAL E 275 -51.37 -26.19 25.62
C VAL E 275 -50.80 -24.97 26.33
N PHE E 276 -50.23 -25.21 27.52
CA PHE E 276 -49.55 -24.18 28.32
C PHE E 276 -48.05 -24.28 28.04
N GLY E 277 -47.57 -23.50 27.07
CA GLY E 277 -46.17 -23.58 26.65
C GLY E 277 -45.19 -22.73 27.45
N ILE E 278 -44.18 -23.35 28.06
CA ILE E 278 -43.20 -22.64 28.86
C ILE E 278 -41.84 -22.94 28.28
N GLY E 279 -41.23 -21.94 27.62
CA GLY E 279 -39.86 -22.10 27.16
C GLY E 279 -39.72 -22.98 25.93
N ASN E 280 -40.82 -23.24 25.24
CA ASN E 280 -40.83 -23.94 23.97
C ASN E 280 -40.98 -22.90 22.85
N ARG E 281 -41.06 -23.38 21.61
CA ARG E 281 -41.26 -22.48 20.48
C ARG E 281 -42.15 -23.09 19.40
N PHE E 282 -42.84 -24.20 19.69
CA PHE E 282 -43.74 -24.87 18.75
C PHE E 282 -43.07 -25.15 17.41
N ALA E 283 -41.96 -25.89 17.47
CA ALA E 283 -41.20 -26.24 16.27
C ALA E 283 -42.00 -27.13 15.31
N GLN E 284 -41.67 -27.03 14.03
CA GLN E 284 -42.35 -27.78 12.99
C GLN E 284 -42.41 -29.28 13.33
N ARG E 285 -41.27 -29.87 13.70
CA ARG E 285 -41.22 -31.30 13.98
C ARG E 285 -42.03 -31.67 15.22
N HIS E 286 -42.33 -30.70 16.08
CA HIS E 286 -43.19 -30.92 17.24
C HIS E 286 -44.68 -30.83 16.91
N THR E 287 -45.08 -29.89 16.03
CA THR E 287 -46.50 -29.58 15.80
C THR E 287 -47.11 -30.30 14.61
N GLY E 288 -46.34 -30.61 13.57
CA GLY E 288 -47.03 -30.89 12.32
C GLY E 288 -47.64 -29.60 11.78
N SER E 289 -48.70 -29.75 10.99
CA SER E 289 -49.45 -28.59 10.54
C SER E 289 -50.06 -27.86 11.73
N VAL E 290 -49.89 -26.54 11.75
CA VAL E 290 -50.24 -25.75 12.91
C VAL E 290 -51.75 -25.70 13.11
N GLU E 291 -52.53 -25.80 12.02
CA GLU E 291 -53.98 -25.79 12.14
C GLU E 291 -54.46 -27.02 12.93
N LYS E 292 -53.83 -28.16 12.70
CA LYS E 292 -54.22 -29.37 13.41
C LYS E 292 -53.77 -29.33 14.87
N TYR E 293 -52.54 -28.85 15.10
CA TYR E 293 -52.00 -28.81 16.46
C TYR E 293 -52.80 -27.88 17.37
N THR E 294 -53.35 -26.79 16.83
CA THR E 294 -54.08 -25.83 17.65
C THR E 294 -55.59 -26.06 17.70
N GLU E 295 -56.11 -27.03 16.93
CA GLU E 295 -57.55 -27.18 16.81
C GLU E 295 -58.18 -27.43 18.17
N GLY E 296 -59.15 -26.59 18.55
CA GLY E 296 -59.89 -26.81 19.79
C GLY E 296 -59.13 -26.51 21.06
N ARG E 297 -57.97 -25.86 20.98
CA ARG E 297 -57.08 -25.67 22.12
C ARG E 297 -56.74 -24.19 22.29
N LYS E 298 -56.93 -23.68 23.51
CA LYS E 298 -56.31 -22.43 23.89
C LYS E 298 -54.80 -22.62 23.96
N ILE E 299 -54.04 -21.60 23.57
CA ILE E 299 -52.59 -21.66 23.52
C ILE E 299 -52.00 -20.51 24.34
N VAL E 300 -51.11 -20.84 25.27
CA VAL E 300 -50.33 -19.83 25.97
C VAL E 300 -48.84 -20.15 25.75
N HIS E 301 -48.04 -19.10 25.61
CA HIS E 301 -46.65 -19.24 25.22
C HIS E 301 -45.81 -18.24 26.00
N ILE E 302 -44.93 -18.74 26.86
CA ILE E 302 -44.00 -17.90 27.61
C ILE E 302 -42.60 -18.11 27.06
N ASP E 303 -42.01 -17.03 26.54
CA ASP E 303 -40.72 -17.11 25.86
C ASP E 303 -39.91 -15.87 26.21
N ILE E 304 -38.60 -16.03 26.33
CA ILE E 304 -37.78 -14.88 26.63
C ILE E 304 -37.65 -13.93 25.43
N GLU E 305 -37.93 -14.41 24.21
CA GLU E 305 -37.69 -13.60 23.01
C GLU E 305 -38.99 -13.11 22.40
N PRO E 306 -39.24 -11.80 22.36
CA PRO E 306 -40.53 -11.32 21.84
C PRO E 306 -40.86 -11.79 20.43
N THR E 307 -39.87 -11.86 19.55
CA THR E 307 -40.20 -12.20 18.17
C THR E 307 -40.35 -13.70 17.98
N GLN E 308 -40.24 -14.50 19.04
CA GLN E 308 -40.62 -15.92 18.98
C GLN E 308 -42.10 -16.14 19.22
N ILE E 309 -42.81 -15.15 19.76
CA ILE E 309 -44.20 -15.31 20.14
C ILE E 309 -45.07 -14.85 18.98
N GLY E 310 -45.82 -15.79 18.38
CA GLY E 310 -46.55 -15.53 17.16
C GLY E 310 -45.80 -15.84 15.89
N ARG E 311 -44.61 -16.46 15.99
CA ARG E 311 -43.82 -16.72 14.79
C ARG E 311 -44.46 -17.80 13.92
N VAL E 312 -45.07 -18.82 14.52
CA VAL E 312 -45.64 -19.93 13.77
C VAL E 312 -47.12 -20.14 14.01
N LEU E 313 -47.68 -19.56 15.08
CA LEU E 313 -49.12 -19.60 15.33
C LEU E 313 -49.43 -18.44 16.27
N CYS E 314 -50.72 -18.10 16.36
CA CYS E 314 -51.10 -16.98 17.22
C CYS E 314 -51.53 -17.52 18.57
N PRO E 315 -50.77 -17.30 19.65
CA PRO E 315 -51.24 -17.68 20.99
C PRO E 315 -52.41 -16.83 21.46
N ASP E 316 -53.24 -17.43 22.31
CA ASP E 316 -54.25 -16.67 23.02
C ASP E 316 -53.65 -15.77 24.11
N LEU E 317 -52.47 -16.13 24.62
CA LEU E 317 -51.77 -15.32 25.62
C LEU E 317 -50.27 -15.54 25.39
N GLY E 318 -49.58 -14.50 24.94
CA GLY E 318 -48.13 -14.53 24.79
C GLY E 318 -47.50 -13.65 25.86
N ILE E 319 -46.44 -14.15 26.49
CA ILE E 319 -45.79 -13.45 27.59
C ILE E 319 -44.28 -13.49 27.38
N VAL E 320 -43.64 -12.32 27.40
CA VAL E 320 -42.19 -12.24 27.31
C VAL E 320 -41.60 -12.41 28.72
N SER E 321 -40.91 -13.53 28.95
CA SER E 321 -40.29 -13.71 30.26
C SER E 321 -39.26 -14.81 30.20
N ASP E 322 -38.20 -14.63 30.98
CA ASP E 322 -37.32 -15.73 31.33
C ASP E 322 -38.11 -16.78 32.10
N ALA E 323 -37.84 -18.05 31.79
CA ALA E 323 -38.69 -19.12 32.31
C ALA E 323 -38.59 -19.24 33.83
N LYS E 324 -37.44 -18.93 34.43
CA LYS E 324 -37.33 -19.03 35.88
C LYS E 324 -38.03 -17.89 36.58
N ALA E 325 -37.93 -16.67 36.03
CA ALA E 325 -38.71 -15.57 36.57
C ALA E 325 -40.20 -15.86 36.45
N ALA E 326 -40.63 -16.44 35.32
CA ALA E 326 -42.05 -16.78 35.19
C ALA E 326 -42.46 -17.92 36.13
N LEU E 327 -41.66 -18.98 36.19
CA LEU E 327 -42.06 -20.12 37.01
C LEU E 327 -42.07 -19.78 38.50
N THR E 328 -41.17 -18.90 38.95
CA THR E 328 -41.23 -18.44 40.34
C THR E 328 -42.56 -17.77 40.63
N LEU E 329 -43.04 -16.94 39.69
CA LEU E 329 -44.30 -16.24 39.94
C LEU E 329 -45.50 -17.15 39.70
N LEU E 330 -45.41 -18.13 38.79
CA LEU E 330 -46.52 -19.06 38.62
C LEU E 330 -46.70 -19.95 39.85
N VAL E 331 -45.59 -20.40 40.46
CA VAL E 331 -45.71 -21.21 41.68
C VAL E 331 -46.33 -20.37 42.79
N GLU E 332 -45.96 -19.09 42.87
CA GLU E 332 -46.50 -18.20 43.88
C GLU E 332 -47.99 -17.96 43.67
N VAL E 333 -48.41 -17.78 42.42
CA VAL E 333 -49.84 -17.58 42.18
C VAL E 333 -50.61 -18.88 42.38
N ALA E 334 -50.03 -20.01 41.97
CA ALA E 334 -50.75 -21.27 42.14
C ALA E 334 -50.95 -21.60 43.61
N GLN E 335 -49.96 -21.26 44.45
CA GLN E 335 -50.11 -21.46 45.88
C GLN E 335 -51.22 -20.58 46.45
N GLU E 336 -51.37 -19.35 45.93
CA GLU E 336 -52.48 -18.51 46.37
C GLU E 336 -53.81 -19.07 45.90
N MET E 337 -53.86 -19.58 44.66
CA MET E 337 -55.08 -20.23 44.18
C MET E 337 -55.39 -21.49 44.97
N GLN E 338 -54.35 -22.16 45.49
CA GLN E 338 -54.58 -23.38 46.27
C GLN E 338 -55.22 -23.05 47.61
N LYS E 339 -54.68 -22.05 48.32
CA LYS E 339 -55.27 -21.66 49.59
C LYS E 339 -56.68 -21.12 49.42
N ALA E 340 -57.00 -20.56 48.26
CA ALA E 340 -58.34 -20.08 47.99
C ALA E 340 -59.30 -21.18 47.56
N GLY E 341 -58.82 -22.42 47.36
CA GLY E 341 -59.70 -23.45 46.85
C GLY E 341 -60.13 -23.25 45.42
N ARG E 342 -59.35 -22.51 44.63
CA ARG E 342 -59.71 -22.21 43.26
C ARG E 342 -59.03 -23.12 42.25
N LEU E 343 -58.17 -24.04 42.68
CA LEU E 343 -57.56 -24.99 41.75
C LEU E 343 -58.51 -26.17 41.56
N PRO E 344 -58.98 -26.42 40.35
CA PRO E 344 -59.89 -27.55 40.14
C PRO E 344 -59.20 -28.88 40.37
N CYS E 345 -59.97 -29.86 40.83
CA CYS E 345 -59.49 -31.23 40.80
C CYS E 345 -59.35 -31.70 39.37
N ARG E 346 -58.27 -32.45 39.10
CA ARG E 346 -58.00 -32.97 37.77
C ARG E 346 -57.73 -34.48 37.80
N LYS E 347 -58.36 -35.19 38.76
CA LYS E 347 -58.09 -36.63 38.89
C LYS E 347 -58.46 -37.39 37.63
N GLU E 348 -59.59 -37.03 37.01
CA GLU E 348 -60.04 -37.80 35.85
C GLU E 348 -59.14 -37.58 34.64
N TRP E 349 -58.81 -36.32 34.31
CA TRP E 349 -58.00 -36.08 33.11
C TRP E 349 -56.61 -36.69 33.26
N VAL E 350 -56.05 -36.63 34.47
CA VAL E 350 -54.76 -37.26 34.71
C VAL E 350 -54.85 -38.77 34.55
N ALA E 351 -55.96 -39.37 34.98
CA ALA E 351 -56.13 -40.81 34.77
C ALA E 351 -56.21 -41.16 33.30
N ASP E 352 -56.84 -40.30 32.50
CA ASP E 352 -56.94 -40.51 31.06
C ASP E 352 -55.56 -40.56 30.41
N CYS E 353 -54.71 -39.56 30.71
CA CYS E 353 -53.38 -39.55 30.12
C CYS E 353 -52.55 -40.72 30.61
N GLN E 354 -52.73 -41.14 31.86
CA GLN E 354 -51.98 -42.29 32.34
C GLN E 354 -52.46 -43.58 31.69
N GLN E 355 -53.75 -43.66 31.38
CA GLN E 355 -54.27 -44.80 30.63
C GLN E 355 -53.63 -44.89 29.24
N ARG E 356 -53.51 -43.76 28.54
CA ARG E 356 -52.85 -43.80 27.24
C ARG E 356 -51.39 -44.20 27.39
N LYS E 357 -50.72 -43.69 28.43
CA LYS E 357 -49.31 -43.98 28.62
C LYS E 357 -49.08 -45.44 28.94
N ARG E 358 -50.05 -46.08 29.61
CA ARG E 358 -49.94 -47.48 29.96
C ARG E 358 -50.09 -48.39 28.74
N THR E 359 -50.85 -47.96 27.72
CA THR E 359 -51.32 -48.86 26.67
C THR E 359 -50.76 -48.60 25.28
N LEU E 360 -50.46 -47.35 24.90
CA LEU E 360 -50.07 -47.04 23.52
C LEU E 360 -48.54 -47.13 23.38
N LEU E 361 -48.07 -48.37 23.38
CA LEU E 361 -46.66 -48.66 23.44
C LEU E 361 -46.12 -49.06 22.07
N ARG E 362 -44.79 -49.24 22.00
CA ARG E 362 -44.12 -49.81 20.83
C ARG E 362 -43.17 -50.90 21.30
N LYS E 363 -43.07 -51.98 20.53
CA LYS E 363 -42.34 -53.15 21.00
C LYS E 363 -40.85 -52.88 21.04
N THR E 364 -40.18 -53.40 22.07
CA THR E 364 -38.73 -53.30 22.13
C THR E 364 -38.09 -54.68 22.33
N HIS E 365 -38.80 -55.63 22.93
CA HIS E 365 -38.16 -56.89 23.34
C HIS E 365 -38.14 -57.90 22.19
N PHE E 366 -37.20 -57.67 21.26
CA PHE E 366 -36.99 -58.54 20.09
C PHE E 366 -35.77 -59.41 20.33
N ASP E 367 -35.88 -60.72 20.09
CA ASP E 367 -34.69 -61.54 20.11
C ASP E 367 -34.18 -61.88 18.70
N ASN E 368 -34.58 -61.12 17.69
CA ASN E 368 -34.15 -61.38 16.32
C ASN E 368 -32.64 -61.28 16.18
N VAL E 369 -32.09 -62.12 15.31
CA VAL E 369 -30.74 -62.01 14.79
C VAL E 369 -30.87 -61.86 13.27
N PRO E 370 -30.31 -60.82 12.65
CA PRO E 370 -29.55 -59.69 13.22
C PRO E 370 -30.45 -58.81 14.11
N VAL E 371 -29.80 -58.05 14.99
CA VAL E 371 -30.47 -57.37 16.09
C VAL E 371 -31.41 -56.28 15.55
N LYS E 372 -32.60 -56.17 16.16
CA LYS E 372 -33.41 -55.00 15.87
C LYS E 372 -33.04 -53.84 16.81
N PRO E 373 -32.97 -52.61 16.29
CA PRO E 373 -32.47 -51.49 17.11
C PRO E 373 -33.29 -51.25 18.38
N GLN E 374 -34.60 -51.52 18.36
CA GLN E 374 -35.43 -51.26 19.52
C GLN E 374 -34.89 -52.00 20.75
N ARG E 375 -34.38 -53.21 20.55
CA ARG E 375 -33.89 -54.01 21.64
C ARG E 375 -32.67 -53.37 22.29
N VAL E 376 -31.87 -52.65 21.49
CA VAL E 376 -30.67 -52.01 22.03
C VAL E 376 -31.05 -50.98 23.09
N TYR E 377 -32.07 -50.17 22.83
CA TYR E 377 -32.44 -49.14 23.79
C TYR E 377 -33.04 -49.76 25.04
N GLU E 378 -33.78 -50.86 24.89
CA GLU E 378 -34.30 -51.54 26.06
C GLU E 378 -33.16 -52.03 26.95
N GLU E 379 -32.09 -52.54 26.33
CA GLU E 379 -30.96 -53.00 27.13
C GLU E 379 -30.17 -51.85 27.73
N MET E 380 -30.12 -50.70 27.04
CA MET E 380 -29.53 -49.51 27.64
C MET E 380 -30.31 -49.08 28.88
N ASN E 381 -31.64 -49.08 28.79
CA ASN E 381 -32.42 -48.67 29.95
C ASN E 381 -32.16 -49.60 31.12
N LYS E 382 -31.96 -50.90 30.87
CA LYS E 382 -31.73 -51.81 31.98
C LYS E 382 -30.33 -51.65 32.55
N ALA E 383 -29.34 -51.31 31.72
CA ALA E 383 -27.95 -51.45 32.10
C ALA E 383 -27.42 -50.25 32.87
N PHE E 384 -27.89 -49.06 32.53
CA PHE E 384 -27.39 -47.84 33.15
C PHE E 384 -28.36 -47.36 34.22
N GLY E 385 -27.84 -46.55 35.14
CA GLY E 385 -28.66 -46.03 36.21
C GLY E 385 -29.53 -44.87 35.76
N ARG E 386 -30.37 -44.40 36.69
CA ARG E 386 -31.22 -43.27 36.36
C ARG E 386 -30.44 -41.98 36.23
N ASP E 387 -29.18 -41.94 36.67
CA ASP E 387 -28.33 -40.78 36.52
C ASP E 387 -27.57 -40.77 35.18
N VAL E 388 -27.86 -41.72 34.28
CA VAL E 388 -27.22 -41.75 32.98
C VAL E 388 -27.49 -40.45 32.23
N CYS E 389 -26.52 -40.02 31.42
CA CYS E 389 -26.62 -38.81 30.63
C CYS E 389 -26.32 -39.16 29.17
N TYR E 390 -27.33 -39.06 28.31
CA TYR E 390 -27.20 -39.47 26.91
C TYR E 390 -26.75 -38.33 26.01
N VAL E 391 -25.86 -38.65 25.06
CA VAL E 391 -25.45 -37.72 24.02
C VAL E 391 -25.76 -38.35 22.67
N THR E 392 -26.40 -37.59 21.79
CA THR E 392 -26.72 -38.11 20.47
C THR E 392 -27.02 -36.95 19.51
N THR E 393 -27.16 -37.30 18.23
CA THR E 393 -27.32 -36.29 17.18
C THR E 393 -28.55 -36.53 16.30
N ILE E 394 -28.46 -37.40 15.31
CA ILE E 394 -29.52 -37.52 14.32
C ILE E 394 -29.40 -38.86 13.61
N GLY E 395 -30.51 -39.31 13.04
CA GLY E 395 -30.62 -40.61 12.40
C GLY E 395 -31.70 -41.47 13.04
N LEU E 396 -31.96 -42.61 12.40
CA LEU E 396 -32.88 -43.56 13.01
C LEU E 396 -32.36 -43.99 14.38
N SER E 397 -31.04 -44.04 14.53
CA SER E 397 -30.41 -44.29 15.83
C SER E 397 -30.95 -43.31 16.87
N GLN E 398 -30.88 -42.01 16.56
CA GLN E 398 -31.27 -40.99 17.51
C GLN E 398 -32.78 -40.92 17.69
N ILE E 399 -33.55 -41.18 16.61
CA ILE E 399 -35.00 -41.03 16.71
C ILE E 399 -35.60 -42.16 17.53
N ALA E 400 -35.24 -43.41 17.21
CA ALA E 400 -35.75 -44.50 18.03
C ALA E 400 -35.23 -44.36 19.47
N ALA E 401 -34.01 -43.85 19.65
CA ALA E 401 -33.51 -43.66 21.00
C ALA E 401 -34.41 -42.68 21.77
N ALA E 402 -34.85 -41.61 21.11
CA ALA E 402 -35.74 -40.66 21.78
C ALA E 402 -37.12 -41.23 22.02
N GLN E 403 -37.52 -42.23 21.25
CA GLN E 403 -38.79 -42.90 21.45
C GLN E 403 -38.76 -43.90 22.59
N MET E 404 -37.58 -44.36 22.99
CA MET E 404 -37.52 -45.60 23.77
C MET E 404 -36.61 -45.50 25.01
N LEU E 405 -35.61 -44.63 25.00
CA LEU E 405 -34.77 -44.40 26.19
C LEU E 405 -35.51 -43.51 27.20
N HIS E 406 -35.04 -43.55 28.45
CA HIS E 406 -35.63 -42.69 29.47
C HIS E 406 -34.59 -41.92 30.27
N VAL E 407 -35.01 -40.76 30.72
CA VAL E 407 -34.14 -39.72 31.26
C VAL E 407 -34.83 -39.16 32.50
N PHE E 408 -34.04 -38.78 33.51
CA PHE E 408 -34.62 -38.43 34.81
C PHE E 408 -34.05 -37.16 35.43
N LYS E 409 -33.18 -36.42 34.72
CA LYS E 409 -32.71 -35.15 35.23
C LYS E 409 -32.42 -34.22 34.06
N ASP E 410 -32.59 -32.93 34.28
CA ASP E 410 -32.34 -31.98 33.20
C ASP E 410 -30.85 -31.93 32.89
N ARG E 411 -30.55 -31.72 31.60
CA ARG E 411 -29.21 -31.84 31.04
C ARG E 411 -28.70 -33.27 31.12
N HIS E 412 -29.60 -34.24 31.09
CA HIS E 412 -29.20 -35.63 30.87
C HIS E 412 -29.64 -36.17 29.51
N TRP E 413 -30.26 -35.33 28.69
CA TRP E 413 -30.44 -35.58 27.27
C TRP E 413 -29.72 -34.45 26.51
N ILE E 414 -28.52 -34.74 26.01
CA ILE E 414 -27.66 -33.74 25.38
C ILE E 414 -27.74 -34.00 23.88
N ASN E 415 -28.44 -33.13 23.15
CA ASN E 415 -28.82 -33.42 21.77
C ASN E 415 -28.98 -32.11 21.02
N CYS E 416 -28.37 -32.03 19.83
CA CYS E 416 -28.46 -30.83 18.97
C CYS E 416 -29.73 -30.91 18.11
N GLY E 417 -30.87 -30.62 18.73
CA GLY E 417 -32.17 -30.97 18.14
C GLY E 417 -32.60 -30.11 16.96
N GLN E 418 -32.08 -28.90 16.79
CA GLN E 418 -32.53 -28.14 15.64
C GLN E 418 -31.62 -28.27 14.42
N ALA E 419 -30.30 -28.39 14.60
CA ALA E 419 -29.41 -28.43 13.45
C ALA E 419 -28.90 -29.82 13.09
N GLY E 420 -28.69 -30.70 14.07
CA GLY E 420 -28.34 -32.07 13.80
C GLY E 420 -27.15 -32.34 12.89
N PRO E 421 -26.02 -31.67 13.08
CA PRO E 421 -24.84 -31.97 12.23
C PRO E 421 -24.27 -33.34 12.53
N LEU E 422 -24.16 -34.18 11.49
CA LEU E 422 -23.50 -35.47 11.65
C LEU E 422 -22.08 -35.26 12.17
N GLY E 423 -21.61 -36.17 13.02
CA GLY E 423 -20.30 -36.08 13.64
C GLY E 423 -20.27 -35.33 14.96
N TRP E 424 -21.41 -34.75 15.37
CA TRP E 424 -21.50 -33.98 16.62
C TRP E 424 -21.27 -34.85 17.84
N THR E 425 -21.56 -36.16 17.76
CA THR E 425 -21.78 -36.94 18.96
C THR E 425 -20.51 -37.19 19.75
N ILE E 426 -19.45 -37.67 19.11
CA ILE E 426 -18.22 -37.96 19.85
C ILE E 426 -17.65 -36.70 20.51
N PRO E 427 -17.40 -35.60 19.78
CA PRO E 427 -16.87 -34.40 20.46
C PRO E 427 -17.81 -33.84 21.50
N ALA E 428 -19.13 -33.88 21.27
CA ALA E 428 -20.05 -33.38 22.29
C ALA E 428 -19.95 -34.18 23.58
N ALA E 429 -19.88 -35.50 23.45
CA ALA E 429 -19.76 -36.34 24.63
C ALA E 429 -18.47 -36.06 25.38
N LEU E 430 -17.37 -35.85 24.64
CA LEU E 430 -16.11 -35.49 25.29
C LEU E 430 -16.23 -34.16 26.02
N GLY E 431 -17.00 -33.22 25.46
CA GLY E 431 -17.18 -31.93 26.13
C GLY E 431 -18.00 -32.04 27.39
N VAL E 432 -19.02 -32.92 27.39
CA VAL E 432 -19.78 -33.15 28.61
C VAL E 432 -18.87 -33.76 29.68
N CYS E 433 -18.06 -34.74 29.29
CA CYS E 433 -17.17 -35.36 30.26
C CYS E 433 -16.12 -34.39 30.77
N ALA E 434 -15.69 -33.45 29.91
CA ALA E 434 -14.76 -32.43 30.38
C ALA E 434 -15.45 -31.50 31.37
N ALA E 435 -16.74 -31.24 31.15
CA ALA E 435 -17.50 -30.38 32.04
C ALA E 435 -17.70 -31.03 33.40
N ASP E 436 -17.87 -32.36 33.43
CA ASP E 436 -18.31 -33.06 34.63
C ASP E 436 -17.73 -34.47 34.62
N PRO E 437 -16.52 -34.65 35.12
CA PRO E 437 -15.89 -35.99 35.12
C PRO E 437 -16.63 -37.03 35.95
N LYS E 438 -17.56 -36.63 36.82
CA LYS E 438 -18.39 -37.62 37.50
C LYS E 438 -19.64 -38.02 36.72
N ARG E 439 -19.99 -37.31 35.64
CA ARG E 439 -21.20 -37.61 34.87
C ARG E 439 -21.10 -38.99 34.23
N ASN E 440 -22.23 -39.72 34.26
CA ASN E 440 -22.33 -41.07 33.68
C ASN E 440 -22.76 -40.93 32.22
N VAL E 441 -21.78 -40.65 31.36
CA VAL E 441 -22.07 -40.25 29.99
C VAL E 441 -22.12 -41.48 29.08
N VAL E 442 -23.24 -41.65 28.37
CA VAL E 442 -23.43 -42.69 27.36
C VAL E 442 -23.91 -42.02 26.07
N ALA E 443 -23.17 -42.23 24.97
CA ALA E 443 -23.50 -41.66 23.67
C ALA E 443 -24.21 -42.68 22.79
N ILE E 444 -25.02 -42.19 21.82
CA ILE E 444 -25.71 -43.04 20.85
C ILE E 444 -25.45 -42.50 19.43
N SER E 445 -24.91 -43.35 18.57
CA SER E 445 -24.60 -43.00 17.19
C SER E 445 -25.03 -44.13 16.27
N GLY E 446 -25.49 -43.76 15.05
CA GLY E 446 -25.43 -44.67 13.92
C GLY E 446 -24.04 -44.66 13.31
N ASP E 447 -23.81 -45.59 12.38
CA ASP E 447 -22.45 -45.75 11.86
C ASP E 447 -22.00 -44.53 11.06
N PHE E 448 -22.90 -43.92 10.29
CA PHE E 448 -22.52 -42.78 9.47
C PHE E 448 -22.12 -41.59 10.34
N ASP E 449 -22.96 -41.25 11.32
CA ASP E 449 -22.63 -40.25 12.33
C ASP E 449 -21.28 -40.53 12.97
N PHE E 450 -21.09 -41.78 13.42
CA PHE E 450 -19.87 -42.16 14.09
C PHE E 450 -18.65 -41.94 13.20
N GLN E 451 -18.81 -42.03 11.88
CA GLN E 451 -17.64 -41.94 11.01
C GLN E 451 -17.20 -40.50 10.76
N PHE E 452 -18.12 -39.53 10.72
CA PHE E 452 -17.78 -38.15 10.34
C PHE E 452 -16.56 -37.63 11.10
N LEU E 453 -16.57 -37.74 12.44
CA LEU E 453 -15.50 -37.22 13.27
C LEU E 453 -14.88 -38.32 14.13
N ILE E 454 -14.74 -39.51 13.55
CA ILE E 454 -14.30 -40.69 14.29
C ILE E 454 -12.92 -40.46 14.92
N GLU E 455 -12.09 -39.59 14.33
CA GLU E 455 -10.73 -39.37 14.85
C GLU E 455 -10.75 -38.72 16.23
N GLU E 456 -11.85 -38.08 16.61
CA GLU E 456 -11.93 -37.51 17.96
C GLU E 456 -11.86 -38.58 19.07
N LEU E 457 -12.06 -39.85 18.74
CA LEU E 457 -11.84 -40.87 19.77
C LEU E 457 -10.42 -40.80 20.32
N ALA E 458 -9.45 -40.41 19.48
CA ALA E 458 -8.07 -40.31 19.96
C ALA E 458 -7.89 -39.18 20.96
N VAL E 459 -8.75 -38.16 20.93
CA VAL E 459 -8.73 -37.14 21.97
C VAL E 459 -9.07 -37.76 23.31
N GLY E 460 -10.10 -38.59 23.33
CA GLY E 460 -10.47 -39.24 24.57
C GLY E 460 -9.39 -40.18 25.05
N ALA E 461 -8.57 -40.70 24.12
CA ALA E 461 -7.48 -41.59 24.51
C ALA E 461 -6.25 -40.83 24.99
N GLN E 462 -5.83 -39.77 24.27
CA GLN E 462 -4.63 -39.06 24.65
C GLN E 462 -4.79 -38.39 26.01
N PHE E 463 -5.88 -37.66 26.18
CA PHE E 463 -6.35 -37.25 27.48
C PHE E 463 -7.11 -38.43 28.02
N ASN E 464 -7.32 -38.52 29.30
CA ASN E 464 -7.95 -39.81 29.67
C ASN E 464 -9.43 -39.50 29.97
N ILE E 465 -10.24 -39.47 28.92
CA ILE E 465 -11.63 -39.03 29.06
C ILE E 465 -12.57 -40.20 28.79
N PRO E 466 -13.04 -40.87 29.82
CA PRO E 466 -13.84 -42.10 29.62
C PRO E 466 -15.34 -41.87 29.54
N TYR E 467 -15.96 -42.58 28.60
CA TYR E 467 -17.42 -42.66 28.48
C TYR E 467 -17.74 -43.89 27.63
N ILE E 468 -19.01 -44.28 27.61
CA ILE E 468 -19.49 -45.40 26.77
C ILE E 468 -20.13 -44.85 25.51
N HIS E 469 -19.68 -45.33 24.34
CA HIS E 469 -20.32 -45.00 23.06
C HIS E 469 -21.04 -46.23 22.49
N VAL E 470 -22.36 -46.15 22.40
CA VAL E 470 -23.16 -47.18 21.74
C VAL E 470 -23.25 -46.85 20.24
N LEU E 471 -22.85 -47.80 19.42
CA LEU E 471 -22.80 -47.65 17.97
C LEU E 471 -23.75 -48.69 17.37
N VAL E 472 -24.78 -48.22 16.68
CA VAL E 472 -25.76 -49.12 16.09
C VAL E 472 -25.55 -49.08 14.57
N ASN E 473 -25.05 -50.20 14.03
CA ASN E 473 -24.46 -50.28 12.70
C ASN E 473 -25.36 -51.08 11.76
N ASN E 474 -26.05 -50.38 10.85
CA ASN E 474 -26.83 -51.01 9.79
C ASN E 474 -26.20 -50.83 8.41
N ALA E 475 -24.94 -50.38 8.35
CA ALA E 475 -24.25 -50.08 7.09
C ALA E 475 -25.11 -49.21 6.16
N TYR E 476 -25.83 -48.25 6.73
CA TYR E 476 -26.79 -47.44 5.98
C TYR E 476 -26.79 -46.01 6.50
N LEU E 477 -27.11 -45.08 5.61
CA LEU E 477 -27.73 -43.81 6.03
C LEU E 477 -29.20 -44.14 6.22
N GLY E 478 -29.53 -44.72 7.38
CA GLY E 478 -30.83 -45.36 7.53
C GLY E 478 -31.99 -44.39 7.44
N LEU E 479 -31.85 -43.22 8.07
CA LEU E 479 -32.93 -42.24 7.99
C LEU E 479 -33.17 -41.77 6.55
N ILE E 480 -32.11 -41.73 5.74
CA ILE E 480 -32.25 -41.22 4.38
C ILE E 480 -32.85 -42.29 3.47
N ARG E 481 -32.45 -43.54 3.67
CA ARG E 481 -33.11 -44.66 3.02
C ARG E 481 -34.62 -44.63 3.29
N GLN E 482 -35.02 -44.44 4.55
CA GLN E 482 -36.45 -44.47 4.85
C GLN E 482 -37.19 -43.33 4.15
N SER E 483 -36.59 -42.14 4.12
CA SER E 483 -37.21 -41.00 3.47
C SER E 483 -37.18 -41.12 1.95
N GLN E 484 -36.27 -41.93 1.40
CA GLN E 484 -36.23 -42.21 -0.04
C GLN E 484 -37.36 -43.15 -0.48
N MET E 485 -38.05 -43.80 0.46
CA MET E 485 -39.17 -44.67 0.08
C MET E 485 -40.25 -43.91 -0.67
N ALA E 486 -40.47 -42.64 -0.33
CA ALA E 486 -41.48 -41.85 -1.03
C ALA E 486 -41.10 -41.63 -2.50
N PHE E 487 -39.82 -41.78 -2.83
CA PHE E 487 -39.34 -41.67 -4.22
C PHE E 487 -39.12 -43.02 -4.86
N ASP E 488 -39.56 -44.10 -4.20
CA ASP E 488 -39.48 -45.46 -4.75
C ASP E 488 -38.05 -45.83 -5.15
N MET E 489 -37.11 -45.58 -4.25
CA MET E 489 -35.71 -45.79 -4.57
C MET E 489 -34.89 -46.01 -3.31
N ASP E 490 -33.70 -46.54 -3.52
CA ASP E 490 -32.72 -46.85 -2.48
C ASP E 490 -31.39 -46.56 -3.18
N TYR E 491 -30.91 -45.32 -3.01
CA TYR E 491 -29.92 -44.77 -3.94
C TYR E 491 -28.94 -43.88 -3.19
N CYS E 492 -27.66 -44.25 -3.25
CA CYS E 492 -26.57 -43.51 -2.61
C CYS E 492 -26.71 -43.43 -1.08
N VAL E 493 -27.20 -44.49 -0.45
CA VAL E 493 -27.39 -44.49 1.00
C VAL E 493 -26.77 -45.71 1.70
N GLN E 494 -26.07 -46.59 0.99
CA GLN E 494 -25.46 -47.77 1.58
C GLN E 494 -23.97 -47.57 1.79
N LEU E 495 -23.47 -48.04 2.94
CA LEU E 495 -22.06 -47.96 3.29
C LEU E 495 -21.36 -49.31 3.22
N ALA E 496 -22.08 -50.39 2.88
CA ALA E 496 -21.56 -51.75 2.91
C ALA E 496 -20.50 -51.98 1.85
N PHE E 497 -19.48 -52.77 2.22
CA PHE E 497 -18.51 -53.31 1.26
C PHE E 497 -17.78 -54.49 1.92
N GLU E 498 -17.20 -55.36 1.10
CA GLU E 498 -16.42 -56.47 1.64
C GLU E 498 -15.07 -55.93 2.10
N ASN E 499 -14.85 -55.94 3.41
CA ASN E 499 -13.62 -55.40 3.98
C ASN E 499 -12.51 -56.42 3.82
N ILE E 500 -11.51 -56.08 2.99
CA ILE E 500 -10.44 -57.00 2.65
C ILE E 500 -9.59 -57.40 3.86
N ASN E 501 -9.70 -56.68 4.98
CA ASN E 501 -8.98 -57.02 6.20
C ASN E 501 -9.83 -57.66 7.29
N SER E 502 -11.15 -57.75 7.11
CA SER E 502 -12.05 -58.11 8.22
C SER E 502 -13.25 -58.85 7.63
N SER E 503 -13.10 -60.17 7.46
CA SER E 503 -14.22 -61.01 7.06
C SER E 503 -15.30 -61.10 8.14
N GLU E 504 -14.94 -60.83 9.41
CA GLU E 504 -15.88 -60.95 10.52
C GLU E 504 -16.99 -59.90 10.51
N VAL E 505 -16.81 -58.75 9.84
CA VAL E 505 -17.90 -57.77 9.76
C VAL E 505 -18.91 -58.14 8.70
N ASN E 506 -18.70 -59.24 7.97
CA ASN E 506 -19.71 -59.84 7.10
C ASN E 506 -20.18 -58.88 6.00
N GLY E 507 -19.26 -58.08 5.47
CA GLY E 507 -19.58 -57.19 4.38
C GLY E 507 -20.21 -55.89 4.79
N TYR E 508 -20.23 -55.58 6.09
CA TYR E 508 -20.79 -54.32 6.56
C TYR E 508 -19.86 -53.14 6.29
N GLY E 509 -18.64 -53.38 5.83
CA GLY E 509 -17.78 -52.27 5.45
C GLY E 509 -16.73 -51.95 6.49
N VAL E 510 -16.85 -50.78 7.11
CA VAL E 510 -15.85 -50.35 8.08
C VAL E 510 -15.85 -51.27 9.28
N ASP E 511 -14.66 -51.63 9.75
CA ASP E 511 -14.46 -52.37 11.00
C ASP E 511 -14.26 -51.36 12.14
N HIS E 512 -15.35 -51.05 12.85
CA HIS E 512 -15.30 -50.03 13.91
C HIS E 512 -14.49 -50.47 15.12
N VAL E 513 -14.41 -51.77 15.39
CA VAL E 513 -13.54 -52.25 16.46
C VAL E 513 -12.10 -51.92 16.15
N LYS E 514 -11.64 -52.27 14.93
CA LYS E 514 -10.24 -52.03 14.56
C LYS E 514 -9.91 -50.55 14.54
N VAL E 515 -10.85 -49.72 14.05
CA VAL E 515 -10.60 -48.28 13.99
C VAL E 515 -10.54 -47.68 15.39
N ALA E 516 -11.45 -48.09 16.27
CA ALA E 516 -11.48 -47.54 17.60
C ALA E 516 -10.21 -47.91 18.36
N GLU E 517 -9.74 -49.14 18.17
CA GLU E 517 -8.54 -49.58 18.85
C GLU E 517 -7.31 -48.89 18.31
N GLY E 518 -7.26 -48.67 16.99
CA GLY E 518 -6.13 -47.96 16.43
C GLY E 518 -6.07 -46.53 16.93
N LEU E 519 -7.23 -45.96 17.24
CA LEU E 519 -7.32 -44.62 17.83
C LEU E 519 -7.02 -44.63 19.33
N GLY E 520 -6.81 -45.79 19.93
CA GLY E 520 -6.40 -45.88 21.32
C GLY E 520 -7.51 -46.14 22.30
N CYS E 521 -8.70 -46.47 21.84
CA CYS E 521 -9.83 -46.76 22.72
C CYS E 521 -10.06 -48.27 22.81
N LYS E 522 -11.08 -48.66 23.57
CA LYS E 522 -11.53 -50.05 23.64
C LYS E 522 -12.87 -50.18 22.92
N ALA E 523 -13.13 -51.39 22.42
CA ALA E 523 -14.31 -51.63 21.59
C ALA E 523 -14.76 -53.07 21.72
N ILE E 524 -16.08 -53.26 21.67
CA ILE E 524 -16.72 -54.57 21.73
C ILE E 524 -17.78 -54.62 20.63
N ARG E 525 -17.79 -55.71 19.86
CA ARG E 525 -18.81 -55.97 18.85
C ARG E 525 -19.81 -57.03 19.34
N VAL E 526 -21.10 -56.79 19.07
CA VAL E 526 -22.21 -57.62 19.53
C VAL E 526 -23.06 -58.01 18.32
N PHE E 527 -23.29 -59.33 18.13
CA PHE E 527 -24.13 -59.82 17.04
C PHE E 527 -25.49 -60.31 17.48
N LYS E 528 -25.62 -60.73 18.74
CA LYS E 528 -26.83 -61.36 19.22
C LYS E 528 -27.44 -60.55 20.35
N PRO E 529 -28.76 -60.42 20.40
CA PRO E 529 -29.37 -59.53 21.41
C PRO E 529 -29.06 -59.92 22.85
N GLU E 530 -28.90 -61.21 23.15
CA GLU E 530 -28.59 -61.61 24.51
C GLU E 530 -27.19 -61.18 24.93
N ASP E 531 -26.33 -60.85 23.98
CA ASP E 531 -24.98 -60.48 24.33
C ASP E 531 -24.83 -58.99 24.58
N ILE E 532 -25.91 -58.22 24.45
CA ILE E 532 -25.83 -56.77 24.63
C ILE E 532 -25.56 -56.42 26.10
N ALA E 533 -26.37 -56.96 27.01
CA ALA E 533 -26.20 -56.62 28.43
C ALA E 533 -24.81 -56.98 28.97
N PRO E 534 -24.28 -58.19 28.76
CA PRO E 534 -22.89 -58.43 29.18
C PRO E 534 -21.86 -57.51 28.52
N ALA E 535 -22.08 -57.09 27.27
CA ALA E 535 -21.13 -56.17 26.64
C ALA E 535 -21.11 -54.82 27.36
N PHE E 536 -22.27 -54.32 27.77
CA PHE E 536 -22.31 -53.08 28.53
C PHE E 536 -21.59 -53.25 29.86
N GLU E 537 -21.72 -54.42 30.48
CA GLU E 537 -21.02 -54.70 31.73
C GLU E 537 -19.51 -54.76 31.52
N GLN E 538 -19.05 -55.37 30.42
CA GLN E 538 -17.61 -55.36 30.13
C GLN E 538 -17.13 -53.94 29.87
N ALA E 539 -17.94 -53.14 29.17
CA ALA E 539 -17.53 -51.79 28.84
C ALA E 539 -17.35 -50.95 30.10
N LYS E 540 -18.21 -51.15 31.10
CA LYS E 540 -18.00 -50.44 32.36
C LYS E 540 -16.66 -50.84 32.97
N ALA E 541 -16.30 -52.11 32.87
CA ALA E 541 -15.05 -52.58 33.47
C ALA E 541 -13.84 -52.07 32.69
N LEU E 542 -13.90 -52.14 31.36
CA LEU E 542 -12.82 -51.59 30.57
C LEU E 542 -12.68 -50.10 30.81
N MET E 543 -13.79 -49.41 31.04
CA MET E 543 -13.73 -47.98 31.20
C MET E 543 -13.00 -47.63 32.49
N ALA E 544 -13.35 -48.32 33.57
CA ALA E 544 -12.71 -48.07 34.84
C ALA E 544 -11.22 -48.43 34.80
N GLN E 545 -10.86 -49.44 34.00
CA GLN E 545 -9.51 -49.98 34.01
C GLN E 545 -8.57 -49.16 33.14
N TYR E 546 -9.01 -48.78 31.94
CA TYR E 546 -8.14 -48.02 31.05
C TYR E 546 -8.45 -46.54 31.00
N ARG E 547 -9.61 -46.10 31.52
CA ARG E 547 -9.98 -44.68 31.53
C ARG E 547 -9.86 -44.04 30.13
N VAL E 548 -10.48 -44.70 29.15
CA VAL E 548 -10.57 -44.23 27.76
C VAL E 548 -12.01 -44.45 27.30
N PRO E 549 -12.43 -43.83 26.19
CA PRO E 549 -13.74 -44.21 25.63
C PRO E 549 -13.80 -45.69 25.30
N VAL E 550 -14.96 -46.28 25.53
CA VAL E 550 -15.24 -47.69 25.21
C VAL E 550 -16.44 -47.73 24.24
N VAL E 551 -16.20 -48.23 23.02
CA VAL E 551 -17.24 -48.33 21.99
C VAL E 551 -17.87 -49.73 22.06
N VAL E 552 -19.19 -49.77 22.19
CA VAL E 552 -19.97 -51.00 22.07
C VAL E 552 -20.74 -50.93 20.75
N GLU E 553 -20.33 -51.74 19.78
CA GLU E 553 -20.95 -51.73 18.46
C GLU E 553 -21.95 -52.88 18.35
N VAL E 554 -23.21 -52.56 18.05
CA VAL E 554 -24.23 -53.58 17.82
C VAL E 554 -24.49 -53.69 16.32
N ILE E 555 -24.46 -54.90 15.80
CA ILE E 555 -24.72 -55.15 14.39
C ILE E 555 -26.24 -55.27 14.20
N LEU E 556 -26.85 -54.24 13.64
CA LEU E 556 -28.28 -54.21 13.36
C LEU E 556 -28.58 -54.94 12.05
N GLU E 557 -29.84 -55.36 11.92
CA GLU E 557 -30.37 -55.69 10.60
C GLU E 557 -30.27 -54.47 9.70
N ARG E 558 -30.09 -54.72 8.39
CA ARG E 558 -29.84 -53.61 7.48
C ARG E 558 -31.00 -52.61 7.45
N VAL E 559 -32.24 -53.10 7.56
CA VAL E 559 -33.41 -52.25 7.29
C VAL E 559 -34.41 -52.37 8.44
N THR E 560 -34.71 -51.24 9.09
CA THR E 560 -35.81 -51.12 10.06
C THR E 560 -36.43 -49.76 9.85
N ASN E 561 -37.76 -49.70 9.70
CA ASN E 561 -38.46 -48.44 9.47
C ASN E 561 -39.03 -47.93 10.80
N ILE E 562 -38.51 -46.79 11.27
CA ILE E 562 -38.92 -46.22 12.55
C ILE E 562 -40.23 -45.45 12.38
N SER E 563 -41.06 -45.46 13.43
CA SER E 563 -42.34 -44.77 13.38
C SER E 563 -42.14 -43.27 13.18
N MET E 564 -42.92 -42.69 12.28
CA MET E 564 -42.92 -41.26 11.98
C MET E 564 -44.03 -40.99 10.98
N GLY E 565 -44.45 -39.73 10.92
CA GLY E 565 -45.52 -39.30 10.03
C GLY E 565 -45.43 -37.80 9.84
N SER E 566 -46.36 -37.26 9.06
CA SER E 566 -46.36 -35.85 8.73
C SER E 566 -47.31 -35.03 9.60
N GLU E 567 -48.09 -35.68 10.46
CA GLU E 567 -49.04 -35.01 11.35
C GLU E 567 -49.14 -35.83 12.63
N LEU E 568 -49.59 -35.17 13.71
CA LEU E 568 -49.71 -35.88 14.98
C LEU E 568 -50.69 -37.03 14.91
N ASP E 569 -51.74 -36.93 14.08
CA ASP E 569 -52.78 -37.95 13.97
C ASP E 569 -52.47 -39.00 12.91
N ASN E 570 -51.25 -39.03 12.42
CA ASN E 570 -50.97 -39.73 11.18
C ASN E 570 -49.61 -40.42 11.21
N VAL E 571 -48.98 -40.56 12.39
CA VAL E 571 -47.67 -41.18 12.50
C VAL E 571 -47.75 -42.65 12.14
N MET E 572 -47.07 -43.06 11.07
CA MET E 572 -47.13 -44.44 10.63
C MET E 572 -46.31 -45.34 11.55
N GLU E 573 -46.87 -46.51 11.84
CA GLU E 573 -46.25 -47.50 12.73
C GLU E 573 -45.89 -48.72 11.87
N PHE E 574 -44.61 -48.84 11.49
CA PHE E 574 -44.19 -49.94 10.62
C PHE E 574 -43.88 -51.19 11.43
N GLU E 575 -43.15 -51.04 12.52
CA GLU E 575 -42.77 -52.14 13.39
C GLU E 575 -43.94 -52.45 14.32
N ASP E 576 -43.81 -53.56 15.06
CA ASP E 576 -44.92 -54.00 15.91
C ASP E 576 -45.21 -52.97 17.00
N ILE E 577 -46.51 -52.67 17.19
CA ILE E 577 -46.94 -51.93 18.37
C ILE E 577 -46.97 -52.89 19.55
N ALA E 578 -47.28 -52.34 20.72
CA ALA E 578 -47.42 -53.14 21.93
C ALA E 578 -48.47 -52.49 22.81
N ASP E 579 -49.16 -53.33 23.61
CA ASP E 579 -50.14 -52.83 24.57
C ASP E 579 -49.93 -53.43 25.96
N ASN E 580 -48.75 -54.02 26.19
CA ASN E 580 -48.48 -54.78 27.39
C ASN E 580 -46.99 -54.69 27.69
N ALA E 581 -46.67 -54.88 28.97
CA ALA E 581 -45.29 -54.67 29.41
C ALA E 581 -44.31 -55.68 28.81
N ALA E 582 -44.76 -56.90 28.51
CA ALA E 582 -43.80 -57.91 28.06
C ALA E 582 -43.14 -57.51 26.75
N ASP E 583 -43.85 -56.78 25.88
CA ASP E 583 -43.26 -56.34 24.63
C ASP E 583 -42.44 -55.06 24.79
N ALA E 584 -42.78 -54.24 25.78
CA ALA E 584 -42.05 -53.00 26.04
C ALA E 584 -41.74 -52.94 27.53
N PRO E 585 -40.81 -53.80 27.99
CA PRO E 585 -40.65 -54.01 29.45
C PRO E 585 -40.00 -52.85 30.16
N THR E 586 -39.56 -51.84 29.41
CA THR E 586 -38.69 -50.84 29.96
C THR E 586 -39.37 -49.50 30.15
N GLU E 587 -40.68 -49.40 29.88
CA GLU E 587 -41.43 -48.18 30.19
C GLU E 587 -41.42 -47.93 31.71
N THR E 588 -41.42 -46.65 32.11
CA THR E 588 -41.37 -46.33 33.53
C THR E 588 -42.59 -46.84 34.28
N CYS E 589 -43.72 -47.06 33.59
CA CYS E 589 -44.87 -47.64 34.27
C CYS E 589 -44.56 -49.03 34.79
N PHE E 590 -43.65 -49.76 34.14
CA PHE E 590 -43.42 -51.15 34.53
C PHE E 590 -42.07 -51.40 35.18
N MET E 591 -41.14 -50.46 35.12
CA MET E 591 -39.79 -50.68 35.57
C MET E 591 -39.38 -49.59 36.54
N HIS E 592 -38.84 -49.99 37.69
CA HIS E 592 -38.29 -49.04 38.65
C HIS E 592 -36.85 -48.71 38.25
N TYR E 593 -36.55 -47.42 38.08
CA TYR E 593 -35.27 -46.99 37.56
C TYR E 593 -34.35 -46.62 38.72
N GLU E 594 -33.32 -47.43 38.92
CA GLU E 594 -32.28 -47.25 39.95
C GLU E 594 -32.89 -47.11 41.34
N GLY F 1 -55.69 -11.40 22.53
CA GLY F 1 -56.93 -12.16 22.54
C GLY F 1 -58.21 -11.34 22.49
N MET F 2 -58.21 -10.14 23.08
CA MET F 2 -59.46 -9.46 23.38
C MET F 2 -60.31 -9.21 22.14
N ALA F 3 -59.71 -8.96 20.99
CA ALA F 3 -60.50 -8.59 19.82
C ALA F 3 -59.71 -8.85 18.55
N LYS F 4 -60.42 -9.26 17.50
CA LYS F 4 -59.84 -9.30 16.17
C LYS F 4 -59.67 -7.89 15.61
N MET F 5 -58.56 -7.68 14.92
CA MET F 5 -58.26 -6.39 14.31
C MET F 5 -57.09 -6.62 13.36
N ARG F 6 -56.91 -5.68 12.44
CA ARG F 6 -55.78 -5.75 11.53
C ARG F 6 -54.47 -5.60 12.29
N ALA F 7 -53.41 -6.17 11.72
CA ALA F 7 -52.10 -6.04 12.35
C ALA F 7 -51.74 -4.57 12.57
N VAL F 8 -52.08 -3.69 11.62
CA VAL F 8 -51.81 -2.27 11.78
C VAL F 8 -52.59 -1.66 12.95
N ASP F 9 -53.84 -2.13 13.19
CA ASP F 9 -54.59 -1.65 14.34
C ASP F 9 -53.90 -2.02 15.64
N ALA F 10 -53.37 -3.25 15.71
CA ALA F 10 -52.61 -3.61 16.90
C ALA F 10 -51.34 -2.77 17.00
N ALA F 11 -50.72 -2.43 15.87
CA ALA F 11 -49.53 -1.58 15.92
C ALA F 11 -49.85 -0.22 16.54
N MET F 12 -51.07 0.31 16.29
CA MET F 12 -51.47 1.59 16.88
C MET F 12 -51.57 1.50 18.39
N TYR F 13 -52.18 0.43 18.92
CA TYR F 13 -52.23 0.27 20.36
C TYR F 13 -50.83 0.19 20.94
N VAL F 14 -49.92 -0.50 20.24
CA VAL F 14 -48.57 -0.63 20.76
C VAL F 14 -47.88 0.73 20.79
N LEU F 15 -48.03 1.52 19.71
CA LEU F 15 -47.37 2.83 19.69
C LEU F 15 -47.93 3.75 20.78
N GLU F 16 -49.25 3.67 21.02
CA GLU F 16 -49.86 4.43 22.09
C GLU F 16 -49.24 4.06 23.42
N LYS F 17 -49.25 2.77 23.77
CA LYS F 17 -48.73 2.38 25.06
C LYS F 17 -47.25 2.65 25.19
N GLU F 18 -46.53 2.71 24.08
CA GLU F 18 -45.11 3.04 24.09
C GLU F 18 -44.87 4.54 24.17
N GLY F 19 -45.95 5.34 24.18
CA GLY F 19 -45.87 6.78 24.36
C GLY F 19 -45.81 7.62 23.10
N ILE F 20 -45.97 7.03 21.92
CA ILE F 20 -45.99 7.80 20.67
C ILE F 20 -47.22 8.70 20.62
N THR F 21 -47.03 9.97 20.25
CA THR F 21 -48.13 10.88 20.00
C THR F 21 -48.05 11.62 18.68
N THR F 22 -46.93 11.53 17.96
CA THR F 22 -46.65 12.33 16.77
C THR F 22 -45.96 11.46 15.75
N ALA F 23 -46.25 11.70 14.48
CA ALA F 23 -45.49 11.06 13.40
C ALA F 23 -45.27 12.04 12.26
N PHE F 24 -44.14 11.89 11.58
CA PHE F 24 -43.82 12.66 10.39
C PHE F 24 -43.67 11.68 9.21
N GLY F 25 -44.28 11.99 8.08
CA GLY F 25 -44.31 10.99 7.03
C GLY F 25 -44.82 11.50 5.69
N VAL F 26 -44.74 10.59 4.72
CA VAL F 26 -45.28 10.73 3.37
C VAL F 26 -46.01 9.42 3.05
N PRO F 27 -47.33 9.43 2.84
CA PRO F 27 -48.06 8.20 2.55
C PRO F 27 -47.84 7.70 1.14
N GLY F 28 -48.22 6.43 0.94
CA GLY F 28 -48.19 5.77 -0.35
C GLY F 28 -49.08 4.53 -0.29
N ALA F 29 -49.25 3.91 -1.46
CA ALA F 29 -50.14 2.75 -1.54
C ALA F 29 -49.67 1.62 -0.62
N ALA F 30 -48.36 1.35 -0.59
CA ALA F 30 -47.86 0.22 0.20
C ALA F 30 -48.06 0.45 1.70
N ILE F 31 -48.09 1.71 2.16
CA ILE F 31 -48.22 2.00 3.59
C ILE F 31 -49.63 2.53 3.93
N ASN F 32 -50.55 2.53 2.97
CA ASN F 32 -51.90 3.01 3.24
C ASN F 32 -52.60 2.28 4.39
N PRO F 33 -52.53 0.95 4.53
CA PRO F 33 -53.24 0.33 5.67
C PRO F 33 -52.77 0.84 7.02
N PHE F 34 -51.49 1.11 7.19
CA PHE F 34 -51.01 1.74 8.42
C PHE F 34 -51.64 3.11 8.61
N TYR F 35 -51.71 3.89 7.53
CA TYR F 35 -52.31 5.21 7.62
C TYR F 35 -53.79 5.12 7.98
N SER F 36 -54.47 4.10 7.45
CA SER F 36 -55.86 3.89 7.79
C SER F 36 -56.02 3.61 9.29
N ALA F 37 -55.19 2.72 9.83
CA ALA F 37 -55.28 2.37 11.24
C ALA F 37 -54.91 3.55 12.13
N MET F 38 -53.96 4.38 11.67
CA MET F 38 -53.66 5.63 12.37
C MET F 38 -54.86 6.56 12.38
N ARG F 39 -55.61 6.61 11.27
CA ARG F 39 -56.77 7.51 11.23
C ARG F 39 -57.90 6.98 12.11
N LYS F 40 -58.17 5.68 12.08
CA LYS F 40 -59.22 5.14 12.93
C LYS F 40 -58.87 5.31 14.41
N HIS F 41 -57.63 5.01 14.79
CA HIS F 41 -57.25 5.03 16.19
C HIS F 41 -57.27 6.45 16.76
N GLY F 42 -56.83 7.44 15.97
CA GLY F 42 -56.74 8.80 16.46
C GLY F 42 -55.64 8.93 17.51
N GLY F 43 -55.28 10.14 17.91
CA GLY F 43 -54.30 10.27 18.98
C GLY F 43 -52.85 10.33 18.54
N ILE F 44 -52.55 10.04 17.28
CA ILE F 44 -51.25 10.38 16.71
C ILE F 44 -51.47 11.54 15.75
N ARG F 45 -50.87 12.68 16.06
CA ARG F 45 -50.81 13.79 15.12
C ARG F 45 -49.79 13.47 14.02
N HIS F 46 -50.24 13.41 12.78
CA HIS F 46 -49.36 13.24 11.63
C HIS F 46 -49.02 14.57 11.01
N ILE F 47 -47.76 14.74 10.65
CA ILE F 47 -47.28 15.94 9.97
C ILE F 47 -46.75 15.52 8.60
N LEU F 48 -47.36 16.07 7.54
CA LEU F 48 -47.03 15.71 6.16
C LEU F 48 -45.78 16.47 5.69
N ALA F 49 -44.71 15.74 5.38
CA ALA F 49 -43.49 16.36 4.90
C ALA F 49 -43.54 16.57 3.38
N ARG F 50 -42.63 17.39 2.88
CA ARG F 50 -42.54 17.61 1.43
C ARG F 50 -41.26 17.02 0.84
N HIS F 51 -40.70 16.01 1.53
CA HIS F 51 -39.62 15.15 1.08
C HIS F 51 -39.47 14.11 2.17
N VAL F 52 -39.35 12.82 1.82
CA VAL F 52 -39.21 11.81 2.86
C VAL F 52 -37.97 12.09 3.72
N GLU F 53 -36.89 12.60 3.13
CA GLU F 53 -35.75 12.94 3.96
C GLU F 53 -36.11 14.02 4.96
N GLY F 54 -37.04 14.90 4.61
CA GLY F 54 -37.50 15.88 5.57
C GLY F 54 -38.26 15.24 6.71
N ALA F 55 -39.09 14.23 6.42
CA ALA F 55 -39.79 13.58 7.53
C ALA F 55 -38.81 12.88 8.47
N SER F 56 -37.78 12.26 7.90
CA SER F 56 -36.84 11.50 8.69
C SER F 56 -36.01 12.42 9.61
N HIS F 57 -35.65 13.61 9.14
CA HIS F 57 -34.96 14.57 9.99
C HIS F 57 -35.91 15.26 10.97
N MET F 58 -37.20 15.41 10.63
CA MET F 58 -38.14 15.91 11.62
C MET F 58 -38.19 14.97 12.82
N ALA F 59 -38.14 13.67 12.56
CA ALA F 59 -38.17 12.68 13.62
C ALA F 59 -36.91 12.77 14.49
N GLU F 60 -35.76 13.05 13.87
CA GLU F 60 -34.55 13.26 14.66
C GLU F 60 -34.70 14.44 15.60
N GLY F 61 -35.25 15.54 15.10
CA GLY F 61 -35.40 16.71 15.94
C GLY F 61 -36.41 16.50 17.04
N TYR F 62 -37.47 15.73 16.74
CA TYR F 62 -38.43 15.38 17.78
C TYR F 62 -37.77 14.55 18.89
N THR F 63 -36.96 13.57 18.51
CA THR F 63 -36.25 12.76 19.51
C THR F 63 -35.34 13.63 20.37
N ARG F 64 -34.54 14.49 19.72
CA ARG F 64 -33.51 15.23 20.43
C ARG F 64 -34.09 16.34 21.32
N ALA F 65 -35.33 16.75 21.07
CA ALA F 65 -35.88 17.88 21.80
C ALA F 65 -36.08 17.58 23.29
N THR F 66 -36.40 16.33 23.64
CA THR F 66 -36.88 16.03 24.99
C THR F 66 -36.53 14.59 25.35
N ALA F 67 -35.95 14.39 26.54
CA ALA F 67 -35.57 13.05 26.95
C ALA F 67 -36.79 12.14 26.92
N GLY F 68 -36.62 10.93 26.38
CA GLY F 68 -37.71 9.99 26.28
C GLY F 68 -38.52 10.06 25.01
N ASN F 69 -38.46 11.17 24.27
CA ASN F 69 -39.14 11.24 22.97
C ASN F 69 -38.53 10.22 22.01
N ILE F 70 -39.35 9.73 21.09
CA ILE F 70 -38.86 8.93 19.98
C ILE F 70 -39.61 9.40 18.73
N GLY F 71 -38.96 10.18 17.88
CA GLY F 71 -39.59 10.58 16.63
C GLY F 71 -39.91 9.38 15.75
N VAL F 72 -41.06 9.45 15.08
CA VAL F 72 -41.53 8.41 14.16
C VAL F 72 -41.61 8.96 12.75
N CYS F 73 -41.06 8.21 11.80
CA CYS F 73 -40.98 8.60 10.38
C CYS F 73 -41.61 7.49 9.55
N LEU F 74 -42.65 7.85 8.78
CA LEU F 74 -43.42 6.90 7.98
C LEU F 74 -43.16 7.10 6.50
N GLY F 75 -43.16 6.01 5.76
CA GLY F 75 -43.05 6.12 4.31
C GLY F 75 -43.52 4.84 3.63
N THR F 76 -43.60 4.90 2.30
CA THR F 76 -44.11 3.78 1.54
C THR F 76 -42.96 2.84 1.19
N SER F 77 -43.14 1.98 0.19
CA SER F 77 -42.13 1.04 -0.24
C SER F 77 -41.09 1.73 -1.12
N GLY F 78 -40.07 0.98 -1.53
CA GLY F 78 -39.14 1.44 -2.54
C GLY F 78 -38.37 2.66 -2.11
N PRO F 79 -38.46 3.72 -2.93
CA PRO F 79 -37.60 4.90 -2.73
C PRO F 79 -37.79 5.60 -1.40
N ALA F 80 -38.97 5.48 -0.77
CA ALA F 80 -39.15 6.11 0.53
C ALA F 80 -38.14 5.58 1.54
N GLY F 81 -37.90 4.27 1.53
CA GLY F 81 -36.94 3.73 2.49
C GLY F 81 -35.52 4.16 2.19
N THR F 82 -35.16 4.19 0.90
CA THR F 82 -33.80 4.64 0.58
C THR F 82 -33.61 6.12 0.91
N ASP F 83 -34.68 6.91 0.91
CA ASP F 83 -34.61 8.31 1.33
C ASP F 83 -34.45 8.48 2.84
N MET F 84 -34.58 7.41 3.62
CA MET F 84 -34.43 7.48 5.06
C MET F 84 -33.03 7.11 5.54
N ILE F 85 -32.18 6.61 4.65
CA ILE F 85 -30.92 6.06 5.10
C ILE F 85 -30.06 7.13 5.74
N THR F 86 -30.08 8.34 5.16
CA THR F 86 -29.22 9.39 5.71
C THR F 86 -29.61 9.74 7.14
N ALA F 87 -30.91 9.79 7.45
CA ALA F 87 -31.33 10.02 8.84
C ALA F 87 -30.96 8.86 9.74
N LEU F 88 -31.07 7.63 9.23
CA LEU F 88 -30.71 6.49 10.05
C LEU F 88 -29.24 6.55 10.43
N TYR F 89 -28.38 6.93 9.48
CA TYR F 89 -26.97 7.08 9.77
C TYR F 89 -26.75 8.21 10.76
N SER F 90 -27.41 9.33 10.55
CA SER F 90 -27.23 10.48 11.42
C SER F 90 -27.71 10.18 12.84
N ALA F 91 -28.88 9.56 12.97
CA ALA F 91 -29.35 9.22 14.30
C ALA F 91 -28.44 8.20 14.96
N SER F 92 -28.06 7.17 14.21
CA SER F 92 -27.18 6.14 14.76
C SER F 92 -25.82 6.73 15.15
N ALA F 93 -25.32 7.66 14.35
CA ALA F 93 -23.98 8.18 14.60
C ALA F 93 -23.91 8.98 15.88
N ASP F 94 -25.02 9.58 16.30
CA ASP F 94 -25.08 10.38 17.52
C ASP F 94 -25.66 9.62 18.71
N SER F 95 -25.90 8.32 18.56
CA SER F 95 -26.45 7.47 19.63
C SER F 95 -27.86 7.90 20.04
N ILE F 96 -28.71 8.26 19.08
CA ILE F 96 -30.10 8.56 19.42
C ILE F 96 -31.04 7.78 18.50
N PRO F 97 -32.28 7.55 18.96
CA PRO F 97 -33.22 6.75 18.17
C PRO F 97 -34.22 7.54 17.32
N ILE F 98 -34.61 6.94 16.21
CA ILE F 98 -35.85 7.27 15.52
C ILE F 98 -36.45 5.95 15.09
N LEU F 99 -37.77 5.91 14.94
CA LEU F 99 -38.49 4.75 14.43
C LEU F 99 -38.91 5.04 12.99
N CYS F 100 -38.32 4.33 12.04
CA CYS F 100 -38.78 4.39 10.66
C CYS F 100 -39.65 3.18 10.37
N ILE F 101 -40.81 3.43 9.76
CA ILE F 101 -41.72 2.38 9.33
C ILE F 101 -41.96 2.62 7.85
N THR F 102 -41.68 1.61 7.03
CA THR F 102 -41.92 1.66 5.60
C THR F 102 -42.98 0.64 5.20
N GLY F 103 -43.73 0.94 4.14
CA GLY F 103 -44.52 -0.09 3.50
C GLY F 103 -43.67 -1.01 2.63
N GLN F 104 -44.22 -2.15 2.24
CA GLN F 104 -43.45 -3.13 1.49
C GLN F 104 -44.39 -4.00 0.65
N ALA F 105 -43.82 -4.61 -0.39
CA ALA F 105 -44.59 -5.49 -1.25
C ALA F 105 -45.04 -6.72 -0.44
N PRO F 106 -46.12 -7.38 -0.87
CA PRO F 106 -46.62 -8.55 -0.12
C PRO F 106 -45.59 -9.67 -0.10
N ARG F 107 -45.64 -10.46 0.98
CA ARG F 107 -44.66 -11.53 1.21
C ARG F 107 -44.39 -12.37 -0.05
N ALA F 108 -45.44 -12.79 -0.75
CA ALA F 108 -45.25 -13.66 -1.91
C ALA F 108 -44.49 -12.98 -3.03
N ARG F 109 -44.42 -11.65 -3.04
CA ARG F 109 -43.79 -10.88 -4.10
C ARG F 109 -42.40 -10.38 -3.73
N LEU F 110 -41.84 -10.82 -2.61
CA LEU F 110 -40.65 -10.17 -2.07
C LEU F 110 -39.44 -10.31 -2.99
N HIS F 111 -39.34 -11.41 -3.73
CA HIS F 111 -38.19 -11.64 -4.61
C HIS F 111 -38.59 -11.65 -6.09
N LYS F 112 -39.65 -10.91 -6.43
CA LYS F 112 -40.27 -10.97 -7.74
C LYS F 112 -40.12 -9.66 -8.53
N GLU F 113 -39.20 -8.78 -8.13
CA GLU F 113 -38.98 -7.51 -8.82
C GLU F 113 -40.27 -6.69 -8.92
N ASP F 114 -41.10 -6.78 -7.89
CA ASP F 114 -42.37 -6.06 -7.91
C ASP F 114 -42.12 -4.55 -7.87
N PHE F 115 -43.11 -3.82 -8.36
CA PHE F 115 -43.00 -2.38 -8.50
C PHE F 115 -42.64 -1.71 -7.18
N GLN F 116 -41.58 -0.89 -7.22
CA GLN F 116 -41.12 -0.12 -6.05
C GLN F 116 -40.88 -1.01 -4.82
N ALA F 117 -40.35 -2.21 -5.03
CA ALA F 117 -39.94 -3.11 -3.96
C ALA F 117 -38.42 -3.17 -3.91
N VAL F 118 -37.83 -2.93 -2.74
CA VAL F 118 -36.39 -2.96 -2.55
C VAL F 118 -36.08 -3.69 -1.26
N ASP F 119 -34.86 -4.25 -1.18
CA ASP F 119 -34.37 -4.92 0.02
C ASP F 119 -33.88 -3.89 1.04
N ILE F 120 -34.85 -3.18 1.64
CA ILE F 120 -34.54 -2.12 2.59
C ILE F 120 -33.86 -2.69 3.82
N GLU F 121 -34.14 -3.97 4.13
CA GLU F 121 -33.53 -4.66 5.26
C GLU F 121 -32.02 -4.66 5.15
N ALA F 122 -31.49 -5.16 4.02
CA ALA F 122 -30.05 -5.20 3.83
C ALA F 122 -29.45 -3.80 3.72
N ILE F 123 -30.20 -2.83 3.19
CA ILE F 123 -29.61 -1.51 3.00
C ILE F 123 -29.47 -0.79 4.34
N ALA F 124 -30.47 -0.88 5.20
CA ALA F 124 -30.47 -0.14 6.46
C ALA F 124 -29.71 -0.84 7.59
N LYS F 125 -29.32 -2.10 7.43
CA LYS F 125 -28.68 -2.79 8.54
C LYS F 125 -27.40 -2.11 9.04
N PRO F 126 -26.49 -1.64 8.19
CA PRO F 126 -25.27 -0.99 8.72
C PRO F 126 -25.55 0.25 9.55
N VAL F 127 -26.72 0.89 9.43
CA VAL F 127 -27.01 2.15 10.09
C VAL F 127 -28.25 2.08 10.99
N SER F 128 -28.47 0.93 11.63
CA SER F 128 -29.57 0.80 12.59
C SER F 128 -29.24 -0.28 13.61
N LYS F 129 -29.86 -0.17 14.79
CA LYS F 129 -29.80 -1.26 15.77
C LYS F 129 -30.64 -2.45 15.32
N MET F 130 -31.69 -2.21 14.54
CA MET F 130 -32.45 -3.29 13.96
C MET F 130 -33.16 -2.75 12.72
N ALA F 131 -33.18 -3.57 11.67
CA ALA F 131 -33.87 -3.26 10.43
C ALA F 131 -34.49 -4.57 9.97
N VAL F 132 -35.81 -4.67 9.97
CA VAL F 132 -36.40 -5.99 9.76
C VAL F 132 -37.72 -5.86 8.99
N THR F 133 -37.89 -6.76 8.02
CA THR F 133 -39.17 -6.96 7.35
C THR F 133 -39.97 -7.99 8.15
N VAL F 134 -41.15 -7.61 8.60
CA VAL F 134 -42.00 -8.48 9.41
C VAL F 134 -42.71 -9.47 8.50
N ARG F 135 -42.51 -10.77 8.75
CA ARG F 135 -43.02 -11.80 7.86
C ARG F 135 -44.34 -12.41 8.32
N GLU F 136 -44.86 -12.03 9.49
CA GLU F 136 -46.10 -12.58 10.01
C GLU F 136 -46.90 -11.48 10.69
N ALA F 137 -48.21 -11.49 10.50
CA ALA F 137 -49.02 -10.40 11.05
C ALA F 137 -48.97 -10.39 12.58
N ALA F 138 -48.97 -11.58 13.21
CA ALA F 138 -48.95 -11.63 14.67
C ALA F 138 -47.64 -11.10 15.24
N LEU F 139 -46.56 -11.10 14.45
CA LEU F 139 -45.28 -10.57 14.90
C LEU F 139 -45.22 -9.05 14.91
N VAL F 140 -46.14 -8.35 14.25
CA VAL F 140 -46.05 -6.89 14.19
C VAL F 140 -45.98 -6.27 15.59
N PRO F 141 -46.89 -6.57 16.52
CA PRO F 141 -46.75 -5.98 17.86
C PRO F 141 -45.44 -6.35 18.56
N ARG F 142 -44.92 -7.56 18.30
CA ARG F 142 -43.71 -8.01 18.97
C ARG F 142 -42.47 -7.36 18.38
N VAL F 143 -42.41 -7.16 17.07
CA VAL F 143 -41.27 -6.46 16.51
C VAL F 143 -41.22 -5.03 17.04
N LEU F 144 -42.38 -4.38 17.14
CA LEU F 144 -42.42 -3.04 17.70
C LEU F 144 -42.02 -3.06 19.17
N GLN F 145 -42.43 -4.12 19.88
CA GLN F 145 -42.08 -4.24 21.29
C GLN F 145 -40.58 -4.35 21.44
N GLN F 146 -39.94 -5.17 20.61
CA GLN F 146 -38.48 -5.26 20.67
C GLN F 146 -37.83 -3.95 20.23
N ALA F 147 -38.40 -3.28 19.22
CA ALA F 147 -37.77 -2.06 18.69
C ALA F 147 -37.67 -0.99 19.77
N PHE F 148 -38.72 -0.84 20.58
CA PHE F 148 -38.71 0.19 21.60
C PHE F 148 -37.68 -0.14 22.69
N HIS F 149 -37.54 -1.43 23.03
CA HIS F 149 -36.47 -1.82 23.94
C HIS F 149 -35.10 -1.50 23.36
N LEU F 150 -34.89 -1.80 22.07
CA LEU F 150 -33.59 -1.51 21.47
C LEU F 150 -33.33 -0.02 21.42
N MET F 151 -34.38 0.78 21.20
CA MET F 151 -34.16 2.21 21.02
C MET F 151 -33.87 2.90 22.34
N ARG F 152 -34.22 2.30 23.48
CA ARG F 152 -33.95 2.91 24.78
C ARG F 152 -32.78 2.30 25.53
N SER F 153 -32.38 1.06 25.20
CA SER F 153 -31.41 0.32 26.00
C SER F 153 -29.98 0.53 25.51
N GLY F 154 -29.03 0.29 26.42
CA GLY F 154 -27.63 0.29 26.05
C GLY F 154 -27.23 1.61 25.41
N ARG F 155 -26.42 1.52 24.35
CA ARG F 155 -26.21 2.69 23.50
C ARG F 155 -27.40 2.82 22.56
N PRO F 156 -28.17 3.91 22.64
CA PRO F 156 -29.38 4.02 21.81
C PRO F 156 -29.05 4.18 20.34
N GLY F 157 -30.00 3.77 19.50
CA GLY F 157 -29.90 3.91 18.07
C GLY F 157 -31.24 3.68 17.39
N PRO F 158 -31.34 4.01 16.11
CA PRO F 158 -32.62 3.91 15.40
C PRO F 158 -32.98 2.48 15.02
N VAL F 159 -34.27 2.31 14.70
CA VAL F 159 -34.80 1.05 14.19
C VAL F 159 -35.66 1.34 12.96
N LEU F 160 -35.56 0.48 11.95
CA LEU F 160 -36.47 0.52 10.80
C LEU F 160 -37.32 -0.75 10.79
N VAL F 161 -38.63 -0.58 10.64
CA VAL F 161 -39.57 -1.69 10.56
C VAL F 161 -40.22 -1.63 9.18
N ASP F 162 -40.11 -2.72 8.42
CA ASP F 162 -40.59 -2.81 7.05
C ASP F 162 -41.81 -3.73 7.02
N LEU F 163 -42.94 -3.23 6.52
CA LEU F 163 -44.24 -3.92 6.68
C LEU F 163 -44.84 -4.33 5.34
N PRO F 164 -44.79 -5.61 4.97
CA PRO F 164 -45.44 -6.05 3.72
C PRO F 164 -46.93 -5.78 3.77
N PHE F 165 -47.47 -5.42 2.59
CA PHE F 165 -48.86 -4.99 2.52
C PHE F 165 -49.82 -6.03 3.09
N ASP F 166 -49.64 -7.30 2.72
CA ASP F 166 -50.54 -8.33 3.24
C ASP F 166 -50.36 -8.54 4.74
N VAL F 167 -49.15 -8.33 5.28
CA VAL F 167 -48.98 -8.47 6.72
C VAL F 167 -49.72 -7.37 7.46
N GLN F 168 -49.78 -6.17 6.87
CA GLN F 168 -50.46 -5.05 7.50
C GLN F 168 -51.95 -5.32 7.66
N VAL F 169 -52.60 -5.83 6.61
CA VAL F 169 -54.05 -5.91 6.61
C VAL F 169 -54.58 -7.22 7.21
N ALA F 170 -53.71 -8.18 7.50
CA ALA F 170 -54.16 -9.48 7.98
C ALA F 170 -54.78 -9.38 9.39
N GLU F 171 -55.88 -10.08 9.58
CA GLU F 171 -56.54 -10.14 10.89
C GLU F 171 -55.71 -10.92 11.91
N ILE F 172 -55.61 -10.39 13.12
CA ILE F 172 -55.01 -11.10 14.25
C ILE F 172 -55.88 -10.86 15.48
N GLU F 173 -55.61 -11.64 16.52
CA GLU F 173 -56.26 -11.49 17.82
C GLU F 173 -55.30 -10.82 18.79
N PHE F 174 -55.68 -9.66 19.33
CA PHE F 174 -54.75 -8.87 20.13
C PHE F 174 -55.50 -8.18 21.26
N ASP F 175 -54.88 -8.12 22.43
CA ASP F 175 -55.50 -7.48 23.59
C ASP F 175 -54.66 -6.29 24.03
N PRO F 176 -55.09 -5.06 23.73
CA PRO F 176 -54.33 -3.88 24.18
C PRO F 176 -54.15 -3.80 25.68
N ASP F 177 -55.11 -4.32 26.45
CA ASP F 177 -55.00 -4.25 27.90
C ASP F 177 -53.88 -5.14 28.48
N MET F 178 -53.44 -6.18 27.75
CA MET F 178 -52.35 -7.00 28.27
C MET F 178 -50.96 -6.54 27.85
N TYR F 179 -50.85 -5.61 26.89
CA TYR F 179 -49.53 -5.23 26.40
C TYR F 179 -48.74 -4.48 27.47
N GLU F 180 -47.47 -4.83 27.63
CA GLU F 180 -46.59 -4.07 28.48
C GLU F 180 -45.25 -3.88 27.79
N PRO F 181 -44.70 -2.67 27.84
CA PRO F 181 -43.38 -2.43 27.26
C PRO F 181 -42.30 -3.23 27.99
N LEU F 182 -41.28 -3.62 27.23
CA LEU F 182 -40.17 -4.36 27.83
C LEU F 182 -39.35 -3.48 28.77
N PRO F 183 -38.70 -4.08 29.76
CA PRO F 183 -37.76 -3.33 30.60
C PRO F 183 -36.57 -2.80 29.80
N VAL F 184 -36.04 -1.67 30.27
CA VAL F 184 -34.92 -1.02 29.60
C VAL F 184 -33.62 -1.52 30.21
N TYR F 185 -32.68 -1.92 29.35
CA TYR F 185 -31.38 -2.39 29.84
C TYR F 185 -30.41 -1.22 29.93
N LYS F 186 -29.96 -0.91 31.16
CA LYS F 186 -28.91 0.08 31.42
C LYS F 186 -27.94 -0.45 32.46
N PRO F 187 -26.71 -0.75 32.09
CA PRO F 187 -25.71 -1.13 33.11
C PRO F 187 -25.40 0.02 34.05
N ALA F 188 -25.08 -0.33 35.30
CA ALA F 188 -24.71 0.66 36.32
C ALA F 188 -23.32 0.37 36.86
N ALA F 189 -22.57 1.43 37.14
CA ALA F 189 -21.26 1.28 37.77
C ALA F 189 -21.40 0.85 39.23
N SER F 190 -20.49 -0.01 39.67
CA SER F 190 -20.43 -0.41 41.07
C SER F 190 -19.80 0.68 41.92
N ARG F 191 -20.07 0.61 43.22
CA ARG F 191 -19.41 1.51 44.17
C ARG F 191 -17.89 1.37 44.10
N MET F 192 -17.37 0.16 43.87
CA MET F 192 -15.93 -0.01 43.77
C MET F 192 -15.35 0.79 42.60
N GLN F 193 -16.09 0.86 41.47
CA GLN F 193 -15.61 1.66 40.35
C GLN F 193 -15.61 3.14 40.68
N ILE F 194 -16.72 3.63 41.25
CA ILE F 194 -16.88 5.05 41.47
C ILE F 194 -15.90 5.54 42.52
N GLU F 195 -15.70 4.76 43.58
CA GLU F 195 -14.73 5.18 44.60
C GLU F 195 -13.31 5.22 44.03
N LYS F 196 -12.97 4.27 43.14
CA LYS F 196 -11.68 4.37 42.47
C LYS F 196 -11.62 5.60 41.56
N ALA F 197 -12.74 6.00 40.97
CA ALA F 197 -12.72 7.18 40.10
C ALA F 197 -12.55 8.44 40.94
N VAL F 198 -13.30 8.56 42.03
CA VAL F 198 -13.23 9.77 42.83
C VAL F 198 -11.86 9.89 43.46
N GLU F 199 -11.26 8.75 43.83
CA GLU F 199 -9.93 8.78 44.43
C GLU F 199 -8.89 9.33 43.44
N MET F 200 -9.03 8.98 42.15
CA MET F 200 -8.12 9.53 41.14
C MET F 200 -8.35 11.03 40.94
N LEU F 201 -9.61 11.47 40.98
CA LEU F 201 -9.91 12.88 40.86
C LEU F 201 -9.30 13.67 42.02
N ILE F 202 -9.40 13.13 43.24
CA ILE F 202 -8.88 13.82 44.42
C ILE F 202 -7.37 14.04 44.29
N GLN F 203 -6.67 13.10 43.67
CA GLN F 203 -5.23 13.23 43.53
C GLN F 203 -4.82 14.16 42.41
N ALA F 204 -5.68 14.43 41.44
CA ALA F 204 -5.30 15.32 40.35
C ALA F 204 -5.17 16.75 40.86
N GLU F 205 -4.17 17.45 40.35
CA GLU F 205 -3.97 18.86 40.74
C GLU F 205 -4.74 19.84 39.87
N ARG F 206 -4.95 19.55 38.58
CA ARG F 206 -5.71 20.42 37.68
C ARG F 206 -6.68 19.58 36.84
N PRO F 207 -7.72 19.02 37.47
CA PRO F 207 -8.67 18.19 36.74
C PRO F 207 -9.68 18.99 35.92
N VAL F 208 -10.14 18.37 34.83
CA VAL F 208 -11.34 18.81 34.14
C VAL F 208 -12.28 17.62 33.98
N ILE F 209 -13.58 17.91 34.03
CA ILE F 209 -14.62 16.98 33.59
C ILE F 209 -14.99 17.29 32.15
N VAL F 210 -14.93 16.29 31.26
CA VAL F 210 -15.46 16.45 29.90
C VAL F 210 -16.81 15.76 29.87
N ALA F 211 -17.87 16.56 29.77
CA ALA F 211 -19.25 16.07 29.84
C ALA F 211 -19.77 15.86 28.42
N GLY F 212 -19.94 14.60 28.04
CA GLY F 212 -20.34 14.25 26.68
C GLY F 212 -21.85 14.14 26.52
N GLY F 213 -22.26 13.79 25.28
CA GLY F 213 -23.67 13.70 24.97
C GLY F 213 -24.38 12.56 25.68
N GLY F 214 -23.61 11.57 26.17
CA GLY F 214 -24.21 10.52 26.99
C GLY F 214 -24.84 11.06 28.27
N VAL F 215 -24.34 12.20 28.79
CA VAL F 215 -24.93 12.80 29.98
C VAL F 215 -26.35 13.26 29.68
N ILE F 216 -26.54 13.94 28.55
CA ILE F 216 -27.87 14.39 28.14
C ILE F 216 -28.74 13.19 27.75
N ASN F 217 -28.15 12.20 27.09
CA ASN F 217 -28.89 11.02 26.68
C ASN F 217 -29.50 10.32 27.89
N ALA F 218 -28.76 10.29 29.00
CA ALA F 218 -29.21 9.66 30.24
C ALA F 218 -30.12 10.56 31.07
N ASP F 219 -30.35 11.81 30.63
CA ASP F 219 -31.15 12.79 31.37
C ASP F 219 -30.53 13.09 32.73
N ALA F 220 -29.21 13.29 32.73
CA ALA F 220 -28.44 13.43 33.96
C ALA F 220 -27.77 14.80 34.08
N ALA F 221 -28.27 15.84 33.41
CA ALA F 221 -27.58 17.12 33.41
C ALA F 221 -27.52 17.72 34.83
N ALA F 222 -28.61 17.63 35.57
CA ALA F 222 -28.64 18.21 36.91
C ALA F 222 -27.62 17.52 37.81
N LEU F 223 -27.48 16.19 37.67
CA LEU F 223 -26.46 15.47 38.40
C LEU F 223 -25.06 15.85 37.93
N LEU F 224 -24.89 16.17 36.66
CA LEU F 224 -23.55 16.53 36.21
C LEU F 224 -23.13 17.86 36.84
N GLN F 225 -24.04 18.83 36.84
CA GLN F 225 -23.75 20.11 37.46
C GLN F 225 -23.53 19.94 38.96
N GLN F 226 -24.32 19.09 39.61
CA GLN F 226 -24.18 18.92 41.05
C GLN F 226 -22.84 18.27 41.39
N PHE F 227 -22.42 17.26 40.61
CA PHE F 227 -21.15 16.61 40.89
C PHE F 227 -19.98 17.56 40.68
N ALA F 228 -20.06 18.40 39.63
CA ALA F 228 -18.98 19.36 39.42
C ALA F 228 -18.95 20.42 40.50
N GLU F 229 -20.12 20.80 41.02
CA GLU F 229 -20.17 21.79 42.09
C GLU F 229 -19.56 21.25 43.39
N LEU F 230 -19.87 20.00 43.74
CA LEU F 230 -19.36 19.43 44.99
C LEU F 230 -17.85 19.31 44.98
N THR F 231 -17.28 18.94 43.84
CA THR F 231 -15.85 18.75 43.71
C THR F 231 -15.13 20.01 43.25
N SER F 232 -15.87 21.05 42.89
CA SER F 232 -15.29 22.29 42.38
C SER F 232 -14.36 22.01 41.19
N VAL F 233 -14.83 21.24 40.22
CA VAL F 233 -14.04 20.83 39.06
C VAL F 233 -14.64 21.46 37.80
N PRO F 234 -13.86 22.21 37.01
CA PRO F 234 -14.38 22.83 35.79
C PRO F 234 -14.85 21.79 34.78
N VAL F 235 -15.89 22.15 34.02
CA VAL F 235 -16.54 21.27 33.06
C VAL F 235 -16.29 21.77 31.64
N ILE F 236 -15.86 20.87 30.77
CA ILE F 236 -15.71 21.13 29.35
C ILE F 236 -16.69 20.25 28.60
N PRO F 237 -17.87 20.77 28.22
CA PRO F 237 -18.78 19.95 27.41
C PRO F 237 -18.17 19.63 26.04
N THR F 238 -18.41 18.42 25.55
CA THR F 238 -18.23 18.20 24.13
C THR F 238 -19.31 18.94 23.37
N LEU F 239 -19.19 18.96 22.04
CA LEU F 239 -20.27 19.60 21.28
C LEU F 239 -21.59 18.90 21.54
N MET F 240 -21.59 17.58 21.77
CA MET F 240 -22.85 16.90 22.08
C MET F 240 -23.27 17.03 23.54
N GLY F 241 -22.34 17.32 24.45
CA GLY F 241 -22.72 17.61 25.81
C GLY F 241 -23.14 19.04 26.08
N TRP F 242 -23.00 19.92 25.08
CA TRP F 242 -23.17 21.36 25.29
C TRP F 242 -24.56 21.65 25.83
N GLY F 243 -24.63 22.45 26.90
CA GLY F 243 -25.88 22.70 27.58
C GLY F 243 -26.14 21.86 28.81
N CYS F 244 -25.32 20.84 29.09
CA CYS F 244 -25.58 20.06 30.30
C CYS F 244 -25.16 20.81 31.57
N ILE F 245 -24.37 21.87 31.45
CA ILE F 245 -24.19 22.84 32.52
C ILE F 245 -24.34 24.19 31.84
N PRO F 246 -24.98 25.19 32.47
CA PRO F 246 -25.20 26.47 31.77
C PRO F 246 -23.89 27.15 31.41
N ASP F 247 -23.90 27.87 30.28
CA ASP F 247 -22.71 28.54 29.80
C ASP F 247 -22.26 29.70 30.70
N ASP F 248 -23.11 30.22 31.57
CA ASP F 248 -22.70 31.21 32.55
C ASP F 248 -22.38 30.62 33.91
N HIS F 249 -22.35 29.31 34.04
CA HIS F 249 -21.92 28.69 35.29
C HIS F 249 -20.44 28.95 35.51
N GLU F 250 -20.07 29.20 36.77
CA GLU F 250 -18.69 29.57 37.08
C GLU F 250 -17.72 28.44 36.76
N LEU F 251 -18.19 27.18 36.75
CA LEU F 251 -17.32 26.06 36.41
C LEU F 251 -17.32 25.70 34.93
N MET F 252 -18.18 26.29 34.12
CA MET F 252 -18.18 25.98 32.69
C MET F 252 -16.94 26.60 32.05
N ALA F 253 -16.05 25.74 31.52
CA ALA F 253 -14.72 26.15 31.12
C ALA F 253 -14.54 26.30 29.61
N GLY F 254 -15.62 26.24 28.83
CA GLY F 254 -15.51 26.33 27.38
C GLY F 254 -15.46 24.96 26.70
N MET F 255 -15.54 24.99 25.36
CA MET F 255 -15.42 23.77 24.57
C MET F 255 -14.02 23.61 23.99
N VAL F 256 -13.69 22.36 23.68
CA VAL F 256 -12.37 21.93 23.25
C VAL F 256 -12.48 21.29 21.87
N GLY F 257 -11.43 21.46 21.05
CA GLY F 257 -11.36 20.73 19.80
C GLY F 257 -10.78 21.56 18.66
N LEU F 258 -10.92 20.99 17.46
CA LEU F 258 -10.30 21.49 16.24
C LEU F 258 -11.11 22.57 15.53
N GLN F 259 -12.43 22.63 15.75
CA GLN F 259 -13.27 23.58 15.01
C GLN F 259 -14.30 24.24 15.92
N THR F 260 -15.25 23.48 16.46
CA THR F 260 -16.29 24.07 17.31
C THR F 260 -15.76 24.14 18.74
N ALA F 261 -14.87 25.10 18.97
CA ALA F 261 -14.19 25.17 20.25
C ALA F 261 -13.77 26.60 20.50
N HIS F 262 -13.34 26.83 21.74
CA HIS F 262 -12.86 28.12 22.21
C HIS F 262 -11.35 28.08 22.41
N ARG F 263 -10.70 29.23 22.19
CA ARG F 263 -9.28 29.32 22.51
C ARG F 263 -9.05 29.02 23.99
N TYR F 264 -9.92 29.51 24.87
CA TYR F 264 -9.74 29.26 26.29
C TYR F 264 -10.04 27.82 26.67
N GLY F 265 -10.91 27.15 25.91
CA GLY F 265 -11.17 25.75 26.19
C GLY F 265 -9.95 24.89 25.89
N ASN F 266 -9.36 25.06 24.70
CA ASN F 266 -8.18 24.27 24.36
C ASN F 266 -7.02 24.59 25.31
N ALA F 267 -6.87 25.87 25.67
CA ALA F 267 -5.79 26.22 26.57
C ALA F 267 -5.96 25.55 27.93
N THR F 268 -7.21 25.49 28.42
CA THR F 268 -7.46 24.84 29.71
C THR F 268 -7.22 23.32 29.65
N LEU F 269 -7.61 22.66 28.54
CA LEU F 269 -7.38 21.22 28.48
C LEU F 269 -5.89 20.92 28.45
N LEU F 270 -5.12 21.70 27.70
CA LEU F 270 -3.68 21.50 27.61
C LEU F 270 -2.96 21.81 28.91
N ALA F 271 -3.54 22.67 29.76
CA ALA F 271 -2.94 22.90 31.08
C ALA F 271 -3.35 21.87 32.12
N SER F 272 -4.39 21.07 31.86
CA SER F 272 -4.91 20.13 32.85
C SER F 272 -4.01 18.90 32.97
N ASP F 273 -4.10 18.23 34.12
CA ASP F 273 -3.42 16.95 34.34
C ASP F 273 -4.37 15.75 34.47
N MET F 274 -5.68 15.96 34.39
CA MET F 274 -6.61 14.84 34.28
C MET F 274 -7.86 15.22 33.50
N VAL F 275 -8.31 14.32 32.64
CA VAL F 275 -9.60 14.45 31.96
C VAL F 275 -10.51 13.35 32.48
N PHE F 276 -11.61 13.76 33.09
CA PHE F 276 -12.64 12.89 33.64
C PHE F 276 -13.81 12.90 32.66
N GLY F 277 -13.81 11.97 31.72
CA GLY F 277 -14.85 11.92 30.71
C GLY F 277 -16.08 11.12 31.09
N ILE F 278 -17.24 11.78 31.11
CA ILE F 278 -18.52 11.18 31.46
C ILE F 278 -19.41 11.24 30.21
N GLY F 279 -19.66 10.09 29.59
CA GLY F 279 -20.61 10.07 28.49
C GLY F 279 -20.08 10.67 27.19
N ASN F 280 -18.79 10.90 27.10
CA ASN F 280 -18.13 11.36 25.89
C ASN F 280 -17.52 10.17 25.16
N ARG F 281 -16.92 10.42 24.00
CA ARG F 281 -16.25 9.31 23.32
C ARG F 281 -14.91 9.72 22.71
N PHE F 282 -14.41 10.91 23.01
CA PHE F 282 -13.10 11.36 22.52
C PHE F 282 -13.03 11.31 20.98
N ALA F 283 -13.98 12.01 20.35
CA ALA F 283 -14.03 12.08 18.90
C ALA F 283 -12.81 12.81 18.33
N GLN F 284 -12.45 12.46 17.09
CA GLN F 284 -11.25 13.03 16.47
C GLN F 284 -11.32 14.55 16.41
N ARG F 285 -12.50 15.10 16.12
CA ARG F 285 -12.70 16.55 16.08
C ARG F 285 -12.50 17.20 17.46
N HIS F 286 -12.69 16.44 18.53
CA HIS F 286 -12.47 16.95 19.88
C HIS F 286 -11.02 16.83 20.33
N THR F 287 -10.31 15.77 19.94
CA THR F 287 -9.00 15.50 20.52
C THR F 287 -7.83 15.95 19.66
N GLY F 288 -7.99 15.99 18.34
CA GLY F 288 -6.79 16.05 17.53
C GLY F 288 -6.05 14.73 17.62
N SER F 289 -4.74 14.78 17.43
CA SER F 289 -3.95 13.57 17.66
C SER F 289 -4.03 13.19 19.14
N VAL F 290 -4.44 11.94 19.41
CA VAL F 290 -4.71 11.56 20.78
C VAL F 290 -3.43 11.59 21.62
N GLU F 291 -2.27 11.39 20.99
CA GLU F 291 -1.01 11.46 21.73
C GLU F 291 -0.80 12.82 22.37
N LYS F 292 -1.18 13.89 21.65
CA LYS F 292 -1.07 15.24 22.22
C LYS F 292 -2.18 15.50 23.24
N TYR F 293 -3.41 15.05 22.95
CA TYR F 293 -4.51 15.27 23.88
C TYR F 293 -4.25 14.56 25.20
N THR F 294 -3.64 13.39 25.15
CA THR F 294 -3.49 12.58 26.35
C THR F 294 -2.18 12.85 27.09
N GLU F 295 -1.28 13.66 26.52
CA GLU F 295 0.07 13.81 27.05
C GLU F 295 0.04 14.46 28.43
N GLY F 296 0.61 13.78 29.42
CA GLY F 296 0.69 14.34 30.75
C GLY F 296 -0.62 14.39 31.52
N ARG F 297 -1.60 13.56 31.14
CA ARG F 297 -2.93 13.60 31.73
C ARG F 297 -3.42 12.18 32.01
N LYS F 298 -4.02 11.98 33.18
CA LYS F 298 -4.80 10.79 33.44
C LYS F 298 -6.17 10.91 32.76
N ILE F 299 -6.73 9.76 32.35
CA ILE F 299 -7.98 9.72 31.60
C ILE F 299 -8.93 8.73 32.29
N VAL F 300 -10.07 9.24 32.77
CA VAL F 300 -11.21 8.43 33.18
C VAL F 300 -12.23 8.50 32.05
N HIS F 301 -12.90 7.37 31.78
CA HIS F 301 -13.92 7.31 30.73
C HIS F 301 -15.09 6.47 31.23
N ILE F 302 -16.26 7.09 31.36
CA ILE F 302 -17.49 6.39 31.72
C ILE F 302 -18.40 6.41 30.49
N ASP F 303 -18.81 5.23 30.06
CA ASP F 303 -19.60 5.10 28.84
C ASP F 303 -20.51 3.88 28.98
N ILE F 304 -21.73 4.00 28.45
CA ILE F 304 -22.69 2.91 28.60
C ILE F 304 -22.33 1.73 27.71
N GLU F 305 -21.44 1.93 26.72
CA GLU F 305 -21.17 0.95 25.68
C GLU F 305 -19.77 0.37 25.84
N PRO F 306 -19.64 -0.91 26.16
CA PRO F 306 -18.29 -1.43 26.46
C PRO F 306 -17.28 -1.24 25.34
N THR F 307 -17.70 -1.34 24.08
CA THR F 307 -16.72 -1.25 23.00
C THR F 307 -16.38 0.18 22.63
N GLN F 308 -16.94 1.16 23.32
CA GLN F 308 -16.48 2.53 23.20
C GLN F 308 -15.26 2.83 24.07
N ILE F 309 -14.92 1.97 25.01
CA ILE F 309 -13.89 2.27 25.99
C ILE F 309 -12.56 1.67 25.50
N GLY F 310 -11.61 2.55 25.20
CA GLY F 310 -10.39 2.13 24.57
C GLY F 310 -10.43 2.13 23.06
N ARG F 311 -11.53 2.56 22.47
CA ARG F 311 -11.63 2.54 21.00
C ARG F 311 -10.66 3.52 20.35
N VAL F 312 -10.42 4.68 20.96
CA VAL F 312 -9.52 5.66 20.37
C VAL F 312 -8.30 5.94 21.24
N LEU F 313 -8.34 5.65 22.53
CA LEU F 313 -7.18 5.74 23.41
C LEU F 313 -7.43 4.82 24.59
N CYS F 314 -6.36 4.43 25.30
CA CYS F 314 -6.53 3.54 26.43
C CYS F 314 -6.71 4.40 27.67
N PRO F 315 -7.89 4.43 28.30
CA PRO F 315 -8.07 5.19 29.53
C PRO F 315 -7.31 4.59 30.69
N ASP F 316 -6.93 5.45 31.65
CA ASP F 316 -6.41 4.93 32.90
C ASP F 316 -7.49 4.20 33.69
N LEU F 317 -8.75 4.59 33.54
CA LEU F 317 -9.84 3.92 34.22
C LEU F 317 -11.07 4.04 33.32
N GLY F 318 -11.49 2.92 32.75
CA GLY F 318 -12.70 2.85 31.95
C GLY F 318 -13.78 2.12 32.74
N ILE F 319 -14.98 2.66 32.72
CA ILE F 319 -16.10 2.16 33.51
C ILE F 319 -17.32 2.07 32.60
N VAL F 320 -17.96 0.90 32.57
CA VAL F 320 -19.18 0.70 31.81
C VAL F 320 -20.35 1.09 32.69
N SER F 321 -21.08 2.14 32.30
CA SER F 321 -22.21 2.59 33.09
C SER F 321 -23.07 3.58 32.30
N ASP F 322 -24.39 3.49 32.48
CA ASP F 322 -25.26 4.58 32.12
C ASP F 322 -24.87 5.82 32.94
N ALA F 323 -24.93 6.98 32.28
CA ALA F 323 -24.40 8.19 32.90
C ALA F 323 -25.19 8.62 34.12
N LYS F 324 -26.50 8.40 34.14
CA LYS F 324 -27.28 8.80 35.30
C LYS F 324 -26.93 7.95 36.52
N ALA F 325 -26.82 6.63 36.32
CA ALA F 325 -26.46 5.78 37.44
C ALA F 325 -25.07 6.14 37.95
N ALA F 326 -24.14 6.40 37.04
CA ALA F 326 -22.78 6.74 37.45
C ALA F 326 -22.75 8.07 38.22
N LEU F 327 -23.56 9.05 37.77
CA LEU F 327 -23.55 10.37 38.43
C LEU F 327 -24.27 10.37 39.76
N THR F 328 -25.35 9.58 39.90
CA THR F 328 -25.98 9.45 41.21
C THR F 328 -24.98 8.93 42.23
N LEU F 329 -24.19 7.92 41.84
CA LEU F 329 -23.21 7.35 42.75
C LEU F 329 -22.03 8.29 42.95
N LEU F 330 -21.60 8.98 41.89
CA LEU F 330 -20.53 9.96 42.05
C LEU F 330 -20.94 11.06 43.03
N VAL F 331 -22.18 11.55 42.93
CA VAL F 331 -22.63 12.59 43.86
C VAL F 331 -22.63 12.06 45.28
N GLU F 332 -23.09 10.82 45.46
CA GLU F 332 -23.15 10.24 46.79
C GLU F 332 -21.76 10.07 47.40
N VAL F 333 -20.82 9.56 46.60
CA VAL F 333 -19.44 9.39 47.07
C VAL F 333 -18.78 10.75 47.29
N ALA F 334 -19.07 11.71 46.41
CA ALA F 334 -18.53 13.06 46.60
C ALA F 334 -18.99 13.65 47.93
N GLN F 335 -20.28 13.46 48.26
CA GLN F 335 -20.79 14.00 49.51
C GLN F 335 -20.12 13.32 50.69
N GLU F 336 -19.84 12.01 50.57
CA GLU F 336 -19.15 11.30 51.64
C GLU F 336 -17.74 11.85 51.82
N MET F 337 -17.05 12.14 50.71
CA MET F 337 -15.72 12.74 50.78
C MET F 337 -15.78 14.16 51.34
N GLN F 338 -16.90 14.86 51.17
CA GLN F 338 -17.06 16.17 51.80
C GLN F 338 -17.27 16.05 53.32
N LYS F 339 -17.99 15.02 53.77
CA LYS F 339 -18.20 14.82 55.20
C LYS F 339 -16.88 14.54 55.91
N ALA F 340 -16.03 13.70 55.30
CA ALA F 340 -14.63 13.64 55.67
C ALA F 340 -13.93 14.87 55.09
N GLY F 341 -12.67 15.06 55.46
CA GLY F 341 -12.01 16.27 54.98
C GLY F 341 -11.37 16.11 53.61
N ARG F 342 -11.75 15.07 52.88
CA ARG F 342 -10.93 14.52 51.80
C ARG F 342 -11.01 15.27 50.47
N LEU F 343 -11.93 16.22 50.29
CA LEU F 343 -12.07 16.88 48.98
C LEU F 343 -11.12 18.07 48.93
N PRO F 344 -10.14 18.09 48.03
CA PRO F 344 -9.22 19.23 47.95
C PRO F 344 -9.93 20.51 47.52
N CYS F 345 -9.44 21.62 48.07
CA CYS F 345 -9.82 22.94 47.56
C CYS F 345 -9.17 23.18 46.21
N ARG F 346 -9.88 23.89 45.32
CA ARG F 346 -9.38 24.06 43.95
C ARG F 346 -9.51 25.48 43.43
N LYS F 347 -9.62 26.48 44.32
CA LYS F 347 -9.89 27.82 43.81
C LYS F 347 -8.74 28.37 42.96
N GLU F 348 -7.50 27.94 43.23
CA GLU F 348 -6.38 28.34 42.36
C GLU F 348 -6.60 27.87 40.92
N TRP F 349 -6.90 26.58 40.74
CA TRP F 349 -7.08 26.03 39.40
C TRP F 349 -8.33 26.59 38.73
N VAL F 350 -9.40 26.80 39.49
CA VAL F 350 -10.63 27.34 38.93
C VAL F 350 -10.41 28.76 38.42
N ALA F 351 -9.77 29.59 39.24
CA ALA F 351 -9.51 30.97 38.83
C ALA F 351 -8.62 31.03 37.60
N ASP F 352 -7.65 30.11 37.49
CA ASP F 352 -6.80 30.07 36.30
C ASP F 352 -7.62 29.81 35.05
N CYS F 353 -8.62 28.92 35.16
CA CYS F 353 -9.49 28.64 34.02
C CYS F 353 -10.39 29.83 33.71
N GLN F 354 -10.91 30.50 34.76
CA GLN F 354 -11.74 31.67 34.54
C GLN F 354 -10.94 32.82 33.93
N GLN F 355 -9.66 32.92 34.29
CA GLN F 355 -8.84 33.99 33.73
C GLN F 355 -8.64 33.82 32.23
N ARG F 356 -8.53 32.57 31.76
CA ARG F 356 -8.44 32.33 30.32
C ARG F 356 -9.72 32.74 29.62
N LYS F 357 -10.87 32.59 30.27
CA LYS F 357 -12.14 33.01 29.68
C LYS F 357 -12.22 34.51 29.52
N ARG F 358 -11.53 35.27 30.38
CA ARG F 358 -11.54 36.72 30.23
C ARG F 358 -10.59 37.21 29.15
N THR F 359 -9.68 36.37 28.69
CA THR F 359 -8.53 36.78 27.89
C THR F 359 -8.57 36.26 26.45
N LEU F 360 -8.69 34.93 26.28
CA LEU F 360 -8.46 34.27 24.98
C LEU F 360 -9.76 34.20 24.18
N LEU F 361 -10.07 35.29 23.48
CA LEU F 361 -11.37 35.45 22.83
C LEU F 361 -11.20 35.65 21.32
N ARG F 362 -12.34 35.85 20.65
CA ARG F 362 -12.39 36.14 19.22
C ARG F 362 -13.35 37.29 19.01
N LYS F 363 -12.97 38.22 18.13
CA LYS F 363 -13.78 39.42 17.92
C LYS F 363 -15.10 39.06 17.26
N THR F 364 -16.17 39.72 17.71
CA THR F 364 -17.49 39.60 17.09
C THR F 364 -18.10 40.92 16.71
N HIS F 365 -17.69 42.04 17.32
CA HIS F 365 -18.34 43.34 17.10
C HIS F 365 -17.71 44.03 15.89
N PHE F 366 -18.19 43.64 14.70
CA PHE F 366 -17.72 44.17 13.42
C PHE F 366 -18.78 45.09 12.82
N ASP F 367 -18.37 46.29 12.43
CA ASP F 367 -19.26 47.24 11.77
C ASP F 367 -19.23 47.11 10.25
N ASN F 368 -18.47 46.16 9.73
CA ASN F 368 -18.21 46.08 8.30
C ASN F 368 -19.50 45.88 7.50
N VAL F 369 -19.52 46.43 6.29
CA VAL F 369 -20.50 46.13 5.26
C VAL F 369 -19.73 45.69 4.02
N PRO F 370 -19.97 44.50 3.46
CA PRO F 370 -20.96 43.47 3.85
C PRO F 370 -20.64 42.83 5.20
N VAL F 371 -21.69 42.30 5.84
CA VAL F 371 -21.62 41.86 7.23
C VAL F 371 -20.61 40.72 7.42
N LYS F 372 -19.85 40.82 8.50
CA LYS F 372 -19.04 39.68 8.95
C LYS F 372 -19.93 38.71 9.74
N PRO F 373 -19.85 37.40 9.49
CA PRO F 373 -20.77 36.47 10.18
C PRO F 373 -20.68 36.54 11.70
N GLN F 374 -19.50 36.81 12.26
CA GLN F 374 -19.39 36.76 13.71
C GLN F 374 -20.23 37.84 14.38
N ARG F 375 -20.53 38.94 13.69
CA ARG F 375 -21.46 39.93 14.23
C ARG F 375 -22.88 39.38 14.36
N VAL F 376 -23.27 38.45 13.48
CA VAL F 376 -24.63 37.90 13.55
C VAL F 376 -24.82 37.12 14.86
N TYR F 377 -23.83 36.32 15.25
CA TYR F 377 -23.96 35.55 16.48
C TYR F 377 -23.98 36.44 17.72
N GLU F 378 -23.23 37.55 17.67
CA GLU F 378 -23.31 38.53 18.75
C GLU F 378 -24.73 39.04 18.90
N GLU F 379 -25.36 39.44 17.78
CA GLU F 379 -26.72 39.96 17.85
C GLU F 379 -27.72 38.89 18.26
N MET F 380 -27.45 37.61 17.93
CA MET F 380 -28.35 36.55 18.35
C MET F 380 -28.30 36.38 19.86
N ASN F 381 -27.10 36.43 20.44
CA ASN F 381 -26.98 36.33 21.89
C ASN F 381 -27.71 37.48 22.58
N LYS F 382 -27.76 38.65 21.95
CA LYS F 382 -28.44 39.78 22.57
C LYS F 382 -29.94 39.70 22.41
N ALA F 383 -30.40 39.28 21.24
CA ALA F 383 -31.82 39.41 20.90
C ALA F 383 -32.68 38.35 21.58
N PHE F 384 -32.18 37.12 21.73
CA PHE F 384 -33.00 36.04 22.25
C PHE F 384 -32.69 35.76 23.72
N GLY F 385 -33.62 35.10 24.40
CA GLY F 385 -33.49 34.88 25.82
C GLY F 385 -32.56 33.74 26.16
N ARG F 386 -32.37 33.52 27.47
CA ARG F 386 -31.50 32.43 27.88
C ARG F 386 -32.15 31.06 27.70
N ASP F 387 -33.45 31.02 27.44
CA ASP F 387 -34.15 29.78 27.14
C ASP F 387 -34.15 29.46 25.63
N VAL F 388 -33.36 30.20 24.84
CA VAL F 388 -33.32 29.92 23.40
C VAL F 388 -32.78 28.52 23.15
N CYS F 389 -33.30 27.88 22.11
CA CYS F 389 -32.89 26.54 21.68
C CYS F 389 -32.46 26.61 20.22
N TYR F 390 -31.17 26.43 19.95
CA TYR F 390 -30.64 26.54 18.59
C TYR F 390 -30.63 25.19 17.87
N VAL F 391 -30.81 25.25 16.56
CA VAL F 391 -30.80 24.06 15.71
C VAL F 391 -29.90 24.38 14.52
N THR F 392 -28.97 23.47 14.21
CA THR F 392 -28.00 23.77 13.17
C THR F 392 -27.35 22.46 12.72
N THR F 393 -26.60 22.52 11.60
CA THR F 393 -26.01 21.32 11.03
C THR F 393 -24.50 21.45 10.82
N ILE F 394 -24.07 22.08 9.74
CA ILE F 394 -22.66 22.03 9.31
C ILE F 394 -22.39 23.17 8.35
N GLY F 395 -21.14 23.57 8.26
CA GLY F 395 -20.72 24.73 7.49
C GLY F 395 -20.02 25.74 8.38
N LEU F 396 -19.43 26.75 7.72
CA LEU F 396 -18.87 27.85 8.48
C LEU F 396 -19.94 28.50 9.33
N SER F 397 -21.17 28.49 8.83
CA SER F 397 -22.33 28.97 9.58
C SER F 397 -22.44 28.34 10.97
N GLN F 398 -22.32 27.00 11.06
CA GLN F 398 -22.47 26.39 12.38
C GLN F 398 -21.17 26.38 13.17
N ILE F 399 -20.01 26.26 12.52
CA ILE F 399 -18.77 26.20 13.27
C ILE F 399 -18.56 27.50 14.04
N ALA F 400 -18.70 28.64 13.35
CA ALA F 400 -18.61 29.92 14.04
C ALA F 400 -19.73 30.09 15.04
N ALA F 401 -20.93 29.57 14.71
CA ALA F 401 -22.04 29.65 15.65
C ALA F 401 -21.74 28.88 16.93
N ALA F 402 -21.10 27.71 16.81
CA ALA F 402 -20.71 26.96 18.00
C ALA F 402 -19.62 27.66 18.77
N GLN F 403 -18.77 28.44 18.08
CA GLN F 403 -17.70 29.22 18.74
C GLN F 403 -18.23 30.40 19.54
N MET F 404 -19.43 30.91 19.22
CA MET F 404 -19.77 32.27 19.60
C MET F 404 -21.16 32.41 20.21
N LEU F 405 -22.08 31.51 19.88
CA LEU F 405 -23.37 31.55 20.56
C LEU F 405 -23.27 30.90 21.93
N HIS F 406 -24.31 31.09 22.73
CA HIS F 406 -24.32 30.52 24.07
C HIS F 406 -25.70 29.94 24.39
N VAL F 407 -25.67 28.82 25.14
CA VAL F 407 -26.86 28.07 25.55
C VAL F 407 -26.78 27.80 27.04
N PHE F 408 -27.95 27.57 27.64
CA PHE F 408 -28.08 27.57 29.10
C PHE F 408 -28.93 26.42 29.65
N LYS F 409 -29.33 25.46 28.81
CA LYS F 409 -30.15 24.33 29.24
C LYS F 409 -29.81 23.14 28.36
N ASP F 410 -29.91 21.93 28.92
CA ASP F 410 -29.65 20.74 28.09
C ASP F 410 -30.77 20.55 27.07
N ARG F 411 -30.39 20.03 25.89
CA ARG F 411 -31.25 19.91 24.71
C ARG F 411 -31.70 21.27 24.18
N HIS F 412 -30.88 22.31 24.40
CA HIS F 412 -31.08 23.59 23.74
C HIS F 412 -30.00 23.88 22.71
N TRP F 413 -29.07 22.94 22.49
CA TRP F 413 -28.22 22.90 21.30
C TRP F 413 -28.56 21.62 20.57
N ILE F 414 -29.24 21.74 19.43
CA ILE F 414 -29.77 20.60 18.68
C ILE F 414 -29.00 20.54 17.38
N ASN F 415 -28.18 19.50 17.20
CA ASN F 415 -27.15 19.51 16.19
C ASN F 415 -26.70 18.07 15.91
N CYS F 416 -26.68 17.67 14.64
CA CYS F 416 -26.27 16.32 14.25
C CYS F 416 -24.75 16.29 14.16
N GLY F 417 -24.11 16.07 15.31
CA GLY F 417 -22.69 16.36 15.43
C GLY F 417 -21.79 15.48 14.60
N GLN F 418 -22.12 14.20 14.45
CA GLN F 418 -21.20 13.27 13.82
C GLN F 418 -21.42 13.12 12.31
N ALA F 419 -22.65 13.30 11.81
CA ALA F 419 -22.93 13.06 10.39
C ALA F 419 -23.13 14.34 9.59
N GLY F 420 -23.77 15.35 10.18
CA GLY F 420 -23.90 16.65 9.55
C GLY F 420 -24.44 16.69 8.13
N PRO F 421 -25.51 15.95 7.81
CA PRO F 421 -26.08 16.05 6.44
C PRO F 421 -26.64 17.44 6.16
N LEU F 422 -26.26 18.01 5.01
CA LEU F 422 -26.86 19.27 4.58
C LEU F 422 -28.35 19.10 4.36
N GLY F 423 -29.11 20.13 4.71
CA GLY F 423 -30.57 20.08 4.68
C GLY F 423 -31.20 19.62 5.98
N TRP F 424 -30.40 19.21 6.97
CA TRP F 424 -30.94 18.72 8.24
C TRP F 424 -31.69 19.81 9.00
N THR F 425 -31.32 21.08 8.79
CA THR F 425 -31.65 22.12 9.76
C THR F 425 -33.14 22.46 9.76
N ILE F 426 -33.73 22.75 8.60
CA ILE F 426 -35.14 23.14 8.59
C ILE F 426 -36.04 22.02 9.12
N PRO F 427 -35.99 20.79 8.58
CA PRO F 427 -36.85 19.74 9.17
C PRO F 427 -36.56 19.44 10.63
N ALA F 428 -35.30 19.44 11.07
CA ALA F 428 -35.03 19.16 12.49
C ALA F 428 -35.64 20.25 13.39
N ALA F 429 -35.58 21.51 12.95
CA ALA F 429 -36.19 22.59 13.72
C ALA F 429 -37.68 22.40 13.82
N LEU F 430 -38.32 22.04 12.70
CA LEU F 430 -39.75 21.78 12.75
C LEU F 430 -40.07 20.63 13.70
N GLY F 431 -39.20 19.61 13.73
CA GLY F 431 -39.43 18.51 14.64
C GLY F 431 -39.30 18.92 16.11
N VAL F 432 -38.36 19.82 16.42
CA VAL F 432 -38.26 20.28 17.80
C VAL F 432 -39.52 21.05 18.18
N CYS F 433 -40.02 21.87 17.26
CA CYS F 433 -41.21 22.66 17.54
C CYS F 433 -42.42 21.77 17.79
N ALA F 434 -42.58 20.73 16.98
CA ALA F 434 -43.70 19.81 17.21
C ALA F 434 -43.57 19.07 18.53
N ALA F 435 -42.34 18.72 18.92
CA ALA F 435 -42.16 18.10 20.24
C ALA F 435 -42.51 19.06 21.36
N ASP F 436 -42.32 20.36 21.15
CA ASP F 436 -42.50 21.34 22.23
C ASP F 436 -42.86 22.69 21.62
N PRO F 437 -44.16 22.97 21.46
CA PRO F 437 -44.60 24.27 20.93
C PRO F 437 -44.19 25.48 21.78
N LYS F 438 -43.90 25.30 23.07
CA LYS F 438 -43.44 26.40 23.89
C LYS F 438 -41.96 26.71 23.70
N ARG F 439 -41.21 25.82 23.03
CA ARG F 439 -39.78 26.01 22.88
C ARG F 439 -39.48 27.21 21.97
N ASN F 440 -38.47 28.00 22.35
CA ASN F 440 -38.12 29.20 21.61
C ASN F 440 -37.02 28.82 20.61
N VAL F 441 -37.43 28.31 19.44
CA VAL F 441 -36.49 27.66 18.54
C VAL F 441 -35.94 28.67 17.55
N VAL F 442 -34.62 28.65 17.35
CA VAL F 442 -33.94 29.54 16.42
C VAL F 442 -32.93 28.69 15.66
N ALA F 443 -33.11 28.55 14.35
CA ALA F 443 -32.22 27.79 13.50
C ALA F 443 -31.10 28.67 12.95
N ILE F 444 -29.95 28.06 12.63
CA ILE F 444 -28.88 28.74 11.91
C ILE F 444 -28.48 27.88 10.71
N SER F 445 -28.43 28.50 9.51
CA SER F 445 -28.00 27.83 8.30
C SER F 445 -27.17 28.78 7.42
N GLY F 446 -26.20 28.20 6.70
CA GLY F 446 -25.66 28.83 5.52
C GLY F 446 -26.59 28.61 4.33
N ASP F 447 -26.30 29.31 3.22
CA ASP F 447 -27.24 29.27 2.10
C ASP F 447 -27.32 27.86 1.48
N PHE F 448 -26.21 27.14 1.42
CA PHE F 448 -26.24 25.83 0.78
C PHE F 448 -27.09 24.84 1.58
N ASP F 449 -26.85 24.75 2.90
CA ASP F 449 -27.66 23.92 3.77
C ASP F 449 -29.13 24.28 3.64
N PHE F 450 -29.42 25.58 3.54
CA PHE F 450 -30.80 26.05 3.49
C PHE F 450 -31.51 25.57 2.21
N GLN F 451 -30.77 25.41 1.12
CA GLN F 451 -31.39 25.06 -0.14
C GLN F 451 -31.72 23.57 -0.26
N PHE F 452 -30.95 22.69 0.39
CA PHE F 452 -31.11 21.24 0.18
C PHE F 452 -32.56 20.81 0.34
N LEU F 453 -33.20 21.24 1.43
CA LEU F 453 -34.57 20.88 1.74
C LEU F 453 -35.42 22.13 1.96
N ILE F 454 -35.20 23.15 1.13
CA ILE F 454 -35.84 24.44 1.35
C ILE F 454 -37.36 24.30 1.36
N GLU F 455 -37.89 23.31 0.62
CA GLU F 455 -39.33 23.14 0.50
C GLU F 455 -40.03 22.80 1.81
N GLU F 456 -39.30 22.28 2.81
CA GLU F 456 -39.95 21.96 4.09
C GLU F 456 -40.47 23.22 4.79
N LEU F 457 -40.05 24.41 4.37
CA LEU F 457 -40.62 25.63 4.95
C LEU F 457 -42.12 25.64 4.77
N ALA F 458 -42.60 25.04 3.68
CA ALA F 458 -44.02 24.96 3.43
C ALA F 458 -44.72 24.03 4.41
N VAL F 459 -44.01 23.05 4.97
CA VAL F 459 -44.60 22.23 6.03
C VAL F 459 -44.89 23.09 7.25
N GLY F 460 -43.99 24.03 7.55
CA GLY F 460 -44.25 24.96 8.64
C GLY F 460 -45.32 25.98 8.31
N ALA F 461 -45.59 26.22 7.03
CA ALA F 461 -46.67 27.13 6.68
C ALA F 461 -48.03 26.44 6.67
N GLN F 462 -48.09 25.20 6.17
CA GLN F 462 -49.39 24.50 6.08
C GLN F 462 -49.91 24.12 7.45
N PHE F 463 -49.10 23.42 8.22
CA PHE F 463 -49.28 23.34 9.65
C PHE F 463 -48.72 24.65 10.15
N ASN F 464 -49.17 25.13 11.29
CA ASN F 464 -48.72 26.48 11.64
C ASN F 464 -47.62 26.33 12.67
N ILE F 465 -46.41 26.10 12.19
CA ILE F 465 -45.31 25.75 13.08
C ILE F 465 -44.27 26.87 13.07
N PRO F 466 -44.24 27.71 14.08
CA PRO F 466 -43.40 28.91 14.01
C PRO F 466 -42.05 28.74 14.68
N TYR F 467 -41.02 29.25 14.02
CA TYR F 467 -39.70 29.40 14.60
C TYR F 467 -39.00 30.47 13.79
N ILE F 468 -37.80 30.87 14.20
CA ILE F 468 -37.01 31.84 13.47
C ILE F 468 -35.83 31.13 12.84
N HIS F 469 -35.62 31.36 11.54
CA HIS F 469 -34.50 30.78 10.82
C HIS F 469 -33.53 31.89 10.41
N VAL F 470 -32.38 31.93 11.07
CA VAL F 470 -31.30 32.83 10.69
C VAL F 470 -30.53 32.21 9.53
N LEU F 471 -30.43 32.94 8.41
CA LEU F 471 -29.82 32.42 7.19
C LEU F 471 -28.66 33.35 6.82
N VAL F 472 -27.43 32.85 6.93
CA VAL F 472 -26.26 33.68 6.65
C VAL F 472 -25.71 33.27 5.28
N ASN F 473 -25.76 34.22 4.33
CA ASN F 473 -25.66 33.94 2.91
C ASN F 473 -24.37 34.55 2.37
N ASN F 474 -23.38 33.71 2.10
CA ASN F 474 -22.17 34.15 1.41
C ASN F 474 -22.16 33.76 -0.07
N ALA F 475 -23.25 33.18 -0.58
CA ALA F 475 -23.32 32.66 -1.96
C ALA F 475 -22.17 31.69 -2.24
N TYR F 476 -21.91 30.79 -1.28
CA TYR F 476 -20.70 29.99 -1.24
C TYR F 476 -20.93 28.68 -0.47
N LEU F 477 -20.23 27.62 -0.90
CA LEU F 477 -19.99 26.45 -0.04
C LEU F 477 -18.79 26.80 0.84
N GLY F 478 -19.05 27.68 1.81
CA GLY F 478 -17.96 28.40 2.45
C GLY F 478 -16.93 27.47 3.06
N LEU F 479 -17.40 26.48 3.83
CA LEU F 479 -16.47 25.60 4.52
C LEU F 479 -15.61 24.85 3.52
N ILE F 480 -16.19 24.43 2.39
CA ILE F 480 -15.40 23.70 1.41
C ILE F 480 -14.38 24.62 0.75
N ARG F 481 -14.76 25.89 0.51
CA ARG F 481 -13.80 26.86 -0.03
C ARG F 481 -12.61 27.02 0.91
N GLN F 482 -12.88 27.16 2.22
CA GLN F 482 -11.76 27.19 3.17
C GLN F 482 -10.97 25.89 3.12
N SER F 483 -11.67 24.77 2.91
CA SER F 483 -10.99 23.48 2.80
C SER F 483 -10.07 23.42 1.59
N GLN F 484 -10.43 24.11 0.50
CA GLN F 484 -9.69 24.03 -0.75
C GLN F 484 -8.44 24.92 -0.79
N MET F 485 -8.25 25.77 0.22
CA MET F 485 -7.05 26.60 0.26
C MET F 485 -5.79 25.74 0.31
N ALA F 486 -5.85 24.59 0.97
CA ALA F 486 -4.72 23.68 0.99
C ALA F 486 -4.37 23.16 -0.40
N PHE F 487 -5.32 23.18 -1.34
CA PHE F 487 -5.10 22.73 -2.72
C PHE F 487 -4.93 23.89 -3.70
N ASP F 488 -4.80 25.13 -3.22
CA ASP F 488 -4.58 26.32 -4.06
C ASP F 488 -5.67 26.45 -5.13
N MET F 489 -6.91 26.53 -4.66
CA MET F 489 -8.06 26.17 -5.46
C MET F 489 -9.28 26.84 -4.86
N ASP F 490 -10.17 27.32 -5.74
CA ASP F 490 -11.52 27.79 -5.38
C ASP F 490 -12.40 27.27 -6.52
N TYR F 491 -12.91 26.05 -6.38
CA TYR F 491 -13.38 25.27 -7.51
C TYR F 491 -14.69 24.57 -7.15
N CYS F 492 -15.74 24.82 -7.95
CA CYS F 492 -17.04 24.19 -7.78
C CYS F 492 -17.68 24.48 -6.42
N VAL F 493 -17.40 25.64 -5.83
CA VAL F 493 -17.99 25.96 -4.54
C VAL F 493 -18.77 27.27 -4.55
N GLN F 494 -18.95 27.88 -5.72
CA GLN F 494 -19.64 29.17 -5.80
C GLN F 494 -21.07 28.97 -6.27
N LEU F 495 -21.99 29.61 -5.56
CA LEU F 495 -23.42 29.54 -5.85
C LEU F 495 -23.95 30.81 -6.48
N ALA F 496 -23.07 31.79 -6.74
CA ALA F 496 -23.52 33.09 -7.20
C ALA F 496 -23.90 33.06 -8.67
N PHE F 497 -24.89 33.88 -9.02
CA PHE F 497 -25.22 34.15 -10.42
C PHE F 497 -26.13 35.38 -10.44
N GLU F 498 -26.16 36.07 -11.58
CA GLU F 498 -27.07 37.21 -11.68
C GLU F 498 -28.47 36.66 -11.88
N ASN F 499 -29.32 36.85 -10.89
CA ASN F 499 -30.69 36.39 -10.93
C ASN F 499 -31.50 37.33 -11.81
N ILE F 500 -32.03 36.80 -12.92
CA ILE F 500 -32.69 37.65 -13.91
C ILE F 500 -34.00 38.23 -13.38
N ASN F 501 -34.48 37.76 -12.22
CA ASN F 501 -35.69 38.28 -11.61
C ASN F 501 -35.47 39.19 -10.41
N SER F 502 -34.21 39.39 -9.97
CA SER F 502 -33.93 40.03 -8.68
C SER F 502 -32.57 40.74 -8.78
N SER F 503 -32.59 41.99 -9.24
CA SER F 503 -31.35 42.78 -9.22
C SER F 503 -30.91 43.06 -7.79
N GLU F 504 -31.86 43.07 -6.83
CA GLU F 504 -31.57 43.48 -5.46
C GLU F 504 -30.74 42.47 -4.68
N VAL F 505 -30.58 41.22 -5.18
CA VAL F 505 -29.63 40.30 -4.56
C VAL F 505 -28.21 40.48 -5.07
N ASN F 506 -27.99 41.36 -6.05
CA ASN F 506 -26.65 41.82 -6.44
C ASN F 506 -25.74 40.66 -6.85
N GLY F 507 -26.27 39.76 -7.68
CA GLY F 507 -25.45 38.66 -8.16
C GLY F 507 -25.23 37.56 -7.16
N TYR F 508 -26.02 37.52 -6.08
CA TYR F 508 -25.86 36.45 -5.11
C TYR F 508 -26.60 35.17 -5.52
N GLY F 509 -27.34 35.20 -6.59
CA GLY F 509 -28.03 34.00 -7.05
C GLY F 509 -29.43 33.89 -6.46
N VAL F 510 -29.66 32.86 -5.65
CA VAL F 510 -31.02 32.58 -5.20
C VAL F 510 -31.54 33.75 -4.37
N ASP F 511 -32.79 34.12 -4.61
CA ASP F 511 -33.49 35.14 -3.82
C ASP F 511 -34.27 34.41 -2.74
N HIS F 512 -33.67 34.28 -1.56
CA HIS F 512 -34.26 33.49 -0.48
C HIS F 512 -35.54 34.10 0.08
N VAL F 513 -35.69 35.42 0.00
CA VAL F 513 -36.93 36.05 0.46
C VAL F 513 -38.10 35.66 -0.45
N LYS F 514 -37.91 35.75 -1.77
CA LYS F 514 -38.97 35.36 -2.69
C LYS F 514 -39.33 33.88 -2.55
N VAL F 515 -38.32 33.01 -2.41
CA VAL F 515 -38.60 31.58 -2.27
C VAL F 515 -39.38 31.32 -0.98
N ALA F 516 -38.92 31.89 0.14
CA ALA F 516 -39.56 31.61 1.43
C ALA F 516 -40.99 32.13 1.46
N GLU F 517 -41.25 33.27 0.81
CA GLU F 517 -42.61 33.78 0.73
C GLU F 517 -43.46 32.93 -0.19
N GLY F 518 -42.90 32.46 -1.31
CA GLY F 518 -43.65 31.56 -2.17
C GLY F 518 -44.05 30.28 -1.45
N LEU F 519 -43.23 29.84 -0.49
CA LEU F 519 -43.54 28.68 0.33
C LEU F 519 -44.46 29.03 1.49
N GLY F 520 -44.93 30.26 1.59
CA GLY F 520 -45.91 30.63 2.59
C GLY F 520 -45.35 31.17 3.88
N CYS F 521 -44.05 31.41 3.96
CA CYS F 521 -43.45 31.96 5.17
C CYS F 521 -43.19 33.46 5.03
N LYS F 522 -42.66 34.04 6.10
CA LYS F 522 -42.22 35.43 6.12
C LYS F 522 -40.70 35.47 6.09
N ALA F 523 -40.16 36.55 5.52
CA ALA F 523 -38.72 36.65 5.37
C ALA F 523 -38.30 38.11 5.36
N ILE F 524 -37.09 38.37 5.86
CA ILE F 524 -36.51 39.69 5.98
C ILE F 524 -35.05 39.57 5.53
N ARG F 525 -34.61 40.49 4.67
CA ARG F 525 -33.22 40.54 4.23
C ARG F 525 -32.51 41.71 4.89
N VAL F 526 -31.30 41.45 5.40
CA VAL F 526 -30.50 42.42 6.13
C VAL F 526 -29.15 42.56 5.42
N PHE F 527 -28.76 43.82 5.16
CA PHE F 527 -27.48 44.14 4.54
C PHE F 527 -26.45 44.76 5.47
N LYS F 528 -26.89 45.46 6.52
CA LYS F 528 -26.00 46.23 7.37
C LYS F 528 -26.05 45.71 8.80
N PRO F 529 -24.91 45.72 9.50
CA PRO F 529 -24.88 45.12 10.85
C PRO F 529 -25.88 45.72 11.81
N GLU F 530 -26.16 47.03 11.68
CA GLU F 530 -27.05 47.71 12.60
C GLU F 530 -28.51 47.35 12.39
N ASP F 531 -28.84 46.74 11.25
CA ASP F 531 -30.21 46.29 11.00
C ASP F 531 -30.50 44.89 11.54
N ILE F 532 -29.49 44.16 12.03
CA ILE F 532 -29.74 42.79 12.49
C ILE F 532 -30.68 42.78 13.69
N ALA F 533 -30.37 43.59 14.71
CA ALA F 533 -31.18 43.60 15.92
C ALA F 533 -32.64 43.98 15.66
N PRO F 534 -32.95 45.05 14.92
CA PRO F 534 -34.37 45.31 14.59
C PRO F 534 -35.02 44.18 13.82
N ALA F 535 -34.25 43.51 12.95
CA ALA F 535 -34.81 42.42 12.15
C ALA F 535 -35.28 41.27 13.04
N PHE F 536 -34.46 40.89 14.03
CA PHE F 536 -34.90 39.85 14.94
C PHE F 536 -36.14 40.27 15.74
N GLU F 537 -36.25 41.56 16.10
CA GLU F 537 -37.50 42.01 16.73
C GLU F 537 -38.66 41.92 15.77
N GLN F 538 -38.44 42.28 14.51
CA GLN F 538 -39.48 42.17 13.49
C GLN F 538 -39.93 40.72 13.32
N ALA F 539 -38.97 39.79 13.39
CA ALA F 539 -39.30 38.37 13.23
C ALA F 539 -40.15 37.86 14.39
N LYS F 540 -39.84 38.26 15.62
CA LYS F 540 -40.65 37.80 16.76
C LYS F 540 -42.08 38.28 16.63
N ALA F 541 -42.28 39.46 16.02
CA ALA F 541 -43.64 39.99 15.85
C ALA F 541 -44.36 39.27 14.72
N LEU F 542 -43.70 39.08 13.58
CA LEU F 542 -44.32 38.33 12.49
C LEU F 542 -44.61 36.90 12.90
N MET F 543 -43.70 36.29 13.66
CA MET F 543 -43.93 34.92 14.11
C MET F 543 -45.15 34.83 15.01
N ALA F 544 -45.32 35.79 15.93
CA ALA F 544 -46.51 35.78 16.77
C ALA F 544 -47.77 36.13 15.98
N GLN F 545 -47.67 36.95 14.93
CA GLN F 545 -48.86 37.31 14.17
C GLN F 545 -49.32 36.18 13.25
N TYR F 546 -48.41 35.62 12.46
CA TYR F 546 -48.80 34.68 11.42
C TYR F 546 -48.63 33.22 11.80
N ARG F 547 -47.82 32.90 12.83
CA ARG F 547 -47.57 31.53 13.28
C ARG F 547 -47.03 30.66 12.13
N VAL F 548 -46.04 31.18 11.43
CA VAL F 548 -45.32 30.47 10.37
C VAL F 548 -43.84 30.71 10.56
N PRO F 549 -42.98 29.91 9.92
CA PRO F 549 -41.54 30.20 10.03
C PRO F 549 -41.22 31.58 9.46
N VAL F 550 -40.24 32.26 10.08
CA VAL F 550 -39.76 33.56 9.63
C VAL F 550 -38.25 33.48 9.39
N VAL F 551 -37.84 33.70 8.14
CA VAL F 551 -36.43 33.64 7.76
C VAL F 551 -35.83 35.04 7.87
N VAL F 552 -34.71 35.16 8.57
CA VAL F 552 -33.94 36.39 8.59
C VAL F 552 -32.65 36.13 7.83
N GLU F 553 -32.58 36.64 6.61
CA GLU F 553 -31.40 36.44 5.76
C GLU F 553 -30.41 37.58 5.95
N VAL F 554 -29.17 37.22 6.27
CA VAL F 554 -28.11 38.21 6.41
C VAL F 554 -27.12 38.01 5.26
N ILE F 555 -26.86 39.10 4.53
CA ILE F 555 -25.95 39.08 3.39
C ILE F 555 -24.54 39.29 3.92
N LEU F 556 -23.74 38.22 3.91
CA LEU F 556 -22.38 38.21 4.40
C LEU F 556 -21.41 38.64 3.33
N GLU F 557 -20.22 39.04 3.76
CA GLU F 557 -19.12 39.13 2.81
C GLU F 557 -18.85 37.75 2.24
N ARG F 558 -18.35 37.71 1.01
CA ARG F 558 -18.25 36.43 0.31
C ARG F 558 -17.30 35.47 1.02
N VAL F 559 -16.23 35.96 1.62
CA VAL F 559 -15.16 35.10 2.09
C VAL F 559 -14.79 35.49 3.51
N THR F 560 -14.97 34.55 4.45
CA THR F 560 -14.54 34.68 5.83
C THR F 560 -13.93 33.35 6.24
N ASN F 561 -12.69 33.36 6.72
CA ASN F 561 -12.00 32.14 7.14
C ASN F 561 -12.18 31.99 8.65
N ILE F 562 -12.98 31.00 9.06
CA ILE F 562 -13.25 30.70 10.46
C ILE F 562 -12.05 29.98 11.08
N SER F 563 -11.82 30.23 12.37
CA SER F 563 -10.67 29.64 13.05
C SER F 563 -10.82 28.14 13.18
N MET F 564 -9.73 27.42 12.90
CA MET F 564 -9.72 25.96 12.97
C MET F 564 -8.29 25.48 12.77
N GLY F 565 -8.05 24.23 13.14
CA GLY F 565 -6.71 23.68 13.06
C GLY F 565 -6.76 22.16 13.08
N SER F 566 -5.58 21.54 13.09
CA SER F 566 -5.49 20.08 13.10
C SER F 566 -5.02 19.52 14.44
N GLU F 567 -4.72 20.38 15.42
CA GLU F 567 -4.40 19.96 16.77
C GLU F 567 -4.90 21.03 17.72
N LEU F 568 -5.00 20.68 19.00
CA LEU F 568 -5.47 21.66 19.99
C LEU F 568 -4.53 22.86 20.09
N ASP F 569 -3.23 22.66 19.86
CA ASP F 569 -2.27 23.76 19.92
C ASP F 569 -2.05 24.40 18.55
N ASN F 570 -2.84 23.99 17.56
CA ASN F 570 -2.66 24.34 16.16
C ASN F 570 -3.67 25.32 15.61
N VAL F 571 -4.73 25.65 16.35
CA VAL F 571 -5.86 26.33 15.74
C VAL F 571 -5.41 27.68 15.22
N MET F 572 -5.76 27.98 13.98
CA MET F 572 -5.32 29.20 13.32
C MET F 572 -6.41 30.26 13.46
N GLU F 573 -6.02 31.46 13.85
CA GLU F 573 -6.94 32.59 13.94
C GLU F 573 -6.73 33.46 12.70
N PHE F 574 -7.59 33.28 11.70
CA PHE F 574 -7.53 34.14 10.52
C PHE F 574 -8.15 35.51 10.82
N GLU F 575 -9.36 35.50 11.37
CA GLU F 575 -10.05 36.73 11.77
C GLU F 575 -9.45 37.26 13.06
N ASP F 576 -9.72 38.53 13.35
CA ASP F 576 -9.16 39.17 14.53
C ASP F 576 -9.57 38.43 15.80
N ILE F 577 -8.59 38.20 16.68
CA ILE F 577 -8.85 37.71 18.03
C ILE F 577 -9.34 38.89 18.85
N ALA F 578 -9.70 38.63 20.10
CA ALA F 578 -10.09 39.68 21.03
C ALA F 578 -9.53 39.34 22.41
N ASP F 579 -9.45 40.36 23.28
CA ASP F 579 -9.07 40.11 24.67
C ASP F 579 -9.92 40.88 25.66
N ASN F 580 -11.02 41.48 25.23
CA ASN F 580 -11.82 42.31 26.13
C ASN F 580 -13.23 42.42 25.57
N ALA F 581 -14.14 42.86 26.44
CA ALA F 581 -15.57 42.84 26.17
C ALA F 581 -15.97 43.78 25.02
N ALA F 582 -15.24 44.86 24.78
CA ALA F 582 -15.68 45.75 23.71
C ALA F 582 -15.62 45.05 22.36
N ASP F 583 -14.67 44.13 22.20
CA ASP F 583 -14.52 43.38 20.96
C ASP F 583 -15.36 42.10 20.92
N ALA F 584 -15.64 41.52 22.08
CA ALA F 584 -16.46 40.31 22.18
C ALA F 584 -17.49 40.52 23.30
N PRO F 585 -18.48 41.40 23.06
CA PRO F 585 -19.40 41.80 24.14
C PRO F 585 -20.23 40.68 24.76
N THR F 586 -20.52 39.58 24.04
CA THR F 586 -21.57 38.66 24.49
C THR F 586 -21.06 37.44 25.23
N GLU F 587 -19.77 37.37 25.55
CA GLU F 587 -19.33 36.31 26.45
C GLU F 587 -20.10 36.39 27.78
N THR F 588 -20.36 35.24 28.41
CA THR F 588 -21.20 35.21 29.60
C THR F 588 -20.58 35.97 30.76
N CYS F 589 -19.25 36.04 30.81
CA CYS F 589 -18.60 36.89 31.81
C CYS F 589 -19.00 38.35 31.64
N PHE F 590 -19.36 38.75 30.41
CA PHE F 590 -19.49 40.14 30.04
C PHE F 590 -20.93 40.65 30.01
N MET F 591 -21.92 39.77 29.95
CA MET F 591 -23.30 40.21 30.01
C MET F 591 -24.12 39.17 30.75
N HIS F 592 -25.12 39.67 31.48
CA HIS F 592 -26.10 38.80 32.10
C HIS F 592 -27.08 38.34 31.03
N TYR F 593 -27.31 37.05 30.96
CA TYR F 593 -28.21 36.49 29.96
C TYR F 593 -29.60 36.40 30.54
N GLU F 594 -30.48 37.29 30.06
CA GLU F 594 -31.91 37.20 30.29
C GLU F 594 -32.23 37.40 31.76
PA FAD G . 65.87 9.49 -4.94
O1A FAD G . 66.14 8.27 -5.69
O2A FAD G . 65.06 9.34 -3.68
O5B FAD G . 65.13 10.57 -5.82
C5B FAD G . 65.89 11.56 -6.55
C4B FAD G . 65.01 12.36 -7.48
O4B FAD G . 64.53 11.56 -8.58
C3B FAD G . 63.77 12.98 -6.85
O3B FAD G . 64.09 14.34 -6.65
C2B FAD G . 62.66 12.76 -7.90
O2B FAD G . 61.93 13.94 -8.17
C1B FAD G . 63.49 12.33 -9.11
N9A FAD G . 62.79 11.56 -10.14
C8A FAD G . 61.81 10.63 -10.00
N7A FAD G . 61.42 10.08 -11.12
C5A FAD G . 62.22 10.71 -12.08
C6A FAD G . 62.29 10.59 -13.49
N6A FAD G . 61.53 9.76 -14.21
N1A FAD G . 63.19 11.36 -14.13
C2A FAD G . 63.96 12.18 -13.42
N3A FAD G . 63.97 12.38 -12.09
C4A FAD G . 63.07 11.61 -11.49
N1 FAD G . 72.71 7.65 0.38
C2 FAD G . 73.89 8.19 -0.06
O2 FAD G . 73.96 8.73 -1.18
N3 FAD G . 75.01 8.10 0.74
C4 FAD G . 75.07 7.49 2.02
O4 FAD G . 76.12 7.48 2.68
C4X FAD G . 73.79 6.95 2.45
N5 FAD G . 73.73 6.35 3.61
C5X FAD G . 72.53 5.80 4.00
C6 FAD G . 72.47 5.15 5.24
C7 FAD G . 71.28 4.57 5.68
C7M FAD G . 71.25 3.89 7.02
C8 FAD G . 70.13 4.64 4.88
C8M FAD G . 68.85 4.01 5.34
C9 FAD G . 70.19 5.29 3.64
C9A FAD G . 71.38 5.87 3.20
N10 FAD G . 71.49 6.50 1.93
C10 FAD G . 72.67 7.07 1.54
C1' FAD G . 70.32 6.68 1.08
C2' FAD G . 69.76 8.10 1.22
O2' FAD G . 69.07 8.27 2.46
C3' FAD G . 68.85 8.46 0.05
O3' FAD G . 67.76 7.54 -0.04
C4' FAD G . 69.55 8.58 -1.30
O4' FAD G . 70.82 9.22 -1.19
C5' FAD G . 68.69 9.33 -2.28
O5' FAD G . 69.12 9.02 -3.61
P FAD G . 68.79 9.96 -4.81
O1P FAD G . 69.44 11.34 -4.60
O2P FAD G . 69.05 9.24 -6.01
O3P FAD G . 67.23 10.22 -4.59
N1' TPP H . 61.98 1.74 14.36
C2' TPP H . 61.67 1.52 13.08
CM2 TPP H . 60.26 1.09 12.78
N3' TPP H . 62.49 1.67 12.03
C4' TPP H . 63.75 2.06 12.29
N4' TPP H . 64.56 2.18 11.23
C5' TPP H . 64.21 2.28 13.62
C6' TPP H . 63.25 2.10 14.60
C7' TPP H . 65.61 2.72 13.97
N3 TPP H . 66.67 1.73 13.68
C2 TPP H . 67.44 1.78 12.61
S1 TPP H . 68.57 0.53 12.55
C5 TPP H . 68.01 -0.08 14.07
C4 TPP H . 66.97 0.68 14.55
CM4 TPP H . 66.20 0.47 15.81
C6 TPP H . 68.61 -1.33 14.63
C7 TPP H . 68.60 -2.44 13.62
O7 TPP H . 69.23 -3.61 14.19
PA TPP H . 69.45 -4.95 13.39
O1A TPP H . 68.37 -5.05 12.34
O2A TPP H . 69.73 -6.02 14.38
O3A TPP H . 70.81 -4.53 12.72
PB TPP H . 72.30 -4.25 13.19
O1B TPP H . 72.47 -4.77 14.58
O2B TPP H . 73.18 -4.94 12.12
O3B TPP H . 72.43 -2.72 13.14
MG MG I . 71.54 -6.73 15.31
MG MG J . 55.50 -9.52 13.21
O1 UQ0 K . 91.76 -4.07 -12.36
C1 UQ0 K . 91.36 -2.94 -12.37
C6 UQ0 K . 91.24 -2.14 -11.07
C5 UQ0 K . 90.72 -0.71 -11.12
CM5 UQ0 K . 90.61 0.11 -9.84
C4 UQ0 K . 90.29 -0.07 -12.44
O4 UQ0 K . 89.88 1.03 -12.45
C2 UQ0 K . 90.91 -2.29 -13.70
O2 UQ0 K . 91.00 -3.02 -14.90
CM2 UQ0 K . 92.20 -2.82 -15.60
C3 UQ0 K . 90.39 -0.87 -13.74
O3 UQ0 K . 89.98 -0.27 -14.96
CM3 UQ0 K . 90.98 0.40 -15.68
O1 UQ0 L . 66.49 -2.21 27.74
C1 UQ0 L . 66.95 -2.59 28.76
C6 UQ0 L . 66.81 -1.74 30.02
C5 UQ0 L . 67.39 -2.24 31.34
CM5 UQ0 L . 67.28 -1.38 32.60
C4 UQ0 L . 68.10 -3.61 31.40
O4 UQ0 L . 68.54 -3.99 32.43
C2 UQ0 L . 67.63 -3.96 28.80
O2 UQ0 L . 67.72 -4.70 27.61
CM2 UQ0 L . 68.59 -4.18 26.65
C3 UQ0 L . 68.22 -4.46 30.13
O3 UQ0 L . 68.85 -5.73 30.17
CM3 UQ0 L . 70.25 -5.76 30.34
PA FAD M . 31.74 24.43 -15.35
O1A FAD M . 31.94 25.43 -16.39
O2A FAD M . 31.86 24.88 -13.91
O5B FAD M . 32.72 23.18 -15.50
C5B FAD M . 32.42 22.10 -16.40
C4B FAD M . 33.58 21.14 -16.53
O4B FAD M . 34.56 21.67 -17.42
C3B FAD M . 34.34 20.81 -15.25
O3B FAD M . 33.89 19.53 -14.84
C2B FAD M . 35.82 20.77 -15.68
O2B FAD M . 36.44 19.53 -15.42
C1B FAD M . 35.71 20.91 -17.20
N9A FAD M . 36.82 21.51 -17.91
C8A FAD M . 37.67 22.52 -17.53
N7A FAD M . 38.56 22.84 -18.45
C5A FAD M . 38.29 21.97 -19.49
C6A FAD M . 38.89 21.76 -20.76
N6A FAD M . 39.94 22.45 -21.20
N1A FAD M . 38.38 20.81 -21.55
C2A FAD M . 37.34 20.09 -21.11
N3A FAD M . 36.70 20.17 -19.94
C4A FAD M . 37.22 21.14 -19.17
N1 FAD M . 23.40 26.90 -14.51
C2 FAD M . 22.54 26.21 -15.32
O2 FAD M . 22.97 25.44 -16.20
N3 FAD M . 21.17 26.38 -15.19
C4 FAD M . 20.54 27.22 -14.27
O4 FAD M . 19.31 27.30 -14.23
C4X FAD M . 21.45 27.92 -13.39
N5 FAD M . 20.94 28.76 -12.48
C5X FAD M . 21.83 29.48 -11.69
C6 FAD M . 21.31 30.35 -10.73
C7 FAD M . 22.18 31.08 -9.89
C7M FAD M . 21.59 32.03 -8.88
C8 FAD M . 23.57 30.93 -10.03
C8M FAD M . 24.51 31.70 -9.15
C9 FAD M . 24.08 30.04 -10.98
C9A FAD M . 23.23 29.32 -11.80
N10 FAD M . 23.71 28.44 -12.78
C10 FAD M . 22.87 27.72 -13.59
C1' FAD M . 25.15 28.17 -12.88
C2' FAD M . 25.51 26.85 -12.17
O2' FAD M . 25.59 27.01 -10.75
C3' FAD M . 26.84 26.31 -12.69
O3' FAD M . 27.87 27.25 -12.43
C4' FAD M . 26.85 25.90 -14.17
O4' FAD M . 25.66 25.19 -14.53
C5' FAD M . 27.99 24.97 -14.47
O5' FAD M . 28.17 24.91 -15.90
P FAD M . 29.08 23.80 -16.53
O1P FAD M . 28.32 22.49 -16.27
O2P FAD M . 29.52 24.25 -17.83
O3P FAD M . 30.30 23.77 -15.50
N1' TPP N . 26.47 36.20 1.45
C2' TPP N . 27.36 36.18 0.43
CM2 TPP N . 28.77 36.56 0.74
N3' TPP N . 27.10 35.83 -0.84
C4' TPP N . 25.85 35.44 -1.13
N4' TPP N . 25.61 35.08 -2.40
C5' TPP N . 24.82 35.46 -0.14
C6' TPP N . 25.23 35.84 1.13
C7' TPP N . 23.39 35.04 -0.40
N3 TPP N . 22.65 35.89 -1.38
C2 TPP N . 22.47 35.55 -2.65
S1 TPP N . 21.57 36.68 -3.50
C5 TPP N . 21.37 37.63 -2.07
C4 TPP N . 22.00 37.07 -1.02
CM4 TPP N . 22.08 37.60 0.37
C6 TPP N . 20.60 38.93 -2.13
C7 TPP N . 21.30 39.96 -2.99
O7 TPP N . 20.43 41.10 -3.16
PA TPP N . 20.64 42.19 -4.28
O1A TPP N . 20.03 43.47 -3.83
O2A TPP N . 22.10 42.15 -4.77
O3A TPP N . 19.77 41.58 -5.42
PB TPP N . 18.24 41.26 -5.71
O1B TPP N . 18.10 39.75 -5.40
O2B TPP N . 18.08 41.56 -7.20
O3B TPP N . 17.40 42.11 -4.82
MG MG O . 18.10 44.19 -4.21
MG MG P . 33.04 47.19 1.57
O1 UQ0 Q . 13.04 31.69 -34.31
C1 UQ0 Q . 13.57 32.21 -35.24
C6 UQ0 Q . 13.34 33.69 -35.62
C5 UQ0 Q . 14.09 34.26 -36.83
CM5 UQ0 Q . 13.91 35.70 -37.24
C4 UQ0 Q . 15.04 33.40 -37.67
O4 UQ0 Q . 15.59 33.89 -38.61
C2 UQ0 Q . 14.51 31.38 -36.09
O2 UQ0 Q . 14.73 30.06 -35.74
CM2 UQ0 Q . 15.68 30.00 -34.70
C3 UQ0 Q . 15.25 31.95 -37.27
O3 UQ0 Q . 16.08 31.09 -37.97
CM3 UQ0 Q . 17.43 31.44 -37.90
O1 UQ0 R . 17.46 42.62 9.93
C1 UQ0 R . 16.48 43.03 10.47
C6 UQ0 R . 16.10 42.46 11.84
C5 UQ0 R . 14.85 42.95 12.58
CM5 UQ0 R . 14.51 42.37 13.95
C4 UQ0 R . 13.96 44.02 11.92
O4 UQ0 R . 12.99 44.40 12.50
C2 UQ0 R . 15.58 44.09 9.82
O2 UQ0 R . 15.91 44.62 8.56
CM2 UQ0 R . 15.40 43.91 7.47
C3 UQ0 R . 14.33 44.59 10.53
O3 UQ0 R . 13.54 45.59 9.90
CM3 UQ0 R . 12.55 45.16 9.00
PA FAD S . -2.71 -17.92 -7.70
O1A FAD S . -2.45 -19.11 -8.54
O2A FAD S . -3.60 -18.17 -6.47
O5B FAD S . -3.41 -16.73 -8.50
C5B FAD S . -2.65 -15.91 -9.41
C4B FAD S . -3.56 -15.09 -10.28
O4B FAD S . -4.06 -15.87 -11.38
C3B FAD S . -4.80 -14.49 -9.62
O3B FAD S . -4.49 -13.13 -9.36
C2B FAD S . -5.91 -14.65 -10.69
O2B FAD S . -6.58 -13.42 -10.97
C1B FAD S . -5.11 -15.10 -11.91
N9A FAD S . -5.81 -15.88 -12.92
C8A FAD S . -6.77 -16.85 -12.77
N7A FAD S . -7.16 -17.40 -13.88
C5A FAD S . -6.39 -16.77 -14.85
C6A FAD S . -6.32 -16.90 -16.26
N6A FAD S . -7.06 -17.76 -16.97
N1A FAD S . -5.44 -16.12 -16.91
C2A FAD S . -4.69 -15.27 -16.21
N3A FAD S . -4.68 -15.05 -14.89
C4A FAD S . -5.55 -15.84 -14.27
N1 FAD S . 4.09 -19.69 -2.44
C2 FAD S . 5.27 -19.16 -2.89
O2 FAD S . 5.33 -18.62 -4.00
N3 FAD S . 6.41 -19.29 -2.09
C4 FAD S . 6.47 -19.91 -0.82
O4 FAD S . 7.52 -19.95 -0.19
C4X FAD S . 5.20 -20.45 -0.38
N5 FAD S . 5.16 -21.06 0.79
C5X FAD S . 3.95 -21.60 1.20
C6 FAD S . 3.87 -22.25 2.43
C7 FAD S . 2.68 -22.81 2.87
C7M FAD S . 2.63 -23.51 4.21
C8 FAD S . 1.53 -22.72 2.07
C8M FAD S . 0.22 -23.32 2.51
C9 FAD S . 1.60 -22.06 0.85
C9A FAD S . 2.79 -21.50 0.40
N10 FAD S . 2.90 -20.86 -0.85
C10 FAD S . 4.07 -20.30 -1.26
C1' FAD S . 1.72 -20.68 -1.70
C2' FAD S . 1.15 -19.27 -1.57
O2' FAD S . 0.46 -19.09 -0.34
C3' FAD S . 0.21 -19.01 -2.74
O3' FAD S . -0.78 -20.02 -2.78
C4' FAD S . 0.92 -18.94 -4.09
O4' FAD S . 2.17 -18.25 -4.01
C5' FAD S . 0.03 -18.24 -5.08
O5' FAD S . 0.62 -18.39 -6.39
P FAD S . 0.19 -17.46 -7.56
O1P FAD S . 0.80 -16.05 -7.43
O2P FAD S . 0.37 -18.19 -8.83
O3P FAD S . -1.36 -17.27 -7.20
N1' TPP T . -6.58 -25.62 11.66
C2' TPP T . -6.93 -25.88 10.37
CM2 TPP T . -8.34 -26.33 10.13
N3' TPP T . -6.14 -25.77 9.32
C4' TPP T . -4.87 -25.36 9.51
N4' TPP T . -4.09 -25.26 8.44
C5' TPP T . -4.40 -25.08 10.84
C6' TPP T . -5.32 -25.24 11.85
C7' TPP T . -2.99 -24.61 11.13
N3 TPP T . -1.94 -25.64 10.86
C2 TPP T . -1.14 -25.60 9.81
S1 TPP T . -0.05 -26.89 9.79
C5 TPP T . -0.69 -27.51 11.27
C4 TPP T . -1.71 -26.72 11.72
CM4 TPP T . -2.53 -26.90 12.96
C6 TPP T . -0.14 -28.78 11.87
C7 TPP T . 0.31 -29.76 10.81
O7 TPP T . 0.61 -31.03 11.44
PA TPP T . 0.88 -32.36 10.63
O1A TPP T . -0.19 -32.49 9.53
O2A TPP T . 1.08 -33.52 11.52
O3A TPP T . 2.22 -31.96 9.98
PB TPP T . 3.72 -31.67 10.42
O1B TPP T . 3.92 -32.14 11.82
O2B TPP T . 4.60 -32.44 9.35
O3B TPP T . 3.89 -30.13 10.26
MG MG U . 2.90 -33.96 12.44
MG MG V . -12.95 -36.95 10.49
O1 UQ0 W . 21.99 -27.29 -13.00
C1 UQ0 W . 22.05 -27.90 -14.03
C6 UQ0 W . 22.56 -29.33 -14.00
C5 UQ0 W . 22.62 -30.11 -15.31
CM5 UQ0 W . 23.14 -31.54 -15.28
C4 UQ0 W . 22.18 -29.50 -16.63
O4 UQ0 W . 22.25 -30.14 -17.63
C2 UQ0 W . 21.61 -27.26 -15.35
O2 UQ0 W . 21.14 -25.96 -15.40
CM2 UQ0 W . 22.09 -24.95 -15.13
C3 UQ0 W . 21.68 -28.06 -16.64
O3 UQ0 W . 21.25 -27.43 -17.82
CM3 UQ0 W . 22.27 -27.11 -18.73
O1 UQ0 X . -22.84 -46.03 -7.87
C1 UQ0 X . -23.12 -46.01 -6.71
C6 UQ0 X . -23.03 -44.69 -5.95
C5 UQ0 X . -23.38 -44.64 -4.47
CM5 UQ0 X . -23.27 -43.30 -3.76
C4 UQ0 X . -23.80 -45.89 -3.72
O4 UQ0 X . -24.08 -45.84 -2.56
C2 UQ0 X . -23.55 -47.28 -5.97
O2 UQ0 X . -23.62 -48.51 -6.67
CM2 UQ0 X . -24.83 -48.78 -7.33
C3 UQ0 X . -23.89 -47.22 -4.48
O3 UQ0 X . -24.29 -48.38 -3.78
CM3 UQ0 X . -23.35 -48.88 -2.86
O1 UQ0 Y . -3.19 -29.53 24.60
C1 UQ0 Y . -2.59 -29.87 25.57
C6 UQ0 Y . -2.91 -29.20 26.91
C5 UQ0 Y . -2.17 -29.60 28.19
CM5 UQ0 Y . -2.54 -28.90 29.50
C4 UQ0 Y . -1.08 -30.69 28.13
O4 UQ0 Y . -0.50 -31.00 29.12
C2 UQ0 Y . -1.49 -30.95 25.50
O2 UQ0 Y . -1.19 -31.56 24.27
CM2 UQ0 Y . 0.07 -31.29 23.72
C3 UQ0 Y . -0.73 -31.36 26.79
O3 UQ0 Y . 0.27 -32.37 26.72
CM3 UQ0 Y . 1.61 -31.97 26.86
PA FAD Z . -36.87 -3.05 -18.19
O1A FAD Z . -36.70 -2.05 -19.27
O2A FAD Z . -36.69 -2.52 -16.76
O5B FAD Z . -35.87 -4.25 -18.44
C5B FAD Z . -36.24 -5.39 -19.26
C4B FAD Z . -35.09 -6.35 -19.38
O4B FAD Z . -34.09 -5.82 -20.26
C3B FAD Z . -34.34 -6.71 -18.09
O3B FAD Z . -34.75 -8.00 -17.68
C2B FAD Z . -32.86 -6.70 -18.52
O2B FAD Z . -32.17 -7.89 -18.14
C1B FAD Z . -32.97 -6.63 -20.03
N9A FAD Z . -31.84 -6.06 -20.74
C8A FAD Z . -30.98 -5.06 -20.34
N7A FAD Z . -30.08 -4.74 -21.23
C5A FAD Z . -30.36 -5.59 -22.30
C6A FAD Z . -29.76 -5.76 -23.56
N6A FAD Z . -28.71 -5.05 -23.98
N1A FAD Z . -30.29 -6.68 -24.39
C2A FAD Z . -31.34 -7.39 -23.98
N3A FAD Z . -31.99 -7.32 -22.82
C4A FAD Z . -31.45 -6.39 -22.02
N1 FAD Z . -45.11 -0.54 -17.33
C2 FAD Z . -45.95 -1.24 -18.17
O2 FAD Z . -45.52 -2.02 -19.02
N3 FAD Z . -47.32 -1.04 -18.05
C4 FAD Z . -47.96 -0.19 -17.15
O4 FAD Z . -49.19 -0.10 -17.14
C4X FAD Z . -47.06 0.52 -16.27
N5 FAD Z . -47.58 1.35 -15.40
C5X FAD Z . -46.72 2.05 -14.57
C6 FAD Z . -47.26 2.94 -13.63
C7 FAD Z . -46.43 3.67 -12.78
C7M FAD Z . -47.04 4.62 -11.78
C8 FAD Z . -45.03 3.51 -12.87
C8M FAD Z . -44.11 4.29 -11.98
C9 FAD Z . -44.50 2.61 -13.78
C9A FAD Z . -45.33 1.89 -14.65
N10 FAD Z . -44.81 1.00 -15.61
C10 FAD Z . -45.66 0.28 -16.43
C1' FAD Z . -43.39 0.73 -15.68
C2' FAD Z . -43.04 -0.59 -14.97
O2' FAD Z . -42.93 -0.41 -13.55
C3' FAD Z . -41.73 -1.16 -15.50
O3' FAD Z . -40.68 -0.21 -15.33
C4' FAD Z . -41.77 -1.60 -16.97
O4' FAD Z . -42.96 -2.30 -17.30
C5' FAD Z . -40.60 -2.50 -17.27
O5' FAD Z . -40.50 -2.64 -18.69
P FAD Z . -39.50 -3.66 -19.31
O1P FAD Z . -40.26 -4.98 -19.15
O2P FAD Z . -39.03 -3.10 -20.61
O3P FAD Z . -38.33 -3.67 -18.24
N1' TPP AA . -42.24 8.75 -1.31
C2' TPP AA . -41.31 8.74 -2.29
CM2 TPP AA . -39.92 9.15 -1.92
N3' TPP AA . -41.53 8.40 -3.57
C4' TPP AA . -42.77 8.00 -3.92
N4' TPP AA . -42.95 7.67 -5.20
C5' TPP AA . -43.83 8.00 -2.95
C6' TPP AA . -43.47 8.36 -1.68
C7' TPP AA . -45.24 7.55 -3.27
N3 TPP AA . -45.96 8.42 -4.24
C2 TPP AA . -46.18 8.09 -5.50
S1 TPP AA . -47.08 9.25 -6.33
C5 TPP AA . -47.21 10.23 -4.91
C4 TPP AA . -46.56 9.63 -3.86
CM4 TPP AA . -46.44 10.14 -2.47
C6 TPP AA . -47.95 11.53 -4.93
C7 TPP AA . -47.89 12.23 -6.26
O7 TPP AA . -48.03 13.66 -6.04
PA TPP AA . -47.86 14.74 -7.18
O1A TPP AA . -48.48 16.03 -6.76
O2A TPP AA . -46.38 14.75 -7.65
O3A TPP AA . -48.79 14.14 -8.34
PB TPP AA . -50.34 13.88 -8.61
O1B TPP AA . -50.52 12.38 -8.36
O2B TPP AA . -50.55 14.24 -10.09
O3B TPP AA . -51.15 14.74 -7.68
MG MG BA . -50.49 16.63 -6.96
MG MG CA . -35.17 19.83 -1.76
O1 UQ0 DA . -55.49 4.32 -37.10
C1 UQ0 DA . -54.95 4.78 -38.06
C6 UQ0 DA . -55.17 6.25 -38.47
C5 UQ0 DA . -54.45 6.80 -39.71
CM5 UQ0 DA . -54.63 8.24 -40.16
C4 UQ0 DA . -53.52 5.92 -40.52
O4 UQ0 DA . -52.97 6.37 -41.46
C2 UQ0 DA . -54.02 3.91 -38.88
O2 UQ0 DA . -53.78 2.59 -38.51
CM2 UQ0 DA . -52.75 2.54 -37.55
C3 UQ0 DA . -53.30 4.47 -40.10
O3 UQ0 DA . -52.44 3.65 -40.83
CM3 UQ0 DA . -51.10 3.98 -40.68
O1 UQ0 EA . -16.74 24.82 -14.19
C1 UQ0 EA . -17.27 25.16 -13.19
C6 UQ0 EA . -18.07 24.15 -12.39
C5 UQ0 EA . -18.76 24.58 -11.10
CM5 UQ0 EA . -19.56 23.53 -10.35
C4 UQ0 EA . -18.67 26.01 -10.58
O4 UQ0 EA . -19.21 26.32 -9.56
C2 UQ0 EA . -17.15 26.60 -12.68
O2 UQ0 EA . -16.40 27.51 -13.44
CM2 UQ0 EA . -15.01 27.32 -13.37
C3 UQ0 EA . -17.86 27.04 -11.37
O3 UQ0 EA . -17.78 28.36 -10.88
CM3 UQ0 EA . -18.97 29.10 -10.82
O1 UQ0 FA . -52.47 15.56 7.42
C1 UQ0 FA . -53.31 16.39 7.57
C6 UQ0 FA . -53.59 16.92 8.98
C5 UQ0 FA . -54.67 17.98 9.19
CM5 UQ0 FA . -54.95 18.51 10.60
C4 UQ0 FA . -55.47 18.52 7.99
O4 UQ0 FA . -56.30 19.35 8.19
C2 UQ0 FA . -54.10 16.93 6.37
O2 UQ0 FA . -53.83 16.43 5.09
CM2 UQ0 FA . -52.57 16.78 4.62
C3 UQ0 FA . -55.18 18.01 6.57
O3 UQ0 FA . -55.91 18.47 5.45
CM3 UQ0 FA . -55.57 19.72 4.90
PA FAD GA . -35.85 -24.65 21.79
O1A FAD GA . -35.40 -25.27 23.07
O2A FAD GA . -34.91 -24.67 20.59
O5B FAD GA . -36.33 -23.30 21.93
C5B FAD GA . -36.07 -22.54 23.11
C4B FAD GA . -37.07 -21.43 23.14
O4B FAD GA . -37.00 -20.91 24.47
C3B FAD GA . -36.75 -20.27 22.20
O3B FAD GA . -37.89 -19.67 21.60
C2B FAD GA . -35.92 -19.34 23.08
O2B FAD GA . -36.11 -17.96 22.78
C1B FAD GA . -36.56 -19.59 24.45
N9A FAD GA . -35.67 -19.39 25.59
C8A FAD GA . -34.31 -19.48 25.65
N7A FAD GA . -33.82 -19.21 26.84
C5A FAD GA . -34.94 -18.94 27.61
C6A FAD GA . -35.11 -18.58 28.96
N6A FAD GA . -34.10 -18.44 29.83
N1A FAD GA . -36.37 -18.38 29.41
C2A FAD GA . -37.39 -18.52 28.55
N3A FAD GA . -37.34 -18.84 27.26
C4A FAD GA . -36.09 -19.04 26.85
N1 FAD GA . -38.95 -32.18 18.58
C2 FAD GA . -40.22 -32.43 18.96
O2 FAD GA . -40.81 -31.71 19.78
N3 FAD GA . -40.88 -33.54 18.44
C4 FAD GA . -40.35 -34.45 17.53
O4 FAD GA . -41.03 -35.41 17.12
C4X FAD GA . -39.00 -34.14 17.11
N5 FAD GA . -38.41 -34.95 16.25
C5X FAD GA . -37.10 -34.66 15.88
C6 FAD GA . -36.45 -35.50 14.97
C7 FAD GA . -35.13 -35.25 14.58
C7M FAD GA . -34.46 -36.18 13.60
C8 FAD GA . -34.45 -34.14 15.11
C8M FAD GA . -33.02 -33.86 14.73
C9 FAD GA . -35.09 -33.30 16.01
C9A FAD GA . -36.41 -33.56 16.41
N10 FAD GA . -37.08 -32.74 17.35
C10 FAD GA . -38.38 -32.99 17.70
C1' FAD GA . -36.46 -31.52 17.88
C2' FAD GA . -36.98 -30.28 17.17
O2' FAD GA . -36.44 -30.18 15.85
C3' FAD GA . -36.69 -29.03 18.01
O3' FAD GA . -35.29 -28.96 18.29
C4' FAD GA . -37.45 -28.92 19.34
O4' FAD GA . -38.83 -29.28 19.17
C5' FAD GA . -37.34 -27.55 19.94
O5' FAD GA . -37.87 -27.57 21.28
P FAD GA . -38.25 -26.24 22.03
O1P FAD GA . -39.65 -25.76 21.65
O2P FAD GA . -38.02 -26.29 23.47
O3P FAD GA . -37.25 -25.26 21.34
N1' TPP HA . -25.27 -34.08 6.19
C2' TPP HA . -25.04 -33.62 7.44
CM2 TPP HA . -23.76 -32.88 7.67
N3' TPP HA . -25.87 -33.75 8.47
C4' TPP HA . -27.04 -34.39 8.28
N4' TPP HA . -27.85 -34.52 9.33
C5' TPP HA . -27.36 -34.93 7.00
C6' TPP HA . -26.43 -34.73 6.01
C7' TPP HA . -28.65 -35.68 6.72
N3 TPP HA . -28.80 -36.93 7.49
C2 TPP HA . -29.55 -37.05 8.58
S1 TPP HA . -29.51 -38.59 9.23
C5 TPP HA . -28.42 -39.13 8.00
C4 TPP HA . -28.15 -38.12 7.13
CM4 TPP HA . -27.25 -38.16 5.93
C6 TPP HA . -27.92 -40.54 7.97
C7 TPP HA . -27.76 -41.13 9.35
O7 TPP HA . -26.84 -42.25 9.28
PA TPP HA . -26.41 -43.10 10.55
O1A TPP HA . -25.65 -44.34 10.23
O2A TPP HA . -25.68 -42.17 11.52
O3A TPP HA . -27.83 -43.43 11.16
PB TPP HA . -29.02 -44.44 10.91
O1B TPP HA . -30.19 -43.56 10.44
O2B TPP HA . -29.35 -45.02 12.34
O3B TPP HA . -28.61 -45.49 9.92
MG MG IA . -26.53 -46.31 9.78
O1 UQ0 JA . -48.82 -45.29 33.46
C1 UQ0 JA . -48.67 -45.41 34.63
C6 UQ0 JA . -48.09 -46.72 35.18
C5 UQ0 JA . -47.90 -46.84 36.69
CM5 UQ0 JA . -47.33 -48.11 37.29
C4 UQ0 JA . -48.27 -45.71 37.65
O4 UQ0 JA . -48.10 -45.88 38.83
C2 UQ0 JA . -49.05 -44.27 35.57
O2 UQ0 JA . -49.57 -43.07 35.05
CM2 UQ0 JA . -50.89 -43.10 34.51
C3 UQ0 JA . -48.84 -44.41 37.09
O3 UQ0 JA . -49.20 -43.37 37.96
CM3 UQ0 JA . -48.18 -42.91 38.80
PA FAD KA . -21.51 11.37 21.51
O1A FAD KA . -22.46 12.28 22.17
O2A FAD KA . -21.72 11.09 20.02
O5B FAD KA . -21.46 9.92 22.23
C5B FAD KA . -20.63 9.70 23.38
C4B FAD KA . -20.94 8.36 24.03
O4B FAD KA . -22.15 8.43 24.81
C3B FAD KA . -21.13 7.17 23.09
O3B FAD KA . -19.90 6.45 23.09
C2B FAD KA . -22.28 6.36 23.73
O2B FAD KA . -21.94 5.01 24.02
C1B FAD KA . -22.48 7.09 25.06
N9A FAD KA . -23.82 7.04 25.65
C8A FAD KA . -25.05 7.10 25.06
N7A FAD KA . -26.06 7.06 25.88
C5A FAD KA . -25.45 6.98 27.13
C6A FAD KA . -25.96 6.89 28.45
N6A FAD KA . -27.27 6.87 28.74
N1A FAD KA . -25.08 6.80 29.47
C2A FAD KA . -23.77 6.80 29.19
N3A FAD KA . -23.18 6.88 27.99
C4A FAD KA . -24.07 6.96 27.01
N1 FAD KA . -16.80 18.25 18.74
C2 FAD KA . -15.83 18.64 19.61
O2 FAD KA . -15.77 18.18 20.76
N3 FAD KA . -14.90 19.59 19.22
C4 FAD KA . -14.85 20.22 17.98
O4 FAD KA . -13.99 21.07 17.75
C4X FAD KA . -15.87 19.78 17.05
N5 FAD KA . -15.90 20.33 15.86
C5X FAD KA . -16.90 19.92 14.98
C6 FAD KA . -16.95 20.49 13.70
C7 FAD KA . -17.92 20.12 12.78
C7M FAD KA . -17.94 20.74 11.41
C8 FAD KA . -18.88 19.15 13.15
C8M FAD KA . -19.97 18.74 12.20
C9 FAD KA . -18.83 18.59 14.42
C9A FAD KA . -17.86 18.97 15.33
N10 FAD KA . -17.80 18.43 16.64
C10 FAD KA . -16.81 18.79 17.52
C1' FAD KA . -18.71 17.36 17.04
C2' FAD KA . -18.03 15.99 16.89
O2' FAD KA . -17.96 15.57 15.52
C3' FAD KA . -18.77 14.94 17.72
O3' FAD KA . -20.11 14.80 17.27
C4' FAD KA . -18.74 15.17 19.23
O4' FAD KA . -17.44 15.53 19.68
C5' FAD KA . -19.16 13.93 19.97
O5' FAD KA . -19.30 14.25 21.36
P FAD KA . -19.32 13.13 22.45
O1P FAD KA . -17.87 12.70 22.66
O2P FAD KA . -20.13 13.54 23.61
O3P FAD KA . -20.03 11.90 21.67
N1' TPP LA . -23.04 16.77 1.13
C2' TPP LA . -23.80 16.56 2.22
CM2 TPP LA . -25.09 15.82 2.03
N3' TPP LA . -23.52 16.97 3.46
C4' TPP LA . -22.36 17.62 3.66
N4' TPP LA . -22.09 18.02 4.91
C5' TPP LA . -21.48 17.92 2.56
C6' TPP LA . -21.90 17.44 1.34
C7' TPP LA . -20.16 18.65 2.72
N3 TPP LA . -20.31 20.03 3.23
C2 TPP LA . -20.15 20.36 4.51
S1 TPP LA . -20.33 22.02 4.77
C5 TPP LA . -20.63 22.28 3.09
C4 TPP LA . -20.57 21.11 2.39
CM4 TPP LA . -20.75 20.91 0.93
C6 TPP LA . -20.91 23.66 2.57
C7 TPP LA . -21.73 24.48 3.53
O7 TPP LA . -22.35 25.59 2.82
PA TPP LA . -23.36 26.60 3.50
O1A TPP LA . -24.47 25.79 4.18
O2A TPP LA . -23.76 27.71 2.59
O3A TPP LA . -22.43 27.14 4.64
PB TPP LA . -21.12 28.03 4.82
O1B TPP LA . -21.41 28.84 6.12
O2B TPP LA . -20.89 28.88 3.61
O3B TPP LA . -20.00 26.99 5.02
MG MG MA . -22.63 29.44 2.31
O1 UQ0 NA . -18.40 38.09 35.12
C1 UQ0 NA . -17.81 37.09 35.35
C6 UQ0 NA . -16.66 36.67 34.44
C5 UQ0 NA . -15.91 35.38 34.73
CM5 UQ0 NA . -14.76 34.92 33.83
C4 UQ0 NA . -16.29 34.52 35.92
O4 UQ0 NA . -15.69 33.51 36.13
C2 UQ0 NA . -18.20 36.25 36.55
O2 UQ0 NA . -19.26 36.67 37.38
CM2 UQ0 NA . -20.53 36.71 36.79
C3 UQ0 NA . -17.42 34.95 36.83
O3 UQ0 NA . -17.77 34.13 37.92
CM3 UQ0 NA . -16.88 34.21 39.00
#